data_8FE6
#
_entry.id   8FE6
#
_cell.length_a   281.532
_cell.length_b   281.532
_cell.length_c   143.212
_cell.angle_alpha   90.000
_cell.angle_beta   90.000
_cell.angle_gamma   120.000
#
_symmetry.space_group_name_H-M   'H 3'
#
loop_
_entity.id
_entity.type
_entity.pdbx_description
1 polymer 'UDP-N-acetylglucosamine--peptide N-acetylglucosaminyltransferase 110 kDa subunit'
2 polymer 'A motif peptide'
3 non-polymer URIDINE-DIPHOSPHATE-N-ACETYLGLUCOSAMINE
#
loop_
_entity_poly.entity_id
_entity_poly.type
_entity_poly.pdbx_seq_one_letter_code
_entity_poly.pdbx_strand_id
1 'polypeptide(L)'
;GPGSCPTHADSLNNLANIKREQGNIEEAVRLYRKALEVFPEFAAAHSNLASVLQQQGKLQEALMHYKEAIRISPTFADAY
SNMGNTLKEMQDVQGALQCYTRAIQINPAFADAHSNLASIHKDSGNIPEAIASYRTALKLKPDFPDAYCNLAHCLQIVCD
WTDYDERMKKLVSIVADQLEKNRLPSVHPHHSMLYPLSHGFRKAIAERHGNLCLDKINVLHKPPYEHPKDLKLSDGRLRV
GYVSSDFGNHPTSHLMQSIPGMHNPDKFEVFCYALSPDDGTNFRVKVMAEANHFIDLSQIPCNGKAADRIHQDGIHILVN
MNGYTKGARNELFALRPAPIQAMWLGYPGTSGALFMDYIITDQETSPAEVAEQYSEKLAYMPHTFFIGDHANMFPHLKKK
AVIDFKSNGHIYDNRIVLNGIDLKAFLDSLPDVKIVKMKCPDGGDNADSSNTALNMPVIPMNTIAEAVIEMINRGQIQIT
INGFSISNGLATTQINNKAATGEEVPRTIIVTTRSQYGLPEDAIVYCNFNQLYKIDPSTLQMWANILKRVPNSVLWLLRF
PAVGEPNIQQYAQNMGLPQNRIIFSPVAPKEEHVRRGQLADVCLDTPLCNGHTTGMDVLWAGTPMVTMPGETLASRVAAS
QLTCLGCLELIAKNRQEYEDIAVKLGTDLEYLKKVRGKVWKQRISSPLFNTKQYTMELERLYLQMWEHYAAGNKPDHMIK
PVE
;
A,C,E,G
2 'polypeptide(L)' RQFMPVYQIYLQ B,D,F,H
#
# COMPACT_ATOMS: atom_id res chain seq x y z
N SER A 4 -40.76 72.17 -24.78
CA SER A 4 -40.05 71.58 -25.91
C SER A 4 -39.20 72.62 -26.64
N CYS A 5 -38.07 72.98 -26.05
CA CYS A 5 -37.21 74.02 -26.58
C CYS A 5 -35.97 73.40 -27.22
N PRO A 6 -35.84 73.48 -28.55
CA PRO A 6 -34.65 72.89 -29.21
C PRO A 6 -33.33 73.43 -28.70
N THR A 7 -33.27 74.71 -28.34
CA THR A 7 -32.04 75.28 -27.78
C THR A 7 -31.73 74.66 -26.43
N HIS A 8 -32.75 74.44 -25.60
CA HIS A 8 -32.55 73.74 -24.33
C HIS A 8 -31.97 72.35 -24.56
N ALA A 9 -32.60 71.58 -25.47
CA ALA A 9 -32.08 70.25 -25.78
C ALA A 9 -30.70 70.32 -26.41
N ASP A 10 -30.43 71.40 -27.16
CA ASP A 10 -29.09 71.58 -27.72
C ASP A 10 -28.05 71.73 -26.62
N SER A 11 -28.36 72.52 -25.59
CA SER A 11 -27.42 72.72 -24.49
C SER A 11 -27.15 71.42 -23.75
N LEU A 12 -28.21 70.63 -23.51
CA LEU A 12 -28.01 69.31 -22.88
C LEU A 12 -27.20 68.38 -23.77
N ASN A 13 -27.41 68.46 -25.09
CA ASN A 13 -26.65 67.62 -26.01
C ASN A 13 -25.16 67.94 -25.93
N ASN A 14 -24.81 69.23 -25.97
CA ASN A 14 -23.41 69.62 -25.85
C ASN A 14 -22.85 69.27 -24.47
N LEU A 15 -23.69 69.35 -23.45
CA LEU A 15 -23.26 68.93 -22.11
C LEU A 15 -22.92 67.45 -22.09
N ALA A 16 -23.73 66.63 -22.75
CA ALA A 16 -23.46 65.19 -22.82
C ALA A 16 -22.20 64.91 -23.65
N ASN A 17 -22.02 65.63 -24.77
CA ASN A 17 -20.81 65.45 -25.57
C ASN A 17 -19.57 65.67 -24.72
N ILE A 18 -19.58 66.69 -23.87
CA ILE A 18 -18.46 66.94 -22.97
C ILE A 18 -18.30 65.77 -22.00
N LYS A 19 -19.41 65.31 -21.42
CA LYS A 19 -19.33 64.20 -20.47
C LYS A 19 -18.88 62.91 -21.15
N ARG A 20 -19.26 62.70 -22.41
CA ARG A 20 -18.75 61.55 -23.15
C ARG A 20 -17.24 61.66 -23.35
N GLU A 21 -16.77 62.83 -23.77
CA GLU A 21 -15.34 63.05 -23.98
C GLU A 21 -14.54 62.98 -22.68
N GLN A 22 -15.21 63.02 -21.53
CA GLN A 22 -14.59 62.76 -20.24
C GLN A 22 -14.68 61.30 -19.83
N GLY A 23 -14.92 60.40 -20.79
CA GLY A 23 -14.99 58.98 -20.49
C GLY A 23 -16.16 58.56 -19.61
N ASN A 24 -17.15 59.43 -19.40
CA ASN A 24 -18.29 59.12 -18.56
C ASN A 24 -19.46 58.78 -19.47
N ILE A 25 -19.51 57.52 -19.89
CA ILE A 25 -20.53 57.09 -20.85
C ILE A 25 -21.93 57.19 -20.24
N GLU A 26 -22.07 56.91 -18.95
CA GLU A 26 -23.39 56.86 -18.34
C GLU A 26 -23.99 58.25 -18.17
N GLU A 27 -23.18 59.24 -17.79
CA GLU A 27 -23.67 60.61 -17.71
C GLU A 27 -24.05 61.13 -19.08
N ALA A 28 -23.29 60.75 -20.11
CA ALA A 28 -23.66 61.13 -21.47
C ALA A 28 -25.01 60.53 -21.86
N VAL A 29 -25.23 59.26 -21.51
CA VAL A 29 -26.50 58.61 -21.82
C VAL A 29 -27.67 59.37 -21.19
N ARG A 30 -27.52 59.74 -19.91
CA ARG A 30 -28.59 60.42 -19.20
C ARG A 30 -28.94 61.74 -19.85
N LEU A 31 -27.92 62.50 -20.28
CA LEU A 31 -28.15 63.81 -20.87
C LEU A 31 -28.65 63.71 -22.31
N TYR A 32 -28.22 62.70 -23.06
CA TYR A 32 -28.76 62.49 -24.40
C TYR A 32 -30.25 62.18 -24.35
N ARG A 33 -30.66 61.31 -23.43
CA ARG A 33 -32.08 61.04 -23.24
C ARG A 33 -32.81 62.26 -22.72
N LYS A 34 -32.14 63.05 -21.88
CA LYS A 34 -32.71 64.32 -21.43
C LYS A 34 -32.99 65.24 -22.61
N ALA A 35 -32.05 65.32 -23.56
CA ALA A 35 -32.25 66.15 -24.75
C ALA A 35 -33.40 65.62 -25.60
N LEU A 36 -33.48 64.31 -25.76
CA LEU A 36 -34.55 63.72 -26.58
C LEU A 36 -35.92 63.77 -25.90
N GLU A 37 -35.97 64.06 -24.60
CA GLU A 37 -37.25 64.31 -23.95
C GLU A 37 -37.68 65.76 -24.05
N VAL A 38 -36.72 66.68 -24.15
CA VAL A 38 -37.07 68.08 -24.40
C VAL A 38 -37.54 68.26 -25.84
N PHE A 39 -36.68 67.91 -26.80
CA PHE A 39 -36.99 68.06 -28.22
C PHE A 39 -36.76 66.72 -28.92
N PRO A 40 -37.80 65.92 -29.10
CA PRO A 40 -37.61 64.58 -29.69
C PRO A 40 -37.06 64.58 -31.11
N GLU A 41 -37.41 65.57 -31.94
CA GLU A 41 -36.96 65.56 -33.33
C GLU A 41 -35.55 66.11 -33.43
N PHE A 42 -34.63 65.55 -32.64
CA PHE A 42 -33.25 66.02 -32.53
C PHE A 42 -32.37 64.92 -33.08
N ALA A 43 -32.00 65.02 -34.36
CA ALA A 43 -31.27 63.94 -35.02
C ALA A 43 -29.92 63.72 -34.39
N ALA A 44 -29.23 64.79 -34.01
CA ALA A 44 -27.90 64.66 -33.43
C ALA A 44 -27.94 63.89 -32.11
N ALA A 45 -28.93 64.16 -31.27
CA ALA A 45 -29.04 63.46 -30.01
C ALA A 45 -29.31 61.97 -30.20
N HIS A 46 -30.15 61.62 -31.20
CA HIS A 46 -30.43 60.22 -31.48
C HIS A 46 -29.15 59.48 -31.88
N SER A 47 -28.33 60.08 -32.75
CA SER A 47 -27.14 59.41 -33.22
C SER A 47 -26.09 59.30 -32.11
N ASN A 48 -25.97 60.32 -31.27
CA ASN A 48 -25.01 60.27 -30.18
C ASN A 48 -25.39 59.22 -29.15
N LEU A 49 -26.67 59.19 -28.76
CA LEU A 49 -27.13 58.15 -27.85
C LEU A 49 -26.96 56.76 -28.48
N ALA A 50 -27.11 56.66 -29.80
CA ALA A 50 -26.87 55.40 -30.47
C ALA A 50 -25.41 55.00 -30.40
N SER A 51 -24.49 55.95 -30.60
CA SER A 51 -23.06 55.64 -30.53
C SER A 51 -22.66 55.18 -29.14
N VAL A 52 -23.14 55.87 -28.10
CA VAL A 52 -22.80 55.50 -26.74
C VAL A 52 -23.48 54.20 -26.33
N LEU A 53 -24.71 53.96 -26.81
CA LEU A 53 -25.36 52.68 -26.55
C LEU A 53 -24.68 51.55 -27.32
N GLN A 54 -24.12 51.85 -28.49
CA GLN A 54 -23.39 50.85 -29.25
C GLN A 54 -22.18 50.34 -28.47
N GLN A 55 -21.43 51.25 -27.84
CA GLN A 55 -20.25 50.85 -27.09
C GLN A 55 -20.60 50.29 -25.71
N GLN A 56 -21.79 50.60 -25.18
CA GLN A 56 -22.29 49.85 -24.02
C GLN A 56 -22.73 48.44 -24.40
N GLY A 57 -22.87 48.15 -25.69
CA GLY A 57 -23.29 46.83 -26.13
C GLY A 57 -24.79 46.66 -26.36
N LYS A 58 -25.57 47.73 -26.23
CA LYS A 58 -27.02 47.66 -26.46
C LYS A 58 -27.31 47.92 -27.93
N LEU A 59 -26.92 46.94 -28.76
CA LEU A 59 -26.93 47.13 -30.21
C LEU A 59 -28.33 47.37 -30.75
N GLN A 60 -29.32 46.62 -30.26
CA GLN A 60 -30.68 46.76 -30.75
C GLN A 60 -31.22 48.17 -30.49
N GLU A 61 -30.99 48.68 -29.27
CA GLU A 61 -31.42 50.03 -28.95
C GLU A 61 -30.65 51.06 -29.76
N ALA A 62 -29.35 50.86 -29.94
CA ALA A 62 -28.55 51.78 -30.74
C ALA A 62 -29.05 51.82 -32.18
N LEU A 63 -29.37 50.66 -32.74
CA LEU A 63 -29.92 50.60 -34.10
C LEU A 63 -31.22 51.38 -34.18
N MET A 64 -32.05 51.31 -33.14
CA MET A 64 -33.32 52.05 -33.11
C MET A 64 -33.07 53.55 -33.25
N HIS A 65 -32.12 54.07 -32.49
CA HIS A 65 -31.90 55.51 -32.49
C HIS A 65 -31.18 55.97 -33.75
N TYR A 66 -30.38 55.09 -34.38
CA TYR A 66 -29.80 55.42 -35.67
C TYR A 66 -30.87 55.61 -36.73
N LYS A 67 -31.88 54.74 -36.74
CA LYS A 67 -32.95 54.85 -37.72
C LYS A 67 -33.74 56.14 -37.52
N GLU A 68 -33.96 56.53 -36.26
CA GLU A 68 -34.67 57.78 -35.99
C GLU A 68 -33.89 58.99 -36.49
N ALA A 69 -32.57 59.01 -36.27
CA ALA A 69 -31.76 60.13 -36.74
C ALA A 69 -31.80 60.24 -38.25
N ILE A 70 -31.73 59.11 -38.95
CA ILE A 70 -31.77 59.11 -40.41
C ILE A 70 -33.15 59.54 -40.90
N ARG A 71 -34.22 59.14 -40.20
CA ARG A 71 -35.55 59.60 -40.58
C ARG A 71 -35.66 61.11 -40.47
N ILE A 72 -35.11 61.69 -39.40
CA ILE A 72 -35.24 63.12 -39.16
C ILE A 72 -34.51 63.92 -40.23
N SER A 73 -33.28 63.52 -40.58
CA SER A 73 -32.51 64.17 -41.63
C SER A 73 -31.88 63.10 -42.51
N PRO A 74 -32.45 62.84 -43.69
CA PRO A 74 -31.92 61.75 -44.53
C PRO A 74 -30.53 61.99 -45.08
N THR A 75 -30.04 63.23 -45.10
CA THR A 75 -28.69 63.52 -45.58
C THR A 75 -27.62 63.16 -44.56
N PHE A 76 -27.99 62.47 -43.48
CA PHE A 76 -27.11 62.20 -42.35
C PHE A 76 -26.29 60.95 -42.65
N ALA A 77 -25.27 61.14 -43.50
CA ALA A 77 -24.45 60.01 -43.94
C ALA A 77 -23.68 59.38 -42.79
N ASP A 78 -23.30 60.18 -41.78
CA ASP A 78 -22.57 59.65 -40.64
C ASP A 78 -23.40 58.62 -39.89
N ALA A 79 -24.70 58.90 -39.69
CA ALA A 79 -25.55 57.93 -39.02
C ALA A 79 -25.67 56.64 -39.81
N TYR A 80 -25.66 56.73 -41.14
CA TYR A 80 -25.71 55.53 -41.96
C TYR A 80 -24.51 54.64 -41.69
N SER A 81 -23.29 55.20 -41.78
CA SER A 81 -22.10 54.40 -41.60
C SER A 81 -22.00 53.84 -40.18
N ASN A 82 -22.41 54.63 -39.19
CA ASN A 82 -22.39 54.14 -37.82
C ASN A 82 -23.51 53.13 -37.57
N MET A 83 -24.65 53.29 -38.23
CA MET A 83 -25.66 52.24 -38.17
C MET A 83 -25.15 50.97 -38.83
N GLY A 84 -24.38 51.11 -39.91
CA GLY A 84 -23.77 49.95 -40.53
C GLY A 84 -22.81 49.24 -39.60
N ASN A 85 -22.05 50.00 -38.81
CA ASN A 85 -21.18 49.40 -37.81
C ASN A 85 -21.99 48.61 -36.79
N THR A 86 -23.13 49.16 -36.36
CA THR A 86 -24.00 48.44 -35.44
C THR A 86 -24.52 47.14 -36.07
N LEU A 87 -24.90 47.20 -37.35
CA LEU A 87 -25.38 45.99 -38.02
C LEU A 87 -24.26 44.98 -38.22
N LYS A 88 -23.04 45.44 -38.49
CA LYS A 88 -21.91 44.52 -38.59
C LYS A 88 -21.65 43.82 -37.26
N GLU A 89 -21.76 44.56 -36.15
CA GLU A 89 -21.60 43.95 -34.84
C GLU A 89 -22.69 42.92 -34.56
N MET A 90 -23.85 43.06 -35.23
CA MET A 90 -24.97 42.15 -35.05
C MET A 90 -24.93 40.97 -36.02
N GLN A 91 -23.83 40.81 -36.77
CA GLN A 91 -23.67 39.78 -37.80
C GLN A 91 -24.57 40.01 -39.00
N ASP A 92 -25.08 41.24 -39.17
CA ASP A 92 -25.88 41.59 -40.35
C ASP A 92 -24.98 42.34 -41.32
N VAL A 93 -24.11 41.57 -42.00
CA VAL A 93 -23.19 42.16 -42.96
C VAL A 93 -23.96 42.74 -44.15
N GLN A 94 -25.04 42.07 -44.56
CA GLN A 94 -25.87 42.57 -45.66
C GLN A 94 -26.36 43.99 -45.38
N GLY A 95 -26.93 44.20 -44.19
CA GLY A 95 -27.38 45.53 -43.83
C GLY A 95 -26.24 46.51 -43.67
N ALA A 96 -25.09 46.05 -43.17
CA ALA A 96 -23.92 46.91 -43.05
C ALA A 96 -23.48 47.46 -44.40
N LEU A 97 -23.46 46.59 -45.42
CA LEU A 97 -23.10 47.06 -46.76
C LEU A 97 -24.07 48.11 -47.28
N GLN A 98 -25.37 47.87 -47.10
CA GLN A 98 -26.36 48.84 -47.59
C GLN A 98 -26.18 50.19 -46.89
N CYS A 99 -25.91 50.17 -45.58
CA CYS A 99 -25.67 51.42 -44.86
C CYS A 99 -24.44 52.14 -45.38
N TYR A 100 -23.33 51.40 -45.54
CA TYR A 100 -22.09 52.01 -45.99
C TYR A 100 -22.23 52.57 -47.39
N THR A 101 -22.83 51.79 -48.29
CA THR A 101 -22.94 52.21 -49.68
C THR A 101 -23.98 53.32 -49.86
N ARG A 102 -25.06 53.30 -49.07
CA ARG A 102 -26.01 54.40 -49.13
C ARG A 102 -25.39 55.69 -48.61
N ALA A 103 -24.55 55.59 -47.58
CA ALA A 103 -23.83 56.78 -47.11
C ALA A 103 -22.89 57.32 -48.18
N ILE A 104 -22.17 56.43 -48.86
CA ILE A 104 -21.31 56.86 -49.97
C ILE A 104 -22.13 57.50 -51.08
N GLN A 105 -23.29 56.92 -51.38
CA GLN A 105 -24.18 57.49 -52.38
C GLN A 105 -24.61 58.91 -52.00
N ILE A 106 -25.05 59.09 -50.76
CA ILE A 106 -25.55 60.40 -50.33
C ILE A 106 -24.42 61.43 -50.31
N ASN A 107 -23.28 61.06 -49.73
CA ASN A 107 -22.12 61.94 -49.64
C ASN A 107 -20.93 61.22 -50.24
N PRO A 108 -20.64 61.44 -51.52
CA PRO A 108 -19.49 60.75 -52.15
C PRO A 108 -18.15 61.10 -51.51
N ALA A 109 -18.04 62.24 -50.83
CA ALA A 109 -16.78 62.65 -50.21
C ALA A 109 -16.66 62.20 -48.76
N PHE A 110 -17.62 61.42 -48.26
CA PHE A 110 -17.64 61.00 -46.86
C PHE A 110 -16.69 59.82 -46.71
N ALA A 111 -15.50 60.09 -46.16
CA ALA A 111 -14.43 59.09 -46.14
C ALA A 111 -14.73 57.94 -45.19
N ASP A 112 -15.45 58.20 -44.09
CA ASP A 112 -15.66 57.17 -43.08
C ASP A 112 -16.45 55.99 -43.64
N ALA A 113 -17.41 56.25 -44.53
CA ALA A 113 -18.17 55.16 -45.13
C ALA A 113 -17.29 54.30 -46.02
N HIS A 114 -16.38 54.92 -46.77
CA HIS A 114 -15.44 54.15 -47.57
C HIS A 114 -14.54 53.28 -46.70
N SER A 115 -14.06 53.84 -45.59
CA SER A 115 -13.19 53.10 -44.68
C SER A 115 -13.94 51.93 -44.05
N ASN A 116 -15.20 52.15 -43.65
CA ASN A 116 -16.01 51.06 -43.12
C ASN A 116 -16.26 49.99 -44.18
N LEU A 117 -16.47 50.41 -45.43
CA LEU A 117 -16.62 49.45 -46.52
C LEU A 117 -15.34 48.67 -46.75
N ALA A 118 -14.19 49.31 -46.57
CA ALA A 118 -12.93 48.58 -46.66
C ALA A 118 -12.81 47.55 -45.54
N SER A 119 -13.29 47.88 -44.34
N SER A 119 -13.29 47.88 -44.34
CA SER A 119 -13.22 46.94 -43.22
CA SER A 119 -13.23 46.95 -43.23
C SER A 119 -14.10 45.72 -43.49
C SER A 119 -14.10 45.72 -43.49
N ILE A 120 -15.28 45.92 -44.10
CA ILE A 120 -16.15 44.80 -44.42
C ILE A 120 -15.48 43.88 -45.44
N HIS A 121 -14.75 44.44 -46.41
CA HIS A 121 -14.04 43.61 -47.37
C HIS A 121 -12.87 42.90 -46.70
N LYS A 122 -12.16 43.60 -45.81
CA LYS A 122 -11.05 43.00 -45.07
C LYS A 122 -11.52 41.78 -44.27
N ASP A 123 -12.65 41.92 -43.58
CA ASP A 123 -13.15 40.83 -42.75
C ASP A 123 -13.53 39.62 -43.60
N SER A 124 -13.85 39.83 -44.88
CA SER A 124 -14.26 38.75 -45.77
C SER A 124 -13.11 38.20 -46.60
N GLY A 125 -11.88 38.63 -46.34
CA GLY A 125 -10.74 38.15 -47.09
C GLY A 125 -10.53 38.81 -48.44
N ASN A 126 -11.23 39.91 -48.71
CA ASN A 126 -11.05 40.64 -49.97
C ASN A 126 -10.00 41.73 -49.77
N ILE A 127 -8.76 41.28 -49.55
CA ILE A 127 -7.69 42.22 -49.22
C ILE A 127 -7.45 43.23 -50.34
N PRO A 128 -7.37 42.84 -51.63
CA PRO A 128 -7.18 43.86 -52.67
C PRO A 128 -8.26 44.93 -52.68
N GLU A 129 -9.52 44.54 -52.45
CA GLU A 129 -10.60 45.52 -52.48
C GLU A 129 -10.60 46.36 -51.21
N ALA A 130 -10.27 45.76 -50.07
CA ALA A 130 -10.13 46.54 -48.84
C ALA A 130 -9.04 47.58 -48.97
N ILE A 131 -7.93 47.21 -49.61
CA ILE A 131 -6.85 48.17 -49.84
C ILE A 131 -7.35 49.35 -50.66
N ALA A 132 -8.10 49.06 -51.73
CA ALA A 132 -8.58 50.12 -52.61
C ALA A 132 -9.51 51.10 -51.87
N SER A 133 -10.41 50.56 -51.06
CA SER A 133 -11.37 51.42 -50.37
C SER A 133 -10.70 52.22 -49.26
N TYR A 134 -9.73 51.63 -48.57
CA TYR A 134 -8.94 52.41 -47.60
C TYR A 134 -8.22 53.55 -48.29
N ARG A 135 -7.66 53.30 -49.48
CA ARG A 135 -6.98 54.37 -50.21
C ARG A 135 -7.96 55.47 -50.62
N THR A 136 -9.16 55.08 -51.03
CA THR A 136 -10.18 56.08 -51.36
C THR A 136 -10.52 56.93 -50.14
N ALA A 137 -10.67 56.29 -48.98
CA ALA A 137 -10.97 57.03 -47.76
C ALA A 137 -9.83 57.97 -47.39
N LEU A 138 -8.59 57.50 -47.51
CA LEU A 138 -7.44 58.36 -47.21
C LEU A 138 -7.28 59.46 -48.25
N LYS A 139 -7.74 59.21 -49.48
CA LYS A 139 -7.73 60.27 -50.49
C LYS A 139 -8.74 61.36 -50.14
N LEU A 140 -9.87 60.99 -49.53
CA LEU A 140 -10.85 61.98 -49.09
C LEU A 140 -10.43 62.64 -47.77
N LYS A 141 -9.86 61.86 -46.84
CA LYS A 141 -9.42 62.37 -45.54
C LYS A 141 -8.01 61.87 -45.29
N PRO A 142 -7.00 62.67 -45.63
CA PRO A 142 -5.60 62.22 -45.45
C PRO A 142 -5.23 61.83 -44.03
N ASP A 143 -5.75 62.53 -43.02
CA ASP A 143 -5.48 62.21 -41.63
C ASP A 143 -6.64 61.35 -41.12
N PHE A 144 -6.45 60.03 -41.18
CA PHE A 144 -7.51 59.07 -40.85
C PHE A 144 -6.85 57.85 -40.24
N PRO A 145 -6.54 57.89 -38.94
CA PRO A 145 -5.73 56.81 -38.34
C PRO A 145 -6.34 55.43 -38.47
N ASP A 146 -7.66 55.29 -38.36
CA ASP A 146 -8.28 53.98 -38.52
C ASP A 146 -8.06 53.45 -39.93
N ALA A 147 -8.26 54.30 -40.94
CA ALA A 147 -8.02 53.89 -42.32
C ALA A 147 -6.55 53.59 -42.56
N TYR A 148 -5.65 54.43 -42.03
CA TYR A 148 -4.23 54.24 -42.26
C TYR A 148 -3.72 52.95 -41.61
N CYS A 149 -4.11 52.70 -40.36
CA CYS A 149 -3.61 51.52 -39.66
C CYS A 149 -4.18 50.24 -40.26
N ASN A 150 -5.47 50.24 -40.59
CA ASN A 150 -6.06 49.05 -41.22
C ASN A 150 -5.47 48.81 -42.60
N LEU A 151 -5.25 49.86 -43.38
CA LEU A 151 -4.58 49.69 -44.67
C LEU A 151 -3.16 49.18 -44.46
N ALA A 152 -2.49 49.65 -43.41
CA ALA A 152 -1.14 49.17 -43.11
C ALA A 152 -1.14 47.67 -42.85
N HIS A 153 -2.15 47.17 -42.14
CA HIS A 153 -2.25 45.74 -41.92
C HIS A 153 -2.51 44.99 -43.22
N CYS A 154 -3.34 45.56 -44.09
CA CYS A 154 -3.61 44.93 -45.39
C CYS A 154 -2.33 44.82 -46.22
N LEU A 155 -1.56 45.91 -46.29
CA LEU A 155 -0.30 45.88 -47.02
C LEU A 155 0.67 44.88 -46.38
N GLN A 156 0.62 44.74 -45.06
CA GLN A 156 1.41 43.72 -44.39
C GLN A 156 0.95 42.32 -44.81
N ILE A 157 -0.35 42.11 -44.94
CA ILE A 157 -0.89 40.80 -45.25
C ILE A 157 -0.44 40.34 -46.63
N VAL A 158 -0.35 41.27 -47.58
CA VAL A 158 0.00 40.95 -48.96
C VAL A 158 1.46 41.23 -49.26
N CYS A 159 2.27 41.53 -48.24
CA CYS A 159 3.69 41.82 -48.42
C CYS A 159 3.93 43.00 -49.38
N ASP A 160 3.11 44.04 -49.25
CA ASP A 160 3.36 45.30 -49.93
C ASP A 160 4.23 46.15 -49.00
N TRP A 161 5.52 46.26 -49.33
CA TRP A 161 6.48 46.97 -48.50
C TRP A 161 6.87 48.32 -49.10
N THR A 162 5.97 48.93 -49.86
CA THR A 162 6.22 50.26 -50.40
C THR A 162 6.26 51.27 -49.26
N ASP A 163 7.38 52.00 -49.16
CA ASP A 163 7.57 53.01 -48.12
C ASP A 163 7.41 52.41 -46.73
N TYR A 164 7.98 51.22 -46.54
CA TYR A 164 7.76 50.48 -45.30
C TYR A 164 8.31 51.22 -44.09
N ASP A 165 9.52 51.78 -44.21
CA ASP A 165 10.14 52.44 -43.06
C ASP A 165 9.33 53.66 -42.62
N GLU A 166 8.90 54.49 -43.58
CA GLU A 166 8.12 55.67 -43.24
C GLU A 166 6.76 55.27 -42.66
N ARG A 167 6.17 54.20 -43.19
CA ARG A 167 4.89 53.73 -42.65
C ARG A 167 5.02 53.31 -41.20
N MET A 168 6.09 52.60 -40.86
CA MET A 168 6.27 52.15 -39.48
C MET A 168 6.41 53.33 -38.52
N LYS A 169 7.14 54.37 -38.93
CA LYS A 169 7.28 55.55 -38.09
C LYS A 169 5.94 56.25 -37.91
N LYS A 170 5.15 56.33 -38.98
CA LYS A 170 3.83 56.96 -38.86
C LYS A 170 2.92 56.16 -37.94
N LEU A 171 2.99 54.83 -38.01
CA LEU A 171 2.22 53.99 -37.09
C LEU A 171 2.61 54.26 -35.64
N VAL A 172 3.91 54.36 -35.38
CA VAL A 172 4.39 54.60 -34.01
C VAL A 172 3.89 55.94 -33.50
N SER A 173 3.90 56.96 -34.36
CA SER A 173 3.44 58.28 -33.95
C SER A 173 1.93 58.30 -33.73
N ILE A 174 1.18 57.58 -34.56
CA ILE A 174 -0.28 57.52 -34.39
C ILE A 174 -0.63 56.86 -33.05
N VAL A 175 0.03 55.74 -32.75
CA VAL A 175 -0.17 55.09 -31.46
C VAL A 175 0.26 56.02 -30.32
N ALA A 176 1.39 56.70 -30.51
CA ALA A 176 1.85 57.65 -29.50
C ALA A 176 0.79 58.70 -29.21
N ASP A 177 0.25 59.32 -30.27
CA ASP A 177 -0.75 60.37 -30.09
C ASP A 177 -2.02 59.83 -29.44
N GLN A 178 -2.54 58.71 -29.95
CA GLN A 178 -3.80 58.18 -29.46
C GLN A 178 -3.70 57.80 -27.98
N LEU A 179 -2.57 57.21 -27.59
CA LEU A 179 -2.36 56.91 -26.18
C LEU A 179 -2.27 58.19 -25.36
N GLU A 180 -1.60 59.22 -25.88
CA GLU A 180 -1.43 60.48 -25.17
C GLU A 180 -2.73 61.28 -25.06
N LYS A 181 -3.76 60.93 -25.84
CA LYS A 181 -5.01 61.67 -25.84
C LYS A 181 -6.18 60.86 -25.29
N ASN A 182 -5.90 59.77 -24.58
CA ASN A 182 -6.92 58.86 -24.08
C ASN A 182 -7.95 58.53 -25.15
N ARG A 183 -7.46 58.09 -26.30
CA ARG A 183 -8.29 57.59 -27.39
C ARG A 183 -7.92 56.16 -27.70
N LEU A 184 -8.90 55.40 -28.19
CA LEU A 184 -8.68 54.00 -28.51
C LEU A 184 -7.71 53.89 -29.68
N PRO A 185 -6.55 53.23 -29.51
CA PRO A 185 -5.59 53.16 -30.60
C PRO A 185 -6.16 52.47 -31.82
N SER A 186 -5.77 52.94 -33.00
CA SER A 186 -6.20 52.34 -34.26
C SER A 186 -5.47 51.05 -34.59
N VAL A 187 -4.40 50.73 -33.86
CA VAL A 187 -3.69 49.47 -34.03
C VAL A 187 -4.31 48.43 -33.12
N HIS A 188 -4.66 47.27 -33.68
CA HIS A 188 -5.17 46.18 -32.87
C HIS A 188 -4.04 45.57 -32.05
N PRO A 189 -4.30 45.17 -30.80
CA PRO A 189 -3.23 44.61 -29.97
C PRO A 189 -2.57 43.39 -30.60
N HIS A 190 -3.32 42.56 -31.32
CA HIS A 190 -2.72 41.41 -31.99
C HIS A 190 -1.80 41.84 -33.13
N HIS A 191 -2.14 42.94 -33.80
CA HIS A 191 -1.28 43.46 -34.86
C HIS A 191 -0.06 44.19 -34.33
N SER A 192 -0.11 44.68 -33.08
CA SER A 192 0.94 45.55 -32.57
C SER A 192 2.30 44.86 -32.50
N MET A 193 2.33 43.52 -32.43
CA MET A 193 3.58 42.79 -32.41
C MET A 193 4.22 42.66 -33.79
N LEU A 194 3.71 43.38 -34.79
CA LEU A 194 4.31 43.43 -36.12
C LEU A 194 4.98 44.75 -36.43
N TYR A 195 4.72 45.79 -35.63
CA TYR A 195 5.25 47.13 -35.84
C TYR A 195 6.24 47.49 -34.74
N PRO A 196 7.26 48.30 -35.05
CA PRO A 196 8.30 48.61 -34.05
C PRO A 196 7.83 49.56 -32.96
N LEU A 197 6.86 49.13 -32.17
CA LEU A 197 6.39 49.90 -31.03
C LEU A 197 7.18 49.54 -29.79
N SER A 198 7.20 50.45 -28.83
CA SER A 198 7.76 50.14 -27.52
C SER A 198 6.89 49.09 -26.83
N HIS A 199 7.52 48.32 -25.93
CA HIS A 199 6.76 47.35 -25.16
C HIS A 199 5.66 48.02 -24.36
N GLY A 200 5.90 49.24 -23.89
CA GLY A 200 4.86 49.98 -23.18
C GLY A 200 3.70 50.37 -24.08
N PHE A 201 4.00 50.81 -25.31
CA PHE A 201 2.94 51.11 -26.27
C PHE A 201 2.07 49.88 -26.50
N ARG A 202 2.69 48.72 -26.66
CA ARG A 202 1.94 47.48 -26.86
C ARG A 202 1.03 47.18 -25.68
N LYS A 203 1.58 47.29 -24.47
CA LYS A 203 0.79 46.99 -23.27
C LYS A 203 -0.35 47.98 -23.11
N ALA A 204 -0.11 49.26 -23.42
CA ALA A 204 -1.17 50.26 -23.32
C ALA A 204 -2.28 49.98 -24.32
N ILE A 205 -1.92 49.57 -25.55
CA ILE A 205 -2.94 49.20 -26.53
C ILE A 205 -3.79 48.03 -26.02
N ALA A 206 -3.13 47.02 -25.46
CA ALA A 206 -3.85 45.87 -24.94
C ALA A 206 -4.76 46.25 -23.79
N GLU A 207 -4.28 47.11 -22.88
CA GLU A 207 -5.09 47.52 -21.74
C GLU A 207 -6.36 48.23 -22.20
N ARG A 208 -6.25 49.07 -23.21
CA ARG A 208 -7.39 49.85 -23.68
C ARG A 208 -8.44 48.96 -24.33
N HIS A 209 -8.00 48.01 -25.16
CA HIS A 209 -8.94 47.07 -25.76
C HIS A 209 -9.59 46.18 -24.72
N GLY A 210 -8.95 45.99 -23.57
CA GLY A 210 -9.59 45.28 -22.48
C GLY A 210 -10.60 46.12 -21.71
N ASN A 211 -10.38 47.43 -21.64
CA ASN A 211 -11.36 48.31 -20.98
C ASN A 211 -12.64 48.45 -21.78
N LEU A 212 -12.61 48.17 -23.08
CA LEU A 212 -13.85 48.11 -23.86
C LEU A 212 -14.78 47.06 -23.28
N CYS A 213 -14.22 45.96 -22.77
CA CYS A 213 -15.04 44.95 -22.10
C CYS A 213 -15.72 45.52 -20.87
N LEU A 214 -15.00 46.33 -20.10
CA LEU A 214 -15.58 46.93 -18.90
C LEU A 214 -16.74 47.86 -19.24
N ASP A 215 -16.58 48.68 -20.28
CA ASP A 215 -17.68 49.54 -20.72
C ASP A 215 -18.90 48.73 -21.11
N LYS A 216 -18.71 47.50 -21.57
CA LYS A 216 -19.81 46.63 -21.97
C LYS A 216 -20.40 45.83 -20.82
N ILE A 217 -19.64 45.62 -19.74
CA ILE A 217 -20.16 44.91 -18.57
C ILE A 217 -20.58 45.85 -17.44
N ASN A 218 -20.05 47.08 -17.40
CA ASN A 218 -20.48 48.01 -16.36
C ASN A 218 -21.97 48.29 -16.45
N VAL A 219 -22.55 48.21 -17.65
CA VAL A 219 -23.98 48.37 -17.83
C VAL A 219 -24.77 47.21 -17.25
N LEU A 220 -24.12 46.09 -16.96
CA LEU A 220 -24.80 44.96 -16.32
C LEU A 220 -25.01 45.16 -14.83
N HIS A 221 -24.21 46.02 -14.19
CA HIS A 221 -24.34 46.35 -12.77
C HIS A 221 -24.19 45.11 -11.89
N LYS A 222 -23.44 44.11 -12.36
CA LYS A 222 -23.33 42.87 -11.62
C LYS A 222 -22.39 43.05 -10.42
N PRO A 223 -22.78 42.56 -9.25
CA PRO A 223 -21.89 42.66 -8.08
C PRO A 223 -20.79 41.62 -8.16
N PRO A 224 -19.67 41.86 -7.46
CA PRO A 224 -18.56 40.88 -7.47
C PRO A 224 -18.99 39.53 -6.91
N TYR A 225 -18.37 38.48 -7.44
CA TYR A 225 -18.71 37.12 -7.05
C TYR A 225 -17.98 36.71 -5.77
N GLU A 226 -18.53 35.70 -5.11
CA GLU A 226 -17.85 35.02 -4.00
C GLU A 226 -17.12 33.81 -4.55
N HIS A 227 -15.80 33.79 -4.42
CA HIS A 227 -15.03 32.70 -4.98
C HIS A 227 -14.73 31.64 -3.93
N PRO A 228 -14.52 30.39 -4.35
CA PRO A 228 -14.17 29.35 -3.39
C PRO A 228 -12.84 29.64 -2.72
N LYS A 229 -12.73 29.23 -1.46
CA LYS A 229 -11.52 29.42 -0.68
C LYS A 229 -10.83 28.11 -0.34
N ASP A 230 -11.40 26.98 -0.79
CA ASP A 230 -10.81 25.67 -0.57
C ASP A 230 -11.35 24.73 -1.65
N LEU A 231 -10.94 23.47 -1.57
CA LEU A 231 -11.41 22.43 -2.49
C LEU A 231 -12.39 21.47 -1.81
N LYS A 232 -13.03 21.90 -0.72
CA LYS A 232 -13.92 21.02 0.01
C LYS A 232 -15.12 20.60 -0.82
N LEU A 233 -15.83 21.57 -1.39
CA LEU A 233 -17.00 21.24 -2.22
C LEU A 233 -16.61 20.52 -3.49
N SER A 234 -15.35 20.65 -3.93
CA SER A 234 -14.88 20.03 -5.16
C SER A 234 -14.27 18.66 -4.93
N ASP A 235 -14.35 18.13 -3.70
CA ASP A 235 -13.85 16.79 -3.37
C ASP A 235 -12.33 16.72 -3.53
N GLY A 236 -11.64 17.73 -3.01
CA GLY A 236 -10.20 17.79 -3.15
C GLY A 236 -9.69 17.99 -4.56
N ARG A 237 -10.58 18.32 -5.49
CA ARG A 237 -10.23 18.47 -6.89
C ARG A 237 -10.14 19.94 -7.25
N LEU A 238 -9.11 20.31 -7.99
CA LEU A 238 -9.01 21.66 -8.50
C LEU A 238 -9.83 21.77 -9.78
N ARG A 239 -10.76 22.72 -9.82
CA ARG A 239 -11.66 22.90 -10.96
C ARG A 239 -11.05 23.92 -11.92
N VAL A 240 -10.68 23.46 -13.10
CA VAL A 240 -10.04 24.29 -14.13
C VAL A 240 -11.01 24.40 -15.31
N GLY A 241 -11.27 25.64 -15.72
CA GLY A 241 -12.16 25.88 -16.84
C GLY A 241 -11.44 26.49 -18.03
N TYR A 242 -11.46 25.79 -19.16
CA TYR A 242 -10.84 26.28 -20.39
C TYR A 242 -11.91 26.95 -21.25
N VAL A 243 -11.68 28.22 -21.57
CA VAL A 243 -12.64 29.00 -22.36
C VAL A 243 -12.02 29.27 -23.72
N SER A 244 -12.70 28.82 -24.77
CA SER A 244 -12.18 28.99 -26.13
C SER A 244 -13.35 29.03 -27.11
N SER A 245 -13.18 29.85 -28.15
CA SER A 245 -14.07 29.82 -29.30
C SER A 245 -13.57 28.88 -30.40
N ASP A 246 -12.57 28.06 -30.10
CA ASP A 246 -11.86 27.29 -31.11
C ASP A 246 -11.79 25.80 -30.75
N PHE A 247 -12.78 25.29 -30.05
CA PHE A 247 -12.93 23.84 -29.88
C PHE A 247 -13.52 23.29 -31.18
N GLY A 248 -12.63 23.04 -32.14
CA GLY A 248 -13.06 22.60 -33.45
C GLY A 248 -11.88 22.61 -34.41
N ASN A 249 -12.20 22.68 -35.70
CA ASN A 249 -11.14 22.67 -36.71
C ASN A 249 -10.40 24.01 -36.73
N HIS A 250 -9.69 24.30 -35.65
CA HIS A 250 -8.89 25.49 -35.46
C HIS A 250 -7.54 25.07 -34.91
N PRO A 251 -6.48 25.83 -35.20
CA PRO A 251 -5.14 25.41 -34.74
C PRO A 251 -5.05 25.18 -33.24
N THR A 252 -5.86 25.88 -32.44
CA THR A 252 -5.84 25.67 -30.99
C THR A 252 -6.14 24.21 -30.65
N SER A 253 -7.20 23.65 -31.24
CA SER A 253 -7.51 22.24 -30.99
C SER A 253 -6.42 21.32 -31.53
N HIS A 254 -5.78 21.70 -32.63
CA HIS A 254 -4.68 20.90 -33.17
C HIS A 254 -3.50 20.82 -32.21
N LEU A 255 -3.43 21.72 -31.23
CA LEU A 255 -2.35 21.75 -30.26
C LEU A 255 -2.70 21.10 -28.93
N MET A 256 -3.93 21.29 -28.44
CA MET A 256 -4.26 20.88 -27.07
C MET A 256 -5.48 19.98 -26.95
N GLN A 257 -5.97 19.38 -28.03
CA GLN A 257 -7.20 18.59 -27.92
C GLN A 257 -7.03 17.39 -27.01
N SER A 258 -5.83 16.86 -26.89
CA SER A 258 -5.58 15.73 -26.00
C SER A 258 -5.37 16.16 -24.56
N ILE A 259 -5.18 17.45 -24.30
CA ILE A 259 -4.86 17.90 -22.95
C ILE A 259 -6.00 17.65 -21.97
N PRO A 260 -7.26 18.02 -22.25
CA PRO A 260 -8.31 17.80 -21.24
C PRO A 260 -8.48 16.36 -20.81
N GLY A 261 -8.35 15.41 -21.74
CA GLY A 261 -8.51 14.02 -21.37
C GLY A 261 -7.36 13.46 -20.57
N MET A 262 -6.23 14.15 -20.54
CA MET A 262 -5.04 13.68 -19.85
C MET A 262 -4.88 14.29 -18.45
N HIS A 263 -5.83 15.09 -18.01
CA HIS A 263 -5.80 15.59 -16.64
C HIS A 263 -6.03 14.45 -15.65
N ASN A 264 -5.47 14.59 -14.46
CA ASN A 264 -5.57 13.55 -13.44
C ASN A 264 -6.91 13.72 -12.72
N PRO A 265 -7.83 12.77 -12.88
CA PRO A 265 -9.17 12.93 -12.27
C PRO A 265 -9.18 12.90 -10.76
N ASP A 266 -8.11 12.40 -10.12
CA ASP A 266 -8.06 12.42 -8.67
C ASP A 266 -7.91 13.83 -8.13
N LYS A 267 -7.20 14.69 -8.85
CA LYS A 267 -6.90 16.04 -8.39
C LYS A 267 -7.61 17.14 -9.16
N PHE A 268 -8.18 16.84 -10.33
CA PHE A 268 -8.68 17.89 -11.20
C PHE A 268 -10.04 17.53 -11.79
N GLU A 269 -10.85 18.57 -11.99
CA GLU A 269 -12.13 18.47 -12.67
C GLU A 269 -12.12 19.50 -13.79
N VAL A 270 -12.33 19.06 -15.03
CA VAL A 270 -12.04 19.86 -16.21
C VAL A 270 -13.36 20.35 -16.79
N PHE A 271 -13.47 21.67 -16.94
CA PHE A 271 -14.62 22.30 -17.56
C PHE A 271 -14.18 22.96 -18.86
N CYS A 272 -14.90 22.68 -19.94
CA CYS A 272 -14.62 23.27 -21.25
C CYS A 272 -15.78 24.14 -21.67
N TYR A 273 -15.54 25.43 -21.83
CA TYR A 273 -16.55 26.39 -22.20
C TYR A 273 -16.32 26.81 -23.64
N ALA A 274 -17.18 26.32 -24.54
CA ALA A 274 -17.08 26.66 -25.95
C ALA A 274 -17.78 27.98 -26.20
N LEU A 275 -17.07 28.94 -26.76
CA LEU A 275 -17.64 30.22 -27.16
C LEU A 275 -18.25 30.16 -28.55
N SER A 276 -18.15 29.03 -29.22
CA SER A 276 -18.57 28.86 -30.60
C SER A 276 -19.43 27.60 -30.74
N PRO A 277 -20.33 27.57 -31.72
CA PRO A 277 -21.19 26.40 -31.88
C PRO A 277 -20.44 25.21 -32.47
N ASP A 278 -21.05 24.04 -32.32
CA ASP A 278 -20.46 22.80 -32.81
C ASP A 278 -20.35 22.81 -34.32
N ASP A 279 -19.13 22.67 -34.83
CA ASP A 279 -18.88 22.62 -36.27
C ASP A 279 -18.87 21.20 -36.82
N GLY A 280 -19.12 20.19 -35.99
CA GLY A 280 -19.20 18.82 -36.44
C GLY A 280 -17.89 18.12 -36.65
N THR A 281 -16.77 18.79 -36.44
CA THR A 281 -15.46 18.18 -36.62
C THR A 281 -15.13 17.27 -35.44
N ASN A 282 -14.22 16.33 -35.67
CA ASN A 282 -13.85 15.38 -34.64
C ASN A 282 -13.08 16.02 -33.50
N PHE A 283 -12.47 17.18 -33.73
CA PHE A 283 -11.81 17.90 -32.65
C PHE A 283 -12.81 18.29 -31.56
N ARG A 284 -13.94 18.88 -31.97
CA ARG A 284 -15.00 19.20 -31.04
C ARG A 284 -15.53 17.94 -30.35
N VAL A 285 -15.65 16.84 -31.11
CA VAL A 285 -16.14 15.59 -30.55
C VAL A 285 -15.19 15.09 -29.46
N LYS A 286 -13.88 15.13 -29.74
CA LYS A 286 -12.91 14.62 -28.77
C LYS A 286 -12.95 15.42 -27.47
N VAL A 287 -13.00 16.75 -27.57
CA VAL A 287 -12.97 17.58 -26.38
C VAL A 287 -14.25 17.40 -25.56
N MET A 288 -15.39 17.33 -26.24
CA MET A 288 -16.65 17.09 -25.53
C MET A 288 -16.64 15.75 -24.81
N ALA A 289 -16.09 14.72 -25.45
CA ALA A 289 -16.10 13.38 -24.86
C ALA A 289 -15.16 13.30 -23.66
N GLU A 290 -13.93 13.81 -23.80
CA GLU A 290 -12.89 13.58 -22.80
C GLU A 290 -12.90 14.59 -21.65
N ALA A 291 -13.44 15.79 -21.86
CA ALA A 291 -13.59 16.72 -20.75
C ALA A 291 -14.66 16.22 -19.79
N ASN A 292 -14.46 16.50 -18.50
CA ASN A 292 -15.44 16.11 -17.49
C ASN A 292 -16.79 16.78 -17.76
N HIS A 293 -16.77 18.06 -18.08
CA HIS A 293 -17.98 18.79 -18.44
C HIS A 293 -17.68 19.65 -19.65
N PHE A 294 -18.69 19.85 -20.48
CA PHE A 294 -18.58 20.69 -21.68
C PHE A 294 -19.78 21.61 -21.74
N ILE A 295 -19.54 22.91 -21.62
CA ILE A 295 -20.59 23.91 -21.62
C ILE A 295 -20.48 24.72 -22.90
N ASP A 296 -21.59 24.82 -23.64
CA ASP A 296 -21.64 25.62 -24.85
C ASP A 296 -22.10 27.02 -24.47
N LEU A 297 -21.15 27.91 -24.21
CA LEU A 297 -21.49 29.29 -23.89
C LEU A 297 -21.95 30.07 -25.11
N SER A 298 -21.80 29.52 -26.31
CA SER A 298 -22.39 30.15 -27.50
C SER A 298 -23.91 30.10 -27.45
N GLN A 299 -24.49 29.23 -26.63
CA GLN A 299 -25.92 29.19 -26.40
C GLN A 299 -26.37 30.17 -25.32
N ILE A 300 -25.43 30.89 -24.71
CA ILE A 300 -25.71 31.88 -23.68
C ILE A 300 -25.07 33.19 -24.09
N PRO A 301 -25.70 33.97 -24.98
CA PRO A 301 -25.06 35.22 -25.45
C PRO A 301 -24.78 36.22 -24.34
N CYS A 302 -25.65 36.32 -23.34
CA CYS A 302 -25.49 37.32 -22.29
C CYS A 302 -24.25 37.00 -21.46
N ASN A 303 -23.26 37.89 -21.49
CA ASN A 303 -22.03 37.66 -20.75
C ASN A 303 -22.27 37.66 -19.25
N GLY A 304 -23.30 38.38 -18.78
CA GLY A 304 -23.65 38.31 -17.37
C GLY A 304 -24.12 36.92 -16.98
N LYS A 305 -25.01 36.33 -17.79
CA LYS A 305 -25.51 34.99 -17.48
C LYS A 305 -24.45 33.92 -17.74
N ALA A 306 -23.64 34.10 -18.78
CA ALA A 306 -22.58 33.14 -19.05
C ALA A 306 -21.56 33.13 -17.92
N ALA A 307 -21.21 34.30 -17.39
CA ALA A 307 -20.35 34.35 -16.22
C ALA A 307 -21.02 33.71 -15.01
N ASP A 308 -22.35 33.89 -14.89
CA ASP A 308 -23.07 33.22 -13.81
C ASP A 308 -22.97 31.71 -13.92
N ARG A 309 -23.06 31.18 -15.15
CA ARG A 309 -22.93 29.75 -15.37
C ARG A 309 -21.54 29.25 -14.97
N ILE A 310 -20.49 30.00 -15.33
CA ILE A 310 -19.14 29.62 -14.94
C ILE A 310 -18.98 29.66 -13.42
N HIS A 311 -19.52 30.71 -12.78
CA HIS A 311 -19.38 30.87 -11.34
C HIS A 311 -20.05 29.73 -10.58
N GLN A 312 -21.29 29.41 -10.94
CA GLN A 312 -22.01 28.38 -10.20
C GLN A 312 -21.55 26.97 -10.56
N ASP A 313 -20.68 26.83 -11.56
CA ASP A 313 -19.95 25.58 -11.75
C ASP A 313 -18.79 25.44 -10.77
N GLY A 314 -18.40 26.52 -10.11
CA GLY A 314 -17.37 26.45 -9.08
C GLY A 314 -15.95 26.47 -9.58
N ILE A 315 -15.67 27.14 -10.70
CA ILE A 315 -14.33 27.13 -11.27
C ILE A 315 -13.35 27.81 -10.33
N HIS A 316 -12.18 27.18 -10.16
CA HIS A 316 -11.09 27.78 -9.40
C HIS A 316 -10.13 28.54 -10.32
N ILE A 317 -9.69 27.92 -11.40
CA ILE A 317 -8.78 28.53 -12.36
C ILE A 317 -9.47 28.59 -13.71
N LEU A 318 -9.71 29.81 -14.19
CA LEU A 318 -10.32 30.03 -15.50
C LEU A 318 -9.23 30.43 -16.49
N VAL A 319 -9.13 29.71 -17.60
CA VAL A 319 -8.05 29.85 -18.55
C VAL A 319 -8.58 30.52 -19.81
N ASN A 320 -7.96 31.64 -20.19
CA ASN A 320 -8.37 32.39 -21.37
C ASN A 320 -7.49 31.94 -22.54
N MET A 321 -8.10 31.24 -23.49
CA MET A 321 -7.39 30.73 -24.66
C MET A 321 -7.66 31.54 -25.92
N ASN A 322 -8.24 32.72 -25.79
CA ASN A 322 -8.51 33.58 -26.95
C ASN A 322 -7.70 34.86 -26.94
N GLY A 323 -7.59 35.53 -25.81
CA GLY A 323 -6.98 36.85 -25.82
C GLY A 323 -7.79 37.79 -26.68
N TYR A 324 -7.10 38.62 -27.45
CA TYR A 324 -7.75 39.55 -28.38
C TYR A 324 -7.81 38.97 -29.78
N THR A 325 -8.34 37.76 -29.92
CA THR A 325 -8.51 37.11 -31.22
C THR A 325 -9.99 36.96 -31.54
N LYS A 326 -10.26 36.53 -32.77
CA LYS A 326 -11.64 36.40 -33.23
C LYS A 326 -12.40 35.39 -32.37
N GLY A 327 -13.63 35.73 -32.04
CA GLY A 327 -14.47 34.90 -31.20
C GLY A 327 -14.28 35.10 -29.72
N ALA A 328 -13.39 35.99 -29.31
CA ALA A 328 -13.12 36.21 -27.90
C ALA A 328 -14.33 36.84 -27.21
N ARG A 329 -14.53 36.45 -25.96
CA ARG A 329 -15.58 37.01 -25.10
C ARG A 329 -15.00 37.36 -23.75
N ASN A 330 -13.88 38.09 -23.75
CA ASN A 330 -13.15 38.42 -22.53
C ASN A 330 -13.97 39.20 -21.52
N GLU A 331 -15.17 39.65 -21.88
CA GLU A 331 -16.08 40.24 -20.89
C GLU A 331 -16.41 39.24 -19.80
N LEU A 332 -16.42 37.95 -20.13
CA LEU A 332 -16.63 36.91 -19.12
C LEU A 332 -15.53 36.95 -18.07
N PHE A 333 -14.29 37.19 -18.50
CA PHE A 333 -13.17 37.25 -17.57
C PHE A 333 -13.17 38.55 -16.79
N ALA A 334 -13.72 39.62 -17.37
CA ALA A 334 -13.79 40.90 -16.68
C ALA A 334 -14.74 40.84 -15.49
N LEU A 335 -15.80 40.04 -15.59
CA LEU A 335 -16.73 39.88 -14.47
C LEU A 335 -16.16 39.00 -13.36
N ARG A 336 -14.93 38.48 -13.53
CA ARG A 336 -14.19 37.68 -12.56
C ARG A 336 -15.05 36.63 -11.88
N PRO A 337 -15.51 35.62 -12.62
CA PRO A 337 -16.27 34.54 -11.96
C PRO A 337 -15.40 33.54 -11.23
N ALA A 338 -14.11 33.50 -11.54
CA ALA A 338 -13.16 32.59 -10.91
C ALA A 338 -12.11 33.39 -10.13
N PRO A 339 -11.55 32.82 -9.06
CA PRO A 339 -10.54 33.56 -8.29
C PRO A 339 -9.22 33.73 -9.03
N ILE A 340 -8.79 32.74 -9.79
CA ILE A 340 -7.54 32.79 -10.55
C ILE A 340 -7.88 32.70 -12.03
N GLN A 341 -7.36 33.65 -12.81
CA GLN A 341 -7.59 33.71 -14.25
C GLN A 341 -6.25 33.85 -14.96
N ALA A 342 -6.02 33.02 -15.98
CA ALA A 342 -4.72 32.93 -16.63
C ALA A 342 -4.89 32.81 -18.14
N MET A 343 -3.85 33.23 -18.86
CA MET A 343 -3.77 33.15 -20.32
C MET A 343 -2.86 31.99 -20.70
N TRP A 344 -3.28 31.16 -21.66
CA TRP A 344 -2.52 29.96 -21.97
C TRP A 344 -1.95 29.93 -23.39
N LEU A 345 -2.78 29.86 -24.43
CA LEU A 345 -2.17 29.56 -25.73
C LEU A 345 -2.64 30.47 -26.87
N GLY A 346 -3.92 30.83 -26.91
CA GLY A 346 -4.49 31.37 -28.13
C GLY A 346 -3.97 32.72 -28.53
N TYR A 347 -3.31 33.44 -27.62
CA TYR A 347 -2.89 34.81 -27.87
C TYR A 347 -1.42 34.95 -27.51
N PRO A 348 -0.55 35.39 -28.41
CA PRO A 348 0.87 35.55 -28.11
C PRO A 348 1.19 36.96 -27.59
N GLY A 349 0.64 37.29 -26.43
CA GLY A 349 0.90 38.59 -25.85
C GLY A 349 0.15 38.76 -24.55
N THR A 350 0.25 39.97 -24.01
CA THR A 350 -0.40 40.31 -22.76
C THR A 350 -1.84 40.76 -23.01
N SER A 351 -2.70 40.52 -22.01
CA SER A 351 -4.05 41.06 -22.05
C SER A 351 -4.07 42.56 -21.77
N GLY A 352 -3.03 43.09 -21.15
CA GLY A 352 -2.98 44.48 -20.76
C GLY A 352 -3.91 44.87 -19.63
N ALA A 353 -4.86 44.01 -19.28
CA ALA A 353 -5.90 44.33 -18.30
C ALA A 353 -5.66 43.61 -17.00
N LEU A 354 -6.42 44.02 -15.98
CA LEU A 354 -6.31 43.45 -14.65
C LEU A 354 -7.27 42.29 -14.40
N PHE A 355 -8.20 42.04 -15.31
CA PHE A 355 -9.07 40.88 -15.13
C PHE A 355 -8.35 39.56 -15.40
N MET A 356 -7.13 39.62 -15.93
CA MET A 356 -6.26 38.46 -16.05
C MET A 356 -5.16 38.54 -15.00
N ASP A 357 -4.96 37.47 -14.25
CA ASP A 357 -3.99 37.44 -13.17
C ASP A 357 -2.65 36.84 -13.57
N TYR A 358 -2.64 35.88 -14.49
CA TYR A 358 -1.41 35.19 -14.86
C TYR A 358 -1.37 35.06 -16.37
N ILE A 359 -0.16 34.81 -16.89
CA ILE A 359 0.05 34.42 -18.28
C ILE A 359 1.00 33.23 -18.28
N ILE A 360 0.50 32.08 -18.74
CA ILE A 360 1.29 30.85 -18.74
C ILE A 360 2.27 30.91 -19.91
N THR A 361 3.55 30.81 -19.60
CA THR A 361 4.63 30.87 -20.58
C THR A 361 5.79 30.06 -20.04
N ASP A 362 6.95 30.19 -20.67
CA ASP A 362 8.18 29.60 -20.16
C ASP A 362 9.22 30.70 -19.96
N GLN A 363 10.35 30.32 -19.38
CA GLN A 363 11.42 31.28 -19.17
C GLN A 363 12.15 31.64 -20.46
N GLU A 364 12.13 30.75 -21.45
CA GLU A 364 12.80 31.01 -22.72
C GLU A 364 12.01 31.93 -23.64
N THR A 365 10.68 31.97 -23.48
CA THR A 365 9.85 32.87 -24.27
C THR A 365 9.56 34.18 -23.57
N SER A 366 9.43 34.16 -22.24
CA SER A 366 9.14 35.35 -21.45
C SER A 366 10.17 35.48 -20.34
N PRO A 367 11.40 35.86 -20.66
CA PRO A 367 12.42 36.05 -19.61
C PRO A 367 12.02 37.17 -18.66
N ALA A 368 12.67 37.15 -17.49
CA ALA A 368 12.37 38.17 -16.48
C ALA A 368 12.77 39.56 -16.95
N GLU A 369 13.73 39.66 -17.87
CA GLU A 369 14.10 40.97 -18.41
C GLU A 369 12.95 41.63 -19.15
N VAL A 370 12.21 40.84 -19.94
CA VAL A 370 11.11 41.36 -20.73
C VAL A 370 9.80 41.18 -19.97
N ALA A 371 9.88 40.79 -18.70
CA ALA A 371 8.67 40.62 -17.89
C ALA A 371 7.90 41.92 -17.71
N GLU A 372 8.38 43.04 -18.25
CA GLU A 372 7.67 44.30 -18.22
C GLU A 372 6.70 44.47 -19.38
N GLN A 373 6.80 43.63 -20.41
CA GLN A 373 5.87 43.70 -21.52
C GLN A 373 4.55 43.00 -21.22
N TYR A 374 4.42 42.40 -20.03
CA TYR A 374 3.23 41.65 -19.64
C TYR A 374 2.59 42.37 -18.47
N SER A 375 1.31 42.73 -18.62
CA SER A 375 0.55 43.27 -17.49
C SER A 375 0.36 42.21 -16.43
N GLU A 376 0.06 40.98 -16.85
CA GLU A 376 -0.16 39.88 -15.93
C GLU A 376 1.17 39.39 -15.36
N LYS A 377 1.07 38.58 -14.31
CA LYS A 377 2.26 37.96 -13.74
C LYS A 377 2.63 36.72 -14.53
N LEU A 378 3.91 36.35 -14.45
CA LEU A 378 4.45 35.27 -15.25
C LEU A 378 4.33 33.94 -14.51
N ALA A 379 3.83 32.92 -15.22
CA ALA A 379 3.74 31.56 -14.69
C ALA A 379 4.53 30.66 -15.63
N TYR A 380 5.73 30.25 -15.19
CA TYR A 380 6.64 29.50 -16.05
C TYR A 380 6.29 28.03 -16.08
N MET A 381 6.40 27.44 -17.26
CA MET A 381 6.33 26.00 -17.46
C MET A 381 7.74 25.42 -17.59
N PRO A 382 7.94 24.16 -17.17
CA PRO A 382 9.30 23.59 -17.10
C PRO A 382 10.17 23.83 -18.33
N HIS A 383 9.71 23.44 -19.51
CA HIS A 383 10.51 23.59 -20.73
C HIS A 383 9.91 24.61 -21.69
N THR A 384 8.66 24.40 -22.11
CA THR A 384 8.01 25.31 -23.03
C THR A 384 6.51 25.33 -22.73
N PHE A 385 5.89 26.49 -22.88
CA PHE A 385 4.45 26.58 -22.75
C PHE A 385 3.73 26.03 -23.97
N PHE A 386 4.45 25.71 -25.03
CA PHE A 386 3.85 25.30 -26.29
C PHE A 386 3.77 23.79 -26.39
N ILE A 387 2.65 23.29 -26.92
CA ILE A 387 2.40 21.87 -27.06
C ILE A 387 1.71 21.64 -28.40
N GLY A 388 1.90 20.45 -28.96
CA GLY A 388 1.19 20.06 -30.15
C GLY A 388 0.65 18.64 -30.00
N ASP A 389 -0.36 18.34 -30.82
CA ASP A 389 -0.99 17.03 -30.82
C ASP A 389 -0.54 16.17 -32.00
N HIS A 390 0.65 16.46 -32.55
CA HIS A 390 1.09 15.77 -33.76
C HIS A 390 1.30 14.28 -33.53
N ALA A 391 1.79 13.91 -32.33
CA ALA A 391 1.97 12.50 -32.02
C ALA A 391 0.64 11.74 -32.07
N ASN A 392 -0.46 12.44 -31.83
CA ASN A 392 -1.80 11.83 -31.87
C ASN A 392 -2.46 11.97 -33.22
N MET A 393 -2.32 13.13 -33.87
CA MET A 393 -3.01 13.37 -35.14
C MET A 393 -2.28 12.74 -36.32
N PHE A 394 -0.95 12.74 -36.31
CA PHE A 394 -0.15 12.26 -37.44
C PHE A 394 0.85 11.20 -36.97
N PRO A 395 0.36 10.02 -36.55
CA PRO A 395 1.30 8.95 -36.20
C PRO A 395 1.90 8.24 -37.39
N HIS A 396 1.29 8.37 -38.58
CA HIS A 396 1.88 7.77 -39.77
C HIS A 396 3.17 8.48 -40.18
N LEU A 397 3.39 9.70 -39.73
CA LEU A 397 4.63 10.42 -39.95
C LEU A 397 5.71 10.05 -38.94
N LYS A 398 5.48 9.03 -38.12
CA LYS A 398 6.46 8.61 -37.13
C LYS A 398 7.62 7.87 -37.77
N LYS A 399 7.35 7.13 -38.84
CA LYS A 399 8.36 6.43 -39.62
C LYS A 399 8.16 6.76 -41.09
N LYS A 400 9.23 6.61 -41.87
CA LYS A 400 9.15 6.90 -43.29
C LYS A 400 10.04 5.94 -44.06
N ALA A 401 9.96 6.04 -45.39
CA ALA A 401 10.82 5.30 -46.30
C ALA A 401 11.03 6.13 -47.54
N VAL A 402 12.08 5.81 -48.30
CA VAL A 402 12.45 6.56 -49.49
C VAL A 402 12.63 5.61 -50.67
N ILE A 403 12.64 6.20 -51.86
CA ILE A 403 12.89 5.48 -53.10
C ILE A 403 14.14 6.07 -53.75
N ASP A 404 15.07 5.20 -54.14
CA ASP A 404 16.26 5.62 -54.85
C ASP A 404 15.99 5.55 -56.36
N PHE A 405 16.02 6.70 -57.01
CA PHE A 405 15.80 6.76 -58.45
C PHE A 405 17.11 6.99 -59.20
N ILE A 411 20.87 8.49 -52.38
CA ILE A 411 19.93 8.05 -51.36
C ILE A 411 19.57 9.24 -50.47
N TYR A 412 18.62 10.04 -50.93
CA TYR A 412 18.12 11.15 -50.13
C TYR A 412 17.00 10.67 -49.20
N ASP A 413 16.78 11.44 -48.13
CA ASP A 413 15.68 11.19 -47.22
C ASP A 413 14.46 12.05 -47.50
N ASN A 414 14.54 12.94 -48.50
CA ASN A 414 13.48 13.94 -48.70
C ASN A 414 13.17 14.18 -50.18
N ARG A 415 13.27 13.15 -51.02
CA ARG A 415 12.97 13.30 -52.44
C ARG A 415 11.72 12.54 -52.86
N ILE A 416 11.65 11.23 -52.60
CA ILE A 416 10.45 10.43 -52.80
C ILE A 416 10.20 9.72 -51.47
N VAL A 417 9.21 10.19 -50.71
CA VAL A 417 8.97 9.76 -49.34
C VAL A 417 7.67 8.96 -49.28
N LEU A 418 7.65 7.93 -48.44
CA LEU A 418 6.46 7.13 -48.17
C LEU A 418 6.18 7.12 -46.69
N ASN A 419 4.90 7.23 -46.33
CA ASN A 419 4.46 7.13 -44.95
C ASN A 419 3.21 6.26 -44.89
N GLY A 420 2.99 5.65 -43.72
CA GLY A 420 1.82 4.83 -43.54
C GLY A 420 1.81 4.06 -42.23
N ILE A 421 0.62 3.89 -41.65
CA ILE A 421 0.50 3.05 -40.46
C ILE A 421 0.87 1.61 -40.78
N ASP A 422 0.39 1.11 -41.92
CA ASP A 422 0.68 -0.25 -42.38
C ASP A 422 1.87 -0.30 -43.33
N LEU A 423 2.86 0.59 -43.15
CA LEU A 423 3.98 0.66 -44.08
C LEU A 423 4.93 -0.51 -43.91
N LYS A 424 5.26 -0.86 -42.66
CA LYS A 424 6.29 -1.87 -42.44
C LYS A 424 5.88 -3.23 -43.00
N ALA A 425 4.58 -3.54 -42.99
CA ALA A 425 4.11 -4.76 -43.65
C ALA A 425 4.35 -4.68 -45.16
N PHE A 426 4.07 -3.52 -45.76
CA PHE A 426 4.27 -3.36 -47.19
C PHE A 426 5.75 -3.46 -47.57
N LEU A 427 6.63 -2.86 -46.77
CA LEU A 427 8.06 -2.96 -47.03
C LEU A 427 8.55 -4.39 -46.91
N ASP A 428 7.98 -5.17 -46.00
CA ASP A 428 8.37 -6.57 -45.87
C ASP A 428 7.86 -7.41 -47.03
N SER A 429 6.77 -6.98 -47.68
CA SER A 429 6.29 -7.69 -48.86
C SER A 429 7.27 -7.59 -50.01
N LEU A 430 7.97 -6.47 -50.13
CA LEU A 430 8.93 -6.27 -51.20
C LEU A 430 10.15 -7.17 -50.99
N PRO A 431 10.72 -7.68 -52.09
CA PRO A 431 11.88 -8.58 -51.97
C PRO A 431 13.15 -7.91 -51.47
N ASP A 432 13.56 -6.81 -52.11
CA ASP A 432 14.80 -6.12 -51.78
C ASP A 432 14.47 -4.77 -51.16
N VAL A 433 14.95 -4.55 -49.93
CA VAL A 433 14.82 -3.27 -49.24
C VAL A 433 16.10 -3.03 -48.45
N LYS A 434 16.69 -1.85 -48.62
CA LYS A 434 17.94 -1.50 -47.96
C LYS A 434 17.63 -0.68 -46.71
N ILE A 435 18.37 -0.95 -45.63
CA ILE A 435 18.13 -0.34 -44.33
C ILE A 435 19.29 0.61 -44.04
N VAL A 436 19.04 1.91 -44.18
CA VAL A 436 20.04 2.93 -43.89
C VAL A 436 19.98 3.23 -42.40
N LYS A 437 21.03 2.85 -41.68
CA LYS A 437 21.05 2.96 -40.23
C LYS A 437 21.47 4.37 -39.81
N MET A 438 21.11 4.73 -38.58
CA MET A 438 21.32 6.09 -38.09
C MET A 438 22.10 6.10 -36.78
N LEU A 454 14.77 5.35 -35.97
CA LEU A 454 15.96 4.56 -35.70
C LEU A 454 16.74 4.27 -36.99
N ASN A 455 16.00 4.11 -38.09
CA ASN A 455 16.59 3.77 -39.38
C ASN A 455 15.60 4.10 -40.48
N MET A 456 16.08 4.09 -41.72
CA MET A 456 15.29 4.49 -42.87
C MET A 456 15.36 3.43 -43.96
N PRO A 457 14.27 2.72 -44.24
CA PRO A 457 14.26 1.79 -45.37
C PRO A 457 14.36 2.50 -46.71
N VAL A 458 14.98 1.84 -47.67
CA VAL A 458 15.10 2.34 -49.04
C VAL A 458 14.50 1.30 -49.97
N ILE A 459 13.50 1.71 -50.75
CA ILE A 459 13.01 0.87 -51.83
C ILE A 459 13.90 1.10 -53.04
N PRO A 460 14.69 0.12 -53.46
CA PRO A 460 15.53 0.30 -54.65
C PRO A 460 14.70 0.33 -55.91
N MET A 461 15.29 0.87 -56.97
CA MET A 461 14.60 0.98 -58.24
C MET A 461 14.24 -0.40 -58.79
N ASN A 462 12.96 -0.61 -59.03
CA ASN A 462 12.43 -1.88 -59.52
C ASN A 462 11.01 -1.62 -60.01
N THR A 463 10.37 -2.69 -60.50
CA THR A 463 9.03 -2.57 -61.06
C THR A 463 8.06 -1.91 -60.08
N ILE A 464 8.22 -2.19 -58.79
CA ILE A 464 7.38 -1.56 -57.78
C ILE A 464 7.62 -0.06 -57.73
N ALA A 465 8.89 0.35 -57.65
CA ALA A 465 9.21 1.77 -57.62
C ALA A 465 8.79 2.46 -58.92
N GLU A 466 8.99 1.79 -60.06
CA GLU A 466 8.55 2.35 -61.33
C GLU A 466 7.06 2.64 -61.33
N ALA A 467 6.26 1.72 -60.77
CA ALA A 467 4.81 1.92 -60.73
C ALA A 467 4.44 3.08 -59.81
N VAL A 468 5.16 3.24 -58.69
CA VAL A 468 4.86 4.35 -57.79
C VAL A 468 5.17 5.69 -58.46
N ILE A 469 6.33 5.78 -59.13
CA ILE A 469 6.68 7.01 -59.83
C ILE A 469 5.72 7.26 -61.00
N GLU A 470 5.26 6.20 -61.67
CA GLU A 470 4.26 6.40 -62.72
C GLU A 470 2.98 6.98 -62.15
N MET A 471 2.54 6.50 -60.98
CA MET A 471 1.33 7.03 -60.37
C MET A 471 1.49 8.51 -60.06
N ILE A 472 2.67 8.90 -59.57
CA ILE A 472 2.93 10.31 -59.33
C ILE A 472 2.95 11.09 -60.65
N ASN A 473 3.63 10.55 -61.66
CA ASN A 473 3.76 11.27 -62.93
C ASN A 473 2.44 11.31 -63.69
N ARG A 474 1.71 10.20 -63.71
CA ARG A 474 0.46 10.10 -64.47
C ARG A 474 -0.67 10.91 -63.85
N GLY A 475 -0.50 11.44 -62.65
CA GLY A 475 -1.58 12.15 -62.00
C GLY A 475 -2.68 11.23 -61.47
N GLN A 476 -2.37 9.97 -61.24
CA GLN A 476 -3.35 9.01 -60.76
C GLN A 476 -3.54 9.13 -59.26
N ILE A 477 -4.72 8.75 -58.79
CA ILE A 477 -5.07 8.91 -57.39
C ILE A 477 -4.43 7.83 -56.52
N GLN A 478 -4.55 6.57 -56.95
CA GLN A 478 -4.08 5.47 -56.11
C GLN A 478 -3.81 4.25 -56.96
N ILE A 479 -3.02 3.34 -56.39
CA ILE A 479 -2.66 2.06 -57.01
C ILE A 479 -2.64 0.99 -55.93
N THR A 480 -2.53 -0.26 -56.35
CA THR A 480 -2.46 -1.41 -55.45
C THR A 480 -1.20 -2.21 -55.77
N ILE A 481 -0.36 -2.41 -54.75
CA ILE A 481 0.88 -3.17 -54.89
C ILE A 481 0.89 -4.24 -53.82
N ASN A 482 0.92 -5.51 -54.25
CA ASN A 482 0.89 -6.66 -53.34
C ASN A 482 -0.31 -6.60 -52.42
N GLY A 483 -1.41 -6.02 -52.89
CA GLY A 483 -2.61 -5.87 -52.10
C GLY A 483 -2.66 -4.64 -51.21
N PHE A 484 -1.58 -3.87 -51.13
CA PHE A 484 -1.55 -2.70 -50.28
C PHE A 484 -2.00 -1.46 -51.04
N SER A 485 -2.62 -0.54 -50.32
CA SER A 485 -3.17 0.67 -50.91
C SER A 485 -2.10 1.76 -50.93
N ILE A 486 -1.67 2.15 -52.12
CA ILE A 486 -0.67 3.20 -52.31
C ILE A 486 -1.39 4.42 -52.85
N SER A 487 -1.32 5.53 -52.12
CA SER A 487 -2.11 6.72 -52.42
C SER A 487 -1.22 7.88 -52.84
N ASN A 488 -1.71 8.67 -53.79
CA ASN A 488 -1.01 9.87 -54.21
C ASN A 488 -1.13 10.93 -53.13
N GLY A 489 -0.01 11.54 -52.76
CA GLY A 489 -0.01 12.53 -51.69
C GLY A 489 -0.86 13.75 -51.97
N LEU A 490 -1.16 14.02 -53.24
CA LEU A 490 -1.95 15.18 -53.63
C LEU A 490 -3.43 14.90 -53.70
N ALA A 491 -3.86 13.65 -53.52
CA ALA A 491 -5.26 13.26 -53.65
C ALA A 491 -5.90 12.89 -52.32
N THR A 492 -5.35 13.39 -51.22
CA THR A 492 -5.80 12.96 -49.88
C THR A 492 -7.29 13.24 -49.68
N THR A 493 -7.75 14.43 -50.07
CA THR A 493 -9.11 14.85 -49.78
C THR A 493 -10.16 14.01 -50.52
N GLN A 494 -9.82 13.42 -51.66
CA GLN A 494 -10.75 12.54 -52.35
C GLN A 494 -10.61 11.08 -51.93
N ILE A 495 -9.53 10.72 -51.24
CA ILE A 495 -9.39 9.37 -50.70
C ILE A 495 -10.02 9.27 -49.32
N ASN A 496 -9.76 10.24 -48.45
CA ASN A 496 -10.42 10.32 -47.14
C ASN A 496 -10.37 11.77 -46.70
N ASN A 497 -11.52 12.45 -46.72
CA ASN A 497 -11.55 13.87 -46.42
C ASN A 497 -11.20 14.16 -44.96
N LYS A 498 -11.55 13.24 -44.05
CA LYS A 498 -11.20 13.45 -42.65
C LYS A 498 -9.75 13.09 -42.36
N ALA A 499 -9.16 12.20 -43.14
CA ALA A 499 -7.72 12.00 -43.06
C ALA A 499 -6.98 13.24 -43.56
N ALA A 500 -7.52 13.90 -44.58
CA ALA A 500 -6.87 15.09 -45.12
C ALA A 500 -6.87 16.23 -44.11
N THR A 501 -7.97 16.42 -43.38
CA THR A 501 -8.10 17.54 -42.45
C THR A 501 -7.43 17.27 -41.10
N GLY A 502 -6.88 16.08 -40.88
CA GLY A 502 -6.29 15.73 -39.61
C GLY A 502 -7.27 15.18 -38.60
N GLU A 503 -8.55 15.08 -38.95
CA GLU A 503 -9.52 14.49 -38.03
C GLU A 503 -9.37 12.98 -37.91
N GLU A 504 -8.74 12.33 -38.88
CA GLU A 504 -8.51 10.89 -38.85
C GLU A 504 -7.09 10.58 -39.29
N VAL A 505 -6.59 9.45 -38.81
CA VAL A 505 -5.29 8.95 -39.26
C VAL A 505 -5.47 8.25 -40.60
N PRO A 506 -4.64 8.53 -41.60
CA PRO A 506 -4.76 7.82 -42.88
C PRO A 506 -4.61 6.32 -42.70
N ARG A 507 -5.42 5.57 -43.44
CA ARG A 507 -5.38 4.11 -43.42
C ARG A 507 -4.68 3.53 -44.64
N THR A 508 -4.04 4.36 -45.44
CA THR A 508 -3.33 3.94 -46.63
C THR A 508 -1.86 4.32 -46.50
N ILE A 509 -1.10 4.11 -47.57
CA ILE A 509 0.30 4.48 -47.64
C ILE A 509 0.42 5.61 -48.65
N ILE A 510 1.01 6.73 -48.23
CA ILE A 510 0.99 7.97 -48.98
C ILE A 510 2.38 8.26 -49.51
N VAL A 511 2.47 8.56 -50.81
CA VAL A 511 3.72 8.89 -51.48
C VAL A 511 3.82 10.40 -51.61
N THR A 512 4.98 10.96 -51.30
CA THR A 512 5.20 12.40 -51.26
C THR A 512 6.52 12.72 -51.93
N THR A 513 6.46 13.32 -53.13
CA THR A 513 7.63 13.58 -53.94
C THR A 513 7.86 15.08 -54.10
N ARG A 514 9.12 15.43 -54.40
CA ARG A 514 9.45 16.82 -54.70
C ARG A 514 8.88 17.26 -56.04
N SER A 515 8.73 16.33 -56.99
CA SER A 515 8.15 16.67 -58.28
C SER A 515 6.71 17.14 -58.16
N GLN A 516 6.02 16.75 -57.09
CA GLN A 516 4.64 17.18 -56.89
C GLN A 516 4.55 18.69 -56.70
N TYR A 517 5.51 19.27 -55.98
CA TYR A 517 5.47 20.68 -55.62
C TYR A 517 6.51 21.51 -56.37
N GLY A 518 7.14 20.94 -57.40
CA GLY A 518 8.10 21.69 -58.19
C GLY A 518 9.44 21.93 -57.55
N LEU A 519 9.80 21.16 -56.55
CA LEU A 519 11.08 21.36 -55.88
C LEU A 519 12.19 20.67 -56.68
N PRO A 520 13.29 21.36 -56.98
CA PRO A 520 14.40 20.71 -57.67
C PRO A 520 14.93 19.53 -56.87
N GLU A 521 15.18 18.43 -57.56
CA GLU A 521 15.53 17.17 -56.91
C GLU A 521 16.98 17.11 -56.44
N ASP A 522 17.76 18.19 -56.65
CA ASP A 522 19.18 18.19 -56.35
C ASP A 522 19.58 19.46 -55.61
N ALA A 523 18.70 20.00 -54.78
CA ALA A 523 18.91 21.31 -54.20
C ALA A 523 18.55 21.33 -52.73
N ILE A 524 19.27 22.16 -51.98
CA ILE A 524 18.88 22.48 -50.61
C ILE A 524 17.59 23.29 -50.66
N VAL A 525 16.57 22.81 -49.96
CA VAL A 525 15.25 23.43 -49.96
C VAL A 525 15.03 24.06 -48.59
N TYR A 526 15.18 25.38 -48.52
CA TYR A 526 14.69 26.11 -47.37
C TYR A 526 13.19 26.32 -47.51
N CYS A 527 12.50 26.42 -46.38
CA CYS A 527 11.05 26.49 -46.39
C CYS A 527 10.55 27.41 -45.28
N ASN A 528 9.36 27.95 -45.50
CA ASN A 528 8.63 28.69 -44.47
C ASN A 528 7.16 28.64 -44.85
N PHE A 529 6.38 27.84 -44.13
CA PHE A 529 4.97 27.66 -44.41
C PHE A 529 4.08 28.57 -43.60
N ASN A 530 4.64 29.64 -43.04
CA ASN A 530 3.85 30.61 -42.30
C ASN A 530 3.10 31.54 -43.25
N GLN A 531 2.14 32.27 -42.69
CA GLN A 531 1.46 33.30 -43.45
C GLN A 531 2.45 34.41 -43.79
N LEU A 532 2.31 34.98 -44.99
CA LEU A 532 3.27 35.97 -45.47
C LEU A 532 3.25 37.26 -44.67
N TYR A 533 2.24 37.50 -43.83
CA TYR A 533 2.24 38.71 -43.02
C TYR A 533 3.37 38.74 -42.01
N LYS A 534 3.98 37.59 -41.70
CA LYS A 534 5.10 37.54 -40.77
C LYS A 534 6.44 37.83 -41.44
N ILE A 535 6.48 37.90 -42.77
CA ILE A 535 7.70 38.28 -43.48
C ILE A 535 7.78 39.80 -43.57
N ASP A 536 8.96 40.33 -43.31
CA ASP A 536 9.24 41.75 -43.42
C ASP A 536 10.45 41.95 -44.32
N PRO A 537 10.67 43.18 -44.82
CA PRO A 537 11.76 43.38 -45.79
C PRO A 537 13.13 42.88 -45.33
N SER A 538 13.45 43.04 -44.04
CA SER A 538 14.72 42.53 -43.55
C SER A 538 14.78 41.01 -43.62
N THR A 539 13.67 40.34 -43.32
CA THR A 539 13.65 38.88 -43.36
C THR A 539 13.90 38.37 -44.78
N LEU A 540 13.26 38.99 -45.77
CA LEU A 540 13.53 38.61 -47.16
C LEU A 540 14.96 38.94 -47.54
N GLN A 541 15.55 39.97 -46.93
CA GLN A 541 16.95 40.29 -47.19
C GLN A 541 17.88 39.21 -46.65
N MET A 542 17.63 38.75 -45.42
CA MET A 542 18.39 37.64 -44.87
C MET A 542 18.28 36.40 -45.75
N TRP A 543 17.05 36.07 -46.15
CA TRP A 543 16.83 34.89 -46.97
C TRP A 543 17.52 35.03 -48.32
N ALA A 544 17.52 36.24 -48.89
CA ALA A 544 18.25 36.48 -50.12
C ALA A 544 19.75 36.26 -49.92
N ASN A 545 20.28 36.72 -48.78
CA ASN A 545 21.69 36.50 -48.48
C ASN A 545 22.00 35.02 -48.34
N ILE A 546 21.11 34.27 -47.69
CA ILE A 546 21.31 32.84 -47.51
C ILE A 546 21.27 32.12 -48.85
N LEU A 547 20.30 32.46 -49.70
CA LEU A 547 20.18 31.80 -51.00
C LEU A 547 21.38 32.10 -51.89
N LYS A 548 21.90 33.33 -51.83
CA LYS A 548 23.05 33.69 -52.63
C LYS A 548 24.29 32.91 -52.21
N ARG A 549 24.49 32.70 -50.91
CA ARG A 549 25.68 31.99 -50.43
C ARG A 549 25.57 30.48 -50.59
N VAL A 550 24.37 29.95 -50.78
CA VAL A 550 24.20 28.51 -50.96
C VAL A 550 23.79 28.26 -52.41
N PRO A 551 24.72 27.88 -53.28
CA PRO A 551 24.38 27.71 -54.70
C PRO A 551 23.34 26.61 -54.91
N ASN A 552 22.45 26.85 -55.88
CA ASN A 552 21.36 25.98 -56.28
C ASN A 552 20.26 25.87 -55.23
N SER A 553 20.38 26.54 -54.10
CA SER A 553 19.35 26.45 -53.07
C SER A 553 18.08 27.18 -53.50
N VAL A 554 16.96 26.77 -52.91
CA VAL A 554 15.66 27.37 -53.20
C VAL A 554 14.96 27.72 -51.90
N LEU A 555 14.03 28.67 -51.99
CA LEU A 555 13.20 29.09 -50.87
C LEU A 555 11.76 28.71 -51.16
N TRP A 556 11.17 27.92 -50.29
CA TRP A 556 9.83 27.36 -50.50
C TRP A 556 8.83 28.12 -49.64
N LEU A 557 7.86 28.76 -50.28
CA LEU A 557 6.84 29.55 -49.60
C LEU A 557 5.46 29.12 -50.07
N LEU A 558 4.44 29.65 -49.41
CA LEU A 558 3.06 29.29 -49.71
C LEU A 558 2.28 30.52 -50.15
N ARG A 559 1.29 30.30 -51.02
CA ARG A 559 0.36 31.35 -51.43
C ARG A 559 -0.60 31.60 -50.28
N PHE A 560 -0.10 32.30 -49.26
CA PHE A 560 -0.81 32.47 -48.00
C PHE A 560 -0.71 33.92 -47.55
N PRO A 561 -1.41 34.84 -48.26
CA PRO A 561 -2.31 34.66 -49.40
C PRO A 561 -1.61 34.65 -50.77
N ALA A 562 -2.36 34.37 -51.84
CA ALA A 562 -1.76 34.26 -53.17
C ALA A 562 -1.46 35.62 -53.78
N VAL A 563 -2.23 36.66 -53.41
CA VAL A 563 -1.98 37.99 -53.94
C VAL A 563 -0.62 38.53 -53.50
N GLY A 564 -0.06 37.98 -52.42
CA GLY A 564 1.26 38.40 -51.98
C GLY A 564 2.40 37.82 -52.77
N GLU A 565 2.15 36.77 -53.56
CA GLU A 565 3.23 36.13 -54.30
C GLU A 565 3.93 37.07 -55.28
N PRO A 566 3.23 37.82 -56.15
CA PRO A 566 3.95 38.77 -57.01
C PRO A 566 4.75 39.80 -56.24
N ASN A 567 4.22 40.26 -55.10
CA ASN A 567 4.91 41.28 -54.32
C ASN A 567 6.22 40.74 -53.76
N ILE A 568 6.18 39.55 -53.16
CA ILE A 568 7.39 38.91 -52.65
C ILE A 568 8.38 38.69 -53.78
N GLN A 569 7.88 38.21 -54.93
CA GLN A 569 8.75 37.96 -56.08
C GLN A 569 9.41 39.25 -56.54
N GLN A 570 8.65 40.36 -56.55
CA GLN A 570 9.21 41.64 -56.96
C GLN A 570 10.40 42.04 -56.10
N TYR A 571 10.24 41.99 -54.78
CA TYR A 571 11.34 42.36 -53.90
C TYR A 571 12.48 41.36 -53.98
N ALA A 572 12.19 40.11 -54.34
CA ALA A 572 13.24 39.12 -54.53
C ALA A 572 14.16 39.51 -55.69
N GLN A 573 13.57 39.99 -56.79
CA GLN A 573 14.39 40.43 -57.92
C GLN A 573 15.26 41.62 -57.53
N ASN A 574 14.73 42.53 -56.73
CA ASN A 574 15.47 43.72 -56.32
C ASN A 574 16.72 43.35 -55.53
N MET A 575 16.67 42.26 -54.78
CA MET A 575 17.79 41.83 -53.97
C MET A 575 18.79 40.98 -54.75
N GLY A 576 18.56 40.76 -56.04
CA GLY A 576 19.48 40.04 -56.88
C GLY A 576 19.16 38.57 -57.09
N LEU A 577 18.02 38.09 -56.61
CA LEU A 577 17.65 36.69 -56.79
C LEU A 577 16.87 36.51 -58.08
N PRO A 578 17.29 35.64 -58.99
CA PRO A 578 16.48 35.39 -60.20
C PRO A 578 15.13 34.74 -59.87
N GLN A 579 14.33 34.52 -60.92
CA GLN A 579 12.95 34.09 -60.72
C GLN A 579 12.85 32.73 -60.03
N ASN A 580 13.71 31.79 -60.42
CA ASN A 580 13.56 30.40 -59.96
C ASN A 580 13.98 30.18 -58.52
N ARG A 581 14.57 31.19 -57.86
CA ARG A 581 15.14 30.96 -56.54
C ARG A 581 14.06 30.75 -55.47
N ILE A 582 12.90 31.39 -55.63
CA ILE A 582 11.79 31.22 -54.69
C ILE A 582 10.68 30.45 -55.40
N ILE A 583 10.21 29.39 -54.75
CA ILE A 583 9.15 28.53 -55.29
C ILE A 583 7.95 28.64 -54.38
N PHE A 584 6.80 28.99 -54.95
CA PHE A 584 5.55 29.10 -54.20
C PHE A 584 4.68 27.88 -54.47
N SER A 585 3.91 27.49 -53.45
CA SER A 585 3.03 26.34 -53.55
C SER A 585 1.71 26.68 -52.88
N PRO A 586 0.60 26.10 -53.35
CA PRO A 586 -0.70 26.40 -52.74
C PRO A 586 -0.81 25.87 -51.32
N VAL A 587 -1.67 26.52 -50.53
CA VAL A 587 -1.98 26.03 -49.20
C VAL A 587 -2.66 24.67 -49.30
N ALA A 588 -2.32 23.78 -48.36
CA ALA A 588 -2.77 22.39 -48.43
C ALA A 588 -3.60 22.05 -47.19
N PRO A 589 -4.33 20.94 -47.20
CA PRO A 589 -4.98 20.48 -45.97
C PRO A 589 -3.95 20.18 -44.89
N LYS A 590 -4.40 20.29 -43.63
CA LYS A 590 -3.54 20.09 -42.45
C LYS A 590 -2.58 18.91 -42.61
N GLU A 591 -3.12 17.74 -42.97
CA GLU A 591 -2.29 16.55 -43.06
C GLU A 591 -1.25 16.67 -44.17
N GLU A 592 -1.68 17.11 -45.36
CA GLU A 592 -0.74 17.26 -46.46
C GLU A 592 0.29 18.34 -46.15
N HIS A 593 -0.13 19.42 -45.50
CA HIS A 593 0.79 20.49 -45.12
C HIS A 593 1.91 19.96 -44.23
N VAL A 594 1.56 19.16 -43.22
CA VAL A 594 2.58 18.63 -42.31
C VAL A 594 3.44 17.58 -43.02
N ARG A 595 2.81 16.73 -43.83
CA ARG A 595 3.53 15.65 -44.48
C ARG A 595 4.56 16.16 -45.48
N ARG A 596 4.21 17.20 -46.25
CA ARG A 596 5.11 17.68 -47.28
C ARG A 596 6.29 18.47 -46.70
N GLY A 597 6.27 18.82 -45.42
CA GLY A 597 7.44 19.40 -44.80
C GLY A 597 8.63 18.46 -44.76
N GLN A 598 8.38 17.16 -44.94
CA GLN A 598 9.48 16.19 -45.03
C GLN A 598 10.38 16.47 -46.22
N LEU A 599 9.85 17.08 -47.28
CA LEU A 599 10.60 17.29 -48.52
C LEU A 599 11.66 18.38 -48.40
N ALA A 600 11.55 19.28 -47.42
CA ALA A 600 12.53 20.33 -47.26
C ALA A 600 13.73 19.82 -46.47
N ASP A 601 14.83 20.61 -46.53
CA ASP A 601 16.03 20.32 -45.77
C ASP A 601 16.07 21.12 -44.47
N VAL A 602 15.98 22.44 -44.58
CA VAL A 602 16.02 23.33 -43.43
C VAL A 602 14.85 24.30 -43.53
N CYS A 603 14.31 24.70 -42.38
CA CYS A 603 13.25 25.68 -42.31
C CYS A 603 13.80 26.99 -41.77
N LEU A 604 13.57 28.07 -42.50
CA LEU A 604 13.97 29.41 -42.07
C LEU A 604 12.76 30.09 -41.42
N ASP A 605 12.82 30.25 -40.10
CA ASP A 605 11.72 30.84 -39.35
C ASP A 605 11.70 32.35 -39.52
N THR A 606 10.51 32.94 -39.38
CA THR A 606 10.32 34.37 -39.53
C THR A 606 10.66 35.09 -38.24
N PRO A 607 11.73 35.89 -38.21
CA PRO A 607 12.12 36.55 -36.96
C PRO A 607 11.11 37.53 -36.40
N LEU A 608 10.37 38.23 -37.28
CA LEU A 608 9.40 39.21 -36.80
C LEU A 608 8.33 38.56 -35.93
N CYS A 609 7.59 37.62 -36.51
CA CYS A 609 6.64 36.80 -35.78
C CYS A 609 6.97 35.35 -36.06
N ASN A 610 7.43 34.63 -35.04
CA ASN A 610 7.84 33.24 -35.23
C ASN A 610 6.64 32.38 -35.60
N GLY A 611 6.92 31.27 -36.30
CA GLY A 611 5.90 30.29 -36.58
C GLY A 611 5.61 29.43 -35.37
N HIS A 612 4.46 29.64 -34.75
CA HIS A 612 4.14 28.91 -33.52
C HIS A 612 3.59 27.53 -33.81
N THR A 613 2.41 27.46 -34.46
CA THR A 613 1.89 26.16 -34.88
C THR A 613 2.68 25.63 -36.07
N THR A 614 3.00 26.51 -37.02
CA THR A 614 3.83 26.11 -38.14
C THR A 614 5.19 25.58 -37.67
N GLY A 615 5.72 26.12 -36.58
CA GLY A 615 6.98 25.61 -36.05
C GLY A 615 6.86 24.19 -35.54
N MET A 616 5.78 23.89 -34.83
CA MET A 616 5.53 22.50 -34.42
C MET A 616 5.32 21.60 -35.64
N ASP A 617 4.63 22.11 -36.65
CA ASP A 617 4.36 21.32 -37.85
C ASP A 617 5.67 20.90 -38.53
N VAL A 618 6.59 21.86 -38.71
CA VAL A 618 7.84 21.55 -39.41
C VAL A 618 8.73 20.66 -38.56
N LEU A 619 8.72 20.83 -37.24
CA LEU A 619 9.55 20.00 -36.38
C LEU A 619 9.05 18.56 -36.33
N TRP A 620 7.74 18.36 -36.42
CA TRP A 620 7.21 17.00 -36.47
C TRP A 620 7.63 16.28 -37.74
N ALA A 621 7.82 17.01 -38.83
CA ALA A 621 8.32 16.42 -40.07
C ALA A 621 9.79 16.04 -39.98
N GLY A 622 10.47 16.40 -38.89
CA GLY A 622 11.89 16.16 -38.78
C GLY A 622 12.76 17.16 -39.49
N THR A 623 12.21 18.34 -39.80
CA THR A 623 12.92 19.36 -40.54
C THR A 623 13.48 20.39 -39.58
N PRO A 624 14.80 20.60 -39.54
CA PRO A 624 15.37 21.61 -38.64
C PRO A 624 14.88 23.01 -38.99
N MET A 625 14.98 23.90 -38.00
CA MET A 625 14.44 25.26 -38.12
C MET A 625 15.43 26.25 -37.51
N VAL A 626 15.93 27.16 -38.33
CA VAL A 626 16.78 28.23 -37.84
C VAL A 626 15.90 29.39 -37.39
N THR A 627 16.17 29.91 -36.19
CA THR A 627 15.37 30.99 -35.63
C THR A 627 16.28 32.02 -34.98
N MET A 628 15.75 33.24 -34.85
CA MET A 628 16.46 34.35 -34.20
C MET A 628 15.50 34.99 -33.21
N PRO A 629 15.55 34.57 -31.94
CA PRO A 629 14.60 35.10 -30.96
C PRO A 629 14.71 36.61 -30.80
N GLY A 630 13.57 37.26 -30.62
CA GLY A 630 13.47 38.69 -30.40
C GLY A 630 13.17 39.02 -28.95
N GLU A 631 12.29 40.00 -28.76
CA GLU A 631 11.92 40.44 -27.43
C GLU A 631 10.46 40.19 -27.08
N THR A 632 9.54 40.25 -28.04
CA THR A 632 8.15 39.93 -27.80
C THR A 632 7.95 38.43 -27.76
N LEU A 633 6.94 38.00 -27.01
CA LEU A 633 6.62 36.58 -26.92
C LEU A 633 6.45 35.96 -28.31
N ALA A 634 5.81 36.69 -29.22
CA ALA A 634 5.57 36.16 -30.56
C ALA A 634 6.87 35.89 -31.32
N SER A 635 7.95 36.59 -30.96
CA SER A 635 9.22 36.44 -31.65
C SER A 635 10.19 35.49 -30.94
N ARG A 636 9.77 34.83 -29.86
CA ARG A 636 10.65 33.96 -29.09
C ARG A 636 10.09 32.56 -28.90
N VAL A 637 9.01 32.20 -29.60
CA VAL A 637 8.38 30.90 -29.40
C VAL A 637 9.20 29.79 -30.07
N ALA A 638 9.61 30.01 -31.33
CA ALA A 638 10.36 28.98 -32.05
C ALA A 638 11.67 28.66 -31.34
N ALA A 639 12.31 29.67 -30.75
CA ALA A 639 13.50 29.42 -29.95
C ALA A 639 13.18 28.55 -28.74
N SER A 640 12.05 28.83 -28.07
CA SER A 640 11.65 28.01 -26.93
C SER A 640 11.35 26.57 -27.37
N GLN A 641 10.70 26.41 -28.52
CA GLN A 641 10.45 25.07 -29.06
C GLN A 641 11.76 24.34 -29.31
N LEU A 642 12.74 25.02 -29.90
CA LEU A 642 14.02 24.39 -30.19
C LEU A 642 14.79 24.07 -28.92
N THR A 643 14.69 24.92 -27.89
CA THR A 643 15.35 24.65 -26.63
C THR A 643 14.74 23.41 -25.96
N CYS A 644 13.41 23.28 -25.98
CA CYS A 644 12.78 22.10 -25.44
C CYS A 644 13.11 20.86 -26.27
N LEU A 645 13.28 21.02 -27.58
CA LEU A 645 13.68 19.91 -28.43
C LEU A 645 15.09 19.43 -28.10
N GLY A 646 15.98 20.35 -27.78
CA GLY A 646 17.38 20.03 -27.56
C GLY A 646 18.31 20.41 -28.69
N CYS A 647 17.94 21.38 -29.51
CA CYS A 647 18.75 21.84 -30.63
C CYS A 647 19.05 23.33 -30.41
N LEU A 648 20.08 23.61 -29.62
CA LEU A 648 20.48 24.98 -29.35
C LEU A 648 21.35 25.56 -30.45
N GLU A 649 22.01 24.72 -31.25
CA GLU A 649 22.82 25.18 -32.37
C GLU A 649 21.99 25.80 -33.49
N LEU A 650 20.67 25.65 -33.45
CA LEU A 650 19.78 26.24 -34.43
C LEU A 650 19.28 27.63 -34.03
N ILE A 651 19.65 28.10 -32.85
CA ILE A 651 19.17 29.37 -32.32
C ILE A 651 20.26 30.42 -32.47
N ALA A 652 19.96 31.49 -33.20
CA ALA A 652 20.94 32.50 -33.58
C ALA A 652 20.73 33.78 -32.78
N LYS A 653 21.83 34.38 -32.33
CA LYS A 653 21.79 35.57 -31.50
C LYS A 653 21.72 36.87 -32.29
N ASN A 654 21.86 36.83 -33.60
CA ASN A 654 21.81 38.03 -34.42
C ASN A 654 21.64 37.63 -35.88
N ARG A 655 21.50 38.64 -36.75
CA ARG A 655 21.27 38.38 -38.16
C ARG A 655 22.43 37.64 -38.80
N GLN A 656 23.66 38.02 -38.45
CA GLN A 656 24.84 37.34 -39.00
C GLN A 656 24.82 35.85 -38.66
N GLU A 657 24.54 35.53 -37.40
CA GLU A 657 24.56 34.13 -36.98
C GLU A 657 23.42 33.33 -37.60
N TYR A 658 22.26 33.97 -37.80
CA TYR A 658 21.15 33.30 -38.46
C TYR A 658 21.53 32.90 -39.89
N GLU A 659 22.11 33.83 -40.63
CA GLU A 659 22.53 33.54 -41.99
C GLU A 659 23.61 32.46 -42.01
N ASP A 660 24.57 32.55 -41.09
CA ASP A 660 25.67 31.59 -41.05
C ASP A 660 25.17 30.18 -40.74
N ILE A 661 24.23 30.06 -39.79
CA ILE A 661 23.72 28.74 -39.42
C ILE A 661 23.02 28.09 -40.61
N ALA A 662 22.18 28.84 -41.30
CA ALA A 662 21.46 28.29 -42.45
C ALA A 662 22.41 27.92 -43.58
N VAL A 663 23.41 28.76 -43.84
CA VAL A 663 24.36 28.47 -44.91
C VAL A 663 25.16 27.21 -44.58
N LYS A 664 25.59 27.08 -43.33
CA LYS A 664 26.33 25.88 -42.93
C LYS A 664 25.49 24.63 -43.14
N LEU A 665 24.20 24.69 -42.77
CA LEU A 665 23.32 23.55 -42.99
C LEU A 665 23.14 23.26 -44.48
N GLY A 666 23.13 24.30 -45.32
CA GLY A 666 22.92 24.12 -46.74
C GLY A 666 24.14 23.72 -47.53
N THR A 667 25.34 24.04 -47.05
CA THR A 667 26.56 23.73 -47.77
C THR A 667 27.29 22.52 -47.23
N ASP A 668 27.09 22.16 -45.97
CA ASP A 668 27.77 21.04 -45.33
C ASP A 668 26.72 19.93 -45.18
N LEU A 669 26.64 19.07 -46.20
CA LEU A 669 25.56 18.08 -46.24
C LEU A 669 25.69 17.05 -45.11
N GLU A 670 26.92 16.75 -44.68
CA GLU A 670 27.09 15.85 -43.53
C GLU A 670 26.51 16.47 -42.27
N TYR A 671 26.80 17.75 -42.03
CA TYR A 671 26.23 18.43 -40.87
C TYR A 671 24.72 18.52 -40.98
N LEU A 672 24.21 18.80 -42.19
CA LEU A 672 22.77 18.74 -42.42
C LEU A 672 22.21 17.38 -42.05
N LYS A 673 22.89 16.30 -42.45
CA LYS A 673 22.40 14.96 -42.16
C LYS A 673 22.35 14.69 -40.66
N LYS A 674 23.36 15.16 -39.92
CA LYS A 674 23.38 14.90 -38.48
C LYS A 674 22.30 15.69 -37.74
N VAL A 675 22.11 16.96 -38.12
CA VAL A 675 21.10 17.78 -37.46
C VAL A 675 19.70 17.28 -37.78
N ARG A 676 19.47 16.85 -39.02
CA ARG A 676 18.17 16.29 -39.38
C ARG A 676 17.88 15.02 -38.58
N GLY A 677 18.89 14.17 -38.39
CA GLY A 677 18.72 13.03 -37.52
C GLY A 677 18.50 13.42 -36.07
N LYS A 678 19.14 14.52 -35.63
CA LYS A 678 18.94 15.01 -34.28
C LYS A 678 17.49 15.42 -34.04
N VAL A 679 16.91 16.16 -34.98
CA VAL A 679 15.51 16.56 -34.86
C VAL A 679 14.60 15.35 -35.01
N TRP A 680 14.95 14.43 -35.92
CA TRP A 680 14.10 13.28 -36.20
C TRP A 680 13.94 12.38 -34.98
N LYS A 681 14.94 12.35 -34.10
CA LYS A 681 14.86 11.48 -32.93
C LYS A 681 14.33 12.23 -31.70
N GLN A 682 14.71 13.49 -31.53
CA GLN A 682 14.29 14.25 -30.37
C GLN A 682 12.83 14.69 -30.41
N ARG A 683 12.17 14.60 -31.57
CA ARG A 683 10.73 14.90 -31.59
C ARG A 683 9.96 13.92 -30.72
N ILE A 684 10.36 12.66 -30.72
CA ILE A 684 9.74 11.66 -29.85
C ILE A 684 10.40 11.63 -28.47
N SER A 685 11.70 11.91 -28.39
N SER A 685 11.70 11.91 -28.39
CA SER A 685 12.41 11.82 -27.13
CA SER A 685 12.41 11.81 -27.13
C SER A 685 12.17 13.04 -26.25
C SER A 685 12.19 13.04 -26.25
N SER A 686 12.20 14.24 -26.84
CA SER A 686 12.04 15.46 -26.06
C SER A 686 10.59 15.63 -25.60
N PRO A 687 10.37 16.46 -24.57
CA PRO A 687 8.99 16.68 -24.10
C PRO A 687 8.12 17.49 -25.04
N LEU A 688 8.68 17.99 -26.15
CA LEU A 688 7.95 18.93 -26.99
C LEU A 688 6.59 18.38 -27.43
N PHE A 689 6.54 17.11 -27.83
CA PHE A 689 5.33 16.50 -28.32
C PHE A 689 4.73 15.51 -27.33
N ASN A 690 5.25 15.44 -26.10
CA ASN A 690 4.72 14.54 -25.09
C ASN A 690 3.60 15.26 -24.35
N THR A 691 2.36 14.96 -24.74
CA THR A 691 1.21 15.65 -24.16
C THR A 691 0.95 15.23 -22.72
N LYS A 692 1.20 13.96 -22.38
CA LYS A 692 0.97 13.51 -21.01
C LYS A 692 1.90 14.22 -20.04
N GLN A 693 3.16 14.39 -20.41
CA GLN A 693 4.08 15.15 -19.59
C GLN A 693 3.61 16.60 -19.42
N TYR A 694 3.28 17.26 -20.54
CA TYR A 694 2.85 18.65 -20.49
C TYR A 694 1.68 18.86 -19.54
N THR A 695 0.69 17.96 -19.60
CA THR A 695 -0.48 18.10 -18.74
C THR A 695 -0.09 18.00 -17.27
N MET A 696 0.75 17.02 -16.93
CA MET A 696 1.15 16.84 -15.53
C MET A 696 1.90 18.06 -15.02
N GLU A 697 2.71 18.69 -15.87
CA GLU A 697 3.41 19.92 -15.48
C GLU A 697 2.45 21.11 -15.42
N LEU A 698 1.49 21.17 -16.35
CA LEU A 698 0.44 22.18 -16.25
C LEU A 698 -0.33 22.03 -14.94
N GLU A 699 -0.59 20.78 -14.54
CA GLU A 699 -1.26 20.53 -13.26
C GLU A 699 -0.42 21.02 -12.09
N ARG A 700 0.89 20.81 -12.14
CA ARG A 700 1.76 21.29 -11.07
C ARG A 700 1.69 22.81 -10.96
N LEU A 701 1.78 23.51 -12.09
CA LEU A 701 1.69 24.96 -12.08
C LEU A 701 0.34 25.43 -11.57
N TYR A 702 -0.73 24.73 -11.96
CA TYR A 702 -2.05 25.03 -11.44
C TYR A 702 -2.07 24.96 -9.92
N LEU A 703 -1.50 23.89 -9.35
CA LEU A 703 -1.53 23.69 -7.91
C LEU A 703 -0.70 24.75 -7.20
N GLN A 704 0.42 25.18 -7.79
CA GLN A 704 1.19 26.28 -7.22
C GLN A 704 0.35 27.54 -7.14
N MET A 705 -0.37 27.85 -8.22
CA MET A 705 -1.19 29.05 -8.25
C MET A 705 -2.28 29.00 -7.19
N TRP A 706 -2.89 27.83 -7.00
CA TRP A 706 -3.93 27.70 -5.99
C TRP A 706 -3.36 27.74 -4.57
N GLU A 707 -2.21 27.08 -4.36
CA GLU A 707 -1.55 27.13 -3.06
C GLU A 707 -1.23 28.58 -2.69
N HIS A 708 -0.69 29.33 -3.63
CA HIS A 708 -0.46 30.77 -3.45
C HIS A 708 -1.74 31.48 -3.04
N TYR A 709 -2.83 31.26 -3.79
CA TYR A 709 -4.07 31.98 -3.54
C TYR A 709 -4.68 31.57 -2.22
N ALA A 710 -4.78 30.26 -1.96
CA ALA A 710 -5.38 29.79 -0.72
C ALA A 710 -4.57 30.19 0.50
N ALA A 711 -3.27 30.44 0.33
CA ALA A 711 -2.48 30.99 1.43
C ALA A 711 -2.86 32.43 1.75
N GLY A 712 -3.54 33.12 0.83
CA GLY A 712 -3.95 34.49 1.05
C GLY A 712 -3.11 35.48 0.28
N ASN A 713 -2.70 35.10 -0.93
CA ASN A 713 -1.76 35.89 -1.71
C ASN A 713 -2.38 36.28 -3.04
N LYS A 714 -2.34 37.57 -3.36
CA LYS A 714 -2.73 38.01 -4.69
C LYS A 714 -1.66 37.57 -5.69
N PRO A 715 -2.02 37.46 -6.97
CA PRO A 715 -1.15 36.79 -7.93
C PRO A 715 0.27 37.36 -7.96
N ASP A 716 1.24 36.45 -8.07
CA ASP A 716 2.65 36.80 -8.12
C ASP A 716 3.38 35.72 -8.91
N HIS A 717 4.58 36.05 -9.39
CA HIS A 717 5.26 35.21 -10.37
C HIS A 717 5.51 33.81 -9.84
N MET A 718 5.58 32.84 -10.76
CA MET A 718 5.60 31.42 -10.43
C MET A 718 6.80 30.75 -11.07
N ILE A 719 7.68 30.20 -10.25
CA ILE A 719 8.77 29.34 -10.71
C ILE A 719 9.29 28.49 -9.55
N GLN B 2 -6.62 17.42 -60.07
CA GLN B 2 -6.25 16.45 -61.10
C GLN B 2 -4.96 15.74 -60.71
N PHE B 3 -4.16 16.41 -59.87
CA PHE B 3 -3.04 15.82 -59.15
C PHE B 3 -1.84 15.53 -60.03
N MET B 4 -1.68 16.27 -61.13
CA MET B 4 -0.45 16.18 -61.91
C MET B 4 0.67 16.88 -61.16
N PRO B 5 1.89 16.35 -61.22
CA PRO B 5 3.03 17.03 -60.57
C PRO B 5 3.49 18.23 -61.38
N VAL B 6 4.26 19.09 -60.70
CA VAL B 6 4.75 20.30 -61.36
C VAL B 6 5.71 19.94 -62.49
N TYR B 7 6.53 18.92 -62.29
CA TYR B 7 7.34 18.36 -63.37
C TYR B 7 7.29 16.83 -63.25
N GLN B 8 7.95 16.15 -64.18
CA GLN B 8 7.85 14.70 -64.26
C GLN B 8 9.21 14.06 -64.01
N ILE B 9 9.17 12.85 -63.44
CA ILE B 9 10.36 12.08 -63.11
C ILE B 9 10.58 11.05 -64.21
N TYR B 10 11.80 11.01 -64.75
CA TYR B 10 12.09 10.27 -65.96
C TYR B 10 12.84 8.98 -65.64
N LEU B 11 12.49 7.92 -66.38
CA LEU B 11 13.05 6.55 -66.27
C LEU B 11 14.28 6.39 -65.36
N SER C 4 -74.41 -17.17 -48.30
CA SER C 4 -74.93 -16.76 -47.00
C SER C 4 -75.32 -17.96 -46.14
N CYS C 5 -74.86 -19.15 -46.55
CA CYS C 5 -75.23 -20.39 -45.88
C CYS C 5 -74.11 -20.84 -44.96
N PRO C 6 -74.36 -20.99 -43.66
CA PRO C 6 -73.28 -21.35 -42.73
C PRO C 6 -72.60 -22.68 -43.04
N THR C 7 -73.35 -23.69 -43.49
CA THR C 7 -72.71 -24.97 -43.79
C THR C 7 -71.89 -24.90 -45.08
N HIS C 8 -72.31 -24.08 -46.04
CA HIS C 8 -71.49 -23.85 -47.22
C HIS C 8 -70.16 -23.22 -46.84
N ALA C 9 -70.19 -22.22 -45.96
CA ALA C 9 -68.95 -21.60 -45.50
C ALA C 9 -68.11 -22.57 -44.67
N ASP C 10 -68.76 -23.50 -43.97
CA ASP C 10 -68.00 -24.51 -43.22
C ASP C 10 -67.24 -25.44 -44.16
N SER C 11 -67.86 -25.84 -45.27
CA SER C 11 -67.15 -26.66 -46.25
C SER C 11 -65.97 -25.89 -46.84
N LEU C 12 -66.15 -24.60 -47.10
CA LEU C 12 -65.06 -23.77 -47.61
C LEU C 12 -63.93 -23.64 -46.61
N ASN C 13 -64.28 -23.51 -45.32
CA ASN C 13 -63.25 -23.41 -44.27
C ASN C 13 -62.40 -24.68 -44.22
N ASN C 14 -63.04 -25.84 -44.21
CA ASN C 14 -62.29 -27.09 -44.16
C ASN C 14 -61.57 -27.37 -45.47
N LEU C 15 -62.09 -26.85 -46.58
CA LEU C 15 -61.38 -26.94 -47.85
C LEU C 15 -60.11 -26.08 -47.83
N ALA C 16 -60.19 -24.91 -47.18
CA ALA C 16 -59.00 -24.09 -47.03
C ALA C 16 -58.00 -24.72 -46.06
N ASN C 17 -58.50 -25.37 -45.01
CA ASN C 17 -57.62 -26.14 -44.14
C ASN C 17 -56.93 -27.26 -44.92
N ILE C 18 -57.60 -27.80 -45.94
CA ILE C 18 -56.99 -28.81 -46.79
C ILE C 18 -55.76 -28.24 -47.50
N LYS C 19 -55.91 -27.05 -48.09
CA LYS C 19 -54.78 -26.39 -48.73
C LYS C 19 -53.66 -26.11 -47.72
N ARG C 20 -54.01 -25.44 -46.62
CA ARG C 20 -53.02 -25.05 -45.61
C ARG C 20 -52.20 -26.25 -45.12
N GLU C 21 -52.87 -27.38 -44.85
CA GLU C 21 -52.19 -28.52 -44.28
C GLU C 21 -51.15 -29.10 -45.23
N GLN C 22 -51.23 -28.77 -46.52
CA GLN C 22 -50.29 -29.26 -47.53
C GLN C 22 -49.38 -28.18 -48.09
N GLY C 23 -49.81 -26.94 -48.09
CA GLY C 23 -49.09 -25.86 -48.73
C GLY C 23 -50.07 -24.81 -49.23
N ASN C 24 -49.77 -24.25 -50.39
CA ASN C 24 -50.67 -23.31 -51.09
C ASN C 24 -51.33 -22.34 -50.12
N ILE C 25 -50.50 -21.72 -49.28
CA ILE C 25 -51.00 -20.78 -48.28
C ILE C 25 -51.77 -19.65 -48.93
N GLU C 26 -51.49 -19.37 -50.21
CA GLU C 26 -52.29 -18.42 -50.97
C GLU C 26 -53.70 -18.96 -51.23
N GLU C 27 -53.80 -20.25 -51.57
CA GLU C 27 -55.11 -20.86 -51.77
C GLU C 27 -55.87 -20.98 -50.45
N ALA C 28 -55.17 -21.24 -49.35
CA ALA C 28 -55.82 -21.21 -48.05
C ALA C 28 -56.41 -19.84 -47.79
N VAL C 29 -55.67 -18.78 -48.11
CA VAL C 29 -56.17 -17.42 -47.89
C VAL C 29 -57.47 -17.19 -48.65
N ARG C 30 -57.50 -17.52 -49.94
CA ARG C 30 -58.67 -17.18 -50.75
C ARG C 30 -59.91 -17.91 -50.28
N LEU C 31 -59.76 -19.18 -49.88
CA LEU C 31 -60.93 -19.93 -49.43
C LEU C 31 -61.38 -19.49 -48.04
N TYR C 32 -60.43 -19.18 -47.15
CA TYR C 32 -60.81 -18.60 -45.86
C TYR C 32 -61.59 -17.31 -46.05
N ARG C 33 -61.11 -16.43 -46.94
CA ARG C 33 -61.79 -15.16 -47.15
C ARG C 33 -63.12 -15.33 -47.88
N LYS C 34 -63.22 -16.31 -48.78
CA LYS C 34 -64.49 -16.58 -49.43
C LYS C 34 -65.50 -17.15 -48.42
N ALA C 35 -65.03 -18.03 -47.53
CA ALA C 35 -65.90 -18.55 -46.49
C ALA C 35 -66.42 -17.41 -45.61
N LEU C 36 -65.57 -16.43 -45.31
CA LEU C 36 -66.01 -15.27 -44.55
C LEU C 36 -66.97 -14.39 -45.35
N GLU C 37 -66.85 -14.39 -46.68
CA GLU C 37 -67.85 -13.70 -47.49
C GLU C 37 -69.21 -14.38 -47.35
N VAL C 38 -69.23 -15.71 -47.34
CA VAL C 38 -70.49 -16.44 -47.21
C VAL C 38 -71.11 -16.21 -45.84
N PHE C 39 -70.34 -16.41 -44.77
CA PHE C 39 -70.85 -16.34 -43.41
C PHE C 39 -69.87 -15.52 -42.57
N PRO C 40 -70.05 -14.20 -42.50
CA PRO C 40 -69.08 -13.36 -41.77
C PRO C 40 -68.91 -13.73 -40.31
N GLU C 41 -69.98 -14.15 -39.63
CA GLU C 41 -69.89 -14.47 -38.21
C GLU C 41 -69.35 -15.87 -38.00
N PHE C 42 -68.20 -16.17 -38.59
CA PHE C 42 -67.60 -17.50 -38.55
C PHE C 42 -66.21 -17.35 -37.94
N ALA C 43 -66.12 -17.57 -36.63
CA ALA C 43 -64.89 -17.29 -35.91
C ALA C 43 -63.75 -18.21 -36.32
N ALA C 44 -64.06 -19.45 -36.70
CA ALA C 44 -63.02 -20.38 -37.11
C ALA C 44 -62.28 -19.88 -38.35
N ALA C 45 -63.02 -19.36 -39.34
CA ALA C 45 -62.37 -18.85 -40.54
C ALA C 45 -61.64 -17.55 -40.27
N HIS C 46 -62.15 -16.71 -39.36
CA HIS C 46 -61.43 -15.51 -38.98
C HIS C 46 -60.08 -15.85 -38.35
N SER C 47 -60.08 -16.82 -37.43
CA SER C 47 -58.83 -17.21 -36.78
C SER C 47 -57.88 -17.87 -37.77
N ASN C 48 -58.39 -18.76 -38.61
CA ASN C 48 -57.54 -19.46 -39.56
C ASN C 48 -56.94 -18.50 -40.59
N LEU C 49 -57.76 -17.57 -41.10
CA LEU C 49 -57.23 -16.57 -42.04
C LEU C 49 -56.17 -15.71 -41.37
N ALA C 50 -56.40 -15.34 -40.10
CA ALA C 50 -55.42 -14.54 -39.39
C ALA C 50 -54.09 -15.28 -39.25
N SER C 51 -54.13 -16.58 -38.96
CA SER C 51 -52.90 -17.35 -38.79
C SER C 51 -52.08 -17.39 -40.08
N VAL C 52 -52.74 -17.58 -41.22
CA VAL C 52 -52.02 -17.62 -42.49
C VAL C 52 -51.49 -16.24 -42.84
N LEU C 53 -52.32 -15.21 -42.65
CA LEU C 53 -51.86 -13.83 -42.84
C LEU C 53 -50.66 -13.50 -41.96
N GLN C 54 -50.60 -14.12 -40.77
CA GLN C 54 -49.45 -13.88 -39.88
C GLN C 54 -48.18 -14.50 -40.43
N GLN C 55 -48.24 -15.78 -40.83
CA GLN C 55 -47.05 -16.45 -41.34
C GLN C 55 -46.59 -15.84 -42.67
N GLN C 56 -47.45 -15.09 -43.33
CA GLN C 56 -47.08 -14.32 -44.51
C GLN C 56 -46.57 -12.92 -44.16
N GLY C 57 -46.48 -12.58 -42.88
CA GLY C 57 -45.97 -11.30 -42.46
C GLY C 57 -46.96 -10.15 -42.48
N LYS C 58 -48.22 -10.42 -42.81
CA LYS C 58 -49.25 -9.37 -42.86
C LYS C 58 -49.88 -9.25 -41.47
N LEU C 59 -49.06 -8.76 -40.54
CA LEU C 59 -49.40 -8.83 -39.12
C LEU C 59 -50.57 -7.90 -38.76
N GLN C 60 -50.63 -6.73 -39.39
CA GLN C 60 -51.71 -5.79 -39.08
C GLN C 60 -53.07 -6.37 -39.45
N GLU C 61 -53.17 -6.92 -40.67
CA GLU C 61 -54.42 -7.52 -41.10
C GLU C 61 -54.75 -8.75 -40.27
N ALA C 62 -53.74 -9.55 -39.92
CA ALA C 62 -53.95 -10.72 -39.08
C ALA C 62 -54.49 -10.31 -37.71
N LEU C 63 -53.97 -9.21 -37.17
CA LEU C 63 -54.48 -8.71 -35.89
C LEU C 63 -55.96 -8.37 -35.98
N MET C 64 -56.39 -7.84 -37.12
CA MET C 64 -57.79 -7.46 -37.28
C MET C 64 -58.70 -8.68 -37.25
N HIS C 65 -58.33 -9.75 -37.97
CA HIS C 65 -59.17 -10.94 -38.00
C HIS C 65 -59.12 -11.69 -36.67
N TYR C 66 -58.01 -11.61 -35.95
CA TYR C 66 -57.97 -12.19 -34.60
C TYR C 66 -58.95 -11.48 -33.68
N LYS C 67 -58.99 -10.15 -33.73
CA LYS C 67 -59.92 -9.40 -32.90
C LYS C 67 -61.36 -9.73 -33.26
N GLU C 68 -61.63 -9.94 -34.56
CA GLU C 68 -62.98 -10.31 -34.97
C GLU C 68 -63.37 -11.69 -34.46
N ALA C 69 -62.43 -12.64 -34.50
CA ALA C 69 -62.72 -13.99 -33.98
C ALA C 69 -63.01 -13.95 -32.49
N ILE C 70 -62.26 -13.13 -31.74
CA ILE C 70 -62.50 -12.98 -30.31
C ILE C 70 -63.88 -12.39 -30.06
N ARG C 71 -64.30 -11.43 -30.88
CA ARG C 71 -65.59 -10.79 -30.68
C ARG C 71 -66.74 -11.78 -30.90
N ILE C 72 -66.60 -12.67 -31.90
CA ILE C 72 -67.69 -13.57 -32.24
C ILE C 72 -67.92 -14.61 -31.16
N SER C 73 -66.84 -15.18 -30.62
CA SER C 73 -66.93 -16.17 -29.54
C SER C 73 -65.92 -15.83 -28.46
N PRO C 74 -66.36 -15.21 -27.36
CA PRO C 74 -65.41 -14.72 -26.34
C PRO C 74 -64.59 -15.81 -25.67
N THR C 75 -65.07 -17.05 -25.62
CA THR C 75 -64.34 -18.12 -24.96
C THR C 75 -63.22 -18.71 -25.82
N PHE C 76 -62.86 -18.04 -26.92
CA PHE C 76 -61.88 -18.54 -27.88
C PHE C 76 -60.48 -18.20 -27.36
N ALA C 77 -59.99 -19.05 -26.44
CA ALA C 77 -58.68 -18.81 -25.85
C ALA C 77 -57.56 -18.96 -26.86
N ASP C 78 -57.71 -19.87 -27.83
CA ASP C 78 -56.67 -20.07 -28.83
C ASP C 78 -56.41 -18.80 -29.63
N ALA C 79 -57.47 -18.12 -30.05
CA ALA C 79 -57.30 -16.89 -30.82
C ALA C 79 -56.69 -15.78 -29.97
N TYR C 80 -56.98 -15.77 -28.67
CA TYR C 80 -56.27 -14.85 -27.76
C TYR C 80 -54.77 -15.11 -27.81
N SER C 81 -54.36 -16.37 -27.68
CA SER C 81 -52.94 -16.70 -27.63
C SER C 81 -52.25 -16.38 -28.95
N ASN C 82 -52.87 -16.74 -30.07
CA ASN C 82 -52.27 -16.43 -31.38
C ASN C 82 -52.22 -14.94 -31.62
N MET C 83 -53.22 -14.19 -31.14
CA MET C 83 -53.17 -12.73 -31.24
C MET C 83 -51.98 -12.17 -30.48
N GLY C 84 -51.73 -12.69 -29.28
CA GLY C 84 -50.57 -12.24 -28.52
C GLY C 84 -49.27 -12.52 -29.24
N ASN C 85 -49.15 -13.70 -29.86
CA ASN C 85 -47.97 -13.98 -30.67
C ASN C 85 -47.85 -12.99 -31.82
N THR C 86 -48.98 -12.62 -32.43
CA THR C 86 -48.95 -11.62 -33.49
C THR C 86 -48.54 -10.25 -32.95
N LEU C 87 -49.06 -9.88 -31.78
CA LEU C 87 -48.62 -8.63 -31.13
C LEU C 87 -47.14 -8.69 -30.76
N LYS C 88 -46.67 -9.86 -30.30
CA LYS C 88 -45.26 -10.00 -29.97
C LYS C 88 -44.38 -9.72 -31.17
N GLU C 89 -44.79 -10.19 -32.35
CA GLU C 89 -44.05 -9.89 -33.57
C GLU C 89 -44.09 -8.40 -33.90
N MET C 90 -45.20 -7.73 -33.58
CA MET C 90 -45.35 -6.31 -33.87
C MET C 90 -44.68 -5.41 -32.83
N GLN C 91 -43.75 -5.95 -32.04
CA GLN C 91 -42.97 -5.25 -31.03
C GLN C 91 -43.77 -4.90 -29.78
N ASP C 92 -45.08 -5.17 -29.75
CA ASP C 92 -45.93 -4.84 -28.61
C ASP C 92 -45.97 -6.04 -27.67
N VAL C 93 -45.24 -5.95 -26.57
CA VAL C 93 -45.16 -7.07 -25.63
C VAL C 93 -46.24 -6.99 -24.55
N GLN C 94 -46.59 -5.77 -24.08
CA GLN C 94 -47.67 -5.65 -23.11
C GLN C 94 -48.99 -6.14 -23.68
N GLY C 95 -49.29 -5.80 -24.93
CA GLY C 95 -50.47 -6.34 -25.58
C GLY C 95 -50.41 -7.85 -25.69
N ALA C 96 -49.23 -8.39 -25.98
CA ALA C 96 -49.06 -9.84 -26.00
C ALA C 96 -49.31 -10.43 -24.61
N LEU C 97 -48.85 -9.75 -23.56
CA LEU C 97 -49.07 -10.24 -22.20
C LEU C 97 -50.56 -10.29 -21.86
N GLN C 98 -51.31 -9.25 -22.25
CA GLN C 98 -52.74 -9.23 -21.95
C GLN C 98 -53.46 -10.38 -22.66
N CYS C 99 -53.08 -10.67 -23.90
CA CYS C 99 -53.72 -11.75 -24.64
C CYS C 99 -53.46 -13.10 -23.97
N TYR C 100 -52.20 -13.39 -23.64
CA TYR C 100 -51.87 -14.66 -22.99
C TYR C 100 -52.57 -14.79 -21.65
N THR C 101 -52.47 -13.75 -20.82
CA THR C 101 -53.05 -13.81 -19.48
C THR C 101 -54.57 -13.91 -19.53
N ARG C 102 -55.19 -13.25 -20.50
CA ARG C 102 -56.64 -13.34 -20.66
C ARG C 102 -57.05 -14.78 -20.98
N ALA C 103 -56.29 -15.45 -21.84
CA ALA C 103 -56.60 -16.84 -22.19
C ALA C 103 -56.42 -17.76 -20.99
N ILE C 104 -55.30 -17.62 -20.27
CA ILE C 104 -55.09 -18.40 -19.06
C ILE C 104 -56.19 -18.13 -18.04
N GLN C 105 -56.71 -16.90 -18.04
CA GLN C 105 -57.78 -16.54 -17.12
C GLN C 105 -59.12 -17.11 -17.57
N ILE C 106 -59.37 -17.14 -18.88
CA ILE C 106 -60.62 -17.69 -19.39
C ILE C 106 -60.60 -19.21 -19.33
N ASN C 107 -59.58 -19.82 -19.94
CA ASN C 107 -59.37 -21.25 -19.86
C ASN C 107 -58.13 -21.52 -19.04
N PRO C 108 -58.26 -21.89 -17.76
CA PRO C 108 -57.07 -22.14 -16.94
C PRO C 108 -56.21 -23.30 -17.43
N ALA C 109 -56.76 -24.20 -18.25
CA ALA C 109 -56.06 -25.39 -18.70
C ALA C 109 -55.51 -25.26 -20.11
N PHE C 110 -55.54 -24.08 -20.71
CA PHE C 110 -55.00 -23.89 -22.05
C PHE C 110 -53.48 -23.79 -21.95
N ALA C 111 -52.77 -24.83 -22.40
CA ALA C 111 -51.34 -24.91 -22.19
C ALA C 111 -50.57 -23.95 -23.10
N ASP C 112 -51.08 -23.72 -24.32
CA ASP C 112 -50.34 -22.90 -25.28
C ASP C 112 -50.10 -21.50 -24.76
N ALA C 113 -51.08 -20.94 -24.03
CA ALA C 113 -50.91 -19.61 -23.46
C ALA C 113 -49.81 -19.59 -22.41
N HIS C 114 -49.70 -20.65 -21.61
CA HIS C 114 -48.61 -20.71 -20.63
C HIS C 114 -47.25 -20.76 -21.31
N SER C 115 -47.14 -21.53 -22.40
CA SER C 115 -45.89 -21.60 -23.14
C SER C 115 -45.55 -20.25 -23.76
N ASN C 116 -46.55 -19.58 -24.34
CA ASN C 116 -46.32 -18.25 -24.90
C ASN C 116 -45.93 -17.25 -23.82
N LEU C 117 -46.55 -17.34 -22.64
CA LEU C 117 -46.12 -16.53 -21.51
C LEU C 117 -44.72 -16.90 -21.08
N ALA C 118 -44.40 -18.20 -21.07
CA ALA C 118 -43.03 -18.62 -20.78
C ALA C 118 -42.07 -18.07 -21.83
N SER C 119 -42.49 -18.05 -23.09
N SER C 119 -42.49 -18.05 -23.09
CA SER C 119 -41.63 -17.49 -24.14
CA SER C 119 -41.63 -17.50 -24.14
C SER C 119 -41.38 -16.01 -23.92
C SER C 119 -41.38 -16.01 -23.92
N ILE C 120 -42.41 -15.27 -23.50
CA ILE C 120 -42.25 -13.84 -23.26
C ILE C 120 -41.28 -13.59 -22.10
N HIS C 121 -41.30 -14.47 -21.09
CA HIS C 121 -40.36 -14.32 -19.98
C HIS C 121 -38.95 -14.70 -20.41
N LYS C 122 -38.82 -15.77 -21.21
CA LYS C 122 -37.50 -16.20 -21.68
C LYS C 122 -36.84 -15.11 -22.51
N ASP C 123 -37.59 -14.50 -23.44
CA ASP C 123 -37.04 -13.43 -24.26
C ASP C 123 -36.68 -12.20 -23.44
N SER C 124 -37.30 -12.03 -22.26
CA SER C 124 -36.99 -10.91 -21.38
C SER C 124 -35.96 -11.26 -20.32
N GLY C 125 -35.44 -12.49 -20.32
CA GLY C 125 -34.38 -12.87 -19.42
C GLY C 125 -34.83 -13.48 -18.11
N ASN C 126 -36.12 -13.48 -17.81
CA ASN C 126 -36.64 -14.07 -16.57
C ASN C 126 -36.67 -15.60 -16.73
N ILE C 127 -35.48 -16.18 -16.71
CA ILE C 127 -35.36 -17.62 -16.98
C ILE C 127 -36.06 -18.46 -15.92
N PRO C 128 -35.93 -18.21 -14.61
CA PRO C 128 -36.71 -19.00 -13.65
C PRO C 128 -38.20 -18.94 -13.89
N GLU C 129 -38.73 -17.77 -14.25
CA GLU C 129 -40.16 -17.66 -14.53
C GLU C 129 -40.51 -18.33 -15.85
N ALA C 130 -39.62 -18.23 -16.84
CA ALA C 130 -39.85 -18.94 -18.10
C ALA C 130 -39.93 -20.44 -17.86
N ILE C 131 -39.03 -20.97 -17.03
CA ILE C 131 -39.08 -22.39 -16.69
C ILE C 131 -40.39 -22.75 -16.03
N ALA C 132 -40.85 -21.90 -15.10
CA ALA C 132 -42.07 -22.20 -14.36
C ALA C 132 -43.29 -22.29 -15.28
N SER C 133 -43.40 -21.37 -16.23
CA SER C 133 -44.58 -21.39 -17.11
C SER C 133 -44.51 -22.50 -18.14
N TYR C 134 -43.31 -22.85 -18.62
CA TYR C 134 -43.19 -24.01 -19.50
C TYR C 134 -43.58 -25.29 -18.78
N ARG C 135 -43.22 -25.40 -17.51
CA ARG C 135 -43.55 -26.60 -16.74
C ARG C 135 -45.05 -26.69 -16.49
N THR C 136 -45.70 -25.55 -16.25
CA THR C 136 -47.16 -25.54 -16.16
C THR C 136 -47.79 -25.97 -17.49
N ALA C 137 -47.23 -25.49 -18.61
CA ALA C 137 -47.74 -25.89 -19.91
C ALA C 137 -47.58 -27.39 -20.14
N LEU C 138 -46.44 -27.95 -19.73
CA LEU C 138 -46.21 -29.38 -19.94
C LEU C 138 -47.00 -30.24 -18.97
N LYS C 139 -47.41 -29.70 -17.81
CA LYS C 139 -48.30 -30.48 -16.95
C LYS C 139 -49.72 -30.52 -17.51
N LEU C 140 -50.10 -29.49 -18.28
CA LEU C 140 -51.43 -29.50 -18.90
C LEU C 140 -51.44 -30.34 -20.17
N LYS C 141 -50.49 -30.10 -21.08
CA LYS C 141 -50.37 -30.85 -22.33
C LYS C 141 -48.97 -31.44 -22.39
N PRO C 142 -48.77 -32.67 -21.89
CA PRO C 142 -47.43 -33.27 -21.91
C PRO C 142 -46.83 -33.40 -23.31
N ASP C 143 -47.64 -33.72 -24.31
CA ASP C 143 -47.15 -33.84 -25.68
C ASP C 143 -47.16 -32.44 -26.29
N PHE C 144 -46.01 -31.76 -26.20
CA PHE C 144 -45.93 -30.35 -26.53
C PHE C 144 -44.50 -30.01 -26.92
N PRO C 145 -44.10 -30.26 -28.18
CA PRO C 145 -42.70 -30.04 -28.57
C PRO C 145 -42.20 -28.62 -28.36
N ASP C 146 -43.04 -27.61 -28.60
CA ASP C 146 -42.59 -26.23 -28.45
C ASP C 146 -42.21 -25.93 -27.01
N ALA C 147 -43.08 -26.28 -26.07
CA ALA C 147 -42.79 -26.01 -24.66
C ALA C 147 -41.59 -26.83 -24.17
N TYR C 148 -41.48 -28.08 -24.62
CA TYR C 148 -40.40 -28.94 -24.14
C TYR C 148 -39.04 -28.45 -24.62
N CYS C 149 -38.93 -28.07 -25.89
CA CYS C 149 -37.64 -27.67 -26.43
C CYS C 149 -37.22 -26.31 -25.88
N ASN C 150 -38.17 -25.39 -25.72
CA ASN C 150 -37.85 -24.11 -25.09
C ASN C 150 -37.45 -24.31 -23.63
N LEU C 151 -38.15 -25.19 -22.91
CA LEU C 151 -37.75 -25.51 -21.54
C LEU C 151 -36.39 -26.18 -21.51
N ALA C 152 -36.10 -27.02 -22.50
CA ALA C 152 -34.79 -27.66 -22.58
C ALA C 152 -33.68 -26.62 -22.69
N HIS C 153 -33.88 -25.60 -23.52
CA HIS C 153 -32.90 -24.52 -23.63
C HIS C 153 -32.82 -23.71 -22.35
N CYS C 154 -33.95 -23.52 -21.66
CA CYS C 154 -33.95 -22.80 -20.39
C CYS C 154 -33.11 -23.54 -19.34
N LEU C 155 -33.30 -24.85 -19.23
CA LEU C 155 -32.49 -25.63 -18.29
C LEU C 155 -31.02 -25.63 -18.70
N GLN C 156 -30.75 -25.63 -20.00
CA GLN C 156 -29.37 -25.50 -20.47
C GLN C 156 -28.77 -24.16 -20.07
N ILE C 157 -29.57 -23.09 -20.14
CA ILE C 157 -29.07 -21.76 -19.80
C ILE C 157 -28.68 -21.69 -18.34
N VAL C 158 -29.47 -22.31 -17.45
CA VAL C 158 -29.24 -22.24 -16.02
C VAL C 158 -28.46 -23.45 -15.51
N CYS C 159 -27.95 -24.30 -16.40
CA CYS C 159 -27.16 -25.47 -16.02
C CYS C 159 -27.93 -26.41 -15.09
N ASP C 160 -29.22 -26.57 -15.37
CA ASP C 160 -30.02 -27.60 -14.70
C ASP C 160 -29.92 -28.87 -15.55
N TRP C 161 -29.10 -29.81 -15.09
CA TRP C 161 -28.83 -31.03 -15.84
C TRP C 161 -29.65 -32.22 -15.31
N THR C 162 -30.84 -31.97 -14.80
CA THR C 162 -31.70 -33.05 -14.34
C THR C 162 -32.18 -33.88 -15.52
N ASP C 163 -31.96 -35.20 -15.44
CA ASP C 163 -32.33 -36.13 -16.50
C ASP C 163 -31.75 -35.69 -17.85
N TYR C 164 -30.47 -35.32 -17.84
CA TYR C 164 -29.85 -34.71 -19.02
C TYR C 164 -29.83 -35.67 -20.20
N ASP C 165 -29.40 -36.91 -19.98
CA ASP C 165 -29.21 -37.84 -21.10
C ASP C 165 -30.53 -38.19 -21.77
N GLU C 166 -31.56 -38.48 -20.98
CA GLU C 166 -32.87 -38.75 -21.57
C GLU C 166 -33.48 -37.50 -22.19
N ARG C 167 -33.20 -36.32 -21.61
CA ARG C 167 -33.66 -35.08 -22.22
C ARG C 167 -33.09 -34.89 -23.62
N MET C 168 -31.80 -35.22 -23.79
CA MET C 168 -31.17 -35.06 -25.10
C MET C 168 -31.81 -35.97 -26.15
N LYS C 169 -31.98 -37.25 -25.83
CA LYS C 169 -32.55 -38.16 -26.82
C LYS C 169 -34.04 -37.96 -27.00
N LYS C 170 -34.74 -37.39 -26.01
CA LYS C 170 -36.10 -36.93 -26.25
C LYS C 170 -36.11 -35.79 -27.25
N LEU C 171 -35.13 -34.89 -27.16
CA LEU C 171 -35.01 -33.82 -28.16
C LEU C 171 -34.79 -34.39 -29.56
N VAL C 172 -33.94 -35.41 -29.67
CA VAL C 172 -33.67 -36.02 -30.97
C VAL C 172 -34.93 -36.69 -31.50
N SER C 173 -35.73 -37.29 -30.62
CA SER C 173 -36.97 -37.91 -31.06
C SER C 173 -37.96 -36.88 -31.59
N ILE C 174 -38.05 -35.73 -30.92
CA ILE C 174 -39.01 -34.70 -31.34
C ILE C 174 -38.66 -34.16 -32.72
N VAL C 175 -37.38 -33.81 -32.94
CA VAL C 175 -36.98 -33.24 -34.21
C VAL C 175 -37.13 -34.27 -35.33
N ALA C 176 -36.75 -35.52 -35.06
CA ALA C 176 -36.83 -36.56 -36.09
C ALA C 176 -38.27 -36.76 -36.56
N ASP C 177 -39.22 -36.78 -35.63
CA ASP C 177 -40.62 -36.90 -36.01
C ASP C 177 -41.09 -35.66 -36.78
N GLN C 178 -40.76 -34.48 -36.27
CA GLN C 178 -41.18 -33.24 -36.94
C GLN C 178 -40.60 -33.14 -38.33
N LEU C 179 -39.37 -33.63 -38.53
CA LEU C 179 -38.75 -33.60 -39.86
C LEU C 179 -39.53 -34.48 -40.84
N GLU C 180 -39.87 -35.70 -40.43
CA GLU C 180 -40.61 -36.59 -41.33
C GLU C 180 -42.02 -36.06 -41.57
N LYS C 181 -42.66 -35.51 -40.54
CA LYS C 181 -44.02 -34.99 -40.65
C LYS C 181 -44.07 -33.59 -41.27
N ASN C 182 -43.00 -33.13 -41.89
CA ASN C 182 -42.94 -31.83 -42.56
C ASN C 182 -43.43 -30.70 -41.66
N ARG C 183 -42.92 -30.68 -40.43
CA ARG C 183 -43.24 -29.62 -39.49
C ARG C 183 -41.97 -28.86 -39.16
N LEU C 184 -42.12 -27.58 -38.86
CA LEU C 184 -40.96 -26.78 -38.47
C LEU C 184 -40.40 -27.30 -37.16
N PRO C 185 -39.12 -27.66 -37.11
CA PRO C 185 -38.56 -28.22 -35.87
C PRO C 185 -38.69 -27.25 -34.70
N SER C 186 -38.96 -27.81 -33.53
CA SER C 186 -39.06 -27.03 -32.30
C SER C 186 -37.70 -26.61 -31.76
N VAL C 187 -36.61 -27.14 -32.32
CA VAL C 187 -35.26 -26.77 -31.91
C VAL C 187 -34.76 -25.67 -32.84
N HIS C 188 -34.28 -24.58 -32.27
CA HIS C 188 -33.74 -23.49 -33.07
C HIS C 188 -32.38 -23.90 -33.66
N PRO C 189 -32.09 -23.52 -34.91
CA PRO C 189 -30.78 -23.89 -35.49
C PRO C 189 -29.60 -23.39 -34.68
N HIS C 190 -29.74 -22.20 -34.09
CA HIS C 190 -28.69 -21.68 -33.21
C HIS C 190 -28.53 -22.56 -31.97
N HIS C 191 -29.62 -23.16 -31.50
CA HIS C 191 -29.55 -24.04 -30.33
C HIS C 191 -29.12 -25.46 -30.69
N SER C 192 -29.41 -25.91 -31.92
CA SER C 192 -29.21 -27.31 -32.28
C SER C 192 -27.77 -27.76 -32.14
N MET C 193 -26.81 -26.83 -32.15
CA MET C 193 -25.41 -27.16 -31.98
C MET C 193 -25.06 -27.58 -30.56
N LEU C 194 -25.96 -27.39 -29.59
CA LEU C 194 -25.72 -27.81 -28.22
C LEU C 194 -26.20 -29.23 -27.94
N TYR C 195 -27.15 -29.74 -28.72
CA TYR C 195 -27.75 -31.04 -28.50
C TYR C 195 -27.13 -32.09 -29.42
N PRO C 196 -27.09 -33.35 -29.00
CA PRO C 196 -26.46 -34.42 -29.83
C PRO C 196 -27.32 -34.82 -31.02
N LEU C 197 -27.35 -33.96 -32.03
CA LEU C 197 -28.07 -34.24 -33.26
C LEU C 197 -27.09 -34.54 -34.39
N SER C 198 -27.58 -35.25 -35.40
CA SER C 198 -26.76 -35.54 -36.56
C SER C 198 -26.53 -34.27 -37.38
N HIS C 199 -25.46 -34.27 -38.15
CA HIS C 199 -25.16 -33.10 -38.98
C HIS C 199 -26.22 -32.90 -40.04
N GLY C 200 -26.83 -33.99 -40.54
CA GLY C 200 -27.96 -33.84 -41.43
C GLY C 200 -29.17 -33.24 -40.75
N PHE C 201 -29.41 -33.64 -39.49
CA PHE C 201 -30.53 -33.06 -38.74
C PHE C 201 -30.35 -31.56 -38.53
N ARG C 202 -29.13 -31.16 -38.15
CA ARG C 202 -28.88 -29.73 -37.92
C ARG C 202 -29.05 -28.93 -39.20
N LYS C 203 -28.54 -29.44 -40.32
CA LYS C 203 -28.70 -28.75 -41.60
C LYS C 203 -30.16 -28.69 -42.00
N ALA C 204 -30.91 -29.77 -41.73
CA ALA C 204 -32.34 -29.77 -42.03
C ALA C 204 -33.07 -28.70 -41.23
N ILE C 205 -32.75 -28.56 -39.94
CA ILE C 205 -33.38 -27.54 -39.11
C ILE C 205 -33.10 -26.15 -39.66
N ALA C 206 -31.85 -25.90 -40.06
CA ALA C 206 -31.51 -24.62 -40.66
C ALA C 206 -32.28 -24.39 -41.96
N GLU C 207 -32.42 -25.43 -42.77
CA GLU C 207 -33.16 -25.30 -44.03
C GLU C 207 -34.61 -24.94 -43.79
N ARG C 208 -35.25 -25.58 -42.80
CA ARG C 208 -36.66 -25.32 -42.52
C ARG C 208 -36.87 -23.89 -42.05
N HIS C 209 -35.90 -23.31 -41.37
CA HIS C 209 -36.03 -21.93 -40.89
C HIS C 209 -35.81 -20.92 -42.02
N GLY C 210 -34.96 -21.25 -42.99
CA GLY C 210 -34.83 -20.40 -44.17
C GLY C 210 -36.08 -20.37 -45.01
N ASN C 211 -36.81 -21.48 -45.08
CA ASN C 211 -38.05 -21.52 -45.85
C ASN C 211 -39.14 -20.65 -45.24
N LEU C 212 -39.03 -20.30 -43.96
CA LEU C 212 -39.93 -19.30 -43.38
C LEU C 212 -39.72 -17.96 -44.07
N CYS C 213 -38.47 -17.61 -44.38
CA CYS C 213 -38.20 -16.39 -45.13
C CYS C 213 -38.86 -16.43 -46.50
N LEU C 214 -38.80 -17.60 -47.16
CA LEU C 214 -39.47 -17.74 -48.45
C LEU C 214 -40.97 -17.52 -48.32
N ASP C 215 -41.57 -17.93 -47.21
CA ASP C 215 -43.00 -17.72 -47.00
C ASP C 215 -43.34 -16.24 -47.00
N LYS C 216 -42.48 -15.40 -46.39
CA LYS C 216 -42.78 -13.98 -46.30
C LYS C 216 -42.35 -13.21 -47.54
N ILE C 217 -41.35 -13.68 -48.28
CA ILE C 217 -40.94 -12.97 -49.49
C ILE C 217 -41.82 -13.31 -50.68
N ASN C 218 -42.48 -14.47 -50.67
CA ASN C 218 -43.34 -14.85 -51.80
C ASN C 218 -44.61 -14.00 -51.84
N VAL C 219 -45.07 -13.51 -50.69
CA VAL C 219 -46.25 -12.64 -50.67
C VAL C 219 -45.97 -11.30 -51.29
N LEU C 220 -44.70 -10.97 -51.54
CA LEU C 220 -44.33 -9.71 -52.15
C LEU C 220 -44.30 -9.76 -53.67
N HIS C 221 -44.14 -10.96 -54.25
CA HIS C 221 -44.21 -11.16 -55.71
C HIS C 221 -43.19 -10.30 -56.45
N LYS C 222 -41.91 -10.58 -56.20
CA LYS C 222 -40.86 -9.79 -56.82
C LYS C 222 -40.09 -10.60 -57.84
N PRO C 223 -39.92 -10.08 -59.06
CA PRO C 223 -39.10 -10.78 -60.05
C PRO C 223 -37.65 -10.87 -59.61
N PRO C 224 -36.93 -11.91 -60.03
CA PRO C 224 -35.51 -12.01 -59.68
C PRO C 224 -34.70 -10.85 -60.22
N TYR C 225 -33.65 -10.51 -59.47
CA TYR C 225 -32.83 -9.35 -59.80
C TYR C 225 -31.82 -9.66 -60.90
N GLU C 226 -31.41 -8.62 -61.62
CA GLU C 226 -30.36 -8.72 -62.62
C GLU C 226 -29.05 -8.24 -62.01
N HIS C 227 -28.10 -9.15 -61.91
CA HIS C 227 -26.86 -8.85 -61.20
C HIS C 227 -25.78 -8.39 -62.17
N PRO C 228 -24.89 -7.50 -61.72
CA PRO C 228 -23.78 -7.08 -62.57
C PRO C 228 -22.92 -8.25 -62.98
N LYS C 229 -22.54 -8.29 -64.26
CA LYS C 229 -21.70 -9.34 -64.80
C LYS C 229 -20.23 -8.96 -64.80
N ASP C 230 -19.90 -7.74 -64.39
CA ASP C 230 -18.55 -7.23 -64.45
C ASP C 230 -18.46 -6.02 -63.54
N LEU C 231 -17.22 -5.60 -63.28
CA LEU C 231 -16.96 -4.43 -62.44
C LEU C 231 -16.83 -3.15 -63.28
N LYS C 232 -17.81 -2.90 -64.16
CA LYS C 232 -17.71 -1.78 -65.07
C LYS C 232 -18.21 -0.46 -64.46
N LEU C 233 -19.37 -0.48 -63.80
CA LEU C 233 -19.96 0.73 -63.23
C LEU C 233 -19.33 1.11 -61.90
N SER C 234 -18.25 0.43 -61.53
CA SER C 234 -17.59 0.67 -60.24
C SER C 234 -16.08 0.77 -60.37
N ASP C 235 -15.55 1.00 -61.58
CA ASP C 235 -14.13 1.24 -61.80
C ASP C 235 -13.26 0.08 -61.34
N GLY C 236 -13.71 -1.14 -61.66
CA GLY C 236 -12.98 -2.32 -61.22
C GLY C 236 -13.01 -2.55 -59.73
N ARG C 237 -13.85 -1.83 -59.00
CA ARG C 237 -14.01 -2.03 -57.56
C ARG C 237 -15.12 -3.03 -57.31
N LEU C 238 -14.81 -4.06 -56.54
CA LEU C 238 -15.83 -5.02 -56.14
C LEU C 238 -16.68 -4.39 -55.05
N ARG C 239 -17.99 -4.39 -55.25
CA ARG C 239 -18.91 -3.79 -54.28
C ARG C 239 -19.31 -4.87 -53.26
N VAL C 240 -18.87 -4.68 -52.02
CA VAL C 240 -19.08 -5.65 -50.94
C VAL C 240 -20.00 -5.01 -49.92
N GLY C 241 -21.10 -5.70 -49.62
CA GLY C 241 -22.07 -5.19 -48.67
C GLY C 241 -22.21 -6.05 -47.42
N TYR C 242 -21.95 -5.46 -46.27
CA TYR C 242 -22.06 -6.16 -44.99
C TYR C 242 -23.41 -5.84 -44.36
N VAL C 243 -24.22 -6.87 -44.13
CA VAL C 243 -25.55 -6.72 -43.57
C VAL C 243 -25.55 -7.31 -42.17
N SER C 244 -25.80 -6.46 -41.17
CA SER C 244 -25.79 -6.89 -39.78
C SER C 244 -26.71 -6.01 -38.96
N SER C 245 -27.30 -6.62 -37.93
CA SER C 245 -28.03 -5.90 -36.90
C SER C 245 -27.17 -5.57 -35.69
N ASP C 246 -25.85 -5.64 -35.84
CA ASP C 246 -24.93 -5.58 -34.71
C ASP C 246 -23.83 -4.56 -34.93
N PHE C 247 -24.10 -3.51 -35.69
CA PHE C 247 -23.19 -2.37 -35.80
C PHE C 247 -23.43 -1.49 -34.58
N GLY C 248 -22.75 -1.82 -33.49
CA GLY C 248 -22.97 -1.13 -32.23
C GLY C 248 -22.28 -1.86 -31.11
N ASN C 249 -22.75 -1.64 -29.89
CA ASN C 249 -22.13 -2.27 -28.73
C ASN C 249 -22.51 -3.75 -28.67
N HIS C 250 -22.05 -4.51 -29.65
CA HIS C 250 -22.32 -5.93 -29.80
C HIS C 250 -21.01 -6.64 -30.08
N PRO C 251 -20.86 -7.90 -29.65
CA PRO C 251 -19.58 -8.59 -29.85
C PRO C 251 -19.13 -8.65 -31.30
N THR C 252 -20.06 -8.67 -32.25
CA THR C 252 -19.68 -8.65 -33.66
C THR C 252 -18.83 -7.43 -33.98
N SER C 253 -19.28 -6.25 -33.55
CA SER C 253 -18.49 -5.03 -33.78
C SER C 253 -17.17 -5.11 -33.04
N HIS C 254 -17.17 -5.67 -31.83
CA HIS C 254 -15.91 -5.85 -31.10
C HIS C 254 -14.92 -6.71 -31.87
N LEU C 255 -15.40 -7.52 -32.81
CA LEU C 255 -14.53 -8.38 -33.60
C LEU C 255 -14.02 -7.70 -34.87
N MET C 256 -14.87 -6.98 -35.61
CA MET C 256 -14.53 -6.56 -36.96
C MET C 256 -14.77 -5.07 -37.22
N GLN C 257 -14.89 -4.25 -36.18
CA GLN C 257 -15.22 -2.84 -36.43
C GLN C 257 -14.14 -2.11 -37.23
N SER C 258 -12.92 -2.63 -37.26
CA SER C 258 -11.84 -2.01 -38.01
C SER C 258 -11.74 -2.51 -39.45
N ILE C 259 -12.54 -3.50 -39.83
CA ILE C 259 -12.39 -4.17 -41.11
C ILE C 259 -12.82 -3.25 -42.26
N PRO C 260 -13.99 -2.60 -42.22
CA PRO C 260 -14.39 -1.77 -43.37
C PRO C 260 -13.39 -0.67 -43.72
N GLY C 261 -12.77 -0.05 -42.73
CA GLY C 261 -11.82 1.02 -43.00
C GLY C 261 -10.51 0.54 -43.58
N MET C 262 -10.18 -0.73 -43.39
CA MET C 262 -8.94 -1.29 -43.88
C MET C 262 -9.04 -1.89 -45.27
N HIS C 263 -10.23 -1.87 -45.87
CA HIS C 263 -10.38 -2.33 -47.24
C HIS C 263 -9.64 -1.42 -48.20
N ASN C 264 -9.22 -1.99 -49.33
CA ASN C 264 -8.45 -1.24 -50.30
C ASN C 264 -9.38 -0.40 -51.18
N PRO C 265 -9.29 0.92 -51.12
CA PRO C 265 -10.22 1.74 -51.92
C PRO C 265 -9.99 1.65 -53.42
N ASP C 266 -8.85 1.13 -53.87
CA ASP C 266 -8.61 0.99 -55.30
C ASP C 266 -9.36 -0.20 -55.89
N LYS C 267 -9.57 -1.26 -55.10
CA LYS C 267 -10.19 -2.47 -55.57
C LYS C 267 -11.56 -2.74 -54.96
N PHE C 268 -11.96 -2.02 -53.91
CA PHE C 268 -13.17 -2.37 -53.18
C PHE C 268 -13.97 -1.13 -52.81
N GLU C 269 -15.29 -1.29 -52.81
CA GLU C 269 -16.22 -0.27 -52.35
C GLU C 269 -17.11 -0.92 -51.29
N VAL C 270 -17.06 -0.39 -50.07
CA VAL C 270 -17.60 -1.06 -48.89
C VAL C 270 -18.94 -0.45 -48.54
N PHE C 271 -19.98 -1.28 -48.49
CA PHE C 271 -21.32 -0.88 -48.09
C PHE C 271 -21.69 -1.58 -46.79
N CYS C 272 -22.11 -0.80 -45.80
CA CYS C 272 -22.58 -1.35 -44.54
C CYS C 272 -24.08 -1.09 -44.41
N TYR C 273 -24.85 -2.16 -44.26
CA TYR C 273 -26.29 -2.09 -44.11
C TYR C 273 -26.64 -2.43 -42.67
N ALA C 274 -27.05 -1.44 -41.90
CA ALA C 274 -27.43 -1.66 -40.51
C ALA C 274 -28.89 -2.08 -40.45
N LEU C 275 -29.14 -3.22 -39.83
CA LEU C 275 -30.51 -3.67 -39.57
C LEU C 275 -31.06 -3.12 -38.27
N SER C 276 -30.25 -2.38 -37.52
CA SER C 276 -30.61 -1.80 -36.24
C SER C 276 -30.30 -0.31 -36.24
N PRO C 277 -31.05 0.48 -35.48
CA PRO C 277 -30.81 1.93 -35.46
C PRO C 277 -29.55 2.27 -34.69
N ASP C 278 -29.13 3.53 -34.84
CA ASP C 278 -27.94 4.03 -34.16
C ASP C 278 -28.15 3.97 -32.65
N ASP C 279 -27.27 3.23 -31.97
CA ASP C 279 -27.33 3.11 -30.51
C ASP C 279 -26.48 4.13 -29.78
N GLY C 280 -25.73 4.98 -30.50
CA GLY C 280 -24.94 6.01 -29.88
C GLY C 280 -23.53 5.61 -29.49
N THR C 281 -23.18 4.33 -29.59
CA THR C 281 -21.85 3.89 -29.21
C THR C 281 -20.84 4.24 -30.29
N ASN C 282 -19.56 4.27 -29.89
CA ASN C 282 -18.49 4.56 -30.83
C ASN C 282 -18.27 3.45 -31.83
N PHE C 283 -18.70 2.22 -31.52
CA PHE C 283 -18.62 1.15 -32.51
C PHE C 283 -19.45 1.48 -33.74
N ARG C 284 -20.67 1.97 -33.52
CA ARG C 284 -21.50 2.44 -34.63
C ARG C 284 -20.86 3.64 -35.31
N VAL C 285 -20.28 4.55 -34.53
CA VAL C 285 -19.66 5.75 -35.10
C VAL C 285 -18.49 5.37 -35.98
N LYS C 286 -17.66 4.43 -35.53
CA LYS C 286 -16.49 4.03 -36.32
C LYS C 286 -16.90 3.38 -37.64
N VAL C 287 -17.89 2.49 -37.59
CA VAL C 287 -18.31 1.79 -38.81
C VAL C 287 -18.93 2.77 -39.79
N MET C 288 -19.75 3.70 -39.29
CA MET C 288 -20.38 4.68 -40.16
C MET C 288 -19.34 5.57 -40.83
N ALA C 289 -18.31 5.98 -40.09
CA ALA C 289 -17.33 6.91 -40.62
C ALA C 289 -16.42 6.25 -41.66
N GLU C 290 -15.99 5.02 -41.39
CA GLU C 290 -14.94 4.40 -42.18
C GLU C 290 -15.46 3.62 -43.38
N ALA C 291 -16.69 3.12 -43.32
CA ALA C 291 -17.27 2.46 -44.49
C ALA C 291 -17.50 3.48 -45.59
N ASN C 292 -17.31 3.04 -46.84
CA ASN C 292 -17.53 3.93 -47.98
C ASN C 292 -18.97 4.41 -48.03
N HIS C 293 -19.92 3.53 -47.69
CA HIS C 293 -21.32 3.90 -47.55
C HIS C 293 -21.92 3.18 -46.37
N PHE C 294 -22.77 3.88 -45.62
CA PHE C 294 -23.50 3.30 -44.51
C PHE C 294 -24.99 3.55 -44.73
N ILE C 295 -25.78 2.47 -44.73
CA ILE C 295 -27.22 2.54 -44.99
C ILE C 295 -27.94 1.98 -43.78
N ASP C 296 -28.87 2.77 -43.24
CA ASP C 296 -29.66 2.36 -42.08
C ASP C 296 -30.92 1.68 -42.59
N LEU C 297 -30.86 0.35 -42.76
CA LEU C 297 -32.04 -0.39 -43.21
C LEU C 297 -33.09 -0.52 -42.13
N SER C 298 -32.78 -0.21 -40.88
CA SER C 298 -33.82 -0.16 -39.85
C SER C 298 -34.86 0.90 -40.15
N GLN C 299 -34.54 1.86 -41.01
CA GLN C 299 -35.48 2.86 -41.48
C GLN C 299 -36.29 2.38 -42.68
N ILE C 300 -35.99 1.18 -43.19
CA ILE C 300 -36.73 0.60 -44.31
C ILE C 300 -37.28 -0.75 -43.85
N PRO C 301 -38.44 -0.77 -43.18
CA PRO C 301 -38.96 -2.05 -42.68
C PRO C 301 -39.30 -3.06 -43.78
N CYS C 302 -39.76 -2.61 -44.94
CA CYS C 302 -40.20 -3.53 -45.98
C CYS C 302 -39.01 -4.30 -46.54
N ASN C 303 -39.14 -5.63 -46.58
CA ASN C 303 -38.04 -6.45 -47.10
C ASN C 303 -37.84 -6.23 -48.59
N GLY C 304 -38.92 -6.13 -49.36
CA GLY C 304 -38.78 -5.92 -50.79
C GLY C 304 -38.16 -4.58 -51.12
N LYS C 305 -38.54 -3.53 -50.39
CA LYS C 305 -38.01 -2.21 -50.66
C LYS C 305 -36.56 -2.09 -50.23
N ALA C 306 -36.20 -2.74 -49.11
CA ALA C 306 -34.80 -2.74 -48.67
C ALA C 306 -33.92 -3.55 -49.61
N ALA C 307 -34.41 -4.69 -50.08
CA ALA C 307 -33.65 -5.47 -51.05
C ALA C 307 -33.47 -4.71 -52.35
N ASP C 308 -34.48 -3.93 -52.74
CA ASP C 308 -34.35 -3.04 -53.89
C ASP C 308 -33.22 -2.04 -53.68
N ARG C 309 -33.12 -1.50 -52.47
CA ARG C 309 -32.04 -0.57 -52.14
C ARG C 309 -30.67 -1.26 -52.26
N ILE C 310 -30.56 -2.49 -51.77
CA ILE C 310 -29.32 -3.24 -51.91
C ILE C 310 -29.01 -3.47 -53.40
N HIS C 311 -30.06 -3.74 -54.18
CA HIS C 311 -29.86 -3.97 -55.62
C HIS C 311 -29.36 -2.72 -56.32
N GLN C 312 -29.98 -1.58 -56.06
CA GLN C 312 -29.61 -0.36 -56.78
C GLN C 312 -28.25 0.18 -56.37
N ASP C 313 -27.67 -0.32 -55.29
CA ASP C 313 -26.30 0.03 -54.92
C ASP C 313 -25.27 -0.75 -55.74
N GLY C 314 -25.68 -1.77 -56.49
CA GLY C 314 -24.78 -2.51 -57.33
C GLY C 314 -23.92 -3.54 -56.63
N ILE C 315 -24.39 -4.08 -55.51
CA ILE C 315 -23.58 -5.00 -54.71
C ILE C 315 -23.26 -6.24 -55.51
N HIS C 316 -21.98 -6.64 -55.47
CA HIS C 316 -21.52 -7.89 -56.08
C HIS C 316 -21.49 -9.03 -55.07
N ILE C 317 -20.94 -8.79 -53.89
CA ILE C 317 -20.91 -9.79 -52.82
C ILE C 317 -21.58 -9.20 -51.60
N LEU C 318 -22.64 -9.86 -51.13
CA LEU C 318 -23.38 -9.46 -49.94
C LEU C 318 -23.06 -10.43 -48.82
N VAL C 319 -22.63 -9.91 -47.68
CA VAL C 319 -22.15 -10.72 -46.57
C VAL C 319 -23.23 -10.74 -45.49
N ASN C 320 -23.65 -11.94 -45.08
CA ASN C 320 -24.62 -12.11 -44.01
C ASN C 320 -23.84 -12.34 -42.72
N MET C 321 -23.96 -11.40 -41.78
CA MET C 321 -23.27 -11.49 -40.50
C MET C 321 -24.23 -11.78 -39.36
N ASN C 322 -25.41 -12.32 -39.66
CA ASN C 322 -26.40 -12.63 -38.64
C ASN C 322 -26.78 -14.10 -38.59
N GLY C 323 -26.97 -14.73 -39.75
CA GLY C 323 -27.48 -16.09 -39.72
C GLY C 323 -28.83 -16.14 -39.04
N TYR C 324 -29.03 -17.15 -38.20
CA TYR C 324 -30.26 -17.28 -37.43
C TYR C 324 -30.01 -16.81 -35.99
N THR C 325 -29.90 -15.49 -35.85
CA THR C 325 -29.73 -14.84 -34.55
C THR C 325 -30.69 -13.65 -34.47
N LYS C 326 -30.71 -13.01 -33.32
CA LYS C 326 -31.66 -11.93 -33.06
C LYS C 326 -31.36 -10.73 -33.96
N GLY C 327 -32.42 -10.13 -34.50
CA GLY C 327 -32.30 -9.01 -35.40
C GLY C 327 -32.06 -9.39 -36.85
N ALA C 328 -32.00 -10.68 -37.17
CA ALA C 328 -31.73 -11.10 -38.53
C ALA C 328 -32.89 -10.76 -39.45
N ARG C 329 -32.56 -10.39 -40.68
CA ARG C 329 -33.54 -10.12 -41.73
C ARG C 329 -33.20 -10.95 -42.96
N ASN C 330 -33.02 -12.25 -42.75
CA ASN C 330 -32.64 -13.17 -43.82
C ASN C 330 -33.56 -13.11 -45.03
N GLU C 331 -34.75 -12.52 -44.89
CA GLU C 331 -35.63 -12.32 -46.03
C GLU C 331 -34.92 -11.54 -47.14
N LEU C 332 -34.09 -10.57 -46.76
CA LEU C 332 -33.35 -9.80 -47.74
C LEU C 332 -32.47 -10.69 -48.60
N PHE C 333 -31.77 -11.64 -47.97
CA PHE C 333 -30.89 -12.53 -48.72
C PHE C 333 -31.71 -13.53 -49.53
N ALA C 334 -32.94 -13.83 -49.12
CA ALA C 334 -33.78 -14.75 -49.87
C ALA C 334 -34.28 -14.15 -51.18
N LEU C 335 -34.34 -12.83 -51.27
CA LEU C 335 -34.68 -12.16 -52.52
C LEU C 335 -33.49 -12.07 -53.47
N ARG C 336 -32.32 -12.55 -53.05
CA ARG C 336 -31.10 -12.60 -53.85
C ARG C 336 -30.81 -11.27 -54.57
N PRO C 337 -30.59 -10.18 -53.85
CA PRO C 337 -30.27 -8.91 -54.51
C PRO C 337 -28.85 -8.85 -55.06
N ALA C 338 -27.99 -9.80 -54.73
CA ALA C 338 -26.59 -9.78 -55.14
C ALA C 338 -26.21 -11.11 -55.77
N PRO C 339 -25.26 -11.09 -56.71
CA PRO C 339 -24.85 -12.35 -57.36
C PRO C 339 -24.23 -13.35 -56.41
N ILE C 340 -23.18 -12.94 -55.70
CA ILE C 340 -22.50 -13.78 -54.72
C ILE C 340 -23.00 -13.39 -53.33
N GLN C 341 -23.44 -14.36 -52.56
CA GLN C 341 -23.97 -14.14 -51.22
C GLN C 341 -23.33 -15.14 -50.28
N ALA C 342 -22.71 -14.64 -49.20
CA ALA C 342 -21.90 -15.48 -48.33
C ALA C 342 -22.19 -15.17 -46.87
N MET C 343 -21.83 -16.12 -46.01
CA MET C 343 -21.99 -16.00 -44.57
C MET C 343 -20.62 -15.76 -43.94
N TRP C 344 -20.57 -14.92 -42.91
CA TRP C 344 -19.28 -14.56 -42.33
C TRP C 344 -19.44 -14.10 -40.89
N LEU C 345 -18.86 -14.85 -39.95
CA LEU C 345 -18.48 -14.39 -38.61
C LEU C 345 -19.65 -14.16 -37.66
N GLY C 346 -20.88 -14.18 -38.14
CA GLY C 346 -21.98 -13.82 -37.27
C GLY C 346 -22.70 -15.01 -36.66
N TYR C 347 -22.72 -16.10 -37.41
CA TYR C 347 -23.47 -17.30 -37.04
C TYR C 347 -22.53 -18.49 -37.14
N PRO C 348 -22.34 -19.26 -36.06
CA PRO C 348 -21.40 -20.38 -36.07
C PRO C 348 -22.01 -21.68 -36.59
N GLY C 349 -22.62 -21.62 -37.78
CA GLY C 349 -23.23 -22.81 -38.34
C GLY C 349 -23.70 -22.54 -39.75
N THR C 350 -24.19 -23.61 -40.38
CA THR C 350 -24.73 -23.51 -41.73
C THR C 350 -26.08 -22.80 -41.72
N SER C 351 -26.34 -22.03 -42.77
CA SER C 351 -27.66 -21.46 -42.95
C SER C 351 -28.67 -22.48 -43.45
N GLY C 352 -28.20 -23.58 -44.05
CA GLY C 352 -29.08 -24.60 -44.58
C GLY C 352 -29.91 -24.09 -45.74
N ALA C 353 -29.55 -22.93 -46.29
CA ALA C 353 -30.40 -22.20 -47.21
C ALA C 353 -29.78 -22.16 -48.60
N LEU C 354 -30.68 -22.17 -49.60
CA LEU C 354 -30.26 -22.04 -50.99
C LEU C 354 -29.93 -20.60 -51.38
N PHE C 355 -30.39 -19.62 -50.61
CA PHE C 355 -30.12 -18.22 -50.93
C PHE C 355 -28.77 -17.74 -50.39
N MET C 356 -27.96 -18.64 -49.87
CA MET C 356 -26.58 -18.35 -49.48
C MET C 356 -25.66 -19.31 -50.22
N ASP C 357 -24.58 -18.79 -50.79
CA ASP C 357 -23.69 -19.57 -51.63
C ASP C 357 -22.47 -20.09 -50.88
N TYR C 358 -21.79 -19.23 -50.12
CA TYR C 358 -20.56 -19.61 -49.45
C TYR C 358 -20.68 -19.37 -47.95
N ILE C 359 -19.87 -20.10 -47.19
CA ILE C 359 -19.64 -19.84 -45.78
C ILE C 359 -18.15 -19.61 -45.57
N ILE C 360 -17.78 -18.42 -45.12
CA ILE C 360 -16.38 -18.07 -44.93
C ILE C 360 -15.90 -18.74 -43.65
N THR C 361 -15.01 -19.72 -43.79
CA THR C 361 -14.46 -20.46 -42.68
C THR C 361 -12.99 -20.68 -42.98
N ASP C 362 -12.35 -21.61 -42.27
CA ASP C 362 -10.95 -21.95 -42.54
C ASP C 362 -10.80 -23.46 -42.49
N GLN C 363 -9.64 -23.92 -42.98
CA GLN C 363 -9.40 -25.36 -43.12
C GLN C 363 -9.35 -26.07 -41.77
N GLU C 364 -9.11 -25.33 -40.68
CA GLU C 364 -9.12 -25.95 -39.36
C GLU C 364 -10.53 -26.07 -38.79
N THR C 365 -11.35 -25.04 -38.98
CA THR C 365 -12.70 -25.05 -38.42
C THR C 365 -13.62 -25.99 -39.18
N SER C 366 -13.55 -25.97 -40.51
CA SER C 366 -14.45 -26.75 -41.36
C SER C 366 -13.62 -27.60 -42.31
N PRO C 367 -13.07 -28.72 -41.84
CA PRO C 367 -12.33 -29.61 -42.73
C PRO C 367 -13.25 -30.20 -43.79
N ALA C 368 -12.63 -30.61 -44.91
CA ALA C 368 -13.40 -31.12 -46.05
C ALA C 368 -14.22 -32.34 -45.69
N GLU C 369 -13.79 -33.12 -44.68
CA GLU C 369 -14.51 -34.32 -44.28
C GLU C 369 -15.88 -34.00 -43.69
N VAL C 370 -16.14 -32.75 -43.31
CA VAL C 370 -17.40 -32.37 -42.70
C VAL C 370 -18.18 -31.38 -43.56
N ALA C 371 -17.79 -31.20 -44.83
CA ALA C 371 -18.49 -30.27 -45.70
C ALA C 371 -19.96 -30.64 -45.91
N GLU C 372 -20.38 -31.82 -45.46
CA GLU C 372 -21.78 -32.23 -45.58
C GLU C 372 -22.67 -31.58 -44.54
N GLN C 373 -22.12 -31.06 -43.44
CA GLN C 373 -22.93 -30.29 -42.50
C GLN C 373 -23.38 -28.96 -43.10
N TYR C 374 -22.68 -28.47 -44.13
CA TYR C 374 -22.89 -27.13 -44.66
C TYR C 374 -23.66 -27.21 -45.96
N SER C 375 -24.77 -26.46 -46.03
CA SER C 375 -25.48 -26.30 -47.30
C SER C 375 -24.71 -25.42 -48.27
N GLU C 376 -23.83 -24.56 -47.76
CA GLU C 376 -23.07 -23.66 -48.59
C GLU C 376 -21.73 -24.28 -48.99
N LYS C 377 -21.10 -23.69 -50.00
CA LYS C 377 -19.73 -24.05 -50.31
C LYS C 377 -18.79 -23.43 -49.28
N LEU C 378 -17.58 -23.99 -49.20
CA LEU C 378 -16.59 -23.55 -48.23
C LEU C 378 -15.66 -22.53 -48.87
N ALA C 379 -15.37 -21.46 -48.12
CA ALA C 379 -14.46 -20.41 -48.55
C ALA C 379 -13.39 -20.27 -47.46
N TYR C 380 -12.21 -20.81 -47.72
CA TYR C 380 -11.16 -20.90 -46.71
C TYR C 380 -10.38 -19.59 -46.59
N MET C 381 -10.12 -19.18 -45.32
CA MET C 381 -9.13 -18.18 -44.97
C MET C 381 -7.81 -18.87 -44.65
N PRO C 382 -6.67 -18.21 -44.90
CA PRO C 382 -5.38 -18.91 -44.79
C PRO C 382 -5.10 -19.54 -43.42
N HIS C 383 -5.36 -18.82 -42.32
CA HIS C 383 -5.11 -19.35 -40.98
C HIS C 383 -6.39 -19.58 -40.20
N THR C 384 -7.20 -18.54 -40.02
CA THR C 384 -8.43 -18.66 -39.27
C THR C 384 -9.43 -17.63 -39.77
N PHE C 385 -10.69 -18.02 -39.85
CA PHE C 385 -11.73 -17.07 -40.23
C PHE C 385 -12.06 -16.09 -39.12
N PHE C 386 -11.60 -16.35 -37.90
CA PHE C 386 -11.93 -15.51 -36.76
C PHE C 386 -10.97 -14.34 -36.66
N ILE C 387 -11.49 -13.21 -36.19
CA ILE C 387 -10.70 -11.98 -36.05
C ILE C 387 -11.27 -11.19 -34.89
N GLY C 388 -10.37 -10.51 -34.17
CA GLY C 388 -10.78 -9.62 -33.10
C GLY C 388 -10.09 -8.28 -33.25
N ASP C 389 -10.74 -7.25 -32.69
CA ASP C 389 -10.22 -5.89 -32.71
C ASP C 389 -9.52 -5.54 -31.40
N HIS C 390 -8.97 -6.54 -30.71
CA HIS C 390 -8.39 -6.32 -29.39
C HIS C 390 -7.16 -5.42 -29.45
N ALA C 391 -6.44 -5.43 -30.59
CA ALA C 391 -5.27 -4.58 -30.72
C ALA C 391 -5.64 -3.10 -30.66
N ASN C 392 -6.79 -2.75 -31.23
CA ASN C 392 -7.23 -1.35 -31.25
C ASN C 392 -8.10 -1.00 -30.04
N MET C 393 -8.93 -1.94 -29.56
CA MET C 393 -9.81 -1.65 -28.45
C MET C 393 -9.07 -1.65 -27.11
N PHE C 394 -8.15 -2.58 -26.91
CA PHE C 394 -7.46 -2.74 -25.62
C PHE C 394 -5.95 -2.73 -25.85
N PRO C 395 -5.40 -1.60 -26.29
CA PRO C 395 -3.94 -1.52 -26.48
C PRO C 395 -3.17 -1.41 -25.18
N HIS C 396 -3.85 -1.10 -24.07
CA HIS C 396 -3.18 -0.98 -22.78
C HIS C 396 -2.80 -2.33 -22.19
N LEU C 397 -3.30 -3.43 -22.74
CA LEU C 397 -3.01 -4.77 -22.25
C LEU C 397 -1.87 -5.44 -23.02
N LYS C 398 -1.21 -4.71 -23.91
CA LYS C 398 -0.06 -5.25 -24.63
C LYS C 398 1.18 -5.33 -23.75
N LYS C 399 1.27 -4.48 -22.74
CA LYS C 399 2.39 -4.44 -21.82
C LYS C 399 1.86 -4.34 -20.40
N LYS C 400 2.61 -4.89 -19.45
CA LYS C 400 2.13 -4.96 -18.07
C LYS C 400 3.32 -4.91 -17.11
N ALA C 401 2.99 -4.68 -15.84
CA ALA C 401 3.95 -4.71 -14.75
C ALA C 401 3.30 -5.41 -13.56
N VAL C 402 4.11 -5.74 -12.55
CA VAL C 402 3.65 -6.45 -11.37
C VAL C 402 4.27 -5.83 -10.12
N ILE C 403 3.75 -6.24 -8.96
CA ILE C 403 4.25 -5.82 -7.66
C ILE C 403 4.65 -7.07 -6.88
N ASP C 404 5.83 -7.04 -6.27
CA ASP C 404 6.39 -8.18 -5.58
C ASP C 404 6.23 -8.06 -4.06
N PHE C 405 5.98 -9.19 -3.41
CA PHE C 405 6.06 -9.28 -1.96
C PHE C 405 6.55 -10.67 -1.54
N ILE C 411 8.04 -14.34 -7.28
CA ILE C 411 7.56 -13.23 -8.07
C ILE C 411 6.58 -13.72 -9.13
N TYR C 412 5.30 -13.42 -8.93
CA TYR C 412 4.26 -13.86 -9.86
C TYR C 412 4.07 -12.83 -10.97
N ASP C 413 3.31 -13.24 -11.99
CA ASP C 413 2.92 -12.38 -13.09
C ASP C 413 1.42 -12.11 -13.13
N ASN C 414 0.64 -12.71 -12.22
CA ASN C 414 -0.81 -12.59 -12.28
C ASN C 414 -1.44 -12.43 -10.90
N ARG C 415 -0.74 -11.78 -9.96
CA ARG C 415 -1.29 -11.53 -8.64
C ARG C 415 -1.65 -10.07 -8.43
N ILE C 416 -0.72 -9.15 -8.69
CA ILE C 416 -1.02 -7.71 -8.73
C ILE C 416 -0.44 -7.18 -10.03
N VAL C 417 -1.32 -6.85 -10.97
CA VAL C 417 -0.93 -6.43 -12.31
C VAL C 417 -1.29 -4.97 -12.50
N LEU C 418 -0.41 -4.23 -13.18
CA LEU C 418 -0.68 -2.87 -13.62
C LEU C 418 -0.63 -2.81 -15.13
N ASN C 419 -1.62 -2.14 -15.72
CA ASN C 419 -1.68 -1.88 -17.14
C ASN C 419 -1.87 -0.38 -17.35
N GLY C 420 -1.41 0.11 -18.49
CA GLY C 420 -1.57 1.52 -18.77
C GLY C 420 -0.80 2.02 -19.97
N ILE C 421 -1.37 3.00 -20.67
CA ILE C 421 -0.70 3.62 -21.80
C ILE C 421 0.56 4.35 -21.34
N ASP C 422 0.46 5.06 -20.22
CA ASP C 422 1.57 5.84 -19.68
C ASP C 422 2.34 5.07 -18.61
N LEU C 423 2.41 3.74 -18.72
CA LEU C 423 3.04 2.95 -17.67
C LEU C 423 4.56 3.08 -17.72
N LYS C 424 5.15 3.18 -18.91
CA LYS C 424 6.59 3.37 -19.01
C LYS C 424 7.03 4.63 -18.28
N ALA C 425 6.29 5.72 -18.44
CA ALA C 425 6.61 6.95 -17.74
C ALA C 425 6.50 6.78 -16.23
N PHE C 426 5.46 6.10 -15.77
CA PHE C 426 5.26 5.90 -14.34
C PHE C 426 6.37 5.05 -13.73
N LEU C 427 6.74 3.95 -14.40
CA LEU C 427 7.82 3.12 -13.89
C LEU C 427 9.14 3.86 -13.84
N ASP C 428 9.37 4.77 -14.79
CA ASP C 428 10.60 5.54 -14.77
C ASP C 428 10.64 6.51 -13.60
N SER C 429 9.49 7.02 -13.17
CA SER C 429 9.44 7.86 -11.98
C SER C 429 9.75 7.07 -10.72
N LEU C 430 9.56 5.76 -10.73
CA LEU C 430 9.87 4.93 -9.57
C LEU C 430 11.38 4.70 -9.50
N PRO C 431 11.99 4.88 -8.32
CA PRO C 431 13.45 4.73 -8.21
C PRO C 431 13.96 3.34 -8.57
N ASP C 432 13.46 2.32 -7.89
CA ASP C 432 13.93 0.94 -8.08
C ASP C 432 12.81 0.15 -8.76
N VAL C 433 13.08 -0.29 -9.99
CA VAL C 433 12.17 -1.19 -10.72
C VAL C 433 13.01 -2.26 -11.39
N LYS C 434 12.67 -3.52 -11.16
CA LYS C 434 13.40 -4.65 -11.69
C LYS C 434 12.73 -5.16 -12.96
N ILE C 435 13.54 -5.63 -13.90
CA ILE C 435 13.08 -6.06 -15.22
C ILE C 435 13.35 -7.55 -15.37
N VAL C 436 12.32 -8.30 -15.73
CA VAL C 436 12.37 -9.76 -15.80
C VAL C 436 12.38 -10.17 -17.26
N LYS C 437 13.37 -10.99 -17.64
CA LYS C 437 13.52 -11.41 -19.02
C LYS C 437 12.40 -12.37 -19.44
N MET C 438 12.25 -12.53 -20.74
CA MET C 438 11.30 -13.49 -21.29
C MET C 438 11.89 -14.19 -22.52
N LEU C 454 8.36 -8.78 -24.27
CA LEU C 454 9.74 -9.25 -24.22
C LEU C 454 10.26 -9.29 -22.79
N ASN C 455 9.59 -8.57 -21.90
CA ASN C 455 10.02 -8.49 -20.50
C ASN C 455 8.88 -7.95 -19.65
N MET C 456 9.06 -8.05 -18.33
CA MET C 456 8.05 -7.66 -17.35
C MET C 456 8.67 -6.87 -16.21
N PRO C 457 8.40 -5.56 -16.11
CA PRO C 457 8.87 -4.80 -14.95
C PRO C 457 8.24 -5.28 -13.65
N VAL C 458 9.02 -5.26 -12.58
CA VAL C 458 8.57 -5.67 -11.25
C VAL C 458 8.81 -4.50 -10.29
N ILE C 459 7.73 -4.02 -9.70
CA ILE C 459 7.84 -2.98 -8.67
C ILE C 459 8.06 -3.67 -7.32
N PRO C 460 9.10 -3.31 -6.58
CA PRO C 460 9.36 -3.94 -5.27
C PRO C 460 8.43 -3.38 -4.20
N MET C 461 8.62 -3.87 -2.97
CA MET C 461 7.79 -3.47 -1.83
C MET C 461 8.37 -2.20 -1.19
N ASN C 462 8.27 -1.10 -1.93
CA ASN C 462 8.64 0.20 -1.40
C ASN C 462 7.40 0.86 -0.79
N THR C 463 7.53 2.13 -0.38
CA THR C 463 6.37 2.87 0.09
C THR C 463 5.34 3.03 -1.00
N ILE C 464 5.78 3.06 -2.27
CA ILE C 464 4.86 3.23 -3.38
C ILE C 464 3.97 2.01 -3.53
N ALA C 465 4.56 0.81 -3.42
CA ALA C 465 3.77 -0.41 -3.53
C ALA C 465 2.74 -0.51 -2.41
N GLU C 466 3.13 -0.15 -1.18
CA GLU C 466 2.17 -0.16 -0.09
C GLU C 466 1.01 0.80 -0.35
N ALA C 467 1.29 1.93 -1.00
CA ALA C 467 0.22 2.86 -1.36
C ALA C 467 -0.76 2.23 -2.34
N VAL C 468 -0.25 1.52 -3.35
CA VAL C 468 -1.11 0.89 -4.34
C VAL C 468 -1.95 -0.20 -3.70
N ILE C 469 -1.32 -1.05 -2.88
CA ILE C 469 -2.05 -2.14 -2.25
C ILE C 469 -3.10 -1.62 -1.27
N GLU C 470 -2.80 -0.52 -0.58
CA GLU C 470 -3.80 0.05 0.32
C GLU C 470 -5.01 0.55 -0.45
N MET C 471 -4.80 1.19 -1.60
CA MET C 471 -5.92 1.62 -2.44
C MET C 471 -6.80 0.43 -2.82
N ILE C 472 -6.17 -0.72 -3.08
CA ILE C 472 -6.93 -1.91 -3.41
C ILE C 472 -7.68 -2.42 -2.18
N ASN C 473 -7.01 -2.47 -1.03
CA ASN C 473 -7.63 -3.02 0.17
C ASN C 473 -8.76 -2.13 0.70
N ARG C 474 -8.58 -0.81 0.63
CA ARG C 474 -9.61 0.09 1.11
C ARG C 474 -10.77 0.27 0.13
N GLY C 475 -10.67 -0.31 -1.07
CA GLY C 475 -11.69 -0.12 -2.07
C GLY C 475 -11.83 1.32 -2.54
N GLN C 476 -10.72 2.04 -2.64
CA GLN C 476 -10.74 3.42 -3.09
C GLN C 476 -10.70 3.47 -4.62
N ILE C 477 -11.31 4.53 -5.16
CA ILE C 477 -11.44 4.63 -6.60
C ILE C 477 -10.09 4.83 -7.27
N GLN C 478 -9.27 5.75 -6.74
CA GLN C 478 -8.07 6.16 -7.43
C GLN C 478 -7.10 6.81 -6.46
N ILE C 479 -5.82 6.83 -6.86
CA ILE C 479 -4.77 7.54 -6.13
C ILE C 479 -3.88 8.24 -7.16
N THR C 480 -3.06 9.17 -6.66
CA THR C 480 -2.07 9.86 -7.48
C THR C 480 -0.68 9.54 -6.93
N ILE C 481 0.21 9.10 -7.80
CA ILE C 481 1.60 8.80 -7.45
C ILE C 481 2.51 9.49 -8.46
N ASN C 482 3.38 10.37 -7.97
CA ASN C 482 4.30 11.14 -8.81
C ASN C 482 3.55 11.90 -9.91
N GLY C 483 2.33 12.31 -9.62
CA GLY C 483 1.50 12.99 -10.59
C GLY C 483 0.79 12.09 -11.57
N PHE C 484 0.91 10.77 -11.44
CA PHE C 484 0.28 9.82 -12.35
C PHE C 484 -1.03 9.32 -11.76
N SER C 485 -2.02 9.13 -12.62
CA SER C 485 -3.33 8.66 -12.19
C SER C 485 -3.30 7.14 -12.09
N ILE C 486 -3.52 6.63 -10.88
CA ILE C 486 -3.54 5.20 -10.61
C ILE C 486 -4.98 4.83 -10.23
N SER C 487 -5.57 3.92 -11.00
CA SER C 487 -6.99 3.62 -10.89
C SER C 487 -7.22 2.21 -10.38
N ASN C 488 -8.26 2.05 -9.56
CA ASN C 488 -8.66 0.74 -9.07
C ASN C 488 -9.47 0.03 -10.16
N GLY C 489 -9.04 -1.19 -10.51
CA GLY C 489 -9.62 -1.90 -11.64
C GLY C 489 -11.10 -2.20 -11.48
N LEU C 490 -11.62 -2.17 -10.25
CA LEU C 490 -13.03 -2.41 -10.03
C LEU C 490 -13.90 -1.18 -10.26
N ALA C 491 -13.28 0.00 -10.42
CA ALA C 491 -14.01 1.26 -10.49
C ALA C 491 -13.94 1.92 -11.86
N THR C 492 -13.65 1.15 -12.91
CA THR C 492 -13.47 1.75 -14.24
C THR C 492 -14.73 2.41 -14.76
N THR C 493 -15.91 1.88 -14.42
CA THR C 493 -17.15 2.45 -14.93
C THR C 493 -17.38 3.87 -14.41
N GLN C 494 -16.89 4.18 -13.20
CA GLN C 494 -17.04 5.52 -12.65
C GLN C 494 -15.87 6.43 -12.97
N ILE C 495 -14.75 5.90 -13.45
CA ILE C 495 -13.62 6.75 -13.83
C ILE C 495 -13.75 7.21 -15.28
N ASN C 496 -14.05 6.29 -16.19
CA ASN C 496 -14.35 6.63 -17.57
C ASN C 496 -15.28 5.54 -18.10
N ASN C 497 -16.56 5.87 -18.22
CA ASN C 497 -17.57 4.87 -18.59
C ASN C 497 -17.30 4.29 -19.97
N LYS C 498 -16.90 5.13 -20.93
CA LYS C 498 -16.62 4.63 -22.26
C LYS C 498 -15.30 3.89 -22.37
N ALA C 499 -14.37 4.12 -21.44
CA ALA C 499 -13.20 3.25 -21.35
C ALA C 499 -13.58 1.88 -20.84
N ALA C 500 -14.61 1.80 -19.99
CA ALA C 500 -15.03 0.51 -19.44
C ALA C 500 -15.73 -0.34 -20.49
N THR C 501 -16.50 0.29 -21.38
CA THR C 501 -17.24 -0.44 -22.41
C THR C 501 -16.37 -0.83 -23.60
N GLY C 502 -15.12 -0.38 -23.66
CA GLY C 502 -14.27 -0.59 -24.80
C GLY C 502 -14.39 0.44 -25.90
N GLU C 503 -15.31 1.40 -25.76
CA GLU C 503 -15.44 2.46 -26.74
C GLU C 503 -14.25 3.41 -26.74
N GLU C 504 -13.49 3.47 -25.65
CA GLU C 504 -12.30 4.29 -25.57
C GLU C 504 -11.18 3.49 -24.93
N VAL C 505 -9.97 3.97 -25.14
CA VAL C 505 -8.78 3.42 -24.47
C VAL C 505 -8.63 4.14 -23.13
N PRO C 506 -8.38 3.42 -22.04
CA PRO C 506 -8.20 4.08 -20.74
C PRO C 506 -7.02 5.06 -20.77
N ARG C 507 -7.19 6.20 -20.11
CA ARG C 507 -6.15 7.21 -20.02
C ARG C 507 -5.49 7.24 -18.65
N THR C 508 -5.72 6.22 -17.82
CA THR C 508 -5.11 6.11 -16.51
C THR C 508 -4.44 4.75 -16.40
N ILE C 509 -3.70 4.56 -15.31
CA ILE C 509 -2.98 3.32 -15.03
C ILE C 509 -3.82 2.49 -14.09
N ILE C 510 -4.15 1.26 -14.50
CA ILE C 510 -5.16 0.44 -13.86
C ILE C 510 -4.49 -0.71 -13.11
N VAL C 511 -4.87 -0.88 -11.85
CA VAL C 511 -4.36 -1.96 -11.01
C VAL C 511 -5.39 -3.08 -10.98
N THR C 512 -4.94 -4.30 -11.26
CA THR C 512 -5.80 -5.49 -11.23
C THR C 512 -5.15 -6.52 -10.32
N THR C 513 -5.90 -6.98 -9.31
CA THR C 513 -5.37 -7.89 -8.31
C THR C 513 -6.30 -9.08 -8.13
N ARG C 514 -5.72 -10.22 -7.72
CA ARG C 514 -6.52 -11.39 -7.41
C ARG C 514 -7.41 -11.17 -6.19
N SER C 515 -6.95 -10.36 -5.22
CA SER C 515 -7.75 -10.08 -4.04
C SER C 515 -9.07 -9.41 -4.37
N GLN C 516 -9.15 -8.72 -5.51
CA GLN C 516 -10.41 -8.10 -5.92
C GLN C 516 -11.47 -9.14 -6.24
N TYR C 517 -11.06 -10.35 -6.64
CA TYR C 517 -11.99 -11.38 -7.05
C TYR C 517 -11.92 -12.62 -6.17
N GLY C 518 -11.19 -12.58 -5.07
CA GLY C 518 -11.12 -13.72 -4.17
C GLY C 518 -10.40 -14.93 -4.72
N LEU C 519 -9.49 -14.72 -5.67
CA LEU C 519 -8.73 -15.85 -6.17
C LEU C 519 -7.58 -16.16 -5.21
N PRO C 520 -7.35 -17.44 -4.91
CA PRO C 520 -6.25 -17.81 -4.01
C PRO C 520 -4.92 -17.33 -4.57
N GLU C 521 -4.22 -16.50 -3.79
CA GLU C 521 -3.00 -15.87 -4.28
C GLU C 521 -1.87 -16.86 -4.49
N ASP C 522 -1.96 -18.06 -3.92
CA ASP C 522 -0.91 -19.06 -4.03
C ASP C 522 -1.50 -20.36 -4.56
N ALA C 523 -2.25 -20.26 -5.65
CA ALA C 523 -2.87 -21.43 -6.24
C ALA C 523 -3.04 -21.21 -7.73
N ILE C 524 -3.10 -22.32 -8.47
CA ILE C 524 -3.39 -22.26 -9.90
C ILE C 524 -4.84 -21.89 -10.12
N VAL C 525 -5.08 -20.96 -11.05
CA VAL C 525 -6.42 -20.50 -11.38
C VAL C 525 -6.74 -20.91 -12.81
N TYR C 526 -7.64 -21.88 -12.95
CA TYR C 526 -8.26 -22.17 -14.24
C TYR C 526 -9.52 -21.32 -14.38
N CYS C 527 -9.78 -20.83 -15.59
CA CYS C 527 -10.89 -19.91 -15.80
C CYS C 527 -11.70 -20.32 -17.02
N ASN C 528 -12.93 -19.83 -17.06
CA ASN C 528 -13.78 -19.93 -18.24
C ASN C 528 -14.84 -18.83 -18.12
N PHE C 529 -14.77 -17.86 -19.02
CA PHE C 529 -15.65 -16.69 -18.97
C PHE C 529 -16.79 -16.76 -19.97
N ASN C 530 -17.13 -17.96 -20.45
CA ASN C 530 -18.24 -18.11 -21.37
C ASN C 530 -19.56 -18.09 -20.62
N GLN C 531 -20.65 -18.02 -21.40
CA GLN C 531 -21.97 -18.24 -20.82
C GLN C 531 -22.09 -19.69 -20.36
N LEU C 532 -22.79 -19.90 -19.24
CA LEU C 532 -22.85 -21.22 -18.64
C LEU C 532 -23.60 -22.24 -19.50
N TYR C 533 -24.35 -21.81 -20.51
CA TYR C 533 -25.06 -22.77 -21.35
C TYR C 533 -24.12 -23.65 -22.15
N LYS C 534 -22.84 -23.28 -22.27
CA LYS C 534 -21.87 -24.05 -23.02
C LYS C 534 -21.30 -25.22 -22.22
N ILE C 535 -21.71 -25.39 -20.98
CA ILE C 535 -21.21 -26.44 -20.10
C ILE C 535 -22.24 -27.55 -20.02
N ASP C 536 -21.82 -28.77 -20.29
CA ASP C 536 -22.60 -29.98 -20.10
C ASP C 536 -22.05 -30.77 -18.92
N PRO C 537 -22.79 -31.78 -18.44
CA PRO C 537 -22.27 -32.58 -17.31
C PRO C 537 -20.91 -33.19 -17.56
N SER C 538 -20.62 -33.59 -18.81
CA SER C 538 -19.32 -34.15 -19.12
C SER C 538 -18.19 -33.15 -18.91
N THR C 539 -18.41 -31.89 -19.28
CA THR C 539 -17.37 -30.88 -19.15
C THR C 539 -17.04 -30.60 -17.69
N LEU C 540 -18.06 -30.48 -16.83
CA LEU C 540 -17.82 -30.30 -15.41
C LEU C 540 -17.06 -31.48 -14.84
N GLN C 541 -17.38 -32.70 -15.29
CA GLN C 541 -16.67 -33.88 -14.84
C GLN C 541 -15.19 -33.82 -15.23
N MET C 542 -14.91 -33.42 -16.48
CA MET C 542 -13.52 -33.27 -16.92
C MET C 542 -12.78 -32.28 -16.04
N TRP C 543 -13.40 -31.12 -15.79
CA TRP C 543 -12.78 -30.09 -14.98
C TRP C 543 -12.59 -30.56 -13.55
N ALA C 544 -13.52 -31.37 -13.04
CA ALA C 544 -13.37 -31.93 -11.70
C ALA C 544 -12.17 -32.87 -11.61
N ASN C 545 -11.97 -33.70 -12.65
CA ASN C 545 -10.81 -34.58 -12.67
C ASN C 545 -9.51 -33.79 -12.64
N ILE C 546 -9.45 -32.71 -13.42
CA ILE C 546 -8.29 -31.83 -13.39
C ILE C 546 -8.13 -31.21 -12.02
N LEU C 547 -9.24 -30.73 -11.44
CA LEU C 547 -9.19 -30.06 -10.15
C LEU C 547 -8.82 -31.01 -9.02
N LYS C 548 -9.05 -32.31 -9.19
CA LYS C 548 -8.68 -33.30 -8.20
C LYS C 548 -7.23 -33.75 -8.33
N ARG C 549 -6.63 -33.58 -9.51
CA ARG C 549 -5.24 -33.96 -9.73
C ARG C 549 -4.27 -32.79 -9.55
N VAL C 550 -4.77 -31.56 -9.53
CA VAL C 550 -3.96 -30.39 -9.19
C VAL C 550 -4.49 -29.87 -7.87
N PRO C 551 -3.87 -30.25 -6.74
CA PRO C 551 -4.46 -29.95 -5.42
C PRO C 551 -4.79 -28.48 -5.18
N ASN C 552 -3.80 -27.60 -5.34
CA ASN C 552 -3.97 -26.17 -5.09
C ASN C 552 -4.42 -25.41 -6.34
N SER C 553 -5.63 -25.76 -6.79
CA SER C 553 -6.20 -25.17 -7.99
C SER C 553 -7.65 -24.77 -7.74
N VAL C 554 -8.12 -23.80 -8.54
CA VAL C 554 -9.49 -23.33 -8.48
C VAL C 554 -9.98 -23.10 -9.89
N LEU C 555 -11.30 -23.20 -10.07
CA LEU C 555 -11.96 -22.91 -11.33
C LEU C 555 -12.72 -21.60 -11.22
N TRP C 556 -12.45 -20.68 -12.13
CA TRP C 556 -13.01 -19.33 -12.09
C TRP C 556 -14.09 -19.23 -13.16
N LEU C 557 -15.35 -19.23 -12.73
CA LEU C 557 -16.50 -19.09 -13.60
C LEU C 557 -17.20 -17.76 -13.32
N LEU C 558 -18.22 -17.46 -14.11
CA LEU C 558 -18.97 -16.22 -14.00
C LEU C 558 -20.44 -16.50 -13.71
N ARG C 559 -21.06 -15.59 -12.95
CA ARG C 559 -22.49 -15.63 -12.70
C ARG C 559 -23.18 -15.17 -13.98
N PHE C 560 -23.37 -16.12 -14.90
CA PHE C 560 -23.65 -15.82 -16.29
C PHE C 560 -24.54 -16.90 -16.89
N PRO C 561 -25.81 -16.99 -16.44
CA PRO C 561 -26.49 -16.17 -15.42
C PRO C 561 -26.21 -16.60 -13.99
N ALA C 562 -26.57 -15.75 -13.02
CA ALA C 562 -26.24 -16.03 -11.62
C ALA C 562 -26.99 -17.24 -11.09
N VAL C 563 -28.23 -17.47 -11.56
CA VAL C 563 -29.01 -18.60 -11.08
C VAL C 563 -28.36 -19.92 -11.46
N GLY C 564 -27.40 -19.90 -12.40
CA GLY C 564 -26.65 -21.10 -12.73
C GLY C 564 -25.60 -21.46 -11.69
N GLU C 565 -25.18 -20.48 -10.88
CA GLU C 565 -24.14 -20.75 -9.88
C GLU C 565 -24.53 -21.81 -8.87
N PRO C 566 -25.70 -21.76 -8.21
CA PRO C 566 -26.04 -22.83 -7.26
C PRO C 566 -26.13 -24.19 -7.90
N ASN C 567 -26.44 -24.27 -9.20
CA ASN C 567 -26.52 -25.56 -9.87
C ASN C 567 -25.12 -26.13 -10.11
N ILE C 568 -24.22 -25.32 -10.69
CA ILE C 568 -22.84 -25.76 -10.91
C ILE C 568 -22.22 -26.22 -9.59
N GLN C 569 -22.43 -25.44 -8.53
CA GLN C 569 -21.87 -25.79 -7.23
C GLN C 569 -22.43 -27.13 -6.74
N GLN C 570 -23.75 -27.32 -6.86
CA GLN C 570 -24.37 -28.56 -6.39
C GLN C 570 -23.80 -29.77 -7.08
N TYR C 571 -23.68 -29.72 -8.42
CA TYR C 571 -23.10 -30.83 -9.15
C TYR C 571 -21.64 -31.04 -8.80
N ALA C 572 -20.92 -29.95 -8.48
CA ALA C 572 -19.53 -30.07 -8.07
C ALA C 572 -19.40 -30.87 -6.77
N GLN C 573 -20.30 -30.61 -5.80
CA GLN C 573 -20.26 -31.36 -4.56
C GLN C 573 -20.80 -32.77 -4.70
N ASN C 574 -21.59 -33.04 -5.75
CA ASN C 574 -21.91 -34.42 -6.08
C ASN C 574 -20.66 -35.19 -6.48
N MET C 575 -19.65 -34.49 -6.99
CA MET C 575 -18.41 -35.09 -7.47
C MET C 575 -17.34 -35.13 -6.38
N GLY C 576 -17.68 -34.79 -5.14
CA GLY C 576 -16.75 -34.82 -4.04
C GLY C 576 -15.83 -33.62 -3.95
N LEU C 577 -15.86 -32.73 -4.93
CA LEU C 577 -14.95 -31.59 -4.93
C LEU C 577 -15.21 -30.71 -3.71
N PRO C 578 -14.17 -30.14 -3.10
CA PRO C 578 -14.38 -29.23 -1.96
C PRO C 578 -15.16 -27.98 -2.34
N GLN C 579 -15.43 -27.11 -1.36
CA GLN C 579 -16.31 -25.98 -1.57
C GLN C 579 -15.63 -24.76 -2.17
N ASN C 580 -14.34 -24.56 -1.89
CA ASN C 580 -13.63 -23.38 -2.38
C ASN C 580 -13.09 -23.55 -3.79
N ARG C 581 -13.30 -24.70 -4.42
CA ARG C 581 -12.62 -25.02 -5.67
C ARG C 581 -13.20 -24.28 -6.88
N ILE C 582 -14.42 -23.78 -6.79
CA ILE C 582 -15.03 -23.01 -7.87
C ILE C 582 -15.41 -21.64 -7.32
N ILE C 583 -14.84 -20.58 -7.90
CA ILE C 583 -15.10 -19.21 -7.51
C ILE C 583 -15.85 -18.52 -8.63
N PHE C 584 -16.98 -17.91 -8.30
CA PHE C 584 -17.84 -17.23 -9.27
C PHE C 584 -17.70 -15.73 -9.10
N SER C 585 -17.45 -15.03 -10.21
CA SER C 585 -17.40 -13.59 -10.22
C SER C 585 -18.57 -13.02 -11.02
N PRO C 586 -19.00 -11.79 -10.72
CA PRO C 586 -20.04 -11.18 -11.53
C PRO C 586 -19.50 -10.81 -12.92
N VAL C 587 -20.43 -10.60 -13.84
CA VAL C 587 -20.06 -10.23 -15.19
C VAL C 587 -19.54 -8.79 -15.19
N ALA C 588 -18.43 -8.57 -15.88
CA ALA C 588 -17.74 -7.30 -15.89
C ALA C 588 -17.96 -6.55 -17.20
N PRO C 589 -17.65 -5.26 -17.23
CA PRO C 589 -17.63 -4.55 -18.51
C PRO C 589 -16.57 -5.13 -19.44
N LYS C 590 -16.77 -4.90 -20.74
CA LYS C 590 -15.88 -5.44 -21.77
C LYS C 590 -14.42 -5.26 -21.43
N GLU C 591 -14.01 -4.03 -21.09
CA GLU C 591 -12.62 -3.78 -20.77
C GLU C 591 -12.17 -4.54 -19.53
N GLU C 592 -12.92 -4.43 -18.44
CA GLU C 592 -12.54 -5.11 -17.21
C GLU C 592 -12.57 -6.62 -17.38
N HIS C 593 -13.42 -7.12 -18.27
CA HIS C 593 -13.45 -8.55 -18.56
C HIS C 593 -12.12 -9.03 -19.12
N VAL C 594 -11.62 -8.36 -20.16
CA VAL C 594 -10.37 -8.78 -20.79
C VAL C 594 -9.20 -8.58 -19.84
N ARG C 595 -9.20 -7.46 -19.11
CA ARG C 595 -8.07 -7.13 -18.25
C ARG C 595 -7.90 -8.17 -17.14
N ARG C 596 -9.00 -8.61 -16.53
CA ARG C 596 -8.89 -9.54 -15.41
C ARG C 596 -8.58 -10.96 -15.85
N GLY C 597 -8.63 -11.25 -17.15
CA GLY C 597 -8.11 -12.52 -17.64
C GLY C 597 -6.62 -12.66 -17.43
N GLN C 598 -5.93 -11.55 -17.16
CA GLN C 598 -4.50 -11.60 -16.84
C GLN C 598 -4.24 -12.33 -15.54
N LEU C 599 -5.19 -12.32 -14.61
CA LEU C 599 -5.03 -12.97 -13.31
C LEU C 599 -5.13 -14.49 -13.36
N ALA C 600 -5.56 -15.06 -14.48
CA ALA C 600 -5.70 -16.50 -14.60
C ALA C 600 -4.40 -17.14 -15.05
N ASP C 601 -4.23 -18.41 -14.68
CA ASP C 601 -3.07 -19.18 -15.12
C ASP C 601 -3.34 -19.86 -16.46
N VAL C 602 -4.38 -20.69 -16.51
CA VAL C 602 -4.81 -21.38 -17.72
C VAL C 602 -6.31 -21.17 -17.87
N CYS C 603 -6.77 -21.23 -19.12
CA CYS C 603 -8.19 -21.18 -19.43
C CYS C 603 -8.62 -22.52 -20.00
N LEU C 604 -9.69 -23.08 -19.44
CA LEU C 604 -10.22 -24.37 -19.88
C LEU C 604 -11.44 -24.10 -20.77
N ASP C 605 -11.33 -24.44 -22.04
CA ASP C 605 -12.37 -24.15 -23.01
C ASP C 605 -13.50 -25.18 -22.92
N THR C 606 -14.71 -24.76 -23.31
CA THR C 606 -15.88 -25.62 -23.25
C THR C 606 -15.96 -26.45 -24.53
N PRO C 607 -15.78 -27.78 -24.46
CA PRO C 607 -15.80 -28.58 -25.68
C PRO C 607 -17.12 -28.54 -26.44
N LEU C 608 -18.25 -28.51 -25.73
CA LEU C 608 -19.55 -28.53 -26.40
C LEU C 608 -19.70 -27.37 -27.37
N CYS C 609 -19.34 -26.18 -26.93
CA CYS C 609 -19.38 -25.00 -27.78
C CYS C 609 -18.24 -24.09 -27.33
N ASN C 610 -17.25 -23.92 -28.20
CA ASN C 610 -16.03 -23.21 -27.82
C ASN C 610 -16.33 -21.73 -27.56
N GLY C 611 -15.45 -21.11 -26.79
CA GLY C 611 -15.48 -19.67 -26.62
C GLY C 611 -14.95 -18.98 -27.86
N HIS C 612 -15.81 -18.22 -28.54
CA HIS C 612 -15.43 -17.62 -29.82
C HIS C 612 -14.89 -16.21 -29.63
N THR C 613 -15.72 -15.29 -29.14
CA THR C 613 -15.22 -13.98 -28.74
C THR C 613 -14.44 -14.09 -27.44
N THR C 614 -14.90 -14.94 -26.52
CA THR C 614 -14.20 -15.15 -25.27
C THR C 614 -12.83 -15.77 -25.49
N GLY C 615 -12.69 -16.62 -26.51
CA GLY C 615 -11.39 -17.20 -26.81
C GLY C 615 -10.36 -16.16 -27.18
N MET C 616 -10.74 -15.22 -28.05
CA MET C 616 -9.85 -14.10 -28.37
C MET C 616 -9.62 -13.21 -27.16
N ASP C 617 -10.60 -13.10 -26.27
CA ASP C 617 -10.46 -12.25 -25.09
C ASP C 617 -9.37 -12.79 -24.17
N VAL C 618 -9.39 -14.09 -23.90
CA VAL C 618 -8.42 -14.67 -22.97
C VAL C 618 -7.03 -14.71 -23.60
N LEU C 619 -6.95 -14.87 -24.93
CA LEU C 619 -5.65 -14.92 -25.58
C LEU C 619 -4.98 -13.56 -25.64
N TRP C 620 -5.78 -12.48 -25.63
CA TRP C 620 -5.20 -11.15 -25.64
C TRP C 620 -4.57 -10.79 -24.30
N ALA C 621 -4.94 -11.49 -23.23
CA ALA C 621 -4.34 -11.29 -21.92
C ALA C 621 -3.14 -12.19 -21.67
N GLY C 622 -2.75 -13.02 -22.65
CA GLY C 622 -1.65 -13.94 -22.47
C GLY C 622 -1.98 -15.21 -21.74
N THR C 623 -3.27 -15.51 -21.55
CA THR C 623 -3.66 -16.70 -20.80
C THR C 623 -3.84 -17.87 -21.75
N PRO C 624 -3.06 -18.94 -21.62
CA PRO C 624 -3.21 -20.10 -22.51
C PRO C 624 -4.57 -20.74 -22.34
N MET C 625 -5.06 -21.33 -23.44
CA MET C 625 -6.39 -21.94 -23.48
C MET C 625 -6.26 -23.39 -23.93
N VAL C 626 -6.80 -24.31 -23.14
CA VAL C 626 -6.82 -25.73 -23.46
C VAL C 626 -8.16 -26.06 -24.11
N THR C 627 -8.12 -26.72 -25.27
CA THR C 627 -9.32 -26.97 -26.05
C THR C 627 -9.36 -28.42 -26.51
N MET C 628 -10.56 -28.83 -26.94
CA MET C 628 -10.78 -30.17 -27.50
C MET C 628 -11.77 -30.02 -28.66
N PRO C 629 -11.26 -29.85 -29.88
CA PRO C 629 -12.16 -29.63 -31.02
C PRO C 629 -13.08 -30.81 -31.25
N GLY C 630 -14.34 -30.51 -31.54
CA GLY C 630 -15.34 -31.50 -31.88
C GLY C 630 -15.52 -31.63 -33.38
N GLU C 631 -16.77 -31.79 -33.81
CA GLU C 631 -17.10 -31.86 -35.22
C GLU C 631 -17.96 -30.72 -35.72
N THR C 632 -18.76 -30.09 -34.86
CA THR C 632 -19.52 -28.92 -35.27
C THR C 632 -18.57 -27.72 -35.44
N LEU C 633 -19.03 -26.74 -36.21
CA LEU C 633 -18.20 -25.56 -36.44
C LEU C 633 -17.95 -24.82 -35.13
N ALA C 634 -18.97 -24.72 -34.28
CA ALA C 634 -18.84 -23.98 -33.03
C ALA C 634 -17.99 -24.69 -32.00
N SER C 635 -17.76 -25.99 -32.16
CA SER C 635 -16.91 -26.73 -31.23
C SER C 635 -15.46 -26.79 -31.69
N ARG C 636 -15.11 -26.09 -32.77
CA ARG C 636 -13.78 -26.16 -33.35
C ARG C 636 -13.10 -24.81 -33.49
N VAL C 637 -13.78 -23.71 -33.15
CA VAL C 637 -13.23 -22.38 -33.35
C VAL C 637 -12.00 -22.16 -32.47
N ALA C 638 -12.07 -22.60 -31.21
CA ALA C 638 -10.96 -22.35 -30.28
C ALA C 638 -9.68 -23.04 -30.76
N ALA C 639 -9.78 -24.27 -31.25
CA ALA C 639 -8.61 -24.95 -31.78
C ALA C 639 -8.07 -24.24 -33.01
N SER C 640 -8.97 -23.71 -33.85
CA SER C 640 -8.52 -22.94 -35.02
C SER C 640 -7.78 -21.68 -34.60
N GLN C 641 -8.26 -21.01 -33.56
CA GLN C 641 -7.56 -19.84 -33.04
C GLN C 641 -6.18 -20.23 -32.53
N LEU C 642 -6.09 -21.34 -31.80
CA LEU C 642 -4.82 -21.78 -31.25
C LEU C 642 -3.85 -22.18 -32.37
N THR C 643 -4.36 -22.77 -33.45
CA THR C 643 -3.51 -23.12 -34.58
C THR C 643 -2.93 -21.87 -35.23
N CYS C 644 -3.77 -20.85 -35.44
CA CYS C 644 -3.28 -19.59 -36.01
C CYS C 644 -2.31 -18.91 -35.05
N LEU C 645 -2.57 -18.99 -33.74
CA LEU C 645 -1.66 -18.44 -32.75
C LEU C 645 -0.31 -19.16 -32.79
N GLY C 646 -0.33 -20.49 -32.93
CA GLY C 646 0.90 -21.25 -33.00
C GLY C 646 1.18 -22.09 -31.77
N CYS C 647 0.13 -22.59 -31.14
CA CYS C 647 0.25 -23.43 -29.94
C CYS C 647 -0.60 -24.69 -30.17
N LEU C 648 0.01 -25.69 -30.80
CA LEU C 648 -0.68 -26.95 -31.06
C LEU C 648 -0.66 -27.90 -29.86
N GLU C 649 0.15 -27.61 -28.85
CA GLU C 649 0.21 -28.43 -27.64
C GLU C 649 -0.95 -28.16 -26.68
N LEU C 650 -1.76 -27.14 -26.96
CA LEU C 650 -2.93 -26.83 -26.15
C LEU C 650 -4.20 -27.48 -26.69
N ILE C 651 -4.09 -28.25 -27.78
CA ILE C 651 -5.24 -28.83 -28.46
C ILE C 651 -5.26 -30.33 -28.17
N ALA C 652 -6.39 -30.81 -27.67
CA ALA C 652 -6.52 -32.18 -27.19
C ALA C 652 -7.29 -33.05 -28.18
N LYS C 653 -6.77 -34.25 -28.42
CA LYS C 653 -7.44 -35.20 -29.31
C LYS C 653 -8.66 -35.81 -28.64
N ASN C 654 -8.54 -36.15 -27.36
CA ASN C 654 -9.63 -36.76 -26.60
C ASN C 654 -9.79 -36.05 -25.26
N ARG C 655 -10.66 -36.58 -24.39
CA ARG C 655 -10.87 -35.97 -23.09
C ARG C 655 -9.68 -36.19 -22.16
N GLN C 656 -9.00 -37.33 -22.27
CA GLN C 656 -7.87 -37.61 -21.41
C GLN C 656 -6.73 -36.63 -21.66
N GLU C 657 -6.44 -36.35 -22.93
CA GLU C 657 -5.41 -35.37 -23.26
C GLU C 657 -5.77 -34.00 -22.70
N TYR C 658 -7.05 -33.64 -22.77
CA TYR C 658 -7.52 -32.38 -22.19
C TYR C 658 -7.14 -32.27 -20.72
N GLU C 659 -7.46 -33.31 -19.93
CA GLU C 659 -7.12 -33.28 -18.52
C GLU C 659 -5.61 -33.28 -18.31
N ASP C 660 -4.88 -34.08 -19.09
CA ASP C 660 -3.43 -34.18 -18.92
C ASP C 660 -2.74 -32.86 -19.26
N ILE C 661 -3.16 -32.22 -20.36
CA ILE C 661 -2.58 -30.92 -20.72
C ILE C 661 -2.83 -29.90 -19.61
N ALA C 662 -4.06 -29.87 -19.08
CA ALA C 662 -4.39 -28.93 -18.02
C ALA C 662 -3.65 -29.24 -16.73
N VAL C 663 -3.58 -30.52 -16.35
CA VAL C 663 -2.90 -30.89 -15.10
C VAL C 663 -1.42 -30.58 -15.17
N LYS C 664 -0.79 -30.84 -16.34
CA LYS C 664 0.63 -30.53 -16.48
C LYS C 664 0.88 -29.03 -16.36
N LEU C 665 0.02 -28.21 -16.96
CA LEU C 665 0.17 -26.76 -16.84
C LEU C 665 0.01 -26.32 -15.39
N GLY C 666 -0.89 -26.95 -14.65
CA GLY C 666 -1.13 -26.55 -13.27
C GLY C 666 -0.07 -27.03 -12.29
N THR C 667 0.73 -28.01 -12.66
CA THR C 667 1.68 -28.60 -11.73
C THR C 667 3.13 -28.48 -12.16
N ASP C 668 3.42 -28.45 -13.46
CA ASP C 668 4.77 -28.15 -13.94
C ASP C 668 4.79 -26.65 -14.18
N LEU C 669 5.28 -25.89 -13.20
CA LEU C 669 5.18 -24.44 -13.28
C LEU C 669 6.15 -23.84 -14.28
N GLU C 670 7.29 -24.49 -14.51
CA GLU C 670 8.20 -24.01 -15.55
C GLU C 670 7.58 -24.16 -16.94
N TYR C 671 6.89 -25.28 -17.17
CA TYR C 671 6.16 -25.44 -18.42
C TYR C 671 5.06 -24.39 -18.54
N LEU C 672 4.40 -24.06 -17.42
CA LEU C 672 3.38 -23.02 -17.44
C LEU C 672 3.99 -21.66 -17.81
N LYS C 673 5.16 -21.34 -17.25
CA LYS C 673 5.80 -20.07 -17.60
C LYS C 673 6.17 -20.04 -19.08
N LYS C 674 6.66 -21.15 -19.61
CA LYS C 674 7.02 -21.21 -21.02
C LYS C 674 5.80 -20.99 -21.91
N VAL C 675 4.72 -21.72 -21.64
CA VAL C 675 3.54 -21.63 -22.50
C VAL C 675 2.90 -20.26 -22.38
N ARG C 676 2.84 -19.70 -21.16
CA ARG C 676 2.25 -18.38 -20.97
C ARG C 676 3.04 -17.31 -21.72
N GLY C 677 4.37 -17.37 -21.64
CA GLY C 677 5.19 -16.45 -22.41
C GLY C 677 5.05 -16.66 -23.90
N LYS C 678 4.88 -17.91 -24.33
CA LYS C 678 4.66 -18.19 -25.75
C LYS C 678 3.37 -17.54 -26.24
N VAL C 679 2.32 -17.59 -25.43
CA VAL C 679 1.08 -16.89 -25.78
C VAL C 679 1.29 -15.38 -25.73
N TRP C 680 2.03 -14.90 -24.73
CA TRP C 680 2.21 -13.46 -24.55
C TRP C 680 2.93 -12.82 -25.73
N LYS C 681 3.80 -13.58 -26.41
CA LYS C 681 4.50 -13.05 -27.58
C LYS C 681 3.73 -13.33 -28.87
N GLN C 682 3.22 -14.55 -29.03
CA GLN C 682 2.58 -14.94 -30.28
C GLN C 682 1.29 -14.17 -30.55
N ARG C 683 0.70 -13.55 -29.53
CA ARG C 683 -0.51 -12.75 -29.79
C ARG C 683 -0.22 -11.57 -30.68
N ILE C 684 1.02 -11.07 -30.67
CA ILE C 684 1.40 -9.92 -31.46
C ILE C 684 2.15 -10.33 -32.73
N SER C 685 2.96 -11.39 -32.63
N SER C 685 2.96 -11.39 -32.63
CA SER C 685 3.78 -11.82 -33.75
CA SER C 685 3.78 -11.80 -33.77
C SER C 685 3.03 -12.70 -34.74
C SER C 685 3.03 -12.70 -34.74
N SER C 686 1.80 -13.10 -34.43
CA SER C 686 1.02 -14.00 -35.26
C SER C 686 -0.20 -13.30 -35.84
N PRO C 687 -0.80 -13.85 -36.91
CA PRO C 687 -1.88 -13.13 -37.59
C PRO C 687 -3.18 -13.01 -36.82
N LEU C 688 -3.31 -13.63 -35.65
CA LEU C 688 -4.61 -13.75 -34.97
C LEU C 688 -5.30 -12.39 -34.82
N PHE C 689 -4.61 -11.42 -34.22
CA PHE C 689 -5.20 -10.11 -33.95
C PHE C 689 -4.77 -9.05 -34.96
N ASN C 690 -4.13 -9.45 -36.05
CA ASN C 690 -3.70 -8.51 -37.09
C ASN C 690 -4.87 -8.30 -38.04
N THR C 691 -5.58 -7.18 -37.84
CA THR C 691 -6.79 -6.93 -38.63
C THR C 691 -6.47 -6.54 -40.07
N LYS C 692 -5.33 -5.90 -40.31
CA LYS C 692 -4.98 -5.52 -41.68
C LYS C 692 -4.60 -6.75 -42.51
N GLN C 693 -3.82 -7.65 -41.94
CA GLN C 693 -3.48 -8.89 -42.64
C GLN C 693 -4.74 -9.71 -42.92
N TYR C 694 -5.65 -9.77 -41.95
CA TYR C 694 -6.92 -10.46 -42.16
C TYR C 694 -7.71 -9.83 -43.29
N THR C 695 -7.79 -8.49 -43.31
CA THR C 695 -8.58 -7.81 -44.34
C THR C 695 -8.04 -8.11 -45.72
N MET C 696 -6.72 -8.05 -45.90
CA MET C 696 -6.13 -8.25 -47.22
C MET C 696 -6.38 -9.66 -47.74
N GLU C 697 -6.25 -10.67 -46.88
CA GLU C 697 -6.54 -12.04 -47.29
C GLU C 697 -8.03 -12.29 -47.42
N LEU C 698 -8.85 -11.56 -46.67
CA LEU C 698 -10.29 -11.52 -46.96
C LEU C 698 -10.53 -10.94 -48.36
N GLU C 699 -9.77 -9.90 -48.71
CA GLU C 699 -9.91 -9.29 -50.03
C GLU C 699 -9.54 -10.27 -51.14
N ARG C 700 -8.50 -11.08 -50.94
CA ARG C 700 -8.18 -12.12 -51.90
C ARG C 700 -9.35 -13.05 -52.13
N LEU C 701 -9.93 -13.58 -51.04
CA LEU C 701 -11.00 -14.55 -51.16
C LEU C 701 -12.21 -13.97 -51.87
N TYR C 702 -12.50 -12.69 -51.64
CA TYR C 702 -13.53 -12.01 -52.41
C TYR C 702 -13.23 -12.08 -53.91
N LEU C 703 -11.95 -11.90 -54.27
CA LEU C 703 -11.58 -11.87 -55.68
C LEU C 703 -11.66 -13.26 -56.31
N GLN C 704 -11.27 -14.30 -55.58
CA GLN C 704 -11.51 -15.66 -56.07
C GLN C 704 -13.00 -15.87 -56.34
N MET C 705 -13.84 -15.44 -55.39
CA MET C 705 -15.27 -15.59 -55.54
C MET C 705 -15.78 -14.85 -56.78
N TRP C 706 -15.30 -13.63 -56.99
CA TRP C 706 -15.78 -12.86 -58.13
C TRP C 706 -15.25 -13.39 -59.45
N GLU C 707 -13.96 -13.76 -59.50
CA GLU C 707 -13.43 -14.40 -60.70
C GLU C 707 -14.24 -15.64 -61.06
N HIS C 708 -14.63 -16.42 -60.05
CA HIS C 708 -15.35 -17.67 -60.30
C HIS C 708 -16.74 -17.40 -60.86
N TYR C 709 -17.47 -16.46 -60.26
CA TYR C 709 -18.79 -16.12 -60.77
C TYR C 709 -18.69 -15.42 -62.13
N ALA C 710 -17.83 -14.41 -62.24
CA ALA C 710 -17.77 -13.62 -63.45
C ALA C 710 -17.35 -14.44 -64.67
N ALA C 711 -16.70 -15.59 -64.45
CA ALA C 711 -16.35 -16.51 -65.52
C ALA C 711 -17.44 -17.54 -65.77
N GLY C 712 -18.68 -17.27 -65.37
CA GLY C 712 -19.81 -18.11 -65.66
C GLY C 712 -20.04 -19.23 -64.66
N ASN C 713 -19.06 -19.57 -63.84
CA ASN C 713 -19.19 -20.70 -62.93
C ASN C 713 -20.11 -20.34 -61.77
N LYS C 714 -20.92 -21.30 -61.35
CA LYS C 714 -21.72 -21.10 -60.15
C LYS C 714 -20.99 -21.66 -58.94
N PRO C 715 -21.30 -21.12 -57.74
CA PRO C 715 -20.47 -21.35 -56.54
C PRO C 715 -19.90 -22.75 -56.36
N ASP C 716 -18.63 -22.79 -55.95
CA ASP C 716 -17.94 -24.04 -55.64
C ASP C 716 -16.83 -23.73 -54.64
N HIS C 717 -16.27 -24.79 -54.05
CA HIS C 717 -15.32 -24.65 -52.95
C HIS C 717 -14.07 -23.89 -53.40
N MET C 718 -13.33 -23.37 -52.41
CA MET C 718 -12.25 -22.44 -52.67
C MET C 718 -11.05 -22.76 -51.78
N ILE C 719 -9.89 -22.26 -52.20
CA ILE C 719 -8.65 -22.37 -51.43
C ILE C 719 -7.61 -21.31 -51.80
N GLN D 2 -18.75 0.37 -4.43
CA GLN D 2 -17.84 0.63 -3.32
C GLN D 2 -16.45 0.11 -3.60
N PHE D 3 -16.39 -1.01 -4.34
CA PHE D 3 -15.15 -1.56 -4.89
C PHE D 3 -14.24 -2.16 -3.82
N MET D 4 -14.82 -2.59 -2.69
CA MET D 4 -14.03 -3.31 -1.70
C MET D 4 -13.60 -4.67 -2.26
N PRO D 5 -12.36 -5.08 -2.00
CA PRO D 5 -11.90 -6.37 -2.50
C PRO D 5 -12.53 -7.51 -1.71
N VAL D 6 -12.45 -8.71 -2.29
CA VAL D 6 -13.03 -9.88 -1.63
C VAL D 6 -12.27 -10.21 -0.35
N TYR D 7 -10.94 -10.06 -0.37
CA TYR D 7 -10.14 -10.23 0.82
C TYR D 7 -9.03 -9.18 0.83
N GLN D 8 -8.21 -9.21 1.89
CA GLN D 8 -7.20 -8.21 2.13
C GLN D 8 -5.80 -8.78 1.87
N ILE D 9 -4.93 -7.95 1.29
CA ILE D 9 -3.52 -8.28 1.13
C ILE D 9 -2.79 -7.80 2.38
N TYR D 10 -1.81 -8.58 2.82
CA TYR D 10 -1.16 -8.35 4.10
C TYR D 10 0.32 -8.02 3.91
N LEU D 11 1.01 -7.85 5.03
CA LEU D 11 2.42 -7.50 5.02
C LEU D 11 3.28 -8.56 5.71
N SER E 4 61.86 -22.94 49.51
CA SER E 4 62.89 -22.88 48.49
C SER E 4 62.32 -23.16 47.10
N CYS E 5 61.18 -23.86 47.07
CA CYS E 5 60.59 -24.38 45.84
C CYS E 5 59.72 -23.32 45.16
N PRO E 6 59.96 -23.03 43.88
CA PRO E 6 59.04 -22.13 43.16
C PRO E 6 57.67 -22.74 42.89
N THR E 7 57.60 -24.05 42.65
CA THR E 7 56.30 -24.68 42.40
C THR E 7 55.47 -24.75 43.68
N HIS E 8 56.14 -24.97 44.83
CA HIS E 8 55.44 -24.92 46.12
C HIS E 8 54.84 -23.54 46.35
N ALA E 9 55.62 -22.49 46.11
CA ALA E 9 55.12 -21.13 46.28
C ALA E 9 54.04 -20.78 45.27
N ASP E 10 54.07 -21.43 44.10
CA ASP E 10 53.06 -21.15 43.08
C ASP E 10 51.69 -21.68 43.49
N SER E 11 51.63 -22.89 44.04
CA SER E 11 50.36 -23.40 44.53
C SER E 11 49.85 -22.59 45.70
N LEU E 12 50.76 -22.07 46.53
CA LEU E 12 50.36 -21.15 47.59
C LEU E 12 49.75 -19.88 47.01
N ASN E 13 50.36 -19.34 45.94
CA ASN E 13 49.81 -18.16 45.29
C ASN E 13 48.44 -18.44 44.69
N ASN E 14 48.27 -19.63 44.10
CA ASN E 14 46.95 -20.01 43.58
C ASN E 14 45.92 -20.06 44.71
N LEU E 15 46.30 -20.64 45.85
CA LEU E 15 45.41 -20.71 46.99
C LEU E 15 45.13 -19.33 47.58
N ALA E 16 46.12 -18.43 47.53
CA ALA E 16 45.89 -17.07 47.97
C ALA E 16 44.92 -16.34 47.04
N ASN E 17 45.05 -16.57 45.73
CA ASN E 17 44.15 -15.92 44.79
C ASN E 17 42.70 -16.35 45.04
N ILE E 18 42.47 -17.65 45.25
CA ILE E 18 41.11 -18.15 45.38
C ILE E 18 40.46 -17.63 46.66
N LYS E 19 41.24 -17.48 47.73
CA LYS E 19 40.69 -16.94 48.97
C LYS E 19 40.61 -15.42 48.93
N ARG E 20 41.28 -14.77 47.99
CA ARG E 20 40.94 -13.39 47.64
C ARG E 20 39.62 -13.33 46.91
N GLU E 21 39.35 -14.32 46.04
CA GLU E 21 38.10 -14.37 45.29
C GLU E 21 36.89 -14.61 46.18
N GLN E 22 37.09 -14.73 47.50
CA GLN E 22 36.03 -15.03 48.45
C GLN E 22 35.93 -13.96 49.54
N GLY E 23 36.53 -12.80 49.31
CA GLY E 23 36.48 -11.70 50.24
C GLY E 23 37.36 -11.84 51.46
N ASN E 24 38.06 -12.96 51.61
CA ASN E 24 38.91 -13.20 52.77
C ASN E 24 40.29 -12.61 52.49
N ILE E 25 40.32 -11.27 52.40
CA ILE E 25 41.57 -10.58 52.10
C ILE E 25 42.61 -10.83 53.17
N GLU E 26 42.17 -11.08 54.41
CA GLU E 26 43.11 -11.40 55.49
C GLU E 26 43.87 -12.68 55.18
N GLU E 27 43.16 -13.74 54.81
CA GLU E 27 43.82 -15.00 54.51
C GLU E 27 44.60 -14.93 53.20
N ALA E 28 44.12 -14.13 52.25
CA ALA E 28 44.86 -13.94 51.00
C ALA E 28 46.23 -13.33 51.27
N VAL E 29 46.29 -12.33 52.15
CA VAL E 29 47.56 -11.68 52.47
C VAL E 29 48.53 -12.68 53.08
N ARG E 30 48.06 -13.49 54.03
CA ARG E 30 48.95 -14.42 54.71
C ARG E 30 49.52 -15.43 53.73
N LEU E 31 48.69 -15.95 52.83
CA LEU E 31 49.16 -16.92 51.85
C LEU E 31 50.13 -16.27 50.86
N TYR E 32 49.85 -15.03 50.44
CA TYR E 32 50.78 -14.32 49.56
C TYR E 32 52.15 -14.16 50.21
N ARG E 33 52.17 -13.80 51.50
CA ARG E 33 53.44 -13.62 52.19
C ARG E 33 54.19 -14.94 52.34
N LYS E 34 53.46 -16.04 52.58
CA LYS E 34 54.12 -17.34 52.63
C LYS E 34 54.71 -17.71 51.28
N ALA E 35 53.98 -17.43 50.19
CA ALA E 35 54.52 -17.70 48.86
C ALA E 35 55.80 -16.91 48.63
N LEU E 36 55.86 -15.68 49.12
CA LEU E 36 57.08 -14.88 48.96
C LEU E 36 58.19 -15.34 49.89
N GLU E 37 57.85 -15.93 51.04
CA GLU E 37 58.90 -16.48 51.90
C GLU E 37 59.50 -17.74 51.28
N VAL E 38 58.67 -18.57 50.66
CA VAL E 38 59.17 -19.79 50.02
C VAL E 38 60.04 -19.43 48.82
N PHE E 39 59.56 -18.51 47.98
CA PHE E 39 60.27 -18.14 46.75
C PHE E 39 60.28 -16.61 46.64
N PRO E 40 61.30 -15.96 47.19
CA PRO E 40 61.29 -14.49 47.25
C PRO E 40 61.29 -13.80 45.90
N GLU E 41 61.74 -14.46 44.83
CA GLU E 41 61.81 -13.84 43.51
C GLU E 41 60.54 -14.05 42.70
N PHE E 42 59.40 -14.17 43.38
CA PHE E 42 58.11 -14.50 42.77
C PHE E 42 57.39 -13.19 42.47
N ALA E 43 57.51 -12.71 41.23
CA ALA E 43 56.96 -11.41 40.88
C ALA E 43 55.44 -11.37 40.99
N ALA E 44 54.77 -12.44 40.57
CA ALA E 44 53.31 -12.45 40.59
C ALA E 44 52.77 -12.31 42.01
N ALA E 45 53.40 -12.99 42.97
CA ALA E 45 52.96 -12.88 44.36
C ALA E 45 53.17 -11.46 44.90
N HIS E 46 54.27 -10.81 44.52
CA HIS E 46 54.48 -9.42 44.92
C HIS E 46 53.35 -8.53 44.40
N SER E 47 52.99 -8.70 43.13
CA SER E 47 51.94 -7.87 42.55
C SER E 47 50.59 -8.13 43.21
N ASN E 48 50.26 -9.41 43.42
CA ASN E 48 48.97 -9.73 44.03
C ASN E 48 48.90 -9.23 45.47
N LEU E 49 49.98 -9.42 46.23
CA LEU E 49 50.00 -8.91 47.61
C LEU E 49 49.90 -7.40 47.63
N ALA E 50 50.54 -6.73 46.66
CA ALA E 50 50.44 -5.27 46.58
C ALA E 50 49.01 -4.82 46.32
N SER E 51 48.30 -5.54 45.45
CA SER E 51 46.92 -5.16 45.15
C SER E 51 46.02 -5.27 46.37
N VAL E 52 46.23 -6.31 47.18
CA VAL E 52 45.42 -6.48 48.38
C VAL E 52 45.78 -5.43 49.42
N LEU E 53 47.08 -5.12 49.55
CA LEU E 53 47.51 -4.08 50.47
C LEU E 53 46.93 -2.73 50.08
N GLN E 54 46.95 -2.42 48.78
CA GLN E 54 46.29 -1.20 48.30
C GLN E 54 44.82 -1.20 48.66
N GLN E 55 44.17 -2.37 48.57
CA GLN E 55 42.77 -2.48 48.97
C GLN E 55 42.60 -2.20 50.45
N GLN E 56 43.55 -2.66 51.28
CA GLN E 56 43.51 -2.42 52.72
C GLN E 56 44.02 -1.04 53.11
N GLY E 57 44.41 -0.21 52.14
CA GLY E 57 44.88 1.12 52.43
C GLY E 57 46.34 1.23 52.80
N LYS E 58 47.09 0.13 52.75
CA LYS E 58 48.52 0.15 53.04
C LYS E 58 49.29 0.53 51.77
N LEU E 59 49.10 1.79 51.37
CA LEU E 59 49.62 2.26 50.09
C LEU E 59 51.15 2.21 50.06
N GLN E 60 51.80 2.65 51.13
CA GLN E 60 53.26 2.70 51.16
C GLN E 60 53.85 1.30 50.99
N GLU E 61 53.28 0.31 51.68
CA GLU E 61 53.80 -1.05 51.58
C GLU E 61 53.43 -1.69 50.25
N ALA E 62 52.23 -1.40 49.74
CA ALA E 62 51.85 -1.89 48.42
C ALA E 62 52.76 -1.33 47.35
N LEU E 63 53.16 -0.07 47.48
CA LEU E 63 54.11 0.53 46.55
C LEU E 63 55.45 -0.19 46.59
N MET E 64 55.88 -0.60 47.78
CA MET E 64 57.13 -1.35 47.90
C MET E 64 57.07 -2.64 47.10
N HIS E 65 55.96 -3.37 47.20
CA HIS E 65 55.87 -4.67 46.53
C HIS E 65 55.65 -4.53 45.04
N TYR E 66 54.96 -3.48 44.59
CA TYR E 66 54.86 -3.21 43.16
C TYR E 66 56.24 -2.95 42.55
N LYS E 67 57.06 -2.15 43.24
CA LYS E 67 58.42 -1.91 42.75
C LYS E 67 59.20 -3.20 42.67
N GLU E 68 59.03 -4.08 43.67
CA GLU E 68 59.75 -5.36 43.66
C GLU E 68 59.28 -6.23 42.50
N ALA E 69 57.98 -6.24 42.22
CA ALA E 69 57.47 -7.04 41.09
C ALA E 69 58.02 -6.51 39.77
N ILE E 70 58.10 -5.19 39.61
CA ILE E 70 58.66 -4.63 38.38
C ILE E 70 60.14 -4.95 38.25
N ARG E 71 60.86 -5.00 39.37
CA ARG E 71 62.27 -5.36 39.32
C ARG E 71 62.45 -6.78 38.81
N ILE E 72 61.61 -7.70 39.26
CA ILE E 72 61.76 -9.11 38.92
C ILE E 72 61.46 -9.35 37.44
N SER E 73 60.47 -8.66 36.89
CA SER E 73 60.12 -8.79 35.47
C SER E 73 59.78 -7.42 34.90
N PRO E 74 60.72 -6.79 34.18
CA PRO E 74 60.49 -5.44 33.68
C PRO E 74 59.35 -5.31 32.66
N THR E 75 58.96 -6.39 31.98
CA THR E 75 57.87 -6.34 31.02
C THR E 75 56.50 -6.42 31.68
N PHE E 76 56.43 -6.16 32.99
CA PHE E 76 55.20 -6.32 33.78
C PHE E 76 54.39 -5.04 33.67
N ALA E 77 53.66 -4.92 32.55
CA ALA E 77 52.90 -3.69 32.28
C ALA E 77 51.80 -3.51 33.32
N ASP E 78 51.15 -4.60 33.73
CA ASP E 78 50.07 -4.50 34.71
C ASP E 78 50.58 -3.99 36.06
N ALA E 79 51.78 -4.41 36.46
CA ALA E 79 52.36 -3.93 37.71
C ALA E 79 52.61 -2.42 37.65
N TYR E 80 53.10 -1.93 36.51
CA TYR E 80 53.27 -0.48 36.34
C TYR E 80 51.93 0.25 36.50
N SER E 81 50.89 -0.26 35.85
CA SER E 81 49.60 0.42 35.87
C SER E 81 49.01 0.46 37.28
N ASN E 82 49.10 -0.66 38.01
CA ASN E 82 48.55 -0.69 39.36
C ASN E 82 49.41 0.13 40.32
N MET E 83 50.73 0.10 40.14
CA MET E 83 51.59 0.98 40.90
C MET E 83 51.24 2.44 40.64
N GLY E 84 50.84 2.75 39.41
CA GLY E 84 50.35 4.10 39.14
C GLY E 84 49.10 4.43 39.92
N ASN E 85 48.16 3.48 40.02
CA ASN E 85 46.98 3.71 40.84
C ASN E 85 47.36 3.96 42.30
N THR E 86 48.33 3.20 42.81
CA THR E 86 48.77 3.40 44.18
C THR E 86 49.38 4.78 44.38
N LEU E 87 50.24 5.21 43.45
CA LEU E 87 50.81 6.55 43.54
C LEU E 87 49.74 7.63 43.39
N LYS E 88 48.69 7.34 42.63
CA LYS E 88 47.61 8.31 42.46
C LYS E 88 46.89 8.57 43.78
N GLU E 89 46.64 7.51 44.57
CA GLU E 89 46.02 7.70 45.87
C GLU E 89 46.97 8.39 46.84
N MET E 90 48.28 8.21 46.67
CA MET E 90 49.25 8.85 47.54
C MET E 90 49.51 10.30 47.17
N GLN E 91 48.66 10.89 46.33
CA GLN E 91 48.70 12.27 45.88
C GLN E 91 49.85 12.55 44.92
N ASP E 92 50.70 11.57 44.63
CA ASP E 92 51.81 11.74 43.68
C ASP E 92 51.30 11.45 42.27
N VAL E 93 50.54 12.40 41.74
CA VAL E 93 49.99 12.27 40.39
C VAL E 93 51.11 12.20 39.37
N GLN E 94 52.19 12.96 39.60
CA GLN E 94 53.33 12.94 38.68
C GLN E 94 53.94 11.54 38.59
N GLY E 95 54.12 10.88 39.73
CA GLY E 95 54.64 9.52 39.73
C GLY E 95 53.67 8.53 39.12
N ALA E 96 52.38 8.70 39.41
CA ALA E 96 51.36 7.86 38.79
C ALA E 96 51.34 8.04 37.28
N LEU E 97 51.49 9.29 36.83
CA LEU E 97 51.48 9.57 35.39
C LEU E 97 52.65 8.89 34.69
N GLN E 98 53.83 8.89 35.32
CA GLN E 98 54.97 8.20 34.73
C GLN E 98 54.71 6.70 34.64
N CYS E 99 54.15 6.10 35.69
CA CYS E 99 53.87 4.67 35.67
C CYS E 99 52.95 4.30 34.50
N TYR E 100 51.92 5.11 34.27
CA TYR E 100 51.00 4.83 33.18
C TYR E 100 51.71 4.92 31.83
N THR E 101 52.56 5.93 31.65
CA THR E 101 53.20 6.15 30.36
C THR E 101 54.29 5.11 30.09
N ARG E 102 55.04 4.72 31.12
CA ARG E 102 56.03 3.66 30.91
C ARG E 102 55.34 2.33 30.61
N ALA E 103 54.17 2.09 31.19
CA ALA E 103 53.43 0.87 30.91
C ALA E 103 52.93 0.84 29.47
N ILE E 104 52.38 1.95 28.99
CA ILE E 104 51.98 2.04 27.59
C ILE E 104 53.21 1.91 26.69
N GLN E 105 54.32 2.51 27.10
CA GLN E 105 55.54 2.47 26.30
C GLN E 105 56.05 1.03 26.16
N ILE E 106 55.97 0.26 27.23
CA ILE E 106 56.41 -1.14 27.19
C ILE E 106 55.44 -1.98 26.36
N ASN E 107 54.14 -1.83 26.60
CA ASN E 107 53.12 -2.65 25.93
C ASN E 107 52.11 -1.70 25.30
N PRO E 108 52.27 -1.38 24.01
CA PRO E 108 51.32 -0.46 23.36
C PRO E 108 49.89 -0.96 23.36
N ALA E 109 49.68 -2.27 23.35
CA ALA E 109 48.34 -2.84 23.27
C ALA E 109 47.65 -2.97 24.62
N PHE E 110 48.31 -2.57 25.71
CA PHE E 110 47.76 -2.75 27.05
C PHE E 110 46.72 -1.66 27.32
N ALA E 111 45.45 -2.06 27.45
CA ALA E 111 44.35 -1.10 27.48
C ALA E 111 44.22 -0.40 28.84
N ASP E 112 44.50 -1.10 29.93
CA ASP E 112 44.23 -0.56 31.25
C ASP E 112 45.04 0.71 31.53
N ALA E 113 46.29 0.73 31.05
CA ALA E 113 47.12 1.91 31.25
C ALA E 113 46.56 3.14 30.54
N HIS E 114 45.98 2.94 29.35
CA HIS E 114 45.33 4.04 28.65
C HIS E 114 44.14 4.58 29.45
N SER E 115 43.32 3.68 30.01
CA SER E 115 42.18 4.11 30.80
C SER E 115 42.62 4.86 32.04
N ASN E 116 43.67 4.37 32.72
CA ASN E 116 44.16 5.05 33.91
C ASN E 116 44.69 6.44 33.57
N LEU E 117 45.39 6.56 32.44
CA LEU E 117 45.84 7.87 31.99
C LEU E 117 44.67 8.79 31.69
N ALA E 118 43.60 8.24 31.12
CA ALA E 118 42.39 9.03 30.88
C ALA E 118 41.78 9.50 32.19
N SER E 119 41.78 8.64 33.22
N SER E 119 41.78 8.64 33.22
CA SER E 119 41.23 9.03 34.51
CA SER E 119 41.22 9.03 34.51
C SER E 119 42.02 10.19 35.11
C SER E 119 42.02 10.19 35.11
N ILE E 120 43.34 10.19 34.93
CA ILE E 120 44.16 11.29 35.43
C ILE E 120 43.79 12.59 34.70
N HIS E 121 43.60 12.51 33.38
CA HIS E 121 43.13 13.67 32.63
C HIS E 121 41.77 14.12 33.12
N LYS E 122 40.85 13.16 33.31
CA LYS E 122 39.49 13.49 33.70
C LYS E 122 39.46 14.18 35.06
N ASP E 123 40.31 13.73 35.99
CA ASP E 123 40.38 14.37 37.30
C ASP E 123 40.93 15.79 37.19
N SER E 124 41.94 16.00 36.35
CA SER E 124 42.54 17.32 36.17
C SER E 124 41.70 18.23 35.28
N GLY E 125 40.49 17.84 34.93
CA GLY E 125 39.60 18.68 34.14
C GLY E 125 39.82 18.65 32.64
N ASN E 126 40.78 17.86 32.16
CA ASN E 126 41.06 17.78 30.72
C ASN E 126 40.14 16.72 30.11
N ILE E 127 38.90 17.13 29.84
CA ILE E 127 37.87 16.19 29.42
C ILE E 127 38.11 15.69 28.00
N PRO E 128 38.38 16.56 27.00
CA PRO E 128 38.65 16.02 25.66
C PRO E 128 39.80 15.04 25.62
N GLU E 129 40.86 15.30 26.39
CA GLU E 129 41.98 14.36 26.46
C GLU E 129 41.56 13.07 27.11
N ALA E 130 40.73 13.15 28.16
CA ALA E 130 40.25 11.93 28.81
C ALA E 130 39.39 11.10 27.87
N ILE E 131 38.53 11.76 27.08
CA ILE E 131 37.69 11.04 26.13
C ILE E 131 38.55 10.33 25.09
N ALA E 132 39.60 10.99 24.60
CA ALA E 132 40.48 10.37 23.61
C ALA E 132 41.18 9.14 24.17
N SER E 133 41.69 9.24 25.40
CA SER E 133 42.42 8.12 25.99
C SER E 133 41.49 6.97 26.38
N TYR E 134 40.32 7.30 26.92
CA TYR E 134 39.32 6.26 27.17
C TYR E 134 38.94 5.55 25.88
N ARG E 135 38.82 6.28 24.78
CA ARG E 135 38.44 5.68 23.51
C ARG E 135 39.54 4.75 23.01
N THR E 136 40.81 5.12 23.20
CA THR E 136 41.90 4.22 22.83
C THR E 136 41.85 2.93 23.65
N ALA E 137 41.57 3.04 24.95
CA ALA E 137 41.50 1.85 25.80
C ALA E 137 40.37 0.93 25.36
N LEU E 138 39.22 1.49 25.01
CA LEU E 138 38.10 0.66 24.54
C LEU E 138 38.37 0.08 23.16
N LYS E 139 39.16 0.78 22.34
CA LYS E 139 39.57 0.19 21.06
C LYS E 139 40.44 -1.04 21.28
N LEU E 140 41.35 -0.98 22.24
CA LEU E 140 42.20 -2.12 22.53
C LEU E 140 41.41 -3.25 23.19
N LYS E 141 40.53 -2.92 24.13
CA LYS E 141 39.75 -3.91 24.87
C LYS E 141 38.29 -3.46 24.90
N PRO E 142 37.48 -3.92 23.94
CA PRO E 142 36.08 -3.48 23.88
C PRO E 142 35.28 -3.78 25.14
N ASP E 143 35.52 -4.92 25.78
CA ASP E 143 34.78 -5.30 27.00
C ASP E 143 35.54 -4.74 28.20
N PHE E 144 35.40 -3.43 28.40
CA PHE E 144 36.13 -2.70 29.44
C PHE E 144 35.17 -1.80 30.20
N PRO E 145 34.51 -2.32 31.23
CA PRO E 145 33.50 -1.52 31.94
C PRO E 145 34.03 -0.23 32.54
N ASP E 146 35.25 -0.24 33.09
CA ASP E 146 35.78 0.96 33.73
C ASP E 146 35.90 2.10 32.73
N ALA E 147 36.48 1.84 31.56
CA ALA E 147 36.60 2.88 30.56
C ALA E 147 35.23 3.33 30.04
N TYR E 148 34.32 2.37 29.83
CA TYR E 148 33.03 2.71 29.24
C TYR E 148 32.22 3.62 30.15
N CYS E 149 32.14 3.29 31.44
CA CYS E 149 31.34 4.09 32.36
C CYS E 149 31.97 5.44 32.61
N ASN E 150 33.30 5.49 32.79
CA ASN E 150 33.98 6.76 32.96
C ASN E 150 33.86 7.62 31.71
N LEU E 151 33.99 7.01 30.54
CA LEU E 151 33.80 7.76 29.29
C LEU E 151 32.35 8.19 29.13
N ALA E 152 31.41 7.37 29.60
CA ALA E 152 30.00 7.77 29.56
C ALA E 152 29.76 9.03 30.39
N HIS E 153 30.46 9.15 31.52
CA HIS E 153 30.36 10.36 32.33
C HIS E 153 30.99 11.55 31.63
N CYS E 154 32.13 11.33 30.96
CA CYS E 154 32.78 12.43 30.23
C CYS E 154 31.87 12.98 29.14
N LEU E 155 31.21 12.10 28.39
CA LEU E 155 30.28 12.56 27.37
C LEU E 155 29.10 13.29 28.01
N GLN E 156 28.63 12.79 29.16
CA GLN E 156 27.58 13.49 29.89
C GLN E 156 28.05 14.88 30.33
N ILE E 157 29.34 15.00 30.67
CA ILE E 157 29.87 16.29 31.12
C ILE E 157 29.81 17.32 30.01
N VAL E 158 30.20 16.93 28.79
CA VAL E 158 30.29 17.86 27.67
C VAL E 158 29.04 17.80 26.79
N CYS E 159 27.97 17.16 27.25
CA CYS E 159 26.71 17.08 26.51
C CYS E 159 26.88 16.45 25.14
N ASP E 160 27.71 15.40 25.08
CA ASP E 160 27.80 14.57 23.88
C ASP E 160 26.78 13.46 24.02
N TRP E 161 25.68 13.56 23.26
CA TRP E 161 24.58 12.62 23.33
C TRP E 161 24.52 11.69 22.12
N THR E 162 25.68 11.40 21.54
CA THR E 162 25.72 10.45 20.43
C THR E 162 25.47 9.05 20.96
N ASP E 163 24.48 8.36 20.37
CA ASP E 163 24.11 7.00 20.76
C ASP E 163 23.67 6.97 22.22
N TYR E 164 22.93 7.99 22.64
CA TYR E 164 22.65 8.20 24.06
C TYR E 164 21.84 7.05 24.65
N ASP E 165 20.82 6.57 23.93
CA ASP E 165 19.91 5.59 24.51
C ASP E 165 20.56 4.23 24.66
N GLU E 166 21.31 3.78 23.65
CA GLU E 166 22.04 2.53 23.82
C GLU E 166 23.18 2.68 24.82
N ARG E 167 23.70 3.89 24.99
CA ARG E 167 24.66 4.14 26.05
C ARG E 167 24.03 3.91 27.42
N MET E 168 22.79 4.35 27.59
CA MET E 168 22.11 4.17 28.87
C MET E 168 21.83 2.72 29.18
N LYS E 169 21.35 1.95 28.20
CA LYS E 169 21.07 0.54 28.45
C LYS E 169 22.36 -0.24 28.66
N LYS E 170 23.42 0.11 27.92
CA LYS E 170 24.71 -0.53 28.14
C LYS E 170 25.22 -0.27 29.55
N LEU E 171 25.05 0.97 30.04
CA LEU E 171 25.42 1.27 31.42
C LEU E 171 24.64 0.42 32.40
N VAL E 172 23.33 0.30 32.20
CA VAL E 172 22.50 -0.48 33.10
C VAL E 172 22.90 -1.95 33.07
N SER E 173 23.18 -2.48 31.88
CA SER E 173 23.61 -3.88 31.78
C SER E 173 24.95 -4.10 32.44
N ILE E 174 25.88 -3.13 32.32
CA ILE E 174 27.17 -3.25 32.98
C ILE E 174 27.00 -3.30 34.50
N VAL E 175 26.14 -2.42 35.03
CA VAL E 175 25.86 -2.43 36.46
C VAL E 175 25.24 -3.76 36.88
N ALA E 176 24.28 -4.26 36.10
CA ALA E 176 23.61 -5.51 36.46
C ALA E 176 24.58 -6.68 36.49
N ASP E 177 25.47 -6.77 35.50
CA ASP E 177 26.41 -7.89 35.45
C ASP E 177 27.43 -7.80 36.59
N GLN E 178 27.97 -6.61 36.84
CA GLN E 178 28.97 -6.47 37.91
C GLN E 178 28.34 -6.65 39.29
N LEU E 179 27.05 -6.36 39.43
CA LEU E 179 26.39 -6.58 40.71
C LEU E 179 26.03 -8.04 40.94
N GLU E 180 25.73 -8.77 39.86
CA GLU E 180 25.52 -10.23 39.98
C GLU E 180 26.76 -10.89 40.57
N LYS E 181 27.90 -10.63 39.97
CA LYS E 181 29.18 -11.00 40.56
C LYS E 181 29.47 -10.07 41.73
N ASN E 182 30.45 -10.44 42.56
CA ASN E 182 30.83 -9.58 43.67
C ASN E 182 31.90 -8.59 43.23
N ARG E 183 31.53 -7.73 42.30
CA ARG E 183 32.42 -6.74 41.72
C ARG E 183 31.96 -5.34 42.13
N LEU E 184 32.92 -4.45 42.33
CA LEU E 184 32.60 -3.05 42.56
C LEU E 184 32.11 -2.44 41.25
N PRO E 185 30.89 -1.93 41.19
CA PRO E 185 30.36 -1.41 39.93
C PRO E 185 31.20 -0.25 39.40
N SER E 186 31.38 -0.22 38.08
CA SER E 186 32.16 0.82 37.43
C SER E 186 31.45 2.16 37.41
N VAL E 187 30.17 2.21 37.80
CA VAL E 187 29.44 3.46 37.93
C VAL E 187 29.62 3.97 39.35
N HIS E 188 30.11 5.20 39.48
CA HIS E 188 30.25 5.81 40.79
C HIS E 188 28.87 6.12 41.36
N PRO E 189 28.67 5.94 42.67
CA PRO E 189 27.34 6.20 43.24
C PRO E 189 26.84 7.61 43.00
N HIS E 190 27.75 8.58 43.00
CA HIS E 190 27.37 9.96 42.73
C HIS E 190 26.81 10.12 41.32
N HIS E 191 27.25 9.28 40.39
CA HIS E 191 26.80 9.36 39.01
C HIS E 191 25.53 8.57 38.73
N SER E 192 25.16 7.65 39.62
CA SER E 192 24.02 6.78 39.36
C SER E 192 22.72 7.56 39.21
N MET E 193 22.65 8.75 39.82
CA MET E 193 21.45 9.57 39.69
C MET E 193 21.23 10.07 38.27
N LEU E 194 22.26 10.04 37.43
CA LEU E 194 22.17 10.56 36.07
C LEU E 194 21.78 9.50 35.04
N TYR E 195 21.76 8.23 35.41
CA TYR E 195 21.52 7.16 34.46
C TYR E 195 20.22 6.43 34.80
N PRO E 196 19.51 5.93 33.78
CA PRO E 196 18.21 5.27 34.04
C PRO E 196 18.36 3.95 34.77
N LEU E 197 18.76 4.01 36.04
CA LEU E 197 18.95 2.83 36.86
C LEU E 197 17.80 2.68 37.84
N SER E 198 17.52 1.43 38.20
CA SER E 198 16.53 1.17 39.23
C SER E 198 17.00 1.74 40.57
N HIS E 199 16.05 2.01 41.46
CA HIS E 199 16.40 2.46 42.79
C HIS E 199 17.26 1.44 43.51
N GLY E 200 16.97 0.15 43.30
CA GLY E 200 17.77 -0.89 43.92
C GLY E 200 19.20 -0.91 43.42
N PHE E 201 19.38 -0.66 42.12
CA PHE E 201 20.73 -0.61 41.57
C PHE E 201 21.54 0.53 42.18
N ARG E 202 20.92 1.70 42.35
CA ARG E 202 21.62 2.83 42.95
C ARG E 202 22.01 2.51 44.39
N LYS E 203 21.10 1.92 45.17
CA LYS E 203 21.42 1.56 46.54
C LYS E 203 22.52 0.52 46.60
N ALA E 204 22.48 -0.48 45.70
CA ALA E 204 23.49 -1.53 45.70
C ALA E 204 24.87 -0.96 45.39
N ILE E 205 24.95 -0.03 44.44
CA ILE E 205 26.23 0.60 44.11
C ILE E 205 26.78 1.34 45.32
N ALA E 206 25.93 2.10 46.02
CA ALA E 206 26.38 2.85 47.18
C ALA E 206 26.87 1.92 48.28
N GLU E 207 26.17 0.82 48.53
CA GLU E 207 26.62 -0.13 49.53
C GLU E 207 27.94 -0.78 49.12
N ARG E 208 28.09 -1.10 47.83
CA ARG E 208 29.33 -1.69 47.34
C ARG E 208 30.51 -0.77 47.61
N HIS E 209 30.34 0.53 47.36
CA HIS E 209 31.41 1.48 47.62
C HIS E 209 31.68 1.65 49.11
N GLY E 210 30.62 1.60 49.92
CA GLY E 210 30.81 1.75 51.36
C GLY E 210 31.65 0.65 51.97
N ASN E 211 31.55 -0.57 51.45
CA ASN E 211 32.32 -1.68 52.00
C ASN E 211 33.81 -1.54 51.79
N LEU E 212 34.24 -0.67 50.87
CA LEU E 212 35.66 -0.42 50.71
C LEU E 212 36.26 0.22 51.96
N CYS E 213 35.49 1.04 52.67
CA CYS E 213 35.93 1.55 53.96
C CYS E 213 36.15 0.41 54.94
N LEU E 214 35.28 -0.60 54.91
CA LEU E 214 35.41 -1.72 55.83
C LEU E 214 36.71 -2.49 55.61
N ASP E 215 37.11 -2.68 54.35
CA ASP E 215 38.39 -3.31 54.06
C ASP E 215 39.54 -2.49 54.63
N LYS E 216 39.41 -1.15 54.65
CA LYS E 216 40.47 -0.28 55.12
C LYS E 216 40.47 -0.08 56.64
N ILE E 217 39.34 -0.31 57.31
CA ILE E 217 39.28 -0.18 58.76
C ILE E 217 39.41 -1.50 59.49
N ASN E 218 39.09 -2.62 58.85
CA ASN E 218 39.23 -3.91 59.50
C ASN E 218 40.68 -4.22 59.84
N VAL E 219 41.61 -3.70 59.04
CA VAL E 219 43.03 -3.91 59.31
C VAL E 219 43.47 -3.14 60.54
N LEU E 220 42.73 -2.09 60.93
CA LEU E 220 43.04 -1.38 62.16
C LEU E 220 42.76 -2.19 63.41
N HIS E 221 41.86 -3.18 63.31
CA HIS E 221 41.52 -4.06 64.43
C HIS E 221 41.05 -3.28 65.65
N LYS E 222 40.19 -2.29 65.42
CA LYS E 222 39.74 -1.48 66.55
C LYS E 222 38.46 -2.05 67.14
N PRO E 223 38.40 -2.26 68.45
CA PRO E 223 37.17 -2.75 69.08
C PRO E 223 36.06 -1.72 68.99
N PRO E 224 34.80 -2.14 69.13
CA PRO E 224 33.70 -1.18 69.07
C PRO E 224 33.79 -0.13 70.17
N TYR E 225 33.42 1.09 69.83
CA TYR E 225 33.47 2.20 70.79
C TYR E 225 32.30 2.12 71.76
N GLU E 226 32.52 2.64 72.96
CA GLU E 226 31.48 2.79 73.96
C GLU E 226 30.89 4.19 73.86
N HIS E 227 29.64 4.26 73.54
CA HIS E 227 29.02 5.56 73.32
C HIS E 227 28.29 6.03 74.57
N PRO E 228 28.25 7.34 74.80
CA PRO E 228 27.50 7.85 75.96
C PRO E 228 26.03 7.50 75.88
N LYS E 229 25.48 7.03 76.99
CA LYS E 229 24.07 6.73 77.11
C LYS E 229 23.29 7.87 77.75
N ASP E 230 23.95 8.98 78.06
CA ASP E 230 23.33 10.10 78.74
C ASP E 230 24.05 11.39 78.32
N LEU E 231 23.59 12.51 78.86
CA LEU E 231 24.22 13.80 78.65
C LEU E 231 24.84 14.34 79.93
N LYS E 232 25.23 13.43 80.83
CA LYS E 232 25.76 13.84 82.14
C LYS E 232 27.08 14.57 81.99
N LEU E 233 28.01 14.02 81.19
CA LEU E 233 29.34 14.60 81.07
C LEU E 233 29.30 15.98 80.42
N SER E 234 28.31 16.23 79.56
CA SER E 234 28.23 17.49 78.81
C SER E 234 27.16 18.43 79.35
N ASP E 235 26.77 18.28 80.61
CA ASP E 235 25.83 19.19 81.28
C ASP E 235 24.55 19.37 80.49
N GLY E 236 23.96 18.25 80.09
CA GLY E 236 22.71 18.31 79.34
C GLY E 236 22.82 18.82 77.93
N ARG E 237 24.04 18.97 77.43
CA ARG E 237 24.28 19.46 76.08
C ARG E 237 24.47 18.27 75.14
N LEU E 238 23.74 18.26 74.04
CA LEU E 238 23.89 17.21 73.03
C LEU E 238 25.06 17.57 72.13
N ARG E 239 26.05 16.69 72.07
CA ARG E 239 27.30 16.97 71.34
C ARG E 239 27.12 16.56 69.89
N VAL E 240 27.12 17.53 69.00
CA VAL E 240 26.88 17.32 67.57
C VAL E 240 28.17 17.64 66.82
N GLY E 241 28.66 16.67 66.05
CA GLY E 241 29.85 16.89 65.25
C GLY E 241 29.60 16.89 63.75
N TYR E 242 30.05 17.93 63.06
CA TYR E 242 29.90 18.02 61.62
C TYR E 242 31.23 17.70 60.96
N VAL E 243 31.25 16.64 60.15
CA VAL E 243 32.47 16.21 59.47
C VAL E 243 32.37 16.61 58.02
N SER E 244 33.27 17.48 57.58
CA SER E 244 33.26 17.94 56.20
C SER E 244 34.68 18.16 55.71
N SER E 245 34.87 17.98 54.41
CA SER E 245 36.07 18.42 53.72
C SER E 245 35.84 19.72 52.98
N ASP E 246 34.74 20.42 53.29
CA ASP E 246 34.31 21.60 52.55
C ASP E 246 34.09 22.80 53.46
N PHE E 247 34.85 22.88 54.56
CA PHE E 247 34.89 24.10 55.36
C PHE E 247 35.87 25.05 54.69
N GLY E 248 35.35 25.80 53.73
CA GLY E 248 36.19 26.68 52.91
C GLY E 248 35.38 27.25 51.77
N ASN E 249 36.07 27.59 50.69
CA ASN E 249 35.41 28.15 49.51
C ASN E 249 34.85 27.02 48.66
N HIS E 250 33.85 26.35 49.21
CA HIS E 250 33.12 25.27 48.58
C HIS E 250 31.62 25.55 48.75
N PRO E 251 30.78 25.06 47.84
CA PRO E 251 29.34 25.36 47.96
C PRO E 251 28.72 24.94 49.28
N THR E 252 29.26 23.91 49.94
CA THR E 252 28.73 23.50 51.23
C THR E 252 28.79 24.63 52.24
N SER E 253 29.94 25.32 52.32
CA SER E 253 30.05 26.46 53.22
C SER E 253 29.09 27.58 52.79
N HIS E 254 28.94 27.79 51.48
CA HIS E 254 27.98 28.77 50.99
C HIS E 254 26.56 28.48 51.43
N LEU E 255 26.30 27.32 52.03
CA LEU E 255 24.96 26.91 52.44
C LEU E 255 24.77 26.85 53.93
N MET E 256 25.77 26.39 54.70
CA MET E 256 25.58 26.15 56.13
C MET E 256 26.60 26.89 57.00
N GLN E 257 27.29 27.90 56.46
CA GLN E 257 28.37 28.52 57.22
C GLN E 257 27.87 29.23 58.47
N SER E 258 26.57 29.54 58.56
CA SER E 258 26.03 30.19 59.74
C SER E 258 25.38 29.23 60.73
N ILE E 259 25.07 28.00 60.30
CA ILE E 259 24.38 27.05 61.19
C ILE E 259 25.18 26.75 62.45
N PRO E 260 26.49 26.47 62.39
CA PRO E 260 27.22 26.19 63.64
C PRO E 260 27.12 27.30 64.67
N GLY E 261 27.15 28.56 64.23
CA GLY E 261 27.05 29.67 65.15
C GLY E 261 25.67 29.89 65.73
N MET E 262 24.64 29.38 65.06
CA MET E 262 23.26 29.60 65.47
C MET E 262 22.70 28.48 66.35
N HIS E 263 23.51 27.47 66.66
CA HIS E 263 23.05 26.44 67.58
C HIS E 263 22.90 27.02 68.98
N ASN E 264 22.03 26.39 69.77
CA ASN E 264 21.68 26.90 71.08
C ASN E 264 22.74 26.43 72.08
N PRO E 265 23.52 27.32 72.69
CA PRO E 265 24.58 26.88 73.61
C PRO E 265 24.07 26.18 74.86
N ASP E 266 22.82 26.41 75.25
CA ASP E 266 22.29 25.76 76.44
C ASP E 266 22.10 24.26 76.20
N LYS E 267 21.68 23.88 75.00
CA LYS E 267 21.34 22.50 74.70
C LYS E 267 22.36 21.78 73.84
N PHE E 268 23.29 22.48 73.19
CA PHE E 268 24.14 21.86 72.19
C PHE E 268 25.59 22.29 72.37
N GLU E 269 26.49 21.41 71.92
CA GLU E 269 27.92 21.67 71.89
C GLU E 269 28.42 21.24 70.52
N VAL E 270 28.79 22.22 69.69
CA VAL E 270 29.06 21.99 68.28
C VAL E 270 30.54 21.70 68.07
N PHE E 271 30.83 20.59 67.42
CA PHE E 271 32.19 20.23 67.03
C PHE E 271 32.25 20.18 65.50
N CYS E 272 33.28 20.79 64.94
CA CYS E 272 33.46 20.81 63.48
C CYS E 272 34.77 20.12 63.15
N TYR E 273 34.69 19.04 62.37
CA TYR E 273 35.85 18.25 61.99
C TYR E 273 36.15 18.53 60.53
N ALA E 274 37.13 19.40 60.29
CA ALA E 274 37.54 19.70 58.92
C ALA E 274 38.40 18.56 58.39
N LEU E 275 37.95 17.95 57.29
CA LEU E 275 38.74 16.92 56.63
C LEU E 275 39.81 17.50 55.73
N SER E 276 39.73 18.80 55.41
CA SER E 276 40.64 19.52 54.54
C SER E 276 41.38 20.61 55.31
N PRO E 277 42.59 20.98 54.90
CA PRO E 277 43.33 22.02 55.60
C PRO E 277 42.75 23.41 55.34
N ASP E 278 43.25 24.37 56.10
CA ASP E 278 42.76 25.74 56.03
C ASP E 278 43.12 26.34 54.67
N ASP E 279 42.11 26.84 53.95
CA ASP E 279 42.32 27.47 52.66
C ASP E 279 42.46 28.98 52.73
N GLY E 280 42.42 29.56 53.93
CA GLY E 280 42.61 30.98 54.10
C GLY E 280 41.40 31.84 53.78
N THR E 281 40.28 31.25 53.43
CA THR E 281 39.09 32.00 53.08
C THR E 281 38.26 32.34 54.32
N ASN E 282 37.33 33.26 54.15
CA ASN E 282 36.51 33.70 55.27
C ASN E 282 35.50 32.63 55.70
N PHE E 283 35.11 31.74 54.77
CA PHE E 283 34.21 30.66 55.14
C PHE E 283 34.84 29.77 56.19
N ARG E 284 36.11 29.40 55.99
CA ARG E 284 36.82 28.62 56.99
C ARG E 284 36.99 29.41 58.28
N VAL E 285 37.27 30.70 58.18
CA VAL E 285 37.44 31.53 59.35
C VAL E 285 36.16 31.58 60.19
N LYS E 286 35.01 31.69 59.50
CA LYS E 286 33.74 31.83 60.22
C LYS E 286 33.39 30.56 60.98
N VAL E 287 33.53 29.39 60.34
CA VAL E 287 33.17 28.14 60.99
C VAL E 287 34.09 27.88 62.18
N MET E 288 35.38 28.16 62.03
CA MET E 288 36.31 28.02 63.15
C MET E 288 35.94 28.96 64.29
N ALA E 289 35.56 30.20 63.96
CA ALA E 289 35.26 31.19 64.99
C ALA E 289 34.01 30.82 65.78
N GLU E 290 32.98 30.30 65.10
CA GLU E 290 31.66 30.17 65.72
C GLU E 290 31.36 28.76 66.22
N ALA E 291 31.98 27.72 65.67
CA ALA E 291 31.83 26.40 66.25
C ALA E 291 32.40 26.39 67.66
N ASN E 292 31.70 25.71 68.57
CA ASN E 292 32.20 25.57 69.94
C ASN E 292 33.60 24.97 69.94
N HIS E 293 33.83 23.97 69.09
CA HIS E 293 35.15 23.40 68.89
C HIS E 293 35.35 23.12 67.41
N PHE E 294 36.55 23.41 66.91
CA PHE E 294 36.93 23.14 65.53
C PHE E 294 38.17 22.28 65.54
N ILE E 295 38.09 21.11 64.91
CA ILE E 295 39.17 20.13 64.91
C ILE E 295 39.60 19.91 63.47
N ASP E 296 40.88 20.15 63.19
CA ASP E 296 41.45 19.93 61.85
C ASP E 296 41.88 18.47 61.79
N LEU E 297 41.02 17.62 61.21
CA LEU E 297 41.35 16.21 61.05
C LEU E 297 42.30 15.94 59.89
N SER E 298 42.50 16.91 58.98
CA SER E 298 43.51 16.74 57.95
C SER E 298 44.92 16.64 58.53
N GLN E 299 45.09 17.01 59.80
CA GLN E 299 46.34 16.82 60.50
C GLN E 299 46.48 15.42 61.10
N ILE E 300 45.39 14.65 61.13
CA ILE E 300 45.43 13.28 61.65
C ILE E 300 45.11 12.32 60.50
N PRO E 301 46.10 11.96 59.69
CA PRO E 301 45.81 11.10 58.52
C PRO E 301 45.26 9.73 58.90
N CYS E 302 45.70 9.17 60.03
CA CYS E 302 45.24 7.84 60.42
C CYS E 302 43.75 7.88 60.79
N ASN E 303 42.96 7.03 60.14
CA ASN E 303 41.53 7.01 60.44
C ASN E 303 41.25 6.41 61.81
N GLY E 304 42.11 5.50 62.28
CA GLY E 304 41.96 4.99 63.63
C GLY E 304 42.16 6.04 64.68
N LYS E 305 43.23 6.84 64.55
CA LYS E 305 43.49 7.90 65.52
C LYS E 305 42.45 9.01 65.42
N ALA E 306 42.03 9.35 64.21
CA ALA E 306 41.02 10.39 64.04
C ALA E 306 39.68 9.96 64.63
N ALA E 307 39.30 8.70 64.42
CA ALA E 307 38.07 8.19 65.03
C ALA E 307 38.19 8.16 66.55
N ASP E 308 39.38 7.85 67.06
CA ASP E 308 39.61 7.92 68.50
C ASP E 308 39.40 9.34 69.02
N ARG E 309 39.86 10.33 68.26
CA ARG E 309 39.68 11.71 68.67
C ARG E 309 38.20 12.09 68.69
N ILE E 310 37.45 11.65 67.68
CA ILE E 310 36.01 11.89 67.67
C ILE E 310 35.36 11.26 68.89
N HIS E 311 35.77 10.03 69.22
CA HIS E 311 35.20 9.32 70.37
C HIS E 311 35.54 10.03 71.68
N GLN E 312 36.78 10.53 71.81
CA GLN E 312 37.17 11.18 73.05
C GLN E 312 36.38 12.46 73.29
N ASP E 313 35.93 13.13 72.22
CA ASP E 313 35.14 14.35 72.38
C ASP E 313 33.76 14.06 72.95
N GLY E 314 33.32 12.80 72.93
CA GLY E 314 32.01 12.46 73.44
C GLY E 314 30.86 12.82 72.53
N ILE E 315 31.09 12.82 71.21
CA ILE E 315 30.04 13.15 70.26
C ILE E 315 28.86 12.19 70.41
N HIS E 316 27.65 12.74 70.33
CA HIS E 316 26.43 11.94 70.32
C HIS E 316 25.86 11.77 68.92
N ILE E 317 25.89 12.81 68.11
CA ILE E 317 25.41 12.76 66.73
C ILE E 317 26.51 13.25 65.81
N LEU E 318 26.96 12.38 64.90
CA LEU E 318 27.97 12.72 63.92
C LEU E 318 27.31 12.84 62.55
N VAL E 319 27.56 13.96 61.87
CA VAL E 319 26.87 14.30 60.63
C VAL E 319 27.87 14.21 59.49
N ASN E 320 27.54 13.39 58.49
CA ASN E 320 28.36 13.24 57.29
C ASN E 320 27.84 14.21 56.23
N MET E 321 28.62 15.24 55.94
CA MET E 321 28.28 16.21 54.92
C MET E 321 29.09 16.02 53.64
N ASN E 322 29.68 14.83 53.46
CA ASN E 322 30.45 14.53 52.28
C ASN E 322 29.85 13.39 51.47
N GLY E 323 29.50 12.29 52.12
CA GLY E 323 29.01 11.13 51.38
C GLY E 323 30.08 10.63 50.43
N TYR E 324 29.68 10.36 49.20
CA TYR E 324 30.60 9.88 48.17
C TYR E 324 31.02 11.01 47.24
N THR E 325 31.72 11.99 47.83
CA THR E 325 32.25 13.13 47.11
C THR E 325 33.72 13.32 47.45
N LYS E 326 34.38 14.18 46.67
CA LYS E 326 35.80 14.43 46.85
C LYS E 326 36.09 14.94 48.26
N GLY E 327 37.07 14.34 48.91
CA GLY E 327 37.50 14.74 50.24
C GLY E 327 36.91 13.93 51.38
N ALA E 328 36.03 12.97 51.08
CA ALA E 328 35.35 12.23 52.14
C ALA E 328 36.30 11.25 52.83
N ARG E 329 36.00 10.96 54.10
CA ARG E 329 36.73 9.99 54.90
C ARG E 329 35.74 9.09 55.63
N ASN E 330 34.80 8.50 54.87
CA ASN E 330 33.76 7.66 55.46
C ASN E 330 34.29 6.54 56.34
N GLU E 331 35.60 6.26 56.27
CA GLU E 331 36.21 5.32 57.22
C GLU E 331 36.02 5.79 58.65
N LEU E 332 35.99 7.11 58.86
CA LEU E 332 35.72 7.65 60.19
C LEU E 332 34.33 7.25 60.66
N PHE E 333 33.35 7.26 59.76
CA PHE E 333 32.00 6.90 60.10
C PHE E 333 31.83 5.39 60.21
N ALA E 334 32.63 4.62 59.47
CA ALA E 334 32.52 3.17 59.53
C ALA E 334 33.01 2.61 60.86
N LEU E 335 33.94 3.29 61.51
CA LEU E 335 34.40 2.86 62.83
C LEU E 335 33.40 3.18 63.92
N ARG E 336 32.23 3.72 63.56
CA ARG E 336 31.12 4.11 64.43
C ARG E 336 31.61 4.70 65.74
N PRO E 337 32.26 5.88 65.71
CA PRO E 337 32.70 6.51 66.95
C PRO E 337 31.58 7.24 67.69
N ALA E 338 30.39 7.33 67.11
CA ALA E 338 29.28 8.07 67.70
C ALA E 338 28.05 7.17 67.79
N PRO E 339 27.21 7.40 68.80
CA PRO E 339 25.98 6.61 68.91
C PRO E 339 25.04 6.79 67.72
N ILE E 340 24.90 8.01 67.21
CA ILE E 340 23.99 8.32 66.12
C ILE E 340 24.79 8.97 65.01
N GLN E 341 24.61 8.48 63.78
CA GLN E 341 25.32 8.98 62.61
C GLN E 341 24.30 9.29 61.52
N ALA E 342 24.39 10.48 60.93
CA ALA E 342 23.39 10.95 59.98
C ALA E 342 24.06 11.65 58.81
N MET E 343 23.27 11.91 57.77
CA MET E 343 23.72 12.56 56.54
C MET E 343 22.94 13.86 56.36
N TRP E 344 23.59 14.88 55.82
CA TRP E 344 22.95 16.19 55.73
C TRP E 344 23.65 17.07 54.70
N LEU E 345 22.92 17.42 53.64
CA LEU E 345 23.24 18.52 52.72
C LEU E 345 24.44 18.27 51.82
N GLY E 346 25.20 17.22 52.09
CA GLY E 346 26.42 17.01 51.35
C GLY E 346 26.23 16.16 50.11
N TYR E 347 25.73 14.94 50.32
CA TYR E 347 25.56 13.97 49.27
C TYR E 347 24.09 13.80 48.96
N PRO E 348 23.64 14.09 47.73
CA PRO E 348 22.22 13.94 47.37
C PRO E 348 21.85 12.50 47.03
N GLY E 349 22.03 11.61 47.99
CA GLY E 349 21.71 10.20 47.77
C GLY E 349 21.99 9.41 49.03
N THR E 350 21.60 8.14 48.97
CA THR E 350 21.81 7.26 50.11
C THR E 350 23.28 6.87 50.23
N SER E 351 23.69 6.61 51.48
CA SER E 351 25.03 6.09 51.69
C SER E 351 25.12 4.62 51.30
N GLY E 352 24.00 3.89 51.33
CA GLY E 352 24.00 2.46 51.14
C GLY E 352 24.63 1.67 52.26
N ALA E 353 25.31 2.34 53.19
CA ALA E 353 26.06 1.68 54.24
C ALA E 353 25.23 1.56 55.51
N LEU E 354 25.59 0.56 56.33
CA LEU E 354 24.94 0.35 57.60
C LEU E 354 25.54 1.19 58.72
N PHE E 355 26.74 1.75 58.51
CA PHE E 355 27.31 2.63 59.52
C PHE E 355 26.67 4.01 59.55
N MET E 356 25.65 4.24 58.73
CA MET E 356 24.86 5.46 58.76
C MET E 356 23.45 5.11 59.21
N ASP E 357 22.96 5.82 60.22
CA ASP E 357 21.66 5.51 60.81
C ASP E 357 20.52 6.29 60.13
N TYR E 358 20.61 7.61 60.11
CA TYR E 358 19.58 8.46 59.54
C TYR E 358 20.10 9.18 58.31
N ILE E 359 19.16 9.79 57.59
CA ILE E 359 19.45 10.69 56.48
C ILE E 359 18.47 11.85 56.58
N ILE E 360 18.99 13.05 56.83
CA ILE E 360 18.15 14.23 57.03
C ILE E 360 17.62 14.69 55.68
N THR E 361 16.30 14.63 55.51
CA THR E 361 15.63 15.07 54.30
C THR E 361 14.30 15.67 54.71
N ASP E 362 13.41 15.88 53.73
CA ASP E 362 12.07 16.37 54.00
C ASP E 362 11.07 15.51 53.23
N GLN E 363 9.81 15.60 53.66
CA GLN E 363 8.75 14.78 53.07
C GLN E 363 8.52 15.13 51.60
N GLU E 364 8.84 16.37 51.21
CA GLU E 364 8.64 16.77 49.81
C GLU E 364 9.69 16.14 48.90
N THR E 365 10.96 16.10 49.35
CA THR E 365 12.03 15.53 48.54
C THR E 365 12.04 14.01 48.59
N SER E 366 11.74 13.43 49.75
CA SER E 366 11.79 11.99 49.95
C SER E 366 10.47 11.51 50.54
N PRO E 367 9.42 11.46 49.72
CA PRO E 367 8.15 10.92 50.21
C PRO E 367 8.32 9.48 50.65
N ALA E 368 7.52 9.08 51.65
CA ALA E 368 7.68 7.75 52.25
C ALA E 368 7.47 6.63 51.24
N GLU E 369 6.87 6.93 50.09
CA GLU E 369 6.77 5.95 49.01
C GLU E 369 8.15 5.49 48.54
N VAL E 370 9.09 6.43 48.40
CA VAL E 370 10.36 6.16 47.77
C VAL E 370 11.38 5.94 48.89
N ALA E 371 10.87 5.68 50.10
CA ALA E 371 11.77 5.44 51.22
C ALA E 371 12.65 4.20 51.04
N GLU E 372 12.46 3.42 49.97
CA GLU E 372 13.28 2.23 49.74
C GLU E 372 14.50 2.48 48.86
N GLN E 373 14.64 3.67 48.28
CA GLN E 373 15.88 4.01 47.62
C GLN E 373 16.98 4.36 48.60
N TYR E 374 16.67 4.46 49.89
CA TYR E 374 17.62 4.78 50.92
C TYR E 374 17.88 3.56 51.79
N SER E 375 19.11 3.47 52.31
CA SER E 375 19.48 2.44 53.28
C SER E 375 19.36 2.92 54.72
N GLU E 376 18.99 4.19 54.92
CA GLU E 376 18.95 4.78 56.25
C GLU E 376 17.55 5.28 56.57
N LYS E 377 17.25 5.37 57.86
CA LYS E 377 15.96 5.88 58.30
C LYS E 377 15.82 7.35 57.93
N LEU E 378 14.65 7.73 57.45
CA LEU E 378 14.40 9.10 57.06
C LEU E 378 14.19 9.98 58.29
N ALA E 379 14.78 11.17 58.25
CA ALA E 379 14.63 12.17 59.31
C ALA E 379 14.06 13.43 58.66
N TYR E 380 12.74 13.58 58.73
CA TYR E 380 12.07 14.66 58.02
C TYR E 380 12.33 16.01 58.69
N MET E 381 12.54 17.02 57.87
CA MET E 381 12.57 18.40 58.30
C MET E 381 11.24 19.07 57.97
N PRO E 382 10.85 20.10 58.74
CA PRO E 382 9.49 20.67 58.57
C PRO E 382 9.13 21.07 57.15
N HIS E 383 9.99 21.83 56.47
CA HIS E 383 9.70 22.27 55.12
C HIS E 383 10.69 21.72 54.10
N THR E 384 11.99 21.94 54.29
CA THR E 384 13.00 21.45 53.38
C THR E 384 14.29 21.24 54.14
N PHE E 385 15.04 20.21 53.74
CA PHE E 385 16.37 20.01 54.31
C PHE E 385 17.39 21.00 53.78
N PHE E 386 17.03 21.76 52.76
CA PHE E 386 17.98 22.64 52.10
C PHE E 386 17.97 24.03 52.73
N ILE E 387 19.15 24.64 52.81
CA ILE E 387 19.32 25.94 53.43
C ILE E 387 20.40 26.70 52.65
N GLY E 388 20.30 28.01 52.65
CA GLY E 388 21.29 28.85 51.99
C GLY E 388 21.66 30.02 52.87
N ASP E 389 22.92 30.46 52.73
CA ASP E 389 23.43 31.60 53.48
C ASP E 389 23.38 32.88 52.65
N HIS E 390 22.43 32.97 51.72
CA HIS E 390 22.35 34.13 50.85
C HIS E 390 21.94 35.39 51.60
N ALA E 391 21.09 35.25 52.62
CA ALA E 391 20.71 36.41 53.42
C ALA E 391 21.92 37.06 54.06
N ASN E 392 22.93 36.27 54.43
CA ASN E 392 24.16 36.77 55.00
C ASN E 392 25.20 37.16 53.96
N MET E 393 25.38 36.33 52.93
CA MET E 393 26.45 36.57 51.96
C MET E 393 26.12 37.72 51.02
N PHE E 394 24.87 37.79 50.54
CA PHE E 394 24.47 38.78 49.55
C PHE E 394 23.29 39.62 50.03
N PRO E 395 23.46 40.38 51.12
CA PRO E 395 22.38 41.29 51.53
C PRO E 395 22.19 42.46 50.58
N HIS E 396 23.18 42.79 49.77
CA HIS E 396 23.05 43.87 48.81
C HIS E 396 22.03 43.56 47.73
N LEU E 397 21.66 42.30 47.56
CA LEU E 397 20.64 41.90 46.60
C LEU E 397 19.24 41.86 47.22
N LYS E 398 19.11 42.23 48.50
CA LYS E 398 17.82 42.23 49.16
C LYS E 398 16.87 43.28 48.58
N LYS E 399 17.41 44.30 47.92
CA LYS E 399 16.63 45.29 47.20
C LYS E 399 17.31 45.57 45.87
N LYS E 400 16.65 46.34 45.02
CA LYS E 400 17.24 46.75 43.76
C LYS E 400 16.54 47.99 43.24
N ALA E 401 17.16 48.61 42.24
CA ALA E 401 16.57 49.71 41.48
C ALA E 401 16.85 49.46 40.00
N VAL E 402 16.17 50.21 39.14
CA VAL E 402 16.32 50.07 37.69
C VAL E 402 16.39 51.46 37.06
N ILE E 403 16.76 51.48 35.79
CA ILE E 403 16.85 52.69 35.00
C ILE E 403 15.92 52.55 33.80
N ASP E 404 15.02 53.51 33.62
CA ASP E 404 14.04 53.49 32.54
C ASP E 404 14.58 54.21 31.31
N PHE E 405 14.20 53.70 30.14
CA PHE E 405 14.49 54.38 28.88
C PHE E 405 13.46 53.99 27.82
N ILE E 411 8.33 50.25 32.03
CA ILE E 411 9.23 49.93 33.12
C ILE E 411 9.67 48.48 33.04
N TYR E 412 10.88 48.21 33.54
CA TYR E 412 11.48 46.89 33.49
C TYR E 412 12.12 46.56 34.83
N ASP E 413 12.24 45.28 35.12
CA ASP E 413 12.86 44.81 36.35
C ASP E 413 14.09 43.95 36.11
N ASN E 414 14.44 43.66 34.85
CA ASN E 414 15.54 42.77 34.55
C ASN E 414 16.38 43.27 33.37
N ARG E 415 16.48 44.59 33.21
CA ARG E 415 17.24 45.13 32.09
C ARG E 415 18.46 45.91 32.53
N ILE E 416 18.31 46.86 33.45
CA ILE E 416 19.42 47.59 34.05
C ILE E 416 19.12 47.62 35.54
N VAL E 417 19.73 46.72 36.30
CA VAL E 417 19.49 46.57 37.73
C VAL E 417 20.66 47.14 38.50
N LEU E 418 20.35 47.80 39.62
CA LEU E 418 21.36 48.37 40.51
C LEU E 418 21.17 47.80 41.90
N ASN E 419 22.27 47.36 42.52
CA ASN E 419 22.24 46.80 43.86
C ASN E 419 23.33 47.46 44.70
N GLY E 420 23.14 47.43 46.01
CA GLY E 420 24.12 47.99 46.91
C GLY E 420 23.58 48.29 48.30
N ILE E 421 24.45 48.19 49.30
CA ILE E 421 24.05 48.52 50.67
C ILE E 421 23.68 49.99 50.77
N ASP E 422 24.40 50.86 50.06
CA ASP E 422 24.21 52.30 50.12
C ASP E 422 23.24 52.81 49.06
N LEU E 423 22.31 51.97 48.59
CA LEU E 423 21.51 52.34 47.43
C LEU E 423 20.43 53.37 47.78
N LYS E 424 19.77 53.22 48.94
CA LYS E 424 18.73 54.17 49.31
C LYS E 424 19.29 55.58 49.45
N ALA E 425 20.48 55.71 50.05
CA ALA E 425 21.11 57.02 50.17
C ALA E 425 21.43 57.62 48.81
N PHE E 426 21.93 56.78 47.88
CA PHE E 426 22.25 57.27 46.55
C PHE E 426 21.01 57.73 45.81
N LEU E 427 19.91 56.97 45.92
CA LEU E 427 18.66 57.37 45.29
C LEU E 427 18.11 58.65 45.92
N ASP E 428 18.38 58.89 47.21
CA ASP E 428 17.92 60.11 47.85
C ASP E 428 18.68 61.33 47.37
N SER E 429 19.92 61.15 46.90
CA SER E 429 20.65 62.25 46.27
C SER E 429 20.14 62.56 44.87
N LEU E 430 19.51 61.59 44.20
CA LEU E 430 18.99 61.79 42.85
C LEU E 430 17.70 62.62 42.90
N PRO E 431 17.51 63.52 41.94
CA PRO E 431 16.40 64.48 42.03
C PRO E 431 15.01 63.86 41.97
N ASP E 432 14.70 63.13 40.91
CA ASP E 432 13.35 62.62 40.67
C ASP E 432 13.39 61.12 40.36
N VAL E 433 13.33 60.31 41.41
CA VAL E 433 13.24 58.86 41.28
C VAL E 433 11.80 58.46 41.58
N LYS E 434 11.14 57.85 40.61
CA LYS E 434 9.77 57.41 40.77
C LYS E 434 9.74 55.99 41.31
N ILE E 435 8.68 55.67 42.07
CA ILE E 435 8.64 54.46 42.89
C ILE E 435 7.54 53.55 42.36
N VAL E 436 7.93 52.45 41.72
CA VAL E 436 6.97 51.41 41.37
C VAL E 436 6.54 50.69 42.63
N LYS E 437 5.27 50.30 42.70
CA LYS E 437 4.67 49.79 43.91
C LYS E 437 4.20 48.36 43.71
N MET E 438 4.42 47.52 44.73
CA MET E 438 4.27 46.08 44.59
C MET E 438 3.17 45.53 45.48
N LEU E 454 8.74 45.61 48.56
CA LEU E 454 7.52 46.38 48.73
C LEU E 454 7.39 47.45 47.64
N ASN E 455 8.52 47.80 47.02
CA ASN E 455 8.54 48.84 46.00
C ASN E 455 9.88 48.80 45.27
N MET E 456 9.85 49.18 43.99
CA MET E 456 11.05 49.21 43.15
C MET E 456 11.30 50.62 42.62
N PRO E 457 12.37 51.29 43.04
CA PRO E 457 12.66 52.62 42.49
C PRO E 457 13.08 52.55 41.02
N VAL E 458 12.70 53.58 40.28
CA VAL E 458 13.06 53.73 38.87
C VAL E 458 13.73 55.08 38.67
N ILE E 459 14.91 55.06 38.07
CA ILE E 459 15.66 56.28 37.74
C ILE E 459 15.35 56.64 36.29
N PRO E 460 14.94 57.87 35.99
CA PRO E 460 14.64 58.24 34.59
C PRO E 460 15.89 58.43 33.76
N MET E 461 15.72 58.78 32.49
CA MET E 461 16.85 59.04 31.59
C MET E 461 17.34 60.48 31.79
N ASN E 462 17.87 60.73 32.98
CA ASN E 462 18.49 62.01 33.28
C ASN E 462 19.94 61.96 32.81
N THR E 463 20.72 62.98 33.18
CA THR E 463 22.15 62.94 32.91
C THR E 463 22.86 61.89 33.76
N ILE E 464 22.26 61.51 34.89
CA ILE E 464 22.87 60.49 35.74
C ILE E 464 22.77 59.12 35.07
N ALA E 465 21.61 58.80 34.51
CA ALA E 465 21.44 57.52 33.81
C ALA E 465 22.35 57.45 32.60
N GLU E 466 22.52 58.57 31.89
CA GLU E 466 23.45 58.60 30.77
C GLU E 466 24.87 58.27 31.21
N ALA E 467 25.29 58.81 32.36
CA ALA E 467 26.62 58.51 32.87
C ALA E 467 26.75 57.03 33.25
N VAL E 468 25.72 56.47 33.89
CA VAL E 468 25.77 55.06 34.27
C VAL E 468 25.81 54.17 33.03
N ILE E 469 24.96 54.45 32.06
CA ILE E 469 24.89 53.62 30.86
C ILE E 469 26.19 53.74 30.06
N GLU E 470 26.81 54.93 30.05
CA GLU E 470 28.08 55.08 29.35
C GLU E 470 29.19 54.30 30.05
N MET E 471 29.15 54.20 31.38
CA MET E 471 30.14 53.38 32.09
C MET E 471 30.07 51.93 31.62
N ILE E 472 28.85 51.41 31.50
CA ILE E 472 28.67 50.04 31.04
C ILE E 472 29.13 49.91 29.59
N ASN E 473 28.76 50.87 28.73
CA ASN E 473 29.02 50.74 27.31
C ASN E 473 30.52 50.85 26.99
N ARG E 474 31.23 51.77 27.62
CA ARG E 474 32.67 51.90 27.37
C ARG E 474 33.49 50.91 28.17
N GLY E 475 32.85 50.02 28.93
CA GLY E 475 33.57 49.03 29.70
C GLY E 475 34.45 49.60 30.79
N GLN E 476 34.04 50.71 31.39
CA GLN E 476 34.81 51.32 32.47
C GLN E 476 34.55 50.58 33.78
N ILE E 477 35.57 50.58 34.65
CA ILE E 477 35.50 49.80 35.88
C ILE E 477 34.50 50.41 36.85
N GLN E 478 34.54 51.74 37.02
CA GLN E 478 33.74 52.39 38.04
C GLN E 478 33.69 53.89 37.75
N ILE E 479 32.70 54.55 38.34
CA ILE E 479 32.53 56.00 38.26
C ILE E 479 32.09 56.51 39.63
N THR E 480 31.99 57.84 39.75
CA THR E 480 31.55 58.49 40.97
C THR E 480 30.39 59.42 40.65
N ILE E 481 29.29 59.27 41.39
CA ILE E 481 28.12 60.12 41.25
C ILE E 481 27.69 60.59 42.63
N ASN E 482 27.71 61.91 42.85
CA ASN E 482 27.34 62.52 44.12
C ASN E 482 28.16 61.94 45.28
N GLY E 483 29.41 61.59 45.01
CA GLY E 483 30.26 60.97 46.01
C GLY E 483 30.02 59.49 46.23
N PHE E 484 29.13 58.87 45.47
CA PHE E 484 28.83 57.45 45.59
C PHE E 484 29.65 56.66 44.59
N SER E 485 30.08 55.47 44.99
CA SER E 485 30.91 54.60 44.17
C SER E 485 30.01 53.67 43.37
N ILE E 486 29.99 53.85 42.05
CA ILE E 486 29.18 53.05 41.14
C ILE E 486 30.11 52.11 40.40
N SER E 487 29.91 50.81 40.56
CA SER E 487 30.81 49.79 40.04
C SER E 487 30.18 49.07 38.85
N ASN E 488 31.03 48.67 37.92
CA ASN E 488 30.61 47.88 36.77
C ASN E 488 30.50 46.41 37.21
N GLY E 489 29.32 45.83 37.08
CA GLY E 489 29.07 44.48 37.59
C GLY E 489 29.97 43.42 37.00
N LEU E 490 30.64 43.71 35.89
CA LEU E 490 31.56 42.78 35.26
C LEU E 490 32.96 42.84 35.86
N ALA E 491 33.23 43.78 36.76
CA ALA E 491 34.60 44.06 37.20
C ALA E 491 34.78 43.96 38.71
N THR E 492 33.94 43.16 39.39
CA THR E 492 34.02 43.09 40.85
C THR E 492 35.37 42.53 41.32
N THR E 493 35.96 41.61 40.56
CA THR E 493 37.21 41.00 40.99
C THR E 493 38.35 42.02 41.07
N GLN E 494 38.32 43.06 40.24
CA GLN E 494 39.33 44.10 40.30
C GLN E 494 38.93 45.28 41.17
N ILE E 495 37.78 45.21 41.83
CA ILE E 495 37.34 46.23 42.78
C ILE E 495 37.41 45.71 44.21
N ASN E 496 36.91 44.48 44.43
CA ASN E 496 37.04 43.82 45.72
C ASN E 496 37.01 42.32 45.45
N ASN E 497 38.19 41.70 45.42
CA ASN E 497 38.27 40.28 45.11
C ASN E 497 37.50 39.45 46.12
N LYS E 498 37.43 39.90 47.37
CA LYS E 498 36.71 39.16 48.40
C LYS E 498 35.21 39.31 48.25
N ALA E 499 34.74 40.45 47.74
CA ALA E 499 33.32 40.62 47.48
C ALA E 499 32.85 39.70 46.35
N ALA E 500 33.67 39.53 45.32
CA ALA E 500 33.27 38.70 44.17
C ALA E 500 33.08 37.24 44.58
N THR E 501 33.94 36.74 45.46
CA THR E 501 33.85 35.36 45.90
C THR E 501 32.73 35.13 46.92
N GLY E 502 32.09 36.19 47.41
CA GLY E 502 31.12 36.08 48.47
C GLY E 502 31.71 36.12 49.87
N GLU E 503 33.04 36.24 49.98
CA GLU E 503 33.67 36.30 51.29
C GLU E 503 33.37 37.61 51.99
N GLU E 504 33.08 38.67 51.24
CA GLU E 504 32.73 39.97 51.78
C GLU E 504 31.52 40.51 51.06
N VAL E 505 30.77 41.36 51.76
CA VAL E 505 29.64 42.06 51.14
C VAL E 505 30.20 43.23 50.36
N PRO E 506 29.72 43.47 49.13
CA PRO E 506 30.21 44.64 48.39
C PRO E 506 29.92 45.93 49.13
N ARG E 507 30.89 46.84 49.09
CA ARG E 507 30.76 48.15 49.72
C ARG E 507 30.49 49.27 48.71
N THR E 508 30.18 48.90 47.46
CA THR E 508 29.88 49.86 46.41
C THR E 508 28.57 49.48 45.74
N ILE E 509 28.08 50.36 44.89
CA ILE E 509 26.82 50.14 44.19
C ILE E 509 27.12 49.51 42.84
N ILE E 510 26.56 48.33 42.60
CA ILE E 510 26.89 47.51 41.45
C ILE E 510 25.78 47.61 40.41
N VAL E 511 26.17 47.81 39.15
CA VAL E 511 25.24 47.90 38.03
C VAL E 511 25.35 46.64 37.20
N THR E 512 24.21 45.99 36.96
CA THR E 512 24.13 44.79 36.15
C THR E 512 23.13 45.00 35.04
N THR E 513 23.58 44.85 33.79
CA THR E 513 22.75 45.12 32.62
C THR E 513 22.78 43.93 31.67
N ARG E 514 21.69 43.79 30.91
CA ARG E 514 21.63 42.73 29.89
C ARG E 514 22.65 42.95 28.78
N SER E 515 22.97 44.22 28.48
CA SER E 515 23.96 44.49 27.43
C SER E 515 25.31 43.88 27.76
N GLN E 516 25.60 43.68 29.06
CA GLN E 516 26.85 43.05 29.46
C GLN E 516 26.93 41.61 28.97
N TYR E 517 25.80 40.90 28.99
CA TYR E 517 25.77 39.48 28.67
C TYR E 517 25.10 39.19 27.33
N GLY E 518 24.78 40.23 26.55
CA GLY E 518 24.14 40.04 25.27
C GLY E 518 22.73 39.49 25.33
N LEU E 519 21.97 39.89 26.31
CA LEU E 519 20.59 39.45 26.37
C LEU E 519 19.69 40.49 25.71
N PRO E 520 18.59 40.07 25.09
CA PRO E 520 17.76 41.02 24.34
C PRO E 520 16.89 41.87 25.25
N GLU E 521 16.91 43.19 25.02
CA GLU E 521 16.10 44.11 25.81
C GLU E 521 14.61 43.84 25.67
N ASP E 522 14.20 43.20 24.58
CA ASP E 522 12.79 43.04 24.26
C ASP E 522 12.43 41.56 24.14
N ALA E 523 12.89 40.75 25.09
CA ALA E 523 12.70 39.32 24.98
C ALA E 523 12.52 38.69 26.37
N ILE E 524 11.80 37.57 26.39
CA ILE E 524 11.76 36.72 27.57
C ILE E 524 13.05 35.93 27.64
N VAL E 525 13.71 35.96 28.79
CA VAL E 525 14.99 35.30 28.98
C VAL E 525 14.79 34.14 29.95
N TYR E 526 14.89 32.92 29.42
CA TYR E 526 14.95 31.73 30.24
C TYR E 526 16.40 31.40 30.54
N CYS E 527 16.64 30.88 31.74
CA CYS E 527 18.02 30.66 32.19
C CYS E 527 18.13 29.34 32.94
N ASN E 528 19.33 28.78 32.91
CA ASN E 528 19.72 27.68 33.78
C ASN E 528 21.23 27.76 33.98
N PHE E 529 21.66 27.98 35.22
CA PHE E 529 23.06 28.21 35.54
C PHE E 529 23.71 26.97 36.15
N ASN E 530 23.19 25.79 35.83
CA ASN E 530 23.78 24.55 36.31
C ASN E 530 24.90 24.09 35.37
N GLN E 531 25.70 23.16 35.86
CA GLN E 531 26.66 22.48 35.00
C GLN E 531 25.92 21.74 33.91
N LEU E 532 26.51 21.70 32.71
CA LEU E 532 25.81 21.13 31.56
C LEU E 532 25.56 19.64 31.68
N TYR E 533 26.24 18.94 32.61
CA TYR E 533 26.04 17.50 32.75
C TYR E 533 24.65 17.14 33.24
N LYS E 534 23.87 18.11 33.72
CA LYS E 534 22.51 17.88 34.19
C LYS E 534 21.48 17.95 33.08
N ILE E 535 21.91 18.24 31.85
CA ILE E 535 21.03 18.36 30.70
C ILE E 535 21.11 17.08 29.88
N ASP E 536 19.96 16.54 29.51
CA ASP E 536 19.83 15.35 28.68
C ASP E 536 18.97 15.69 27.46
N PRO E 537 19.03 14.87 26.40
CA PRO E 537 18.26 15.20 25.18
C PRO E 537 16.79 15.49 25.43
N SER E 538 16.16 14.82 26.41
CA SER E 538 14.77 15.11 26.72
C SER E 538 14.60 16.55 27.21
N THR E 539 15.48 17.01 28.09
CA THR E 539 15.39 18.36 28.63
C THR E 539 15.60 19.40 27.54
N LEU E 540 16.58 19.18 26.66
CA LEU E 540 16.79 20.10 25.56
C LEU E 540 15.58 20.13 24.63
N GLN E 541 14.94 18.98 24.44
CA GLN E 541 13.74 18.93 23.62
C GLN E 541 12.60 19.74 24.25
N MET E 542 12.45 19.64 25.57
CA MET E 542 11.44 20.44 26.26
C MET E 542 11.71 21.93 26.09
N TRP E 543 12.97 22.33 26.29
CA TRP E 543 13.32 23.75 26.16
C TRP E 543 13.15 24.24 24.73
N ALA E 544 13.46 23.38 23.75
CA ALA E 544 13.22 23.74 22.35
C ALA E 544 11.73 23.97 22.10
N ASN E 545 10.88 23.12 22.69
CA ASN E 545 9.43 23.33 22.57
C ASN E 545 9.02 24.66 23.17
N ILE E 546 9.56 25.00 24.35
CA ILE E 546 9.16 26.23 25.04
C ILE E 546 9.57 27.46 24.23
N LEU E 547 10.80 27.46 23.72
CA LEU E 547 11.27 28.62 22.96
C LEU E 547 10.54 28.77 21.64
N LYS E 548 10.17 27.66 21.01
CA LYS E 548 9.37 27.74 19.79
C LYS E 548 7.96 28.29 20.04
N ARG E 549 7.48 28.23 21.29
CA ARG E 549 6.16 28.72 21.62
C ARG E 549 6.17 30.14 22.18
N VAL E 550 7.32 30.64 22.64
CA VAL E 550 7.43 32.00 23.13
C VAL E 550 8.28 32.78 22.14
N PRO E 551 7.69 33.62 21.29
CA PRO E 551 8.44 34.21 20.18
C PRO E 551 9.57 35.12 20.65
N ASN E 552 10.64 35.13 19.86
CA ASN E 552 11.86 35.89 20.11
C ASN E 552 12.27 35.88 21.58
N SER E 553 12.15 34.73 22.24
CA SER E 553 12.63 34.53 23.59
C SER E 553 13.87 33.65 23.55
N VAL E 554 14.76 33.83 24.52
CA VAL E 554 16.06 33.20 24.48
C VAL E 554 16.23 32.27 25.69
N LEU E 555 17.21 31.38 25.57
CA LEU E 555 17.66 30.52 26.65
C LEU E 555 19.07 30.91 27.05
N TRP E 556 19.32 30.99 28.36
CA TRP E 556 20.58 31.47 28.89
C TRP E 556 21.28 30.32 29.61
N LEU E 557 22.45 29.94 29.10
CA LEU E 557 23.22 28.82 29.63
C LEU E 557 24.66 29.26 29.82
N LEU E 558 25.44 28.43 30.51
CA LEU E 558 26.82 28.77 30.84
C LEU E 558 27.78 27.82 30.14
N ARG E 559 28.94 28.36 29.79
CA ARG E 559 30.05 27.57 29.23
C ARG E 559 30.65 26.76 30.39
N PHE E 560 29.96 25.68 30.72
CA PHE E 560 30.18 24.97 31.99
C PHE E 560 30.13 23.46 31.76
N PRO E 561 31.14 22.90 31.07
CA PRO E 561 32.33 23.52 30.47
C PRO E 561 32.07 24.11 29.08
N ALA E 562 33.00 24.91 28.57
CA ALA E 562 32.79 25.59 27.29
C ALA E 562 32.75 24.60 26.12
N VAL E 563 33.44 23.47 26.24
CA VAL E 563 33.44 22.48 25.17
C VAL E 563 32.06 21.87 24.95
N GLY E 564 31.18 21.95 25.95
CA GLY E 564 29.81 21.50 25.78
C GLY E 564 28.90 22.48 25.07
N GLU E 565 29.37 23.72 24.85
CA GLU E 565 28.57 24.70 24.12
C GLU E 565 28.31 24.28 22.68
N PRO E 566 29.32 23.92 21.87
CA PRO E 566 29.00 23.51 20.49
C PRO E 566 28.10 22.29 20.41
N ASN E 567 28.27 21.34 21.33
CA ASN E 567 27.42 20.16 21.35
C ASN E 567 25.96 20.55 21.59
N ILE E 568 25.73 21.44 22.55
CA ILE E 568 24.37 21.88 22.85
C ILE E 568 23.77 22.59 21.64
N GLN E 569 24.54 23.47 21.01
CA GLN E 569 24.05 24.19 19.83
C GLN E 569 23.73 23.22 18.70
N GLN E 570 24.59 22.22 18.49
CA GLN E 570 24.35 21.20 17.47
C GLN E 570 22.97 20.59 17.60
N TYR E 571 22.66 20.05 18.78
CA TYR E 571 21.35 19.42 18.99
C TYR E 571 20.23 20.45 18.89
N ALA E 572 20.48 21.68 19.36
CA ALA E 572 19.46 22.72 19.29
C ALA E 572 19.07 23.03 17.85
N GLN E 573 20.06 23.13 16.96
CA GLN E 573 19.76 23.37 15.55
C GLN E 573 19.02 22.19 14.93
N ASN E 574 19.33 20.96 15.38
CA ASN E 574 18.59 19.80 14.89
C ASN E 574 17.16 19.78 15.37
N MET E 575 16.82 20.55 16.40
CA MET E 575 15.45 20.63 16.91
C MET E 575 14.71 21.84 16.35
N GLY E 576 15.31 22.57 15.40
CA GLY E 576 14.64 23.68 14.76
C GLY E 576 14.90 25.03 15.38
N LEU E 577 15.90 25.15 16.25
CA LEU E 577 16.17 26.40 16.94
C LEU E 577 17.42 27.05 16.37
N PRO E 578 17.32 28.23 15.75
CA PRO E 578 18.53 28.95 15.32
C PRO E 578 19.41 29.30 16.50
N GLN E 579 20.68 29.63 16.19
CA GLN E 579 21.66 29.87 17.25
C GLN E 579 21.26 31.04 18.13
N ASN E 580 20.71 32.11 17.55
CA ASN E 580 20.36 33.29 18.31
C ASN E 580 19.37 33.02 19.45
N ARG E 581 18.80 31.82 19.51
CA ARG E 581 17.82 31.50 20.53
C ARG E 581 18.44 30.98 21.83
N ILE E 582 19.70 30.57 21.80
CA ILE E 582 20.43 30.11 22.98
C ILE E 582 21.68 30.96 23.14
N ILE E 583 21.89 31.49 24.34
CA ILE E 583 22.98 32.40 24.63
C ILE E 583 23.83 31.78 25.75
N PHE E 584 25.13 31.68 25.51
CA PHE E 584 26.08 31.14 26.47
C PHE E 584 26.93 32.25 27.06
N SER E 585 27.01 32.28 28.38
CA SER E 585 27.86 33.20 29.10
C SER E 585 28.89 32.43 29.91
N PRO E 586 30.08 32.99 30.13
CA PRO E 586 31.10 32.29 30.91
C PRO E 586 30.72 32.20 32.38
N VAL E 587 31.37 31.26 33.07
CA VAL E 587 31.18 31.11 34.50
C VAL E 587 31.75 32.34 35.21
N ALA E 588 31.03 32.84 36.21
CA ALA E 588 31.39 34.07 36.90
C ALA E 588 31.68 33.80 38.37
N PRO E 589 32.25 34.76 39.10
CA PRO E 589 32.36 34.59 40.55
C PRO E 589 30.99 34.44 41.21
N LYS E 590 31.00 33.92 42.43
CA LYS E 590 29.75 33.59 43.12
C LYS E 590 28.82 34.80 43.21
N GLU E 591 29.37 35.95 43.62
CA GLU E 591 28.52 37.14 43.76
C GLU E 591 27.94 37.57 42.42
N GLU E 592 28.79 37.63 41.38
CA GLU E 592 28.31 38.03 40.06
C GLU E 592 27.32 37.02 39.51
N HIS E 593 27.58 35.73 39.74
CA HIS E 593 26.65 34.69 39.32
C HIS E 593 25.26 34.91 39.92
N VAL E 594 25.19 35.07 41.24
CA VAL E 594 23.90 35.27 41.90
C VAL E 594 23.28 36.58 41.46
N ARG E 595 24.08 37.64 41.35
CA ARG E 595 23.55 38.96 41.02
C ARG E 595 22.95 38.99 39.62
N ARG E 596 23.65 38.43 38.63
CA ARG E 596 23.19 38.51 37.25
C ARG E 596 21.96 37.66 36.98
N GLY E 597 21.60 36.76 37.91
CA GLY E 597 20.33 36.05 37.78
C GLY E 597 19.13 36.98 37.82
N GLN E 598 19.31 38.20 38.35
CA GLN E 598 18.24 39.19 38.33
C GLN E 598 17.86 39.58 36.91
N LEU E 599 18.80 39.46 35.97
CA LEU E 599 18.56 39.88 34.59
C LEU E 599 17.65 38.92 33.84
N ALA E 600 17.34 37.75 34.41
CA ALA E 600 16.49 36.78 33.75
C ALA E 600 15.04 36.95 34.19
N ASP E 601 14.14 36.36 33.40
CA ASP E 601 12.71 36.37 33.70
C ASP E 601 12.25 35.10 34.40
N VAL E 602 12.53 33.94 33.81
CA VAL E 602 12.19 32.65 34.41
C VAL E 602 13.41 31.75 34.29
N CYS E 603 13.57 30.85 35.25
CA CYS E 603 14.62 29.85 35.24
C CYS E 603 14.01 28.48 35.02
N LEU E 604 14.51 27.76 34.03
CA LEU E 604 14.04 26.40 33.72
C LEU E 604 14.99 25.40 34.35
N ASP E 605 14.47 24.62 35.30
CA ASP E 605 15.30 23.68 36.05
C ASP E 605 15.49 22.39 35.27
N THR E 606 16.55 21.65 35.63
CA THR E 606 16.86 20.38 35.00
C THR E 606 16.13 19.26 35.73
N PRO E 607 15.15 18.59 35.11
CA PRO E 607 14.45 17.51 35.82
C PRO E 607 15.31 16.28 36.04
N LEU E 608 16.35 16.06 35.24
CA LEU E 608 17.26 14.96 35.48
C LEU E 608 17.88 15.07 36.86
N CYS E 609 18.62 16.15 37.09
CA CYS E 609 19.17 16.47 38.41
C CYS E 609 18.97 17.95 38.64
N ASN E 610 18.14 18.31 39.63
CA ASN E 610 17.83 19.70 39.86
C ASN E 610 19.05 20.47 40.35
N GLY E 611 19.08 21.76 40.04
CA GLY E 611 20.03 22.65 40.66
C GLY E 611 19.74 22.75 42.14
N HIS E 612 20.73 22.46 42.98
CA HIS E 612 20.54 22.49 44.43
C HIS E 612 21.06 23.79 45.03
N THR E 613 22.35 24.06 44.90
CA THR E 613 22.86 25.38 45.25
C THR E 613 22.45 26.40 44.21
N THR E 614 22.45 25.99 42.93
CA THR E 614 22.01 26.88 41.87
C THR E 614 20.53 27.25 42.03
N GLY E 615 19.73 26.34 42.57
CA GLY E 615 18.33 26.67 42.82
C GLY E 615 18.17 27.75 43.86
N MET E 616 18.93 27.67 44.95
CA MET E 616 18.92 28.74 45.95
C MET E 616 19.46 30.04 45.37
N ASP E 617 20.49 29.95 44.54
CA ASP E 617 21.05 31.16 43.92
C ASP E 617 20.02 31.87 43.04
N VAL E 618 19.27 31.09 42.25
CA VAL E 618 18.32 31.71 41.33
C VAL E 618 17.09 32.23 42.06
N LEU E 619 16.74 31.64 43.21
CA LEU E 619 15.59 32.12 43.96
C LEU E 619 15.91 33.34 44.81
N TRP E 620 17.18 33.49 45.23
CA TRP E 620 17.58 34.69 45.94
C TRP E 620 17.48 35.93 45.05
N ALA E 621 17.70 35.76 43.74
CA ALA E 621 17.58 36.87 42.80
C ALA E 621 16.13 37.24 42.53
N GLY E 622 15.17 36.46 43.04
CA GLY E 622 13.77 36.73 42.75
C GLY E 622 13.32 36.26 41.39
N THR E 623 13.92 35.20 40.86
CA THR E 623 13.59 34.67 39.54
C THR E 623 12.79 33.39 39.69
N PRO E 624 11.56 33.33 39.17
CA PRO E 624 10.77 32.11 39.29
C PRO E 624 11.45 30.93 38.59
N MET E 625 11.25 29.75 39.16
CA MET E 625 11.88 28.52 38.67
C MET E 625 10.81 27.46 38.47
N VAL E 626 10.87 26.78 37.32
CA VAL E 626 9.93 25.72 36.98
C VAL E 626 10.64 24.39 37.11
N THR E 627 10.07 23.46 37.88
CA THR E 627 10.68 22.18 38.17
C THR E 627 9.70 21.05 37.88
N MET E 628 10.25 19.84 37.75
CA MET E 628 9.46 18.63 37.56
C MET E 628 10.10 17.51 38.38
N PRO E 629 9.64 17.32 39.62
CA PRO E 629 10.26 16.30 40.49
C PRO E 629 10.15 14.90 39.91
N GLY E 630 11.21 14.13 40.08
CA GLY E 630 11.26 12.71 39.74
C GLY E 630 11.09 11.84 40.95
N GLU E 631 11.81 10.71 40.97
CA GLU E 631 11.83 9.86 42.15
C GLU E 631 13.13 9.95 42.93
N THR E 632 14.26 10.19 42.25
CA THR E 632 15.52 10.35 42.96
C THR E 632 15.52 11.64 43.77
N LEU E 633 16.33 11.66 44.83
CA LEU E 633 16.41 12.83 45.69
C LEU E 633 16.86 14.06 44.90
N ALA E 634 17.88 13.89 44.05
CA ALA E 634 18.42 15.02 43.30
C ALA E 634 17.40 15.62 42.35
N SER E 635 16.44 14.82 41.89
CA SER E 635 15.44 15.32 40.95
C SER E 635 14.24 15.97 41.63
N ARG E 636 14.22 16.03 42.96
CA ARG E 636 13.08 16.55 43.69
C ARG E 636 13.41 17.75 44.57
N VAL E 637 14.68 18.17 44.63
CA VAL E 637 15.07 19.25 45.55
C VAL E 637 14.44 20.57 45.13
N ALA E 638 14.41 20.85 43.82
CA ALA E 638 13.86 22.12 43.36
C ALA E 638 12.39 22.27 43.71
N ALA E 639 11.62 21.18 43.57
CA ALA E 639 10.22 21.20 44.00
C ALA E 639 10.10 21.44 45.50
N SER E 640 10.98 20.83 46.28
CA SER E 640 10.97 21.04 47.72
C SER E 640 11.27 22.49 48.07
N GLN E 641 12.24 23.10 47.38
CA GLN E 641 12.53 24.51 47.58
C GLN E 641 11.32 25.37 47.25
N LEU E 642 10.66 25.07 46.12
CA LEU E 642 9.49 25.82 45.72
C LEU E 642 8.32 25.58 46.66
N THR E 643 8.25 24.40 47.27
CA THR E 643 7.21 24.13 48.26
C THR E 643 7.45 24.93 49.54
N CYS E 644 8.70 24.99 50.00
CA CYS E 644 9.02 25.78 51.18
C CYS E 644 8.85 27.27 50.93
N LEU E 645 9.00 27.71 49.68
CA LEU E 645 8.87 29.12 49.35
C LEU E 645 7.43 29.53 49.09
N GLY E 646 6.55 28.60 48.72
CA GLY E 646 5.17 28.92 48.44
C GLY E 646 4.93 29.26 46.98
N CYS E 647 5.41 28.41 46.08
CA CYS E 647 5.25 28.60 44.64
C CYS E 647 4.85 27.29 43.98
N LEU E 648 3.85 26.61 44.53
CA LEU E 648 3.40 25.33 43.97
C LEU E 648 2.94 25.49 42.52
N GLU E 649 2.46 26.66 42.13
CA GLU E 649 2.11 26.92 40.74
C GLU E 649 3.31 26.84 39.80
N LEU E 650 4.51 26.73 40.33
CA LEU E 650 5.73 26.60 39.53
C LEU E 650 6.24 25.16 39.45
N ILE E 651 5.50 24.21 40.02
CA ILE E 651 5.88 22.80 40.01
C ILE E 651 5.05 22.08 38.97
N ALA E 652 5.70 21.28 38.12
CA ALA E 652 5.06 20.61 37.00
C ALA E 652 4.91 19.13 37.28
N LYS E 653 3.72 18.59 36.98
CA LYS E 653 3.46 17.17 37.19
C LYS E 653 3.96 16.31 36.03
N ASN E 654 4.12 16.86 34.84
CA ASN E 654 4.66 16.12 33.70
C ASN E 654 5.36 17.10 32.77
N ARG E 655 5.94 16.56 31.69
CA ARG E 655 6.64 17.41 30.72
C ARG E 655 5.69 18.41 30.08
N GLN E 656 4.46 17.99 29.79
CA GLN E 656 3.49 18.90 29.18
C GLN E 656 3.21 20.10 30.08
N GLU E 657 3.02 19.85 31.38
CA GLU E 657 2.75 20.95 32.30
C GLU E 657 3.97 21.85 32.48
N TYR E 658 5.17 21.27 32.44
CA TYR E 658 6.39 22.07 32.54
C TYR E 658 6.49 23.05 31.38
N GLU E 659 6.26 22.56 30.16
CA GLU E 659 6.28 23.44 29.00
C GLU E 659 5.14 24.47 29.07
N ASP E 660 3.96 24.03 29.52
CA ASP E 660 2.83 24.95 29.61
C ASP E 660 3.08 26.06 30.61
N ILE E 661 3.69 25.73 31.76
CA ILE E 661 3.96 26.74 32.77
C ILE E 661 4.91 27.80 32.24
N ALA E 662 6.01 27.36 31.61
CA ALA E 662 7.00 28.31 31.11
C ALA E 662 6.45 29.14 29.97
N VAL E 663 5.65 28.53 29.09
CA VAL E 663 5.06 29.27 27.98
C VAL E 663 4.12 30.35 28.50
N LYS E 664 3.28 30.00 29.49
CA LYS E 664 2.40 31.00 30.07
C LYS E 664 3.18 32.12 30.73
N LEU E 665 4.27 31.79 31.43
CA LEU E 665 5.11 32.82 32.04
C LEU E 665 5.71 33.74 30.98
N GLY E 666 6.13 33.18 29.85
CA GLY E 666 6.74 33.98 28.81
C GLY E 666 5.76 34.75 27.95
N THR E 667 4.49 34.36 27.93
CA THR E 667 3.48 35.01 27.10
C THR E 667 2.49 35.84 27.88
N ASP E 668 2.06 35.37 29.06
CA ASP E 668 1.18 36.15 29.93
C ASP E 668 2.07 37.01 30.82
N LEU E 669 2.56 38.11 30.24
CA LEU E 669 3.57 38.92 30.93
C LEU E 669 3.06 39.46 32.25
N GLU E 670 1.77 39.73 32.37
CA GLU E 670 1.22 40.20 33.63
C GLU E 670 1.25 39.11 34.69
N TYR E 671 0.95 37.87 34.30
CA TYR E 671 1.11 36.74 35.21
C TYR E 671 2.58 36.56 35.58
N LEU E 672 3.48 36.77 34.62
CA LEU E 672 4.91 36.75 34.91
C LEU E 672 5.27 37.79 35.97
N LYS E 673 4.72 38.99 35.85
CA LYS E 673 5.02 40.02 36.84
C LYS E 673 4.51 39.64 38.22
N LYS E 674 3.33 39.00 38.29
CA LYS E 674 2.81 38.57 39.58
C LYS E 674 3.72 37.52 40.22
N VAL E 675 4.05 36.47 39.47
CA VAL E 675 4.85 35.38 40.02
C VAL E 675 6.22 35.88 40.45
N ARG E 676 6.83 36.75 39.63
CA ARG E 676 8.11 37.35 40.01
C ARG E 676 7.97 38.13 41.31
N GLY E 677 6.83 38.78 41.52
CA GLY E 677 6.60 39.48 42.77
C GLY E 677 6.53 38.56 43.96
N LYS E 678 5.87 37.40 43.80
CA LYS E 678 5.77 36.44 44.90
C LYS E 678 7.16 35.97 45.33
N VAL E 679 8.04 35.73 44.36
CA VAL E 679 9.40 35.28 44.69
C VAL E 679 10.16 36.39 45.41
N TRP E 680 10.11 37.61 44.87
CA TRP E 680 10.86 38.72 45.44
C TRP E 680 10.45 39.00 46.89
N LYS E 681 9.23 38.63 47.26
CA LYS E 681 8.74 38.86 48.62
C LYS E 681 8.93 37.64 49.51
N GLN E 682 8.63 36.45 49.00
CA GLN E 682 8.64 35.26 49.82
C GLN E 682 10.05 34.73 50.08
N ARG E 683 11.06 35.21 49.38
CA ARG E 683 12.44 34.82 49.71
C ARG E 683 12.79 35.28 51.12
N ILE E 684 12.32 36.46 51.51
CA ILE E 684 12.56 36.99 52.85
C ILE E 684 11.45 36.62 53.82
N SER E 685 10.32 36.11 53.33
N SER E 685 10.32 36.11 53.33
CA SER E 685 9.19 35.79 54.18
CA SER E 685 9.19 35.79 54.18
C SER E 685 9.05 34.29 54.45
C SER E 685 9.03 34.29 54.44
N SER E 686 9.49 33.44 53.53
CA SER E 686 9.43 32.01 53.73
C SER E 686 10.59 31.53 54.60
N PRO E 687 10.47 30.34 55.19
CA PRO E 687 11.59 29.77 55.96
C PRO E 687 12.73 29.24 55.12
N LEU E 688 12.75 29.48 53.80
CA LEU E 688 13.76 28.86 52.94
C LEU E 688 15.16 29.35 53.26
N PHE E 689 15.35 30.67 53.28
CA PHE E 689 16.65 31.25 53.54
C PHE E 689 16.85 31.61 55.00
N ASN E 690 15.91 31.23 55.86
CA ASN E 690 15.94 31.58 57.28
C ASN E 690 16.83 30.58 58.02
N THR E 691 18.09 30.96 58.26
CA THR E 691 19.03 30.04 58.87
C THR E 691 18.74 29.83 60.35
N LYS E 692 18.27 30.86 61.06
CA LYS E 692 17.97 30.70 62.48
C LYS E 692 16.82 29.73 62.70
N GLN E 693 15.77 29.82 61.88
CA GLN E 693 14.67 28.87 61.97
C GLN E 693 15.13 27.46 61.61
N TYR E 694 15.89 27.33 60.53
CA TYR E 694 16.40 26.02 60.12
C TYR E 694 17.22 25.37 61.22
N THR E 695 18.13 26.12 61.83
CA THR E 695 18.96 25.56 62.89
C THR E 695 18.10 25.07 64.04
N MET E 696 17.10 25.85 64.44
CA MET E 696 16.23 25.45 65.55
C MET E 696 15.42 24.21 65.19
N GLU E 697 14.93 24.13 63.96
CA GLU E 697 14.19 22.93 63.54
C GLU E 697 15.12 21.73 63.42
N LEU E 698 16.35 21.94 62.95
CA LEU E 698 17.36 20.90 63.01
C LEU E 698 17.62 20.48 64.45
N GLU E 699 17.46 21.41 65.40
CA GLU E 699 17.70 21.09 66.80
C GLU E 699 16.58 20.22 67.38
N ARG E 700 15.34 20.46 66.97
CA ARG E 700 14.25 19.57 67.36
C ARG E 700 14.49 18.16 66.86
N LEU E 701 14.90 18.03 65.60
CA LEU E 701 15.17 16.72 65.02
C LEU E 701 16.34 16.05 65.71
N TYR E 702 17.38 16.82 66.06
CA TYR E 702 18.52 16.26 66.78
C TYR E 702 18.08 15.69 68.12
N LEU E 703 17.29 16.46 68.87
CA LEU E 703 16.82 16.01 70.18
C LEU E 703 15.92 14.79 70.03
N GLN E 704 15.08 14.77 69.00
CA GLN E 704 14.23 13.61 68.75
C GLN E 704 15.06 12.37 68.47
N MET E 705 16.14 12.51 67.69
CA MET E 705 17.02 11.37 67.42
C MET E 705 17.67 10.87 68.70
N TRP E 706 18.16 11.78 69.54
CA TRP E 706 18.80 11.37 70.78
C TRP E 706 17.82 10.68 71.72
N GLU E 707 16.61 11.23 71.85
CA GLU E 707 15.62 10.62 72.73
C GLU E 707 15.26 9.22 72.29
N HIS E 708 15.20 9.00 70.97
CA HIS E 708 15.04 7.64 70.45
C HIS E 708 16.17 6.75 70.93
N TYR E 709 17.42 7.18 70.76
CA TYR E 709 18.55 6.36 71.17
C TYR E 709 18.58 6.16 72.67
N ALA E 710 18.30 7.22 73.43
CA ALA E 710 18.41 7.14 74.90
C ALA E 710 17.41 6.19 75.52
N ALA E 711 16.32 5.88 74.81
CA ALA E 711 15.31 4.95 75.30
C ALA E 711 15.58 3.52 74.86
N GLY E 712 16.84 3.18 74.58
CA GLY E 712 17.20 1.83 74.18
C GLY E 712 16.74 1.44 72.80
N ASN E 713 16.34 2.40 71.97
CA ASN E 713 15.86 2.09 70.63
C ASN E 713 16.99 2.13 69.61
N LYS E 714 16.73 1.52 68.46
CA LYS E 714 17.54 1.65 67.26
C LYS E 714 16.79 2.53 66.26
N PRO E 715 17.51 3.17 65.33
CA PRO E 715 16.89 4.22 64.52
C PRO E 715 15.67 3.75 63.75
N ASP E 716 14.66 4.63 63.70
CA ASP E 716 13.45 4.43 62.92
C ASP E 716 13.07 5.76 62.29
N HIS E 717 12.16 5.72 61.32
CA HIS E 717 11.75 6.92 60.61
C HIS E 717 11.19 7.96 61.57
N MET E 718 11.31 9.24 61.19
CA MET E 718 11.21 10.34 62.14
C MET E 718 10.26 11.41 61.60
N ILE E 719 9.05 11.48 62.15
CA ILE E 719 8.13 12.58 61.88
C ILE E 719 7.49 13.04 63.18
N GLN F 2 38.83 43.41 30.78
CA GLN F 2 38.47 44.10 29.54
C GLN F 2 37.14 44.82 29.74
N PHE F 3 36.10 44.05 30.08
CA PHE F 3 34.84 44.54 30.62
C PHE F 3 33.95 45.23 29.59
N MET F 4 34.22 45.07 28.30
CA MET F 4 33.32 45.60 27.29
C MET F 4 32.00 44.82 27.29
N PRO F 5 30.87 45.49 27.12
CA PRO F 5 29.60 44.77 27.00
C PRO F 5 29.48 44.09 25.64
N VAL F 6 28.58 43.12 25.56
CA VAL F 6 28.37 42.41 24.30
C VAL F 6 27.85 43.38 23.24
N TYR F 7 26.90 44.23 23.61
CA TYR F 7 26.41 45.28 22.71
C TYR F 7 26.29 46.57 23.52
N GLN F 8 25.74 47.61 22.89
CA GLN F 8 25.64 48.94 23.49
C GLN F 8 24.19 49.37 23.59
N ILE F 9 23.93 50.26 24.54
CA ILE F 9 22.60 50.84 24.76
C ILE F 9 22.58 52.22 24.14
N TYR F 10 21.39 52.68 23.74
CA TYR F 10 21.28 53.83 22.86
C TYR F 10 20.15 54.74 23.32
N LEU F 11 19.77 55.67 22.45
CA LEU F 11 18.75 56.68 22.73
C LEU F 11 17.40 56.04 23.11
N SER G 4 -21.49 -71.41 -16.37
CA SER G 4 -20.51 -72.39 -15.94
C SER G 4 -19.22 -72.29 -16.75
N CYS G 5 -19.12 -71.23 -17.56
CA CYS G 5 -18.03 -71.07 -18.50
C CYS G 5 -16.93 -70.22 -17.89
N PRO G 6 -15.73 -70.76 -17.67
CA PRO G 6 -14.65 -69.95 -17.06
C PRO G 6 -14.28 -68.71 -17.85
N THR G 7 -14.31 -68.78 -19.18
CA THR G 7 -13.96 -67.61 -19.98
C THR G 7 -15.01 -66.52 -19.84
N HIS G 8 -16.28 -66.90 -19.73
CA HIS G 8 -17.35 -65.92 -19.51
C HIS G 8 -17.14 -65.20 -18.18
N ALA G 9 -16.88 -65.95 -17.11
CA ALA G 9 -16.64 -65.33 -15.81
C ALA G 9 -15.36 -64.52 -15.81
N ASP G 10 -14.39 -64.87 -16.65
CA ASP G 10 -13.17 -64.09 -16.74
C ASP G 10 -13.43 -62.71 -17.33
N SER G 11 -14.25 -62.64 -18.38
CA SER G 11 -14.58 -61.34 -18.96
C SER G 11 -15.41 -60.50 -18.00
N LEU G 12 -16.28 -61.15 -17.21
CA LEU G 12 -17.00 -60.44 -16.17
C LEU G 12 -16.05 -59.88 -15.12
N ASN G 13 -15.03 -60.66 -14.74
CA ASN G 13 -14.05 -60.19 -13.77
C ASN G 13 -13.27 -59.00 -14.30
N ASN G 14 -12.89 -59.03 -15.58
CA ASN G 14 -12.20 -57.90 -16.18
C ASN G 14 -13.08 -56.67 -16.19
N LEU G 15 -14.36 -56.84 -16.51
CA LEU G 15 -15.29 -55.71 -16.52
C LEU G 15 -15.48 -55.14 -15.12
N ALA G 16 -15.53 -56.00 -14.10
CA ALA G 16 -15.64 -55.52 -12.73
C ALA G 16 -14.39 -54.75 -12.31
N ASN G 17 -13.22 -55.22 -12.70
CA ASN G 17 -12.00 -54.46 -12.44
C ASN G 17 -12.07 -53.09 -13.12
N ILE G 18 -12.61 -53.05 -14.34
CA ILE G 18 -12.79 -51.78 -15.04
C ILE G 18 -13.67 -50.84 -14.23
N LYS G 19 -14.81 -51.34 -13.74
CA LYS G 19 -15.71 -50.52 -12.95
C LYS G 19 -15.08 -50.10 -11.63
N ARG G 20 -14.24 -50.95 -11.04
CA ARG G 20 -13.58 -50.56 -9.79
C ARG G 20 -12.54 -49.48 -10.02
N GLU G 21 -11.85 -49.53 -11.17
CA GLU G 21 -10.97 -48.42 -11.52
C GLU G 21 -11.76 -47.12 -11.63
N GLN G 22 -12.94 -47.17 -12.23
CA GLN G 22 -13.79 -46.00 -12.39
C GLN G 22 -14.28 -45.46 -11.06
N GLY G 23 -14.27 -46.27 -10.00
CA GLY G 23 -14.84 -45.88 -8.74
C GLY G 23 -16.25 -46.35 -8.50
N ASN G 24 -16.85 -47.07 -9.46
CA ASN G 24 -18.17 -47.65 -9.28
C ASN G 24 -18.05 -48.98 -8.53
N ILE G 25 -17.61 -48.86 -7.27
CA ILE G 25 -17.41 -50.01 -6.38
C ILE G 25 -18.64 -50.90 -6.31
N GLU G 26 -19.84 -50.32 -6.37
CA GLU G 26 -21.05 -51.13 -6.27
C GLU G 26 -21.28 -51.94 -7.55
N GLU G 27 -21.07 -51.34 -8.72
CA GLU G 27 -21.15 -52.10 -9.96
C GLU G 27 -20.06 -53.15 -10.03
N ALA G 28 -18.87 -52.84 -9.50
CA ALA G 28 -17.81 -53.84 -9.43
C ALA G 28 -18.24 -55.03 -8.59
N VAL G 29 -18.92 -54.77 -7.47
CA VAL G 29 -19.37 -55.86 -6.59
C VAL G 29 -20.31 -56.80 -7.34
N ARG G 30 -21.28 -56.23 -8.06
CA ARG G 30 -22.24 -57.07 -8.77
C ARG G 30 -21.55 -57.94 -9.82
N LEU G 31 -20.64 -57.35 -10.60
CA LEU G 31 -19.97 -58.11 -11.65
C LEU G 31 -19.05 -59.18 -11.05
N TYR G 32 -18.40 -58.88 -9.93
CA TYR G 32 -17.62 -59.90 -9.24
C TYR G 32 -18.51 -61.06 -8.79
N ARG G 33 -19.66 -60.75 -8.20
CA ARG G 33 -20.55 -61.80 -7.71
C ARG G 33 -21.16 -62.60 -8.84
N LYS G 34 -21.44 -61.95 -9.98
CA LYS G 34 -21.99 -62.67 -11.13
C LYS G 34 -20.93 -63.52 -11.82
N ALA G 35 -19.67 -63.07 -11.81
CA ALA G 35 -18.59 -63.92 -12.28
C ALA G 35 -18.46 -65.17 -11.41
N LEU G 36 -18.75 -65.05 -10.11
CA LEU G 36 -18.73 -66.21 -9.23
C LEU G 36 -19.96 -67.09 -9.41
N GLU G 37 -21.09 -66.52 -9.85
CA GLU G 37 -22.20 -67.36 -10.25
C GLU G 37 -21.84 -68.26 -11.42
N VAL G 38 -21.14 -67.69 -12.42
CA VAL G 38 -20.74 -68.46 -13.58
C VAL G 38 -19.73 -69.52 -13.21
N PHE G 39 -18.57 -69.10 -12.71
CA PHE G 39 -17.48 -70.01 -12.36
C PHE G 39 -17.16 -69.84 -10.88
N PRO G 40 -17.76 -70.65 -10.01
CA PRO G 40 -17.54 -70.48 -8.57
C PRO G 40 -16.10 -70.65 -8.13
N GLU G 41 -15.34 -71.52 -8.79
CA GLU G 41 -13.96 -71.80 -8.38
C GLU G 41 -12.99 -70.82 -9.05
N PHE G 42 -13.21 -69.53 -8.79
CA PHE G 42 -12.44 -68.46 -9.42
C PHE G 42 -11.74 -67.68 -8.31
N ALA G 43 -10.46 -67.98 -8.09
CA ALA G 43 -9.73 -67.39 -6.97
C ALA G 43 -9.58 -65.88 -7.13
N ALA G 44 -9.33 -65.40 -8.34
CA ALA G 44 -9.10 -63.97 -8.55
C ALA G 44 -10.34 -63.15 -8.20
N ALA G 45 -11.53 -63.64 -8.57
CA ALA G 45 -12.75 -62.92 -8.23
C ALA G 45 -12.96 -62.86 -6.73
N HIS G 46 -12.68 -63.97 -6.03
CA HIS G 46 -12.84 -63.98 -4.58
C HIS G 46 -11.93 -62.96 -3.92
N SER G 47 -10.68 -62.87 -4.38
CA SER G 47 -9.76 -61.88 -3.82
C SER G 47 -10.23 -60.46 -4.10
N ASN G 48 -10.69 -60.20 -5.32
CA ASN G 48 -11.11 -58.84 -5.68
C ASN G 48 -12.40 -58.45 -4.98
N LEU G 49 -13.38 -59.36 -4.92
CA LEU G 49 -14.62 -59.05 -4.21
C LEU G 49 -14.34 -58.80 -2.74
N ALA G 50 -13.44 -59.58 -2.15
CA ALA G 50 -13.04 -59.36 -0.77
C ALA G 50 -12.36 -58.00 -0.59
N SER G 51 -11.50 -57.61 -1.54
CA SER G 51 -10.84 -56.31 -1.45
C SER G 51 -11.86 -55.18 -1.48
N VAL G 52 -12.87 -55.30 -2.34
CA VAL G 52 -13.90 -54.27 -2.42
C VAL G 52 -14.78 -54.29 -1.18
N LEU G 53 -15.12 -55.48 -0.69
CA LEU G 53 -15.94 -55.59 0.52
C LEU G 53 -15.20 -55.03 1.73
N GLN G 54 -13.91 -55.36 1.86
CA GLN G 54 -13.09 -54.76 2.91
C GLN G 54 -13.11 -53.23 2.81
N GLN G 55 -12.98 -52.71 1.58
CA GLN G 55 -13.00 -51.28 1.36
C GLN G 55 -14.34 -50.67 1.76
N GLN G 56 -15.42 -51.44 1.68
CA GLN G 56 -16.74 -50.99 2.12
C GLN G 56 -16.99 -51.20 3.61
N GLY G 57 -16.00 -51.70 4.34
CA GLY G 57 -16.20 -52.00 5.75
C GLY G 57 -16.87 -53.31 6.04
N LYS G 58 -17.11 -54.14 5.02
CA LYS G 58 -17.70 -55.47 5.20
C LYS G 58 -16.58 -56.48 5.46
N LEU G 59 -15.98 -56.36 6.65
CA LEU G 59 -14.81 -57.16 6.98
C LEU G 59 -15.13 -58.65 7.04
N GLN G 60 -16.28 -59.00 7.63
CA GLN G 60 -16.61 -60.40 7.84
C GLN G 60 -16.77 -61.13 6.50
N GLU G 61 -17.55 -60.56 5.58
CA GLU G 61 -17.75 -61.19 4.29
C GLU G 61 -16.48 -61.16 3.45
N ALA G 62 -15.72 -60.06 3.52
CA ALA G 62 -14.44 -60.02 2.84
C ALA G 62 -13.51 -61.12 3.34
N LEU G 63 -13.53 -61.37 4.66
CA LEU G 63 -12.77 -62.47 5.22
C LEU G 63 -13.24 -63.81 4.66
N MET G 64 -14.54 -63.95 4.43
CA MET G 64 -15.07 -65.18 3.86
C MET G 64 -14.50 -65.44 2.47
N HIS G 65 -14.49 -64.41 1.62
CA HIS G 65 -14.02 -64.60 0.26
C HIS G 65 -12.50 -64.71 0.17
N TYR G 66 -11.78 -64.04 1.07
CA TYR G 66 -10.33 -64.22 1.12
C TYR G 66 -9.99 -65.67 1.43
N LYS G 67 -10.70 -66.28 2.39
CA LYS G 67 -10.43 -67.67 2.73
C LYS G 67 -10.76 -68.59 1.56
N GLU G 68 -11.84 -68.30 0.84
CA GLU G 68 -12.18 -69.12 -0.32
C GLU G 68 -11.14 -68.99 -1.42
N ALA G 69 -10.61 -67.79 -1.63
CA ALA G 69 -9.54 -67.61 -2.61
C ALA G 69 -8.30 -68.40 -2.23
N ILE G 70 -7.96 -68.42 -0.94
CA ILE G 70 -6.82 -69.22 -0.48
C ILE G 70 -7.07 -70.70 -0.70
N ARG G 71 -8.30 -71.15 -0.48
CA ARG G 71 -8.61 -72.56 -0.69
C ARG G 71 -8.40 -72.97 -2.13
N ILE G 72 -8.79 -72.11 -3.07
CA ILE G 72 -8.76 -72.47 -4.48
C ILE G 72 -7.32 -72.56 -4.98
N SER G 73 -6.47 -71.59 -4.62
CA SER G 73 -5.05 -71.63 -4.96
C SER G 73 -4.24 -71.33 -3.71
N PRO G 74 -3.68 -72.35 -3.06
CA PRO G 74 -2.92 -72.13 -1.82
C PRO G 74 -1.65 -71.31 -2.00
N THR G 75 -1.18 -71.12 -3.23
CA THR G 75 0.01 -70.30 -3.48
C THR G 75 -0.32 -68.82 -3.58
N PHE G 76 -1.51 -68.40 -3.12
CA PHE G 76 -1.99 -67.03 -3.29
C PHE G 76 -1.47 -66.18 -2.13
N ALA G 77 -0.20 -65.76 -2.26
CA ALA G 77 0.43 -64.98 -1.22
C ALA G 77 -0.26 -63.63 -1.03
N ASP G 78 -0.73 -63.03 -2.13
CA ASP G 78 -1.40 -61.74 -2.05
C ASP G 78 -2.68 -61.82 -1.22
N ALA G 79 -3.47 -62.89 -1.42
CA ALA G 79 -4.70 -63.03 -0.66
C ALA G 79 -4.43 -63.28 0.82
N TYR G 80 -3.33 -63.96 1.15
CA TYR G 80 -2.93 -64.08 2.55
C TYR G 80 -2.67 -62.70 3.17
N SER G 81 -1.91 -61.86 2.46
CA SER G 81 -1.56 -60.54 2.99
C SER G 81 -2.81 -59.67 3.17
N ASN G 82 -3.71 -59.70 2.19
CA ASN G 82 -4.90 -58.88 2.28
C ASN G 82 -5.90 -59.43 3.29
N MET G 83 -5.93 -60.76 3.47
CA MET G 83 -6.72 -61.32 4.56
C MET G 83 -6.17 -60.89 5.91
N GLY G 84 -4.83 -60.79 6.02
CA GLY G 84 -4.24 -60.31 7.25
C GLY G 84 -4.65 -58.89 7.59
N ASN G 85 -4.72 -58.02 6.58
CA ASN G 85 -5.19 -56.66 6.80
C ASN G 85 -6.64 -56.66 7.28
N THR G 86 -7.46 -57.55 6.71
CA THR G 86 -8.85 -57.65 7.17
C THR G 86 -8.92 -58.09 8.62
N LEU G 87 -8.14 -59.12 8.99
CA LEU G 87 -8.13 -59.57 10.38
C LEU G 87 -7.59 -58.50 11.32
N LYS G 88 -6.57 -57.75 10.87
CA LYS G 88 -6.07 -56.65 11.67
C LYS G 88 -7.14 -55.60 11.91
N GLU G 89 -7.91 -55.26 10.86
CA GLU G 89 -9.00 -54.31 11.01
C GLU G 89 -10.08 -54.83 11.94
N MET G 90 -10.24 -56.16 12.01
CA MET G 90 -11.18 -56.79 12.92
C MET G 90 -10.63 -56.95 14.33
N GLN G 91 -9.49 -56.32 14.62
CA GLN G 91 -8.81 -56.38 15.92
C GLN G 91 -8.28 -57.76 16.26
N ASP G 92 -8.09 -58.62 15.26
CA ASP G 92 -7.48 -59.94 15.47
C ASP G 92 -6.03 -59.88 14.98
N VAL G 93 -5.16 -59.38 15.86
CA VAL G 93 -3.76 -59.21 15.51
C VAL G 93 -3.08 -60.56 15.34
N GLN G 94 -3.39 -61.52 16.22
CA GLN G 94 -2.76 -62.83 16.14
C GLN G 94 -3.08 -63.52 14.82
N GLY G 95 -4.34 -63.43 14.39
CA GLY G 95 -4.70 -63.99 13.08
C GLY G 95 -4.01 -63.27 11.94
N ALA G 96 -3.90 -61.94 12.04
CA ALA G 96 -3.18 -61.19 11.02
C ALA G 96 -1.72 -61.58 10.95
N LEU G 97 -1.10 -61.84 12.11
CA LEU G 97 0.28 -62.29 12.15
C LEU G 97 0.46 -63.61 11.41
N GLN G 98 -0.47 -64.55 11.62
CA GLN G 98 -0.38 -65.84 10.92
C GLN G 98 -0.48 -65.66 9.41
N CYS G 99 -1.35 -64.75 8.96
CA CYS G 99 -1.50 -64.50 7.53
C CYS G 99 -0.22 -63.96 6.93
N TYR G 100 0.38 -62.94 7.55
CA TYR G 100 1.57 -62.32 6.98
C TYR G 100 2.74 -63.30 6.95
N THR G 101 2.95 -64.04 8.04
CA THR G 101 4.08 -64.97 8.10
C THR G 101 3.88 -66.15 7.15
N ARG G 102 2.65 -66.65 7.03
CA ARG G 102 2.40 -67.72 6.08
C ARG G 102 2.65 -67.27 4.65
N ALA G 103 2.28 -66.03 4.32
CA ALA G 103 2.57 -65.50 3.00
C ALA G 103 4.07 -65.41 2.76
N ILE G 104 4.82 -64.98 3.77
CA ILE G 104 6.27 -64.86 3.63
C ILE G 104 6.89 -66.24 3.40
N GLN G 105 6.41 -67.26 4.13
CA GLN G 105 6.92 -68.61 3.91
C GLN G 105 6.61 -69.10 2.49
N ILE G 106 5.39 -68.85 2.02
CA ILE G 106 4.99 -69.33 0.70
C ILE G 106 5.77 -68.61 -0.39
N ASN G 107 5.98 -67.31 -0.22
CA ASN G 107 6.67 -66.50 -1.22
C ASN G 107 7.65 -65.57 -0.50
N PRO G 108 8.88 -66.03 -0.29
CA PRO G 108 9.85 -65.21 0.47
C PRO G 108 10.18 -63.87 -0.18
N ALA G 109 9.96 -63.73 -1.49
CA ALA G 109 10.26 -62.49 -2.20
C ALA G 109 9.08 -61.55 -2.27
N PHE G 110 7.98 -61.84 -1.58
CA PHE G 110 6.76 -61.05 -1.67
C PHE G 110 6.83 -59.90 -0.67
N ALA G 111 6.92 -58.67 -1.18
CA ALA G 111 7.26 -57.53 -0.32
C ALA G 111 6.08 -57.09 0.54
N ASP G 112 4.86 -57.14 0.01
CA ASP G 112 3.70 -56.62 0.73
C ASP G 112 3.53 -57.31 2.08
N ALA G 113 3.82 -58.60 2.14
CA ALA G 113 3.72 -59.32 3.41
C ALA G 113 4.71 -58.78 4.43
N HIS G 114 5.94 -58.49 3.99
CA HIS G 114 6.93 -57.94 4.90
C HIS G 114 6.52 -56.55 5.39
N SER G 115 5.99 -55.73 4.49
CA SER G 115 5.54 -54.40 4.88
C SER G 115 4.40 -54.47 5.89
N ASN G 116 3.45 -55.38 5.66
CA ASN G 116 2.33 -55.53 6.59
C ASN G 116 2.80 -56.08 7.93
N LEU G 117 3.79 -56.99 7.91
CA LEU G 117 4.37 -57.45 9.17
C LEU G 117 5.06 -56.31 9.90
N ALA G 118 5.72 -55.41 9.17
CA ALA G 118 6.33 -54.25 9.80
C ALA G 118 5.26 -53.36 10.43
N SER G 119 4.13 -53.18 9.75
N SER G 119 4.13 -53.18 9.75
CA SER G 119 3.07 -52.33 10.28
CA SER G 119 3.07 -52.32 10.28
C SER G 119 2.51 -52.90 11.57
C SER G 119 2.48 -52.90 11.56
N ILE G 120 2.35 -54.23 11.66
CA ILE G 120 1.88 -54.84 12.88
C ILE G 120 2.87 -54.61 14.03
N HIS G 121 4.17 -54.64 13.71
CA HIS G 121 5.18 -54.36 14.74
C HIS G 121 5.16 -52.88 15.12
N LYS G 122 4.98 -52.00 14.14
CA LYS G 122 4.92 -50.57 14.40
C LYS G 122 3.76 -50.23 15.32
N ASP G 123 2.60 -50.85 15.10
CA ASP G 123 1.42 -50.56 15.91
C ASP G 123 1.60 -51.03 17.35
N SER G 124 2.41 -52.07 17.56
CA SER G 124 2.65 -52.59 18.90
C SER G 124 3.83 -51.92 19.60
N GLY G 125 4.43 -50.91 18.97
CA GLY G 125 5.53 -50.19 19.58
C GLY G 125 6.90 -50.81 19.41
N ASN G 126 7.00 -51.97 18.75
CA ASN G 126 8.29 -52.59 18.49
C ASN G 126 8.92 -51.92 17.28
N ILE G 127 9.38 -50.68 17.50
CA ILE G 127 9.83 -49.86 16.38
C ILE G 127 11.04 -50.44 15.67
N PRO G 128 12.10 -50.91 16.35
CA PRO G 128 13.23 -51.47 15.61
C PRO G 128 12.85 -52.66 14.72
N GLU G 129 11.94 -53.51 15.17
CA GLU G 129 11.49 -54.62 14.35
C GLU G 129 10.70 -54.13 13.14
N ALA G 130 9.86 -53.11 13.34
CA ALA G 130 9.13 -52.53 12.21
C ALA G 130 10.10 -51.95 11.19
N ILE G 131 11.16 -51.29 11.66
CA ILE G 131 12.16 -50.73 10.75
C ILE G 131 12.80 -51.83 9.92
N ALA G 132 13.16 -52.95 10.55
CA ALA G 132 13.82 -54.03 9.84
C ALA G 132 12.95 -54.62 8.76
N SER G 133 11.66 -54.85 9.05
CA SER G 133 10.78 -55.46 8.07
C SER G 133 10.42 -54.48 6.94
N TYR G 134 10.28 -53.19 7.25
CA TYR G 134 10.11 -52.20 6.19
C TYR G 134 11.30 -52.18 5.26
N ARG G 135 12.52 -52.28 5.81
CA ARG G 135 13.70 -52.30 4.98
C ARG G 135 13.77 -53.58 4.14
N THR G 136 13.34 -54.71 4.70
CA THR G 136 13.30 -55.95 3.93
C THR G 136 12.32 -55.82 2.77
N ALA G 137 11.15 -55.22 3.02
CA ALA G 137 10.18 -55.01 1.95
C ALA G 137 10.75 -54.10 0.86
N LEU G 138 11.46 -53.05 1.25
CA LEU G 138 12.03 -52.13 0.27
C LEU G 138 13.21 -52.77 -0.46
N LYS G 139 13.91 -53.71 0.17
CA LYS G 139 14.93 -54.46 -0.55
C LYS G 139 14.31 -55.28 -1.68
N LEU G 140 13.15 -55.90 -1.42
CA LEU G 140 12.50 -56.72 -2.43
C LEU G 140 11.81 -55.88 -3.50
N LYS G 141 11.11 -54.82 -3.10
CA LYS G 141 10.37 -53.97 -4.04
C LYS G 141 10.73 -52.51 -3.77
N PRO G 142 11.77 -52.00 -4.43
CA PRO G 142 12.25 -50.64 -4.11
C PRO G 142 11.22 -49.54 -4.34
N ASP G 143 10.32 -49.68 -5.31
CA ASP G 143 9.26 -48.69 -5.53
C ASP G 143 8.05 -49.13 -4.74
N PHE G 144 7.96 -48.67 -3.49
CA PHE G 144 6.97 -49.17 -2.53
C PHE G 144 6.60 -48.03 -1.60
N PRO G 145 5.78 -47.08 -2.08
CA PRO G 145 5.55 -45.85 -1.30
C PRO G 145 4.99 -46.07 0.09
N ASP G 146 4.07 -47.02 0.27
CA ASP G 146 3.53 -47.27 1.61
C ASP G 146 4.63 -47.72 2.56
N ALA G 147 5.49 -48.64 2.13
CA ALA G 147 6.60 -49.08 2.97
C ALA G 147 7.59 -47.95 3.21
N TYR G 148 7.87 -47.14 2.19
CA TYR G 148 8.83 -46.05 2.35
C TYR G 148 8.30 -45.00 3.32
N CYS G 149 7.04 -44.60 3.16
CA CYS G 149 6.50 -43.54 4.02
C CYS G 149 6.31 -44.03 5.45
N ASN G 150 5.90 -45.28 5.63
CA ASN G 150 5.83 -45.85 6.97
C ASN G 150 7.21 -45.94 7.61
N LEU G 151 8.22 -46.38 6.83
CA LEU G 151 9.57 -46.43 7.37
C LEU G 151 10.10 -45.04 7.67
N ALA G 152 9.71 -44.05 6.87
CA ALA G 152 10.12 -42.67 7.14
C ALA G 152 9.60 -42.20 8.49
N HIS G 153 8.37 -42.59 8.83
CA HIS G 153 7.84 -42.25 10.14
C HIS G 153 8.56 -43.00 11.25
N CYS G 154 8.93 -44.26 11.02
CA CYS G 154 9.68 -45.02 12.02
C CYS G 154 11.02 -44.37 12.32
N LEU G 155 11.74 -43.97 11.29
CA LEU G 155 13.01 -43.28 11.49
C LEU G 155 12.80 -41.95 12.20
N GLN G 156 11.70 -41.26 11.88
CA GLN G 156 11.36 -40.03 12.59
C GLN G 156 11.13 -40.30 14.07
N ILE G 157 10.46 -41.42 14.39
CA ILE G 157 10.11 -41.73 15.77
C ILE G 157 11.37 -41.92 16.62
N VAL G 158 12.37 -42.61 16.08
CA VAL G 158 13.58 -42.95 16.82
C VAL G 158 14.71 -41.96 16.55
N CYS G 159 14.42 -40.84 15.89
CA CYS G 159 15.43 -39.83 15.57
C CYS G 159 16.58 -40.40 14.74
N ASP G 160 16.24 -41.24 13.76
CA ASP G 160 17.20 -41.66 12.74
C ASP G 160 17.12 -40.65 11.61
N TRP G 161 18.12 -39.78 11.51
CA TRP G 161 18.15 -38.73 10.51
C TRP G 161 19.13 -39.03 9.38
N THR G 162 19.42 -40.31 9.14
CA THR G 162 20.27 -40.68 8.02
C THR G 162 19.61 -40.28 6.72
N ASP G 163 20.33 -39.46 5.94
CA ASP G 163 19.84 -38.95 4.65
C ASP G 163 18.52 -38.20 4.83
N TYR G 164 18.39 -37.47 5.94
CA TYR G 164 17.13 -36.83 6.28
C TYR G 164 16.66 -35.90 5.18
N ASP G 165 17.58 -35.16 4.56
CA ASP G 165 17.18 -34.15 3.59
C ASP G 165 16.61 -34.79 2.32
N GLU G 166 17.29 -35.79 1.76
CA GLU G 166 16.73 -36.45 0.59
C GLU G 166 15.59 -37.39 0.94
N ARG G 167 15.49 -37.81 2.20
CA ARG G 167 14.28 -38.51 2.63
C ARG G 167 13.07 -37.59 2.55
N MET G 168 13.24 -36.32 2.94
CA MET G 168 12.13 -35.37 2.88
C MET G 168 11.70 -35.11 1.44
N LYS G 169 12.66 -34.95 0.52
CA LYS G 169 12.27 -34.63 -0.86
C LYS G 169 11.64 -35.84 -1.54
N LYS G 170 12.07 -37.06 -1.20
CA LYS G 170 11.44 -38.25 -1.74
C LYS G 170 10.02 -38.40 -1.20
N LEU G 171 9.81 -38.08 0.08
CA LEU G 171 8.47 -38.09 0.64
C LEU G 171 7.56 -37.12 -0.10
N VAL G 172 8.05 -35.90 -0.35
CA VAL G 172 7.26 -34.90 -1.05
C VAL G 172 6.96 -35.35 -2.47
N SER G 173 7.95 -35.94 -3.15
CA SER G 173 7.74 -36.37 -4.53
C SER G 173 6.77 -37.55 -4.61
N ILE G 174 6.78 -38.44 -3.61
CA ILE G 174 5.80 -39.52 -3.58
C ILE G 174 4.40 -38.96 -3.43
N VAL G 175 4.21 -38.05 -2.47
CA VAL G 175 2.90 -37.41 -2.31
C VAL G 175 2.52 -36.62 -3.55
N ALA G 176 3.48 -35.89 -4.12
CA ALA G 176 3.22 -35.13 -5.34
C ALA G 176 2.72 -36.05 -6.44
N ASP G 177 3.46 -37.13 -6.73
CA ASP G 177 3.10 -38.02 -7.82
C ASP G 177 1.73 -38.66 -7.59
N GLN G 178 1.48 -39.14 -6.37
CA GLN G 178 0.20 -39.81 -6.09
C GLN G 178 -0.97 -38.84 -6.21
N LEU G 179 -0.78 -37.58 -5.79
CA LEU G 179 -1.83 -36.59 -5.96
C LEU G 179 -2.09 -36.30 -7.44
N GLU G 180 -1.03 -36.29 -8.25
CA GLU G 180 -1.21 -36.11 -9.69
C GLU G 180 -2.00 -37.24 -10.34
N LYS G 181 -2.10 -38.39 -9.70
CA LYS G 181 -2.63 -39.59 -10.32
C LYS G 181 -3.95 -40.05 -9.70
N ASN G 182 -4.61 -39.20 -8.90
CA ASN G 182 -5.82 -39.59 -8.18
C ASN G 182 -5.58 -40.83 -7.32
N ARG G 183 -4.56 -40.75 -6.46
CA ARG G 183 -4.20 -41.85 -5.57
C ARG G 183 -4.15 -41.33 -4.14
N LEU G 184 -4.48 -42.21 -3.20
CA LEU G 184 -4.38 -41.85 -1.79
C LEU G 184 -2.92 -41.76 -1.39
N PRO G 185 -2.44 -40.63 -0.90
CA PRO G 185 -1.02 -40.51 -0.57
C PRO G 185 -0.62 -41.49 0.54
N SER G 186 0.60 -42.01 0.41
CA SER G 186 1.11 -42.96 1.40
C SER G 186 1.48 -42.29 2.71
N VAL G 187 1.50 -40.97 2.76
CA VAL G 187 1.76 -40.24 4.00
C VAL G 187 0.44 -40.03 4.74
N HIS G 188 0.42 -40.42 6.01
CA HIS G 188 -0.75 -40.23 6.84
C HIS G 188 -0.95 -38.74 7.13
N PRO G 189 -2.21 -38.29 7.24
CA PRO G 189 -2.45 -36.86 7.52
C PRO G 189 -1.81 -36.39 8.82
N HIS G 190 -1.83 -37.21 9.87
CA HIS G 190 -1.22 -36.81 11.13
C HIS G 190 0.29 -36.72 11.04
N HIS G 191 0.89 -37.42 10.07
CA HIS G 191 2.34 -37.36 9.87
C HIS G 191 2.76 -36.26 8.91
N SER G 192 1.81 -35.72 8.13
CA SER G 192 2.15 -34.70 7.14
C SER G 192 2.72 -33.45 7.79
N MET G 193 2.36 -33.17 9.04
CA MET G 193 2.89 -32.00 9.73
C MET G 193 4.39 -32.10 9.96
N LEU G 194 4.95 -33.30 9.93
CA LEU G 194 6.36 -33.52 10.23
C LEU G 194 7.25 -33.48 9.00
N TYR G 195 6.67 -33.32 7.81
CA TYR G 195 7.43 -33.32 6.57
C TYR G 195 7.23 -32.00 5.84
N PRO G 196 8.23 -31.55 5.06
CA PRO G 196 8.11 -30.25 4.37
C PRO G 196 7.22 -30.30 3.14
N LEU G 197 5.96 -30.68 3.35
CA LEU G 197 4.97 -30.64 2.30
C LEU G 197 4.35 -29.25 2.20
N SER G 198 3.70 -28.99 1.08
CA SER G 198 2.95 -27.75 0.93
C SER G 198 1.64 -27.81 1.71
N HIS G 199 1.09 -26.64 2.00
CA HIS G 199 -0.20 -26.59 2.70
C HIS G 199 -1.29 -27.22 1.85
N GLY G 200 -1.24 -27.02 0.54
CA GLY G 200 -2.20 -27.65 -0.34
C GLY G 200 -2.09 -29.17 -0.33
N PHE G 201 -0.85 -29.68 -0.30
CA PHE G 201 -0.67 -31.12 -0.23
C PHE G 201 -1.19 -31.69 1.09
N ARG G 202 -0.92 -31.00 2.19
CA ARG G 202 -1.41 -31.48 3.49
C ARG G 202 -2.93 -31.52 3.53
N LYS G 203 -3.59 -30.48 3.02
CA LYS G 203 -5.05 -30.49 2.98
C LYS G 203 -5.57 -31.58 2.06
N ALA G 204 -4.90 -31.78 0.91
CA ALA G 204 -5.31 -32.83 -0.02
C ALA G 204 -5.17 -34.20 0.61
N ILE G 205 -4.08 -34.42 1.37
CA ILE G 205 -3.91 -35.69 2.07
C ILE G 205 -5.04 -35.90 3.06
N ALA G 206 -5.39 -34.86 3.81
CA ALA G 206 -6.46 -34.98 4.81
C ALA G 206 -7.81 -35.25 4.15
N GLU G 207 -8.11 -34.55 3.06
CA GLU G 207 -9.39 -34.75 2.38
C GLU G 207 -9.52 -36.17 1.87
N ARG G 208 -8.47 -36.68 1.21
CA ARG G 208 -8.54 -38.00 0.61
C ARG G 208 -8.58 -39.11 1.66
N HIS G 209 -8.08 -38.86 2.87
CA HIS G 209 -8.25 -39.80 3.96
C HIS G 209 -9.67 -39.75 4.53
N GLY G 210 -10.27 -38.56 4.56
CA GLY G 210 -11.66 -38.46 4.97
C GLY G 210 -12.62 -39.16 4.02
N ASN G 211 -12.29 -39.16 2.73
CA ASN G 211 -13.15 -39.80 1.74
C ASN G 211 -13.25 -41.31 1.93
N LEU G 212 -12.29 -41.93 2.63
CA LEU G 212 -12.37 -43.35 2.89
C LEU G 212 -13.56 -43.72 3.76
N CYS G 213 -14.06 -42.76 4.55
CA CYS G 213 -15.29 -43.01 5.31
C CYS G 213 -16.49 -43.17 4.39
N LEU G 214 -16.51 -42.41 3.29
CA LEU G 214 -17.67 -42.41 2.41
C LEU G 214 -17.91 -43.79 1.80
N ASP G 215 -16.83 -44.53 1.50
CA ASP G 215 -16.98 -45.91 1.06
C ASP G 215 -17.75 -46.73 2.08
N LYS G 216 -17.53 -46.45 3.37
CA LYS G 216 -18.05 -47.28 4.44
C LYS G 216 -19.44 -46.86 4.90
N ILE G 217 -19.87 -45.63 4.59
CA ILE G 217 -21.21 -45.18 4.93
C ILE G 217 -22.17 -45.25 3.76
N ASN G 218 -21.68 -45.23 2.52
CA ASN G 218 -22.55 -45.36 1.37
C ASN G 218 -23.18 -46.75 1.30
N VAL G 219 -22.45 -47.77 1.74
CA VAL G 219 -22.99 -49.12 1.76
C VAL G 219 -24.17 -49.23 2.73
N LEU G 220 -24.27 -48.31 3.69
CA LEU G 220 -25.42 -48.28 4.58
C LEU G 220 -26.67 -47.74 3.91
N HIS G 221 -26.51 -46.92 2.87
CA HIS G 221 -27.63 -46.30 2.15
C HIS G 221 -28.54 -45.52 3.10
N LYS G 222 -27.92 -44.73 3.97
CA LYS G 222 -28.84 -44.02 4.83
C LYS G 222 -29.28 -42.71 4.19
N PRO G 223 -30.55 -42.34 4.32
CA PRO G 223 -31.00 -41.04 3.83
C PRO G 223 -30.48 -39.92 4.71
N PRO G 224 -30.41 -38.69 4.18
CA PRO G 224 -29.93 -37.58 5.00
C PRO G 224 -30.83 -37.34 6.20
N TYR G 225 -30.21 -37.02 7.33
CA TYR G 225 -30.96 -36.75 8.55
C TYR G 225 -31.62 -35.38 8.46
N GLU G 226 -32.73 -35.23 9.19
CA GLU G 226 -33.41 -33.95 9.33
C GLU G 226 -33.03 -33.34 10.67
N HIS G 227 -32.28 -32.27 10.61
CA HIS G 227 -31.72 -31.61 11.77
C HIS G 227 -32.69 -30.59 12.35
N PRO G 228 -32.64 -30.37 13.66
CA PRO G 228 -33.52 -29.36 14.28
C PRO G 228 -33.21 -27.96 13.75
N LYS G 229 -34.26 -27.25 13.35
CA LYS G 229 -34.14 -25.90 12.82
C LYS G 229 -34.16 -24.85 13.92
N ASP G 230 -34.32 -25.27 15.17
CA ASP G 230 -34.50 -24.38 16.32
C ASP G 230 -34.31 -25.22 17.58
N LEU G 231 -34.67 -24.64 18.73
CA LEU G 231 -34.46 -25.28 20.02
C LEU G 231 -35.79 -25.56 20.74
N LYS G 232 -36.85 -25.88 19.98
CA LYS G 232 -38.13 -26.22 20.60
C LYS G 232 -37.99 -27.44 21.51
N LEU G 233 -37.45 -28.53 20.95
CA LEU G 233 -37.50 -29.85 21.56
C LEU G 233 -36.59 -29.97 22.76
N SER G 234 -35.71 -29.01 22.99
CA SER G 234 -34.67 -29.12 24.02
C SER G 234 -34.77 -28.00 25.06
N ASP G 235 -35.93 -27.38 25.22
CA ASP G 235 -36.16 -26.37 26.26
C ASP G 235 -35.26 -25.15 26.08
N GLY G 236 -35.01 -24.79 24.83
CA GLY G 236 -34.18 -23.63 24.53
C GLY G 236 -32.74 -23.86 24.90
N ARG G 237 -32.41 -25.12 25.17
CA ARG G 237 -31.03 -25.53 25.45
C ARG G 237 -30.37 -25.97 24.16
N LEU G 238 -29.13 -25.54 23.98
CA LEU G 238 -28.33 -25.98 22.85
C LEU G 238 -27.70 -27.33 23.19
N ARG G 239 -27.95 -28.33 22.36
CA ARG G 239 -27.49 -29.68 22.63
C ARG G 239 -26.14 -29.90 21.94
N VAL G 240 -25.12 -30.22 22.74
CA VAL G 240 -23.75 -30.33 22.27
C VAL G 240 -23.25 -31.74 22.58
N GLY G 241 -22.69 -32.39 21.57
CA GLY G 241 -22.17 -33.73 21.73
C GLY G 241 -20.68 -33.85 21.51
N TYR G 242 -19.95 -34.30 22.53
CA TYR G 242 -18.50 -34.49 22.45
C TYR G 242 -18.23 -35.95 22.13
N VAL G 243 -17.70 -36.20 20.94
CA VAL G 243 -17.35 -37.55 20.49
C VAL G 243 -15.85 -37.72 20.67
N SER G 244 -15.46 -38.74 21.43
CA SER G 244 -14.05 -38.98 21.69
C SER G 244 -13.84 -40.44 22.05
N SER G 245 -12.69 -40.96 21.63
CA SER G 245 -12.20 -42.25 22.07
C SER G 245 -11.29 -42.13 23.28
N ASP G 246 -11.24 -40.96 23.92
CA ASP G 246 -10.23 -40.64 24.91
C ASP G 246 -10.85 -40.16 26.22
N PHE G 247 -12.04 -40.63 26.56
CA PHE G 247 -12.60 -40.38 27.89
C PHE G 247 -12.01 -41.42 28.83
N GLY G 248 -10.89 -41.07 29.43
CA GLY G 248 -10.13 -41.99 30.26
C GLY G 248 -8.75 -41.44 30.50
N ASN G 249 -7.81 -42.34 30.79
CA ASN G 249 -6.41 -41.94 31.01
C ASN G 249 -5.75 -41.67 29.66
N HIS G 250 -6.16 -40.57 29.03
CA HIS G 250 -5.56 -40.12 27.79
C HIS G 250 -5.43 -38.60 27.87
N PRO G 251 -4.38 -38.04 27.24
CA PRO G 251 -4.14 -36.59 27.32
C PRO G 251 -5.35 -35.71 27.12
N THR G 252 -6.26 -36.11 26.22
CA THR G 252 -7.46 -35.32 25.97
C THR G 252 -8.25 -35.08 27.25
N SER G 253 -8.53 -36.15 27.99
CA SER G 253 -9.22 -35.99 29.28
C SER G 253 -8.39 -35.15 30.24
N HIS G 254 -7.07 -35.30 30.20
CA HIS G 254 -6.19 -34.50 31.05
C HIS G 254 -6.26 -33.01 30.73
N LEU G 255 -7.05 -32.65 29.72
CA LEU G 255 -7.24 -31.27 29.31
C LEU G 255 -8.67 -30.78 29.44
N MET G 256 -9.65 -31.59 29.06
CA MET G 256 -11.05 -31.17 29.03
C MET G 256 -11.93 -31.88 30.05
N GLN G 257 -11.35 -32.63 30.99
CA GLN G 257 -12.16 -33.45 31.89
C GLN G 257 -13.11 -32.61 32.74
N SER G 258 -12.78 -31.34 32.99
CA SER G 258 -13.65 -30.46 33.76
C SER G 258 -14.62 -29.68 32.89
N ILE G 259 -14.44 -29.70 31.56
CA ILE G 259 -15.26 -28.85 30.70
C ILE G 259 -16.73 -29.23 30.73
N PRO G 260 -17.12 -30.50 30.55
CA PRO G 260 -18.57 -30.80 30.51
C PRO G 260 -19.34 -30.39 31.76
N GLY G 261 -18.74 -30.55 32.94
CA GLY G 261 -19.45 -30.19 34.16
C GLY G 261 -19.60 -28.70 34.37
N MET G 262 -18.82 -27.89 33.67
CA MET G 262 -18.87 -26.45 33.80
C MET G 262 -19.79 -25.79 32.77
N HIS G 263 -20.41 -26.57 31.89
CA HIS G 263 -21.38 -26.03 30.95
C HIS G 263 -22.60 -25.50 31.68
N ASN G 264 -23.17 -24.43 31.14
CA ASN G 264 -24.29 -23.74 31.78
C ASN G 264 -25.56 -24.53 31.53
N PRO G 265 -26.18 -25.10 32.57
CA PRO G 265 -27.37 -25.94 32.36
C PRO G 265 -28.60 -25.18 31.90
N ASP G 266 -28.60 -23.85 32.03
CA ASP G 266 -29.76 -23.08 31.58
C ASP G 266 -29.80 -22.99 30.06
N LYS G 267 -28.65 -23.00 29.40
CA LYS G 267 -28.57 -22.80 27.96
C LYS G 267 -28.03 -24.00 27.21
N PHE G 268 -27.50 -25.01 27.88
CA PHE G 268 -26.82 -26.10 27.20
C PHE G 268 -27.18 -27.44 27.82
N GLU G 269 -27.13 -28.48 26.99
CA GLU G 269 -27.32 -29.87 27.41
C GLU G 269 -26.20 -30.69 26.80
N VAL G 270 -25.42 -31.36 27.65
CA VAL G 270 -24.15 -31.95 27.24
C VAL G 270 -24.33 -33.46 27.04
N PHE G 271 -23.93 -33.95 25.88
CA PHE G 271 -23.91 -35.36 25.57
C PHE G 271 -22.47 -35.78 25.29
N CYS G 272 -22.01 -36.82 25.96
CA CYS G 272 -20.66 -37.33 25.77
C CYS G 272 -20.72 -38.72 25.16
N TYR G 273 -20.20 -38.85 23.94
CA TYR G 273 -20.22 -40.11 23.21
C TYR G 273 -18.85 -40.75 23.30
N ALA G 274 -18.75 -41.83 24.06
CA ALA G 274 -17.50 -42.54 24.27
C ALA G 274 -17.30 -43.55 23.15
N LEU G 275 -16.22 -43.40 22.39
CA LEU G 275 -15.86 -44.35 21.35
C LEU G 275 -15.06 -45.52 21.89
N SER G 276 -14.73 -45.51 23.17
CA SER G 276 -13.89 -46.52 23.80
C SER G 276 -14.59 -47.08 25.03
N PRO G 277 -14.33 -48.34 25.36
CA PRO G 277 -14.92 -48.90 26.58
C PRO G 277 -14.31 -48.29 27.82
N ASP G 278 -15.07 -48.38 28.92
CA ASP G 278 -14.62 -47.83 30.20
C ASP G 278 -13.32 -48.49 30.63
N ASP G 279 -12.30 -47.67 30.88
CA ASP G 279 -11.02 -48.15 31.38
C ASP G 279 -10.93 -48.12 32.90
N GLY G 280 -11.98 -47.69 33.58
CA GLY G 280 -12.03 -47.71 35.03
C GLY G 280 -11.31 -46.57 35.72
N THR G 281 -10.70 -45.67 34.98
CA THR G 281 -9.97 -44.56 35.59
C THR G 281 -10.94 -43.46 36.01
N ASN G 282 -10.45 -42.61 36.93
CA ASN G 282 -11.28 -41.52 37.45
C ASN G 282 -11.60 -40.47 36.40
N PHE G 283 -10.77 -40.36 35.36
CA PHE G 283 -11.09 -39.45 34.26
C PHE G 283 -12.41 -39.85 33.61
N ARG G 284 -12.56 -41.14 33.31
CA ARG G 284 -13.82 -41.64 32.77
C ARG G 284 -14.96 -41.46 33.77
N VAL G 285 -14.68 -41.71 35.04
CA VAL G 285 -15.70 -41.60 36.08
C VAL G 285 -16.21 -40.16 36.18
N LYS G 286 -15.29 -39.19 36.13
CA LYS G 286 -15.69 -37.79 36.23
C LYS G 286 -16.56 -37.37 35.05
N VAL G 287 -16.14 -37.70 33.83
CA VAL G 287 -16.89 -37.27 32.65
C VAL G 287 -18.28 -37.89 32.65
N MET G 288 -18.38 -39.17 33.02
CA MET G 288 -19.68 -39.82 33.11
C MET G 288 -20.55 -39.16 34.18
N ALA G 289 -19.94 -38.73 35.29
CA ALA G 289 -20.68 -38.21 36.42
C ALA G 289 -21.16 -36.77 36.23
N GLU G 290 -20.51 -35.99 35.36
CA GLU G 290 -20.83 -34.57 35.24
C GLU G 290 -21.52 -34.18 33.95
N ALA G 291 -21.32 -34.94 32.87
CA ALA G 291 -22.06 -34.65 31.64
C ALA G 291 -23.54 -34.93 31.84
N ASN G 292 -24.38 -34.11 31.20
CA ASN G 292 -25.82 -34.32 31.29
C ASN G 292 -26.18 -35.73 30.83
N HIS G 293 -25.51 -36.22 29.79
CA HIS G 293 -25.72 -37.56 29.29
C HIS G 293 -24.39 -38.13 28.83
N PHE G 294 -24.22 -39.44 29.00
CA PHE G 294 -23.01 -40.14 28.60
C PHE G 294 -23.42 -41.39 27.85
N ILE G 295 -23.00 -41.51 26.59
CA ILE G 295 -23.38 -42.61 25.72
C ILE G 295 -22.12 -43.38 25.35
N ASP G 296 -22.13 -44.69 25.56
CA ASP G 296 -21.00 -45.55 25.22
C ASP G 296 -21.22 -46.09 23.81
N LEU G 297 -20.76 -45.32 22.82
CA LEU G 297 -20.90 -45.75 21.42
C LEU G 297 -20.00 -46.93 21.07
N SER G 298 -19.05 -47.29 21.94
CA SER G 298 -18.30 -48.53 21.72
C SER G 298 -19.19 -49.75 21.83
N GLN G 299 -20.36 -49.62 22.46
CA GLN G 299 -21.35 -50.69 22.49
C GLN G 299 -22.24 -50.71 21.26
N ILE G 300 -22.19 -49.68 20.42
CA ILE G 300 -22.90 -49.66 19.15
C ILE G 300 -21.87 -49.68 18.04
N PRO G 301 -21.34 -50.85 17.67
CA PRO G 301 -20.28 -50.89 16.64
C PRO G 301 -20.71 -50.40 15.28
N CYS G 302 -22.01 -50.43 14.96
CA CYS G 302 -22.47 -50.02 13.65
C CYS G 302 -22.55 -48.50 13.57
N ASN G 303 -21.89 -47.92 12.57
CA ASN G 303 -21.94 -46.47 12.39
C ASN G 303 -23.34 -46.01 12.00
N GLY G 304 -24.11 -46.85 11.31
CA GLY G 304 -25.48 -46.49 11.01
C GLY G 304 -26.33 -46.36 12.26
N LYS G 305 -26.28 -47.36 13.14
CA LYS G 305 -27.07 -47.32 14.36
C LYS G 305 -26.50 -46.33 15.38
N ALA G 306 -25.18 -46.13 15.38
CA ALA G 306 -24.59 -45.17 16.30
C ALA G 306 -24.93 -43.74 15.90
N ALA G 307 -24.84 -43.43 14.60
CA ALA G 307 -25.26 -42.12 14.13
C ALA G 307 -26.75 -41.90 14.35
N ASP G 308 -27.54 -42.98 14.25
CA ASP G 308 -28.96 -42.89 14.59
C ASP G 308 -29.14 -42.53 16.06
N ARG G 309 -28.31 -43.10 16.94
CA ARG G 309 -28.37 -42.74 18.35
C ARG G 309 -28.05 -41.27 18.56
N ILE G 310 -27.05 -40.76 17.84
CA ILE G 310 -26.71 -39.34 17.94
C ILE G 310 -27.86 -38.48 17.45
N HIS G 311 -28.44 -38.84 16.29
CA HIS G 311 -29.50 -38.03 15.70
C HIS G 311 -30.75 -38.00 16.57
N GLN G 312 -31.12 -39.15 17.14
CA GLN G 312 -32.33 -39.20 17.95
C GLN G 312 -32.13 -38.66 19.35
N ASP G 313 -30.92 -38.26 19.72
CA ASP G 313 -30.71 -37.44 20.90
C ASP G 313 -30.88 -35.94 20.61
N GLY G 314 -31.03 -35.57 19.34
CA GLY G 314 -31.30 -34.19 18.98
C GLY G 314 -30.12 -33.25 19.06
N ILE G 315 -28.91 -33.73 18.77
CA ILE G 315 -27.72 -32.90 18.88
C ILE G 315 -27.77 -31.75 17.89
N HIS G 316 -27.41 -30.56 18.36
CA HIS G 316 -27.29 -29.40 17.49
C HIS G 316 -25.86 -29.18 17.02
N ILE G 317 -24.89 -29.30 17.91
CA ILE G 317 -23.48 -29.16 17.58
C ILE G 317 -22.76 -30.43 17.99
N LEU G 318 -22.12 -31.09 17.03
CA LEU G 318 -21.35 -32.31 17.28
C LEU G 318 -19.88 -32.00 17.14
N VAL G 319 -19.10 -32.35 18.18
CA VAL G 319 -17.71 -31.96 18.30
C VAL G 319 -16.82 -33.18 18.08
N ASN G 320 -15.88 -33.07 17.15
CA ASN G 320 -14.97 -34.15 16.82
C ASN G 320 -13.66 -33.91 17.57
N MET G 321 -13.39 -34.74 18.57
CA MET G 321 -12.19 -34.64 19.38
C MET G 321 -11.14 -35.67 19.02
N ASN G 322 -11.30 -36.35 17.88
CA ASN G 322 -10.35 -37.36 17.44
C ASN G 322 -9.64 -36.98 16.15
N GLY G 323 -10.34 -36.39 15.19
CA GLY G 323 -9.72 -36.11 13.91
C GLY G 323 -9.22 -37.39 13.27
N TYR G 324 -8.03 -37.33 12.69
CA TYR G 324 -7.39 -38.49 12.10
C TYR G 324 -6.39 -39.13 13.07
N THR G 325 -6.84 -39.45 14.28
CA THR G 325 -6.00 -40.10 15.27
C THR G 325 -6.57 -41.48 15.60
N LYS G 326 -5.80 -42.24 16.37
CA LYS G 326 -6.19 -43.58 16.78
C LYS G 326 -7.54 -43.55 17.51
N GLY G 327 -8.43 -44.47 17.15
CA GLY G 327 -9.72 -44.58 17.79
C GLY G 327 -10.82 -43.76 17.15
N ALA G 328 -10.51 -42.97 16.12
CA ALA G 328 -11.52 -42.13 15.49
C ALA G 328 -12.57 -42.98 14.78
N ARG G 329 -13.79 -42.45 14.73
CA ARG G 329 -14.90 -43.05 13.98
C ARG G 329 -15.60 -41.98 13.16
N ASN G 330 -14.81 -41.24 12.38
CA ASN G 330 -15.31 -40.12 11.58
C ASN G 330 -16.44 -40.49 10.64
N GLU G 331 -16.70 -41.79 10.42
CA GLU G 331 -17.88 -42.20 9.67
C GLU G 331 -19.15 -41.64 10.30
N LEU G 332 -19.16 -41.50 11.62
CA LEU G 332 -20.31 -40.90 12.29
C LEU G 332 -20.56 -39.48 11.80
N PHE G 333 -19.49 -38.71 11.60
CA PHE G 333 -19.63 -37.36 11.06
C PHE G 333 -19.92 -37.37 9.58
N ALA G 334 -19.43 -38.37 8.84
CA ALA G 334 -19.74 -38.49 7.42
C ALA G 334 -21.24 -38.66 7.20
N LEU G 335 -21.94 -39.30 8.14
CA LEU G 335 -23.37 -39.48 8.04
C LEU G 335 -24.14 -38.21 8.40
N ARG G 336 -23.48 -37.23 9.01
CA ARG G 336 -24.03 -35.92 9.36
C ARG G 336 -25.33 -36.02 10.15
N PRO G 337 -25.29 -36.52 11.39
CA PRO G 337 -26.50 -36.52 12.21
C PRO G 337 -26.82 -35.20 12.85
N ALA G 338 -25.89 -34.25 12.85
CA ALA G 338 -26.08 -32.96 13.49
C ALA G 338 -25.92 -31.84 12.47
N PRO G 339 -26.70 -30.75 12.62
CA PRO G 339 -26.59 -29.65 11.65
C PRO G 339 -25.23 -28.99 11.62
N ILE G 340 -24.54 -28.91 12.76
CA ILE G 340 -23.25 -28.24 12.87
C ILE G 340 -22.25 -29.21 13.48
N GLN G 341 -21.11 -29.39 12.81
CA GLN G 341 -20.07 -30.31 13.25
C GLN G 341 -18.73 -29.59 13.23
N ALA G 342 -17.99 -29.67 14.34
CA ALA G 342 -16.78 -28.89 14.52
C ALA G 342 -15.68 -29.76 15.12
N MET G 343 -14.43 -29.34 14.89
CA MET G 343 -13.25 -29.98 15.42
C MET G 343 -12.74 -29.20 16.64
N TRP G 344 -12.27 -29.92 17.66
CA TRP G 344 -11.86 -29.26 18.90
C TRP G 344 -10.83 -30.12 19.64
N LEU G 345 -9.61 -29.61 19.75
CA LEU G 345 -8.60 -30.05 20.72
C LEU G 345 -8.02 -31.43 20.46
N GLY G 346 -8.58 -32.18 19.51
CA GLY G 346 -8.16 -33.56 19.37
C GLY G 346 -7.05 -33.74 18.35
N TYR G 347 -7.22 -33.12 17.19
CA TYR G 347 -6.34 -33.30 16.06
C TYR G 347 -5.68 -31.97 15.71
N PRO G 348 -4.35 -31.91 15.62
CA PRO G 348 -3.67 -30.64 15.32
C PRO G 348 -3.60 -30.35 13.83
N GLY G 349 -4.75 -30.19 13.21
CA GLY G 349 -4.80 -29.87 11.80
C GLY G 349 -6.21 -29.95 11.26
N THR G 350 -6.30 -29.72 9.95
CA THR G 350 -7.59 -29.73 9.27
C THR G 350 -8.00 -31.15 8.91
N SER G 351 -9.30 -31.41 8.96
CA SER G 351 -9.82 -32.68 8.47
C SER G 351 -9.84 -32.76 6.96
N GLY G 352 -9.84 -31.60 6.28
CA GLY G 352 -9.96 -31.58 4.84
C GLY G 352 -11.27 -32.07 4.29
N ALA G 353 -12.18 -32.52 5.15
CA ALA G 353 -13.37 -33.24 4.73
C ALA G 353 -14.59 -32.32 4.67
N LEU G 354 -15.49 -32.64 3.76
CA LEU G 354 -16.71 -31.85 3.59
C LEU G 354 -17.65 -31.95 4.77
N PHE G 355 -17.55 -33.00 5.59
CA PHE G 355 -18.49 -33.22 6.66
C PHE G 355 -18.14 -32.47 7.95
N MET G 356 -17.07 -31.68 7.95
CA MET G 356 -16.72 -30.86 9.10
C MET G 356 -16.86 -29.39 8.72
N ASP G 357 -17.62 -28.64 9.53
CA ASP G 357 -17.95 -27.25 9.23
C ASP G 357 -16.94 -26.28 9.81
N TYR G 358 -16.74 -26.33 11.13
CA TYR G 358 -15.85 -25.42 11.82
C TYR G 358 -14.68 -26.17 12.43
N ILE G 359 -13.57 -25.46 12.60
CA ILE G 359 -12.47 -25.89 13.44
C ILE G 359 -12.28 -24.86 14.55
N ILE G 360 -12.29 -25.33 15.80
CA ILE G 360 -12.17 -24.42 16.93
C ILE G 360 -10.69 -24.14 17.17
N THR G 361 -10.29 -22.90 16.94
CA THR G 361 -8.89 -22.49 17.05
C THR G 361 -8.86 -21.05 17.57
N ASP G 362 -7.70 -20.41 17.47
CA ASP G 362 -7.53 -19.03 17.89
C ASP G 362 -6.74 -18.29 16.82
N GLN G 363 -6.82 -16.95 16.86
CA GLN G 363 -6.17 -16.13 15.84
C GLN G 363 -4.65 -16.20 15.94
N GLU G 364 -4.10 -16.69 17.05
CA GLU G 364 -2.67 -16.85 17.18
C GLU G 364 -2.20 -18.19 16.60
N THR G 365 -2.97 -19.26 16.78
CA THR G 365 -2.61 -20.56 16.20
C THR G 365 -2.98 -20.62 14.73
N SER G 366 -4.15 -20.09 14.37
CA SER G 366 -4.66 -20.13 13.00
C SER G 366 -4.94 -18.71 12.54
N PRO G 367 -3.91 -17.95 12.16
CA PRO G 367 -4.14 -16.60 11.62
C PRO G 367 -5.11 -16.61 10.44
N ALA G 368 -5.68 -15.45 10.12
CA ALA G 368 -6.62 -15.39 9.01
C ALA G 368 -5.91 -15.53 7.66
N GLU G 369 -4.63 -15.21 7.59
CA GLU G 369 -3.85 -15.32 6.37
C GLU G 369 -3.45 -16.75 6.05
N VAL G 370 -3.76 -17.70 6.94
CA VAL G 370 -3.47 -19.10 6.69
C VAL G 370 -4.75 -19.92 6.62
N ALA G 371 -5.90 -19.26 6.51
CA ALA G 371 -7.18 -19.97 6.53
C ALA G 371 -7.28 -21.01 5.42
N GLU G 372 -6.58 -20.79 4.30
CA GLU G 372 -6.61 -21.73 3.20
C GLU G 372 -5.92 -23.06 3.52
N GLN G 373 -5.15 -23.12 4.61
CA GLN G 373 -4.61 -24.40 5.06
C GLN G 373 -5.68 -25.34 5.58
N TYR G 374 -6.86 -24.81 5.91
CA TYR G 374 -7.93 -25.58 6.51
C TYR G 374 -9.12 -25.68 5.56
N SER G 375 -9.86 -26.77 5.66
CA SER G 375 -11.12 -26.89 4.94
C SER G 375 -12.27 -26.30 5.75
N GLU G 376 -12.28 -26.52 7.05
CA GLU G 376 -13.31 -25.98 7.92
C GLU G 376 -13.22 -24.46 7.96
N LYS G 377 -14.30 -23.84 8.46
CA LYS G 377 -14.31 -22.40 8.67
C LYS G 377 -13.78 -22.13 10.07
N LEU G 378 -12.97 -21.08 10.19
CA LEU G 378 -12.28 -20.83 11.46
C LEU G 378 -13.27 -20.33 12.51
N ALA G 379 -13.29 -21.00 13.67
CA ALA G 379 -14.10 -20.59 14.81
C ALA G 379 -13.14 -20.14 15.90
N TYR G 380 -12.92 -18.83 16.02
CA TYR G 380 -11.86 -18.36 16.89
C TYR G 380 -12.33 -18.29 18.33
N MET G 381 -11.58 -18.92 19.22
CA MET G 381 -11.75 -18.69 20.64
C MET G 381 -10.95 -17.45 21.01
N PRO G 382 -11.34 -16.78 22.10
CA PRO G 382 -10.77 -15.45 22.38
C PRO G 382 -9.25 -15.40 22.50
N HIS G 383 -8.68 -16.14 23.45
CA HIS G 383 -7.25 -16.12 23.69
C HIS G 383 -6.54 -17.32 23.08
N THR G 384 -6.92 -18.52 23.50
CA THR G 384 -6.33 -19.73 22.96
C THR G 384 -7.39 -20.83 22.97
N PHE G 385 -7.29 -21.74 22.00
CA PHE G 385 -8.20 -22.88 21.97
C PHE G 385 -7.77 -23.99 22.92
N PHE G 386 -6.54 -23.96 23.41
CA PHE G 386 -6.03 -25.01 24.27
C PHE G 386 -6.42 -24.75 25.72
N ILE G 387 -6.80 -25.83 26.42
CA ILE G 387 -7.18 -25.77 27.82
C ILE G 387 -6.45 -26.88 28.56
N GLY G 388 -6.29 -26.69 29.86
CA GLY G 388 -5.65 -27.69 30.70
C GLY G 388 -6.30 -27.81 32.06
N ASP G 389 -6.45 -29.05 32.52
CA ASP G 389 -7.05 -29.31 33.83
C ASP G 389 -6.03 -29.33 34.95
N HIS G 390 -4.87 -28.67 34.75
CA HIS G 390 -3.82 -28.67 35.75
C HIS G 390 -4.25 -28.01 37.05
N ALA G 391 -5.07 -26.96 36.96
CA ALA G 391 -5.58 -26.32 38.17
C ALA G 391 -6.34 -27.30 39.04
N ASN G 392 -6.97 -28.31 38.42
CA ASN G 392 -7.75 -29.31 39.13
C ASN G 392 -6.96 -30.58 39.44
N MET G 393 -6.08 -31.01 38.54
CA MET G 393 -5.38 -32.28 38.75
C MET G 393 -4.15 -32.12 39.65
N PHE G 394 -3.44 -31.00 39.55
CA PHE G 394 -2.22 -30.77 40.32
C PHE G 394 -2.28 -29.45 41.07
N PRO G 395 -3.20 -29.32 42.05
CA PRO G 395 -3.21 -28.10 42.86
C PRO G 395 -2.10 -28.06 43.89
N HIS G 396 -1.47 -29.20 44.19
CA HIS G 396 -0.33 -29.21 45.09
C HIS G 396 0.89 -28.54 44.49
N LEU G 397 0.85 -28.20 43.20
CA LEU G 397 1.94 -27.50 42.53
C LEU G 397 1.71 -25.99 42.47
N LYS G 398 0.65 -25.49 43.12
CA LYS G 398 0.38 -24.06 43.12
C LYS G 398 1.30 -23.28 44.04
N LYS G 399 1.89 -23.95 45.04
CA LYS G 399 2.89 -23.38 45.92
C LYS G 399 4.05 -24.36 46.06
N LYS G 400 5.22 -23.84 46.42
CA LYS G 400 6.39 -24.70 46.60
C LYS G 400 7.29 -24.12 47.66
N ALA G 401 8.15 -24.98 48.19
CA ALA G 401 9.20 -24.60 49.14
C ALA G 401 10.48 -25.31 48.75
N VAL G 402 11.61 -24.74 49.15
CA VAL G 402 12.92 -25.24 48.75
C VAL G 402 13.80 -25.41 49.97
N ILE G 403 14.93 -26.08 49.77
CA ILE G 403 15.92 -26.35 50.80
C ILE G 403 17.21 -25.64 50.41
N ASP G 404 17.77 -24.87 51.33
CA ASP G 404 19.05 -24.20 51.11
C ASP G 404 20.18 -24.97 51.76
N PHE G 405 21.27 -25.14 51.01
CA PHE G 405 22.46 -25.80 51.55
C PHE G 405 23.72 -25.05 51.09
N ILE G 411 20.46 -19.11 47.33
CA ILE G 411 19.17 -19.81 47.34
C ILE G 411 18.69 -20.09 45.91
N TYR G 412 18.27 -21.33 45.68
CA TYR G 412 17.76 -21.76 44.39
C TYR G 412 16.30 -22.17 44.50
N ASP G 413 15.60 -22.11 43.37
CA ASP G 413 14.22 -22.59 43.29
C ASP G 413 14.10 -23.86 42.47
N ASN G 414 15.21 -24.40 41.95
CA ASN G 414 15.17 -25.53 41.05
C ASN G 414 15.88 -26.77 41.57
N ARG G 415 16.57 -26.69 42.71
CA ARG G 415 17.50 -27.76 43.05
C ARG G 415 16.89 -28.79 43.99
N ILE G 416 16.25 -28.35 45.07
CA ILE G 416 15.45 -29.22 45.93
C ILE G 416 14.13 -28.51 46.19
N VAL G 417 13.03 -29.16 45.80
CA VAL G 417 11.71 -28.54 45.82
C VAL G 417 10.76 -29.39 46.65
N LEU G 418 9.83 -28.71 47.33
CA LEU G 418 8.81 -29.35 48.15
C LEU G 418 7.44 -28.88 47.70
N ASN G 419 6.51 -29.83 47.61
CA ASN G 419 5.12 -29.53 47.27
C ASN G 419 4.19 -30.36 48.15
N GLY G 420 2.99 -29.84 48.37
CA GLY G 420 2.00 -30.55 49.16
C GLY G 420 0.81 -29.70 49.55
N ILE G 421 -0.35 -30.35 49.69
CA ILE G 421 -1.54 -29.65 50.15
C ILE G 421 -1.37 -29.18 51.58
N ASP G 422 -0.70 -29.99 52.41
CA ASP G 422 -0.45 -29.67 53.80
C ASP G 422 0.90 -29.01 54.03
N LEU G 423 1.41 -28.28 53.03
CA LEU G 423 2.78 -27.78 53.11
C LEU G 423 2.92 -26.62 54.08
N LYS G 424 1.95 -25.69 54.07
CA LYS G 424 2.03 -24.55 54.96
C LYS G 424 2.02 -24.98 56.43
N ALA G 425 1.21 -25.99 56.75
CA ALA G 425 1.17 -26.50 58.13
C ALA G 425 2.52 -27.09 58.53
N PHE G 426 3.16 -27.84 57.63
CA PHE G 426 4.45 -28.43 57.95
C PHE G 426 5.51 -27.36 58.17
N LEU G 427 5.50 -26.30 57.35
CA LEU G 427 6.47 -25.23 57.51
C LEU G 427 6.26 -24.47 58.81
N ASP G 428 5.01 -24.33 59.25
CA ASP G 428 4.75 -23.66 60.52
C ASP G 428 5.26 -24.48 61.72
N SER G 429 5.29 -25.80 61.58
CA SER G 429 5.91 -26.63 62.61
C SER G 429 7.41 -26.38 62.68
N LEU G 430 8.03 -25.98 61.57
CA LEU G 430 9.46 -25.71 61.55
C LEU G 430 9.77 -24.41 62.29
N PRO G 431 10.81 -24.38 63.10
CA PRO G 431 11.14 -23.16 63.85
C PRO G 431 11.73 -22.05 62.99
N ASP G 432 12.68 -22.38 62.13
CA ASP G 432 13.39 -21.40 61.31
C ASP G 432 13.05 -21.65 59.85
N VAL G 433 12.31 -20.71 59.25
CA VAL G 433 11.95 -20.75 57.83
C VAL G 433 11.97 -19.32 57.32
N LYS G 434 12.61 -19.10 56.17
CA LYS G 434 12.76 -17.76 55.61
C LYS G 434 11.88 -17.62 54.37
N ILE G 435 11.36 -16.42 54.18
CA ILE G 435 10.43 -16.10 53.08
C ILE G 435 11.12 -15.14 52.12
N VAL G 436 10.88 -15.35 50.82
CA VAL G 436 11.50 -14.56 49.76
C VAL G 436 10.40 -13.87 48.97
N LYS G 437 10.56 -12.56 48.75
CA LYS G 437 9.61 -11.80 47.94
C LYS G 437 9.66 -12.26 46.49
N MET G 438 8.76 -11.70 45.68
CA MET G 438 8.80 -11.87 44.23
C MET G 438 8.48 -10.56 43.53
N LEU G 454 3.57 -15.58 44.85
CA LEU G 454 3.58 -14.49 45.82
C LEU G 454 4.92 -14.43 46.55
N ASN G 455 5.40 -15.57 47.02
CA ASN G 455 6.61 -15.66 47.83
C ASN G 455 7.00 -17.13 47.98
N MET G 456 8.31 -17.37 48.09
CA MET G 456 8.83 -18.73 48.19
C MET G 456 9.46 -18.94 49.57
N PRO G 457 8.93 -19.86 50.37
CA PRO G 457 9.60 -20.21 51.62
C PRO G 457 10.89 -20.97 51.37
N VAL G 458 11.88 -20.75 52.22
CA VAL G 458 13.17 -21.44 52.16
C VAL G 458 13.44 -22.07 53.51
N ILE G 459 13.62 -23.38 53.52
CA ILE G 459 14.05 -24.10 54.73
C ILE G 459 15.58 -24.07 54.79
N PRO G 460 16.17 -23.61 55.88
CA PRO G 460 17.63 -23.57 55.99
C PRO G 460 18.20 -24.95 56.29
N MET G 461 19.52 -25.02 56.22
CA MET G 461 20.25 -26.28 56.41
C MET G 461 20.33 -26.57 57.91
N ASN G 462 19.48 -27.47 58.38
CA ASN G 462 19.38 -27.79 59.80
C ASN G 462 19.18 -29.29 59.95
N THR G 463 18.76 -29.70 61.16
CA THR G 463 18.48 -31.12 61.40
C THR G 463 17.35 -31.62 60.51
N ILE G 464 16.32 -30.80 60.33
CA ILE G 464 15.16 -31.22 59.54
C ILE G 464 15.56 -31.38 58.07
N ALA G 465 16.28 -30.40 57.53
CA ALA G 465 16.75 -30.50 56.16
C ALA G 465 17.69 -31.70 55.99
N GLU G 466 18.59 -31.92 56.95
CA GLU G 466 19.48 -33.07 56.89
C GLU G 466 18.69 -34.38 56.81
N ALA G 467 17.59 -34.48 57.55
CA ALA G 467 16.78 -35.69 57.53
C ALA G 467 16.17 -35.92 56.15
N VAL G 468 15.67 -34.87 55.51
CA VAL G 468 15.08 -35.01 54.19
C VAL G 468 16.12 -35.42 53.16
N ILE G 469 17.29 -34.78 53.20
CA ILE G 469 18.32 -35.07 52.20
C ILE G 469 18.83 -36.49 52.32
N GLU G 470 18.90 -37.05 53.53
CA GLU G 470 19.29 -38.45 53.64
C GLU G 470 18.23 -39.36 53.04
N MET G 471 16.94 -39.04 53.23
CA MET G 471 15.88 -39.83 52.62
C MET G 471 16.05 -39.89 51.11
N ILE G 472 16.30 -38.74 50.49
CA ILE G 472 16.55 -38.71 49.06
C ILE G 472 17.80 -39.50 48.74
N ASN G 473 18.90 -39.22 49.46
CA ASN G 473 20.18 -39.88 49.18
C ASN G 473 20.08 -41.39 49.39
N ARG G 474 19.43 -41.82 50.46
CA ARG G 474 19.33 -43.25 50.76
C ARG G 474 18.35 -43.98 49.85
N GLY G 475 17.49 -43.26 49.13
CA GLY G 475 16.48 -43.90 48.33
C GLY G 475 15.29 -44.41 49.11
N GLN G 476 15.08 -43.92 50.32
CA GLN G 476 13.95 -44.34 51.13
C GLN G 476 12.65 -43.80 50.54
N ILE G 477 11.56 -44.53 50.79
CA ILE G 477 10.28 -44.17 50.18
C ILE G 477 9.67 -42.96 50.88
N GLN G 478 9.68 -42.93 52.21
CA GLN G 478 9.03 -41.85 52.93
C GLN G 478 9.58 -41.78 54.35
N ILE G 479 9.42 -40.59 54.96
CA ILE G 479 9.81 -40.33 56.34
C ILE G 479 8.69 -39.53 57.02
N THR G 480 8.83 -39.35 58.32
CA THR G 480 7.88 -38.57 59.10
C THR G 480 8.62 -37.48 59.86
N ILE G 481 8.14 -36.24 59.74
CA ILE G 481 8.73 -35.09 60.43
C ILE G 481 7.60 -34.30 61.08
N ASN G 482 7.66 -34.15 62.40
CA ASN G 482 6.63 -33.45 63.17
C ASN G 482 5.23 -33.98 62.88
N GLY G 483 5.15 -35.29 62.61
CA GLY G 483 3.89 -35.92 62.29
C GLY G 483 3.44 -35.79 60.85
N PHE G 484 4.24 -35.16 60.00
CA PHE G 484 3.89 -34.98 58.59
C PHE G 484 4.53 -36.06 57.74
N SER G 485 3.82 -36.49 56.70
CA SER G 485 4.30 -37.52 55.79
C SER G 485 5.12 -36.85 54.69
N ILE G 486 6.41 -37.12 54.68
CA ILE G 486 7.32 -36.58 53.66
C ILE G 486 7.67 -37.73 52.73
N SER G 487 7.26 -37.61 51.47
CA SER G 487 7.34 -38.69 50.50
C SER G 487 8.41 -38.40 49.45
N ASN G 488 9.18 -39.44 49.11
CA ASN G 488 10.18 -39.32 48.07
C ASN G 488 9.50 -39.23 46.71
N GLY G 489 9.87 -38.23 45.92
CA GLY G 489 9.19 -37.98 44.65
C GLY G 489 9.33 -39.10 43.64
N LEU G 490 10.29 -39.99 43.82
CA LEU G 490 10.52 -41.08 42.87
C LEU G 490 9.69 -42.32 43.19
N ALA G 491 8.98 -42.35 44.32
CA ALA G 491 8.25 -43.53 44.76
C ALA G 491 6.76 -43.25 44.89
N THR G 492 6.23 -42.33 44.09
CA THR G 492 4.82 -41.95 44.23
C THR G 492 3.89 -43.12 43.92
N THR G 493 4.21 -43.91 42.89
CA THR G 493 3.36 -45.06 42.56
C THR G 493 3.32 -46.10 43.67
N GLN G 494 4.31 -46.10 44.55
CA GLN G 494 4.28 -46.99 45.71
C GLN G 494 3.43 -46.42 46.84
N ILE G 495 3.33 -45.09 46.92
CA ILE G 495 2.59 -44.44 48.00
C ILE G 495 1.12 -44.30 47.65
N ASN G 496 0.81 -43.77 46.47
CA ASN G 496 -0.58 -43.68 46.01
C ASN G 496 -0.55 -43.70 44.49
N ASN G 497 -0.90 -44.86 43.92
CA ASN G 497 -0.85 -45.02 42.46
C ASN G 497 -1.79 -44.07 41.76
N LYS G 498 -2.99 -43.84 42.32
CA LYS G 498 -3.93 -42.93 41.68
C LYS G 498 -3.46 -41.48 41.75
N ALA G 499 -2.74 -41.11 42.81
CA ALA G 499 -2.15 -39.77 42.85
C ALA G 499 -1.03 -39.63 41.83
N ALA G 500 -0.29 -40.71 41.58
CA ALA G 500 0.80 -40.65 40.61
C ALA G 500 0.29 -40.50 39.18
N THR G 501 -0.88 -41.05 38.89
CA THR G 501 -1.46 -40.98 37.55
C THR G 501 -2.27 -39.70 37.32
N GLY G 502 -2.48 -38.90 38.36
CA GLY G 502 -3.31 -37.71 38.25
C GLY G 502 -4.78 -37.95 38.56
N GLU G 503 -5.20 -39.19 38.76
CA GLU G 503 -6.57 -39.48 39.16
C GLU G 503 -6.89 -38.93 40.54
N GLU G 504 -5.88 -38.69 41.37
CA GLU G 504 -6.07 -38.13 42.70
C GLU G 504 -4.99 -37.10 42.97
N VAL G 505 -5.30 -36.18 43.86
CA VAL G 505 -4.32 -35.19 44.33
C VAL G 505 -3.51 -35.85 45.45
N PRO G 506 -2.18 -35.72 45.45
CA PRO G 506 -1.39 -36.34 46.52
C PRO G 506 -1.78 -35.81 47.89
N ARG G 507 -1.80 -36.71 48.86
CA ARG G 507 -2.16 -36.36 50.24
C ARG G 507 -0.95 -36.25 51.15
N THR G 508 0.26 -36.39 50.62
CA THR G 508 1.50 -36.22 51.36
C THR G 508 2.24 -35.00 50.84
N ILE G 509 3.44 -34.79 51.38
CA ILE G 509 4.34 -33.73 50.92
C ILE G 509 5.49 -34.39 50.17
N ILE G 510 5.70 -33.95 48.93
CA ILE G 510 6.58 -34.61 47.98
C ILE G 510 7.86 -33.80 47.82
N VAL G 511 9.00 -34.49 47.84
CA VAL G 511 10.31 -33.87 47.66
C VAL G 511 10.81 -34.20 46.27
N THR G 512 11.30 -33.18 45.57
CA THR G 512 11.85 -33.35 44.23
C THR G 512 13.21 -32.65 44.16
N THR G 513 14.23 -33.37 43.70
CA THR G 513 15.60 -32.87 43.65
C THR G 513 16.23 -33.14 42.30
N ARG G 514 17.22 -32.31 41.94
CA ARG G 514 17.99 -32.56 40.73
C ARG G 514 18.84 -33.82 40.85
N SER G 515 19.29 -34.15 42.06
CA SER G 515 20.09 -35.36 42.25
C SER G 515 19.31 -36.61 41.86
N GLN G 516 17.97 -36.55 41.93
CA GLN G 516 17.16 -37.70 41.53
C GLN G 516 17.33 -38.02 40.05
N TYR G 517 17.64 -37.01 39.24
CA TYR G 517 17.68 -37.18 37.79
C TYR G 517 19.04 -36.88 37.18
N GLY G 518 20.05 -36.59 38.01
CA GLY G 518 21.38 -36.33 37.48
C GLY G 518 21.58 -34.93 36.94
N LEU G 519 20.70 -34.00 37.26
CA LEU G 519 20.88 -32.63 36.82
C LEU G 519 21.93 -31.94 37.68
N PRO G 520 22.94 -31.32 37.09
CA PRO G 520 23.95 -30.63 37.90
C PRO G 520 23.33 -29.53 38.74
N GLU G 521 23.85 -29.37 39.97
CA GLU G 521 23.28 -28.40 40.89
C GLU G 521 23.49 -26.97 40.42
N ASP G 522 24.58 -26.71 39.68
CA ASP G 522 24.97 -25.36 39.29
C ASP G 522 24.88 -25.15 37.79
N ALA G 523 23.98 -25.86 37.11
CA ALA G 523 23.86 -25.78 35.67
C ALA G 523 22.51 -25.21 35.26
N ILE G 524 22.52 -24.46 34.16
CA ILE G 524 21.29 -24.04 33.52
C ILE G 524 20.70 -25.25 32.81
N VAL G 525 19.49 -25.66 33.21
CA VAL G 525 18.86 -26.85 32.69
C VAL G 525 17.81 -26.43 31.66
N TYR G 526 18.11 -26.70 30.39
CA TYR G 526 17.12 -26.64 29.33
C TYR G 526 16.46 -27.99 29.18
N CYS G 527 15.16 -28.00 28.93
CA CYS G 527 14.42 -29.25 28.88
C CYS G 527 13.46 -29.26 27.69
N ASN G 528 13.15 -30.47 27.24
CA ASN G 528 12.06 -30.69 26.30
C ASN G 528 11.52 -32.09 26.59
N PHE G 529 10.40 -32.15 27.31
CA PHE G 529 9.81 -33.41 27.72
C PHE G 529 8.88 -34.00 26.66
N ASN G 530 8.90 -33.45 25.45
CA ASN G 530 8.08 -33.97 24.37
C ASN G 530 8.62 -35.30 23.87
N GLN G 531 7.83 -35.97 23.05
CA GLN G 531 8.31 -37.15 22.35
C GLN G 531 9.39 -36.77 21.35
N LEU G 532 10.26 -37.73 21.05
CA LEU G 532 11.43 -37.43 20.21
C LEU G 532 11.11 -37.28 18.74
N TYR G 533 9.90 -37.65 18.29
CA TYR G 533 9.57 -37.49 16.87
C TYR G 533 9.41 -36.02 16.48
N LYS G 534 9.20 -35.14 17.44
CA LYS G 534 9.07 -33.71 17.18
C LYS G 534 10.42 -33.01 17.01
N ILE G 535 11.52 -33.74 17.16
CA ILE G 535 12.86 -33.20 16.99
C ILE G 535 13.39 -33.59 15.63
N ASP G 536 13.93 -32.62 14.91
CA ASP G 536 14.54 -32.80 13.59
C ASP G 536 15.92 -32.17 13.63
N PRO G 537 16.80 -32.49 12.67
CA PRO G 537 18.20 -32.02 12.75
C PRO G 537 18.35 -30.52 12.95
N SER G 538 17.46 -29.71 12.34
CA SER G 538 17.54 -28.27 12.53
C SER G 538 17.29 -27.88 13.98
N THR G 539 16.32 -28.53 14.63
CA THR G 539 16.02 -28.22 16.03
C THR G 539 17.19 -28.56 16.94
N LEU G 540 17.78 -29.75 16.76
CA LEU G 540 18.92 -30.14 17.58
C LEU G 540 20.11 -29.21 17.34
N GLN G 541 20.24 -28.67 16.13
CA GLN G 541 21.33 -27.74 15.85
C GLN G 541 21.17 -26.45 16.63
N MET G 542 19.95 -25.93 16.70
CA MET G 542 19.68 -24.74 17.52
C MET G 542 20.03 -25.00 18.98
N TRP G 543 19.59 -26.15 19.51
CA TRP G 543 19.85 -26.49 20.90
C TRP G 543 21.35 -26.64 21.14
N ALA G 544 22.08 -27.22 20.18
CA ALA G 544 23.53 -27.30 20.30
C ALA G 544 24.14 -25.91 20.33
N ASN G 545 23.65 -24.99 19.49
CA ASN G 545 24.15 -23.63 19.50
C ASN G 545 23.89 -22.96 20.85
N ILE G 546 22.69 -23.15 21.40
CA ILE G 546 22.34 -22.57 22.69
C ILE G 546 23.27 -23.12 23.78
N LEU G 547 23.48 -24.43 23.79
CA LEU G 547 24.31 -25.04 24.82
C LEU G 547 25.74 -24.53 24.75
N LYS G 548 26.28 -24.37 23.55
CA LYS G 548 27.67 -23.90 23.42
C LYS G 548 27.82 -22.45 23.86
N ARG G 549 26.75 -21.66 23.79
CA ARG G 549 26.81 -20.27 24.24
C ARG G 549 26.49 -20.09 25.71
N VAL G 550 26.00 -21.12 26.39
CA VAL G 550 25.69 -21.04 27.81
C VAL G 550 26.59 -22.02 28.55
N PRO G 551 27.73 -21.58 29.08
CA PRO G 551 28.68 -22.52 29.68
C PRO G 551 28.08 -23.25 30.87
N ASN G 552 28.41 -24.54 30.98
CA ASN G 552 27.91 -25.41 32.05
C ASN G 552 26.37 -25.45 32.03
N SER G 553 25.82 -25.75 30.88
CA SER G 553 24.38 -25.96 30.71
C SER G 553 24.15 -27.40 30.27
N VAL G 554 22.91 -27.85 30.44
CA VAL G 554 22.54 -29.21 30.06
C VAL G 554 21.19 -29.19 29.35
N LEU G 555 21.01 -30.16 28.46
CA LEU G 555 19.73 -30.40 27.81
C LEU G 555 19.07 -31.60 28.46
N TRP G 556 17.85 -31.42 28.94
CA TRP G 556 17.13 -32.47 29.66
C TRP G 556 16.06 -33.05 28.73
N LEU G 557 16.30 -34.25 28.24
CA LEU G 557 15.40 -34.94 27.34
C LEU G 557 14.93 -36.23 27.99
N LEU G 558 13.95 -36.88 27.35
CA LEU G 558 13.37 -38.11 27.86
C LEU G 558 13.53 -39.23 26.86
N ARG G 559 13.68 -40.45 27.38
CA ARG G 559 13.76 -41.66 26.56
C ARG G 559 12.36 -41.97 26.04
N PHE G 560 11.96 -41.21 25.02
CA PHE G 560 10.60 -41.22 24.50
C PHE G 560 10.64 -41.29 22.97
N PRO G 561 11.07 -42.44 22.40
CA PRO G 561 11.44 -43.71 23.03
C PRO G 561 12.91 -43.82 23.44
N ALA G 562 13.27 -44.89 24.15
CA ALA G 562 14.65 -45.04 24.62
C ALA G 562 15.61 -45.34 23.48
N VAL G 563 15.14 -46.03 22.43
CA VAL G 563 16.00 -46.34 21.29
C VAL G 563 16.45 -45.08 20.57
N GLY G 564 15.74 -43.96 20.75
CA GLY G 564 16.17 -42.70 20.17
C GLY G 564 17.27 -42.01 20.94
N GLU G 565 17.53 -42.43 22.18
CA GLU G 565 18.60 -41.81 22.96
C GLU G 565 19.98 -41.96 22.31
N PRO G 566 20.43 -43.15 21.91
CA PRO G 566 21.75 -43.22 21.25
C PRO G 566 21.84 -42.40 19.97
N ASN G 567 20.75 -42.34 19.20
CA ASN G 567 20.77 -41.57 17.96
C ASN G 567 20.95 -40.08 18.26
N ILE G 568 20.17 -39.55 19.21
CA ILE G 568 20.30 -38.15 19.58
C ILE G 568 21.71 -37.85 20.07
N GLN G 569 22.25 -38.74 20.92
CA GLN G 569 23.60 -38.54 21.44
C GLN G 569 24.63 -38.53 20.31
N GLN G 570 24.47 -39.42 19.33
CA GLN G 570 25.41 -39.47 18.21
C GLN G 570 25.45 -38.15 17.46
N TYR G 571 24.29 -37.59 17.12
CA TYR G 571 24.26 -36.30 16.45
C TYR G 571 24.74 -35.19 17.37
N ALA G 572 24.58 -35.35 18.68
CA ALA G 572 25.12 -34.37 19.62
C ALA G 572 26.64 -34.36 19.56
N GLN G 573 27.28 -35.53 19.49
CA GLN G 573 28.73 -35.57 19.35
C GLN G 573 29.17 -34.95 18.05
N ASN G 574 28.43 -35.21 16.96
CA ASN G 574 28.78 -34.65 15.67
C ASN G 574 28.68 -33.13 15.65
N MET G 575 27.89 -32.54 16.54
CA MET G 575 27.71 -31.10 16.60
C MET G 575 28.66 -30.41 17.58
N GLY G 576 29.61 -31.15 18.14
CA GLY G 576 30.61 -30.57 19.02
C GLY G 576 30.23 -30.53 20.48
N LEU G 577 29.54 -31.55 20.97
CA LEU G 577 28.99 -31.53 22.33
C LEU G 577 29.40 -32.80 23.07
N PRO G 578 30.02 -32.68 24.24
CA PRO G 578 30.23 -33.88 25.07
C PRO G 578 28.90 -34.43 25.58
N GLN G 579 28.90 -35.73 25.89
CA GLN G 579 27.66 -36.40 26.28
C GLN G 579 27.06 -35.83 27.55
N ASN G 580 27.89 -35.28 28.44
CA ASN G 580 27.37 -34.76 29.70
C ASN G 580 26.42 -33.60 29.50
N ARG G 581 26.42 -33.00 28.30
CA ARG G 581 25.59 -31.83 28.04
C ARG G 581 24.13 -32.19 27.74
N ILE G 582 23.82 -33.44 27.47
CA ILE G 582 22.44 -33.89 27.29
C ILE G 582 22.18 -35.02 28.27
N ILE G 583 21.21 -34.81 29.16
CA ILE G 583 20.84 -35.78 30.19
C ILE G 583 19.47 -36.35 29.84
N PHE G 584 19.39 -37.67 29.77
CA PHE G 584 18.15 -38.36 29.44
C PHE G 584 17.54 -38.95 30.71
N SER G 585 16.24 -38.73 30.88
CA SER G 585 15.48 -39.29 31.99
C SER G 585 14.38 -40.20 31.47
N PRO G 586 14.00 -41.23 32.23
CA PRO G 586 12.91 -42.10 31.77
C PRO G 586 11.56 -41.41 31.84
N VAL G 587 10.64 -41.90 31.02
CA VAL G 587 9.27 -41.40 31.07
C VAL G 587 8.66 -41.75 32.42
N ALA G 588 7.97 -40.78 33.02
CA ALA G 588 7.50 -40.91 34.39
C ALA G 588 5.98 -40.86 34.46
N PRO G 589 5.37 -41.17 35.62
CA PRO G 589 3.95 -40.90 35.78
C PRO G 589 3.63 -39.42 35.59
N LYS G 590 2.34 -39.14 35.40
CA LYS G 590 1.92 -37.79 35.04
C LYS G 590 2.29 -36.78 36.12
N GLU G 591 2.05 -37.13 37.39
CA GLU G 591 2.38 -36.20 38.46
C GLU G 591 3.88 -35.90 38.50
N GLU G 592 4.70 -36.94 38.36
CA GLU G 592 6.15 -36.75 38.32
C GLU G 592 6.54 -35.84 37.16
N HIS G 593 5.98 -36.09 35.98
CA HIS G 593 6.34 -35.32 34.80
C HIS G 593 6.08 -33.83 35.00
N VAL G 594 4.93 -33.49 35.59
CA VAL G 594 4.63 -32.09 35.83
C VAL G 594 5.44 -31.55 37.01
N ARG G 595 5.63 -32.37 38.06
CA ARG G 595 6.34 -31.90 39.23
C ARG G 595 7.82 -31.68 38.94
N ARG G 596 8.43 -32.54 38.15
CA ARG G 596 9.86 -32.45 37.90
C ARG G 596 10.23 -31.37 36.89
N GLY G 597 9.25 -30.77 36.22
CA GLY G 597 9.54 -29.59 35.43
C GLY G 597 9.95 -28.40 36.27
N GLN G 598 9.64 -28.43 37.57
CA GLN G 598 10.11 -27.40 38.48
C GLN G 598 11.62 -27.38 38.58
N LEU G 599 12.27 -28.52 38.31
CA LEU G 599 13.72 -28.62 38.43
C LEU G 599 14.44 -27.91 37.29
N ALA G 600 13.81 -27.76 36.14
CA ALA G 600 14.44 -27.13 35.00
C ALA G 600 14.35 -25.61 35.12
N ASP G 601 15.22 -24.93 34.36
CA ASP G 601 15.24 -23.48 34.33
C ASP G 601 14.40 -22.94 33.18
N VAL G 602 14.71 -23.36 31.95
CA VAL G 602 14.00 -22.93 30.76
C VAL G 602 13.68 -24.17 29.93
N CYS G 603 12.58 -24.11 29.19
CA CYS G 603 12.15 -25.20 28.32
C CYS G 603 12.26 -24.75 26.88
N LEU G 604 12.96 -25.54 26.06
CA LEU G 604 13.11 -25.27 24.63
C LEU G 604 12.07 -26.06 23.86
N ASP G 605 11.16 -25.35 23.20
CA ASP G 605 10.08 -25.99 22.47
C ASP G 605 10.54 -26.44 21.09
N THR G 606 9.92 -27.50 20.59
CA THR G 606 10.28 -28.06 19.30
C THR G 606 9.51 -27.34 18.19
N PRO G 607 10.20 -26.63 17.29
CA PRO G 607 9.46 -25.83 16.28
C PRO G 607 8.81 -26.67 15.19
N LEU G 608 9.27 -27.89 14.94
CA LEU G 608 8.62 -28.73 13.93
C LEU G 608 7.17 -29.03 14.33
N CYS G 609 7.00 -29.64 15.49
CA CYS G 609 5.69 -29.87 16.09
C CYS G 609 5.77 -29.43 17.53
N ASN G 610 5.13 -28.31 17.86
CA ASN G 610 5.21 -27.75 19.20
C ASN G 610 4.64 -28.73 20.22
N GLY G 611 5.07 -28.58 21.46
CA GLY G 611 4.49 -29.34 22.54
C GLY G 611 3.16 -28.77 22.98
N HIS G 612 2.09 -29.55 22.85
CA HIS G 612 0.73 -29.07 23.11
C HIS G 612 0.30 -29.38 24.54
N THR G 613 0.18 -30.66 24.89
CA THR G 613 -0.08 -31.01 26.28
C THR G 613 1.18 -30.86 27.12
N THR G 614 2.32 -31.28 26.58
CA THR G 614 3.58 -31.10 27.28
C THR G 614 3.90 -29.63 27.50
N GLY G 615 3.42 -28.76 26.60
CA GLY G 615 3.60 -27.34 26.81
C GLY G 615 2.82 -26.81 27.99
N MET G 616 1.55 -27.23 28.14
CA MET G 616 0.79 -26.85 29.32
C MET G 616 1.38 -27.45 30.58
N ASP G 617 1.99 -28.63 30.47
CA ASP G 617 2.63 -29.25 31.63
C ASP G 617 3.80 -28.43 32.12
N VAL G 618 4.65 -27.97 31.20
CA VAL G 618 5.83 -27.22 31.60
C VAL G 618 5.46 -25.85 32.15
N LEU G 619 4.39 -25.25 31.63
CA LEU G 619 3.99 -23.92 32.11
C LEU G 619 3.35 -23.99 33.49
N TRP G 620 2.67 -25.09 33.81
CA TRP G 620 2.07 -25.22 35.13
C TRP G 620 3.13 -25.27 36.22
N ALA G 621 4.32 -25.77 35.91
CA ALA G 621 5.44 -25.79 36.83
C ALA G 621 6.16 -24.44 36.92
N GLY G 622 5.63 -23.42 36.26
CA GLY G 622 6.27 -22.11 36.26
C GLY G 622 7.60 -22.08 35.54
N THR G 623 7.75 -22.86 34.47
CA THR G 623 8.99 -22.91 33.71
C THR G 623 8.81 -22.17 32.40
N PRO G 624 9.61 -21.14 32.13
CA PRO G 624 9.49 -20.42 30.85
C PRO G 624 9.77 -21.34 29.67
N MET G 625 9.04 -21.11 28.58
CA MET G 625 9.16 -21.91 27.38
C MET G 625 9.46 -21.00 26.20
N VAL G 626 10.51 -21.32 25.45
CA VAL G 626 10.91 -20.56 24.27
C VAL G 626 10.39 -21.28 23.03
N THR G 627 9.69 -20.55 22.17
CA THR G 627 9.07 -21.15 20.99
C THR G 627 9.33 -20.30 19.76
N MET G 628 9.28 -20.94 18.60
CA MET G 628 9.41 -20.28 17.30
C MET G 628 8.23 -20.73 16.43
N PRO G 629 7.12 -20.00 16.45
CA PRO G 629 5.94 -20.43 15.70
C PRO G 629 6.22 -20.50 14.20
N GLY G 630 5.65 -21.51 13.57
CA GLY G 630 5.72 -21.71 12.13
C GLY G 630 4.44 -21.29 11.44
N GLU G 631 4.07 -22.02 10.38
CA GLU G 631 2.81 -21.79 9.69
C GLU G 631 1.76 -22.87 9.94
N THR G 632 2.16 -24.09 10.27
CA THR G 632 1.21 -25.15 10.58
C THR G 632 0.64 -24.96 11.97
N LEU G 633 -0.59 -25.42 12.15
CA LEU G 633 -1.26 -25.30 13.45
C LEU G 633 -0.46 -25.98 14.55
N ALA G 634 0.05 -27.18 14.27
CA ALA G 634 0.77 -27.94 15.30
C ALA G 634 2.03 -27.21 15.76
N SER G 635 2.60 -26.35 14.91
CA SER G 635 3.81 -25.61 15.23
C SER G 635 3.52 -24.21 15.76
N ARG G 636 2.26 -23.90 16.06
CA ARG G 636 1.88 -22.58 16.56
C ARG G 636 1.12 -22.62 17.87
N VAL G 637 0.94 -23.81 18.46
CA VAL G 637 0.19 -23.92 19.71
C VAL G 637 0.95 -23.26 20.86
N ALA G 638 2.25 -23.51 20.93
CA ALA G 638 3.05 -23.01 22.05
C ALA G 638 3.05 -21.48 22.09
N ALA G 639 3.19 -20.85 20.93
CA ALA G 639 3.13 -19.39 20.86
C ALA G 639 1.76 -18.88 21.29
N SER G 640 0.70 -19.58 20.90
CA SER G 640 -0.65 -19.21 21.33
C SER G 640 -0.80 -19.35 22.83
N GLN G 641 -0.24 -20.42 23.41
CA GLN G 641 -0.28 -20.58 24.86
C GLN G 641 0.46 -19.45 25.55
N LEU G 642 1.64 -19.10 25.04
CA LEU G 642 2.45 -18.05 25.66
C LEU G 642 1.77 -16.69 25.52
N THR G 643 1.10 -16.46 24.39
CA THR G 643 0.34 -15.21 24.22
C THR G 643 -0.77 -15.12 25.25
N CYS G 644 -1.49 -16.21 25.48
CA CYS G 644 -2.53 -16.22 26.50
C CYS G 644 -1.92 -16.00 27.89
N LEU G 645 -0.75 -16.59 28.14
CA LEU G 645 -0.07 -16.40 29.41
C LEU G 645 0.37 -14.95 29.58
N GLY G 646 0.79 -14.31 28.49
CA GLY G 646 1.29 -12.95 28.55
C GLY G 646 2.81 -12.90 28.61
N CYS G 647 3.46 -13.69 27.76
CA CYS G 647 4.91 -13.85 27.76
C CYS G 647 5.45 -13.72 26.33
N LEU G 648 5.07 -12.64 25.66
CA LEU G 648 5.45 -12.44 24.27
C LEU G 648 6.97 -12.39 24.08
N GLU G 649 7.72 -12.10 25.14
CA GLU G 649 9.18 -12.08 25.06
C GLU G 649 9.78 -13.47 24.86
N LEU G 650 8.98 -14.54 24.98
CA LEU G 650 9.46 -15.89 24.79
C LEU G 650 9.14 -16.43 23.40
N ILE G 651 8.55 -15.63 22.52
CA ILE G 651 8.15 -16.06 21.19
C ILE G 651 9.16 -15.53 20.19
N ALA G 652 9.80 -16.46 19.46
CA ALA G 652 10.90 -16.13 18.57
C ALA G 652 10.41 -16.07 17.13
N LYS G 653 10.83 -15.04 16.41
CA LYS G 653 10.43 -14.87 15.01
C LYS G 653 11.27 -15.67 14.04
N ASN G 654 12.51 -16.03 14.41
CA ASN G 654 13.38 -16.81 13.55
C ASN G 654 14.32 -17.63 14.42
N ARG G 655 15.15 -18.44 13.77
CA ARG G 655 16.08 -19.31 14.50
C ARG G 655 17.06 -18.49 15.33
N GLN G 656 17.56 -17.39 14.77
CA GLN G 656 18.52 -16.57 15.51
C GLN G 656 17.92 -16.01 16.79
N GLU G 657 16.68 -15.50 16.71
CA GLU G 657 16.04 -14.95 17.90
C GLU G 657 15.73 -16.03 18.93
N TYR G 658 15.42 -17.24 18.47
CA TYR G 658 15.18 -18.36 19.38
C TYR G 658 16.43 -18.68 20.19
N GLU G 659 17.57 -18.77 19.52
CA GLU G 659 18.83 -19.03 20.21
C GLU G 659 19.20 -17.88 21.13
N ASP G 660 18.97 -16.64 20.70
CA ASP G 660 19.30 -15.49 21.53
C ASP G 660 18.45 -15.44 22.79
N ILE G 661 17.14 -15.71 22.67
CA ILE G 661 16.27 -15.68 23.84
C ILE G 661 16.70 -16.73 24.86
N ALA G 662 17.00 -17.94 24.40
CA ALA G 662 17.40 -19.00 25.33
C ALA G 662 18.74 -18.69 25.98
N VAL G 663 19.68 -18.12 25.22
CA VAL G 663 20.99 -17.80 25.78
C VAL G 663 20.88 -16.68 26.81
N LYS G 664 20.05 -15.67 26.55
CA LYS G 664 19.85 -14.61 27.53
C LYS G 664 19.27 -15.15 28.83
N LEU G 665 18.29 -16.05 28.73
CA LEU G 665 17.74 -16.65 29.94
C LEU G 665 18.76 -17.50 30.67
N GLY G 666 19.72 -18.09 29.94
CA GLY G 666 20.72 -18.93 30.56
C GLY G 666 21.91 -18.18 31.14
N THR G 667 22.17 -16.95 30.67
CA THR G 667 23.32 -16.19 31.11
C THR G 667 22.97 -14.97 31.96
N ASP G 668 21.75 -14.47 31.87
CA ASP G 668 21.29 -13.33 32.67
C ASP G 668 20.36 -13.91 33.73
N LEU G 669 20.92 -14.20 34.91
CA LEU G 669 20.19 -14.93 35.93
C LEU G 669 19.13 -14.08 36.62
N GLU G 670 19.29 -12.76 36.65
CA GLU G 670 18.24 -11.90 37.19
C GLU G 670 17.08 -11.77 36.19
N TYR G 671 17.39 -11.74 34.90
CA TYR G 671 16.34 -11.80 33.89
C TYR G 671 15.61 -13.14 33.97
N LEU G 672 16.34 -14.23 34.19
CA LEU G 672 15.71 -15.54 34.36
C LEU G 672 14.81 -15.55 35.59
N LYS G 673 15.26 -14.97 36.70
CA LYS G 673 14.42 -14.88 37.88
C LYS G 673 13.14 -14.11 37.59
N LYS G 674 13.25 -13.02 36.82
CA LYS G 674 12.09 -12.20 36.50
C LYS G 674 11.08 -12.96 35.64
N VAL G 675 11.57 -13.65 34.61
CA VAL G 675 10.66 -14.35 33.70
C VAL G 675 10.03 -15.56 34.40
N ARG G 676 10.82 -16.31 35.17
CA ARG G 676 10.27 -17.45 35.90
C ARG G 676 9.18 -16.99 36.87
N GLY G 677 9.39 -15.87 37.54
CA GLY G 677 8.34 -15.31 38.39
C GLY G 677 7.12 -14.89 37.60
N LYS G 678 7.33 -14.35 36.40
CA LYS G 678 6.21 -13.97 35.55
C LYS G 678 5.35 -15.18 35.18
N VAL G 679 6.01 -16.28 34.79
CA VAL G 679 5.27 -17.51 34.48
C VAL G 679 4.60 -18.05 35.73
N TRP G 680 5.31 -18.02 36.87
CA TRP G 680 4.78 -18.58 38.11
C TRP G 680 3.48 -17.87 38.52
N LYS G 681 3.47 -16.53 38.43
CA LYS G 681 2.27 -15.78 38.79
C LYS G 681 1.18 -15.93 37.75
N GLN G 682 1.53 -15.83 36.47
CA GLN G 682 0.53 -15.66 35.42
C GLN G 682 -0.15 -16.97 35.03
N ARG G 683 0.41 -18.12 35.42
CA ARG G 683 -0.31 -19.37 35.21
C ARG G 683 -1.60 -19.41 36.02
N ILE G 684 -1.69 -18.62 37.08
CA ILE G 684 -2.88 -18.51 37.90
C ILE G 684 -3.70 -17.27 37.55
N SER G 685 -3.03 -16.17 37.24
N SER G 685 -3.02 -16.16 37.24
CA SER G 685 -3.67 -14.88 37.01
CA SER G 685 -3.74 -14.91 37.01
C SER G 685 -4.15 -14.68 35.58
C SER G 685 -4.39 -14.87 35.64
N SER G 686 -3.87 -15.62 34.68
CA SER G 686 -4.26 -15.51 33.28
C SER G 686 -5.27 -16.60 32.93
N PRO G 687 -5.98 -16.48 31.80
CA PRO G 687 -7.03 -17.46 31.47
C PRO G 687 -6.51 -18.81 31.01
N LEU G 688 -5.20 -19.03 30.95
CA LEU G 688 -4.67 -20.22 30.28
C LEU G 688 -5.16 -21.50 30.94
N PHE G 689 -5.15 -21.56 32.28
CA PHE G 689 -5.61 -22.73 33.01
C PHE G 689 -6.97 -22.51 33.64
N ASN G 690 -7.70 -21.48 33.25
CA ASN G 690 -8.99 -21.14 33.85
C ASN G 690 -10.08 -21.85 33.06
N THR G 691 -10.51 -23.02 33.56
CA THR G 691 -11.44 -23.85 32.81
C THR G 691 -12.86 -23.30 32.81
N LYS G 692 -13.28 -22.63 33.88
CA LYS G 692 -14.62 -22.03 33.89
C LYS G 692 -14.72 -20.91 32.86
N GLN G 693 -13.68 -20.07 32.76
CA GLN G 693 -13.66 -19.03 31.75
C GLN G 693 -13.63 -19.62 30.35
N TYR G 694 -12.85 -20.68 30.15
CA TYR G 694 -12.77 -21.30 28.83
C TYR G 694 -14.12 -21.89 28.41
N THR G 695 -14.81 -22.54 29.34
CA THR G 695 -16.11 -23.12 29.02
C THR G 695 -17.11 -22.03 28.60
N MET G 696 -17.16 -20.93 29.35
CA MET G 696 -18.11 -19.87 29.04
C MET G 696 -17.85 -19.28 27.67
N GLU G 697 -16.58 -19.10 27.30
CA GLU G 697 -16.23 -18.58 25.99
C GLU G 697 -16.41 -19.63 24.90
N LEU G 698 -16.23 -20.91 25.22
CA LEU G 698 -16.66 -21.97 24.33
C LEU G 698 -18.18 -21.90 24.11
N GLU G 699 -18.92 -21.64 25.18
CA GLU G 699 -20.38 -21.52 25.09
C GLU G 699 -20.78 -20.33 24.22
N ARG G 700 -20.07 -19.21 24.34
CA ARG G 700 -20.37 -18.05 23.51
C ARG G 700 -20.20 -18.37 22.04
N LEU G 701 -19.11 -19.06 21.68
CA LEU G 701 -18.87 -19.44 20.29
C LEU G 701 -19.97 -20.38 19.79
N TYR G 702 -20.34 -21.37 20.62
CA TYR G 702 -21.38 -22.30 20.22
C TYR G 702 -22.64 -21.58 19.80
N LEU G 703 -23.06 -20.58 20.59
CA LEU G 703 -24.29 -19.86 20.30
C LEU G 703 -24.15 -19.01 19.04
N GLN G 704 -23.00 -18.38 18.84
CA GLN G 704 -22.73 -17.71 17.57
C GLN G 704 -22.84 -18.68 16.40
N MET G 705 -22.25 -19.87 16.56
CA MET G 705 -22.35 -20.92 15.56
C MET G 705 -23.81 -21.29 15.31
N TRP G 706 -24.59 -21.45 16.38
CA TRP G 706 -26.00 -21.82 16.23
C TRP G 706 -26.82 -20.70 15.63
N GLU G 707 -26.69 -19.48 16.17
CA GLU G 707 -27.42 -18.33 15.65
C GLU G 707 -27.21 -18.19 14.15
N HIS G 708 -25.98 -18.40 13.69
CA HIS G 708 -25.68 -18.35 12.26
C HIS G 708 -26.49 -19.39 11.49
N TYR G 709 -26.52 -20.63 12.00
CA TYR G 709 -27.22 -21.69 11.27
C TYR G 709 -28.72 -21.49 11.32
N ALA G 710 -29.27 -21.22 12.50
CA ALA G 710 -30.71 -21.06 12.65
C ALA G 710 -31.23 -19.88 11.85
N ALA G 711 -30.39 -18.90 11.54
CA ALA G 711 -30.77 -17.78 10.69
C ALA G 711 -30.81 -18.16 9.21
N GLY G 712 -30.46 -19.40 8.87
CA GLY G 712 -30.50 -19.86 7.50
C GLY G 712 -29.19 -19.80 6.74
N ASN G 713 -28.08 -19.54 7.42
CA ASN G 713 -26.79 -19.35 6.77
C ASN G 713 -25.95 -20.61 6.88
N LYS G 714 -25.12 -20.85 5.85
CA LYS G 714 -24.13 -21.90 5.90
C LYS G 714 -22.88 -21.40 6.64
N PRO G 715 -22.05 -22.31 7.14
CA PRO G 715 -20.95 -21.88 8.02
C PRO G 715 -20.02 -20.87 7.36
N ASP G 716 -19.61 -19.89 8.15
CA ASP G 716 -18.57 -18.94 7.77
C ASP G 716 -17.73 -18.65 9.02
N HIS G 717 -16.59 -18.00 8.81
CA HIS G 717 -15.62 -17.80 9.89
C HIS G 717 -16.24 -17.04 11.06
N MET G 718 -16.17 -17.64 12.25
CA MET G 718 -16.69 -17.04 13.47
C MET G 718 -15.56 -16.33 14.23
N ILE G 719 -15.05 -15.25 13.62
CA ILE G 719 -14.06 -14.33 14.22
C ILE G 719 -14.72 -13.08 14.83
N GLN H 2 13.35 -49.00 43.03
CA GLN H 2 14.63 -48.85 43.71
C GLN H 2 14.73 -47.47 44.37
N PHE H 3 14.57 -46.43 43.55
CA PHE H 3 14.44 -45.04 43.98
C PHE H 3 15.76 -44.43 44.46
N MET H 4 16.90 -45.02 44.11
CA MET H 4 18.17 -44.40 44.42
C MET H 4 18.39 -43.20 43.51
N PRO H 5 19.05 -42.15 44.01
CA PRO H 5 19.32 -40.97 43.17
C PRO H 5 20.42 -41.28 42.18
N VAL H 6 20.57 -40.38 41.21
CA VAL H 6 21.69 -40.50 40.28
C VAL H 6 23.00 -40.24 41.00
N TYR H 7 23.00 -39.28 41.94
CA TYR H 7 24.19 -38.99 42.73
C TYR H 7 23.76 -38.58 44.13
N GLN H 8 24.75 -38.31 44.98
CA GLN H 8 24.53 -37.99 46.38
C GLN H 8 24.78 -36.51 46.62
N ILE H 9 23.99 -35.93 47.53
CA ILE H 9 24.16 -34.55 47.97
C ILE H 9 24.96 -34.58 49.27
N TYR H 10 26.09 -33.89 49.28
CA TYR H 10 27.12 -34.09 50.28
C TYR H 10 27.06 -33.04 51.38
N LEU H 11 27.75 -33.35 52.49
CA LEU H 11 27.88 -32.44 53.62
C LEU H 11 29.34 -32.27 54.01
#